data_5LVF
#
_entry.id   5LVF
#
loop_
_entity.id
_entity.type
_entity.pdbx_description
1 polymer 'Regulator of Ty1 transposition protein 103'
2 polymer PRO-SER-TYR-SER-PRO-PTH-SER-PRO-SER-TYR-SER-PRO-THR-SER-PRO-SER
#
loop_
_entity_poly.entity_id
_entity_poly.type
_entity_poly.pdbx_seq_one_letter_code
_entity_poly.pdbx_strand_id
1 'polypeptide(L)'
;MAFSSEQFTTKLNTLEDSQESISSASKWLLLQYRDAPKVAEMWKEYMLRPSVNTRRKLLGLYLMNHVVQQAKGQKIIQFQ
DSFGKVAAEVLGRINQEFPRDLKKKLSRVVNILKERNIFSKQVVNDIERSLAAALEHHHHHH
;
A
2 'polypeptide(L)' PSYSP(TPO)SPSYSPTSPS B
#
# COMPACT_ATOMS: atom_id res chain seq x y z
N MET A 1 4.60 11.33 -18.50
CA MET A 1 3.99 10.91 -19.78
C MET A 1 2.92 9.85 -19.52
N ALA A 2 2.05 9.60 -20.50
CA ALA A 2 0.95 8.65 -20.34
C ALA A 2 1.47 7.21 -20.33
N PHE A 3 0.97 6.41 -19.37
CA PHE A 3 1.30 5.00 -19.19
C PHE A 3 2.80 4.70 -19.18
N SER A 4 3.63 5.72 -18.95
CA SER A 4 5.07 5.55 -18.88
C SER A 4 5.47 4.90 -17.56
N SER A 5 6.73 4.48 -17.44
CA SER A 5 7.27 3.99 -16.19
C SER A 5 7.60 5.17 -15.28
N GLU A 6 6.73 6.17 -15.23
CA GLU A 6 7.03 7.43 -14.57
C GLU A 6 5.77 8.20 -14.17
N GLN A 7 4.63 8.00 -14.84
CA GLN A 7 3.42 8.75 -14.51
C GLN A 7 3.09 8.57 -13.03
N PHE A 8 2.80 7.34 -12.60
CA PHE A 8 2.51 7.02 -11.22
C PHE A 8 3.67 7.44 -10.32
N THR A 9 4.89 7.36 -10.84
CA THR A 9 6.08 7.66 -10.06
C THR A 9 6.08 9.15 -9.71
N THR A 10 5.79 10.00 -10.69
CA THR A 10 5.76 11.43 -10.43
C THR A 10 4.66 11.75 -9.42
N LYS A 11 3.57 10.96 -9.41
CA LYS A 11 2.51 11.14 -8.42
C LYS A 11 3.10 10.99 -7.02
N LEU A 12 3.89 9.94 -6.80
CA LEU A 12 4.52 9.69 -5.50
C LEU A 12 5.30 10.92 -5.05
N ASN A 13 5.99 11.56 -5.99
CA ASN A 13 6.78 12.75 -5.68
C ASN A 13 5.92 14.00 -5.48
N THR A 14 4.60 13.91 -5.60
CA THR A 14 3.72 15.05 -5.34
C THR A 14 2.54 14.71 -4.43
N LEU A 15 2.56 13.57 -3.74
CA LEU A 15 1.50 13.21 -2.81
C LEU A 15 1.53 14.07 -1.55
N GLU A 16 0.42 14.04 -0.80
CA GLU A 16 0.33 14.62 0.53
C GLU A 16 -0.47 13.68 1.40
N ASP A 17 -0.15 13.63 2.69
CA ASP A 17 -0.70 12.61 3.57
C ASP A 17 -2.15 12.90 3.98
N SER A 18 -2.94 13.48 3.06
CA SER A 18 -4.31 13.89 3.36
C SER A 18 -5.31 13.18 2.48
N GLN A 19 -6.55 13.15 2.97
CA GLN A 19 -7.62 12.38 2.37
C GLN A 19 -7.82 12.73 0.90
N GLU A 20 -7.84 14.02 0.55
CA GLU A 20 -8.11 14.39 -0.83
C GLU A 20 -6.87 14.26 -1.72
N SER A 21 -5.69 14.58 -1.19
CA SER A 21 -4.47 14.44 -1.99
C SER A 21 -4.33 12.98 -2.40
N ILE A 22 -4.58 12.08 -1.45
CA ILE A 22 -4.54 10.66 -1.70
C ILE A 22 -5.72 10.25 -2.58
N SER A 23 -6.91 10.84 -2.36
CA SER A 23 -8.10 10.51 -3.12
C SER A 23 -7.96 10.89 -4.59
N SER A 24 -7.38 12.06 -4.88
CA SER A 24 -7.17 12.50 -6.26
C SER A 24 -6.14 11.62 -6.94
N ALA A 25 -5.04 11.30 -6.23
CA ALA A 25 -4.02 10.42 -6.74
C ALA A 25 -4.57 9.00 -6.92
N SER A 26 -5.47 8.58 -6.03
CA SER A 26 -6.07 7.27 -6.07
C SER A 26 -7.06 7.15 -7.23
N LYS A 27 -8.02 8.08 -7.31
CA LYS A 27 -9.05 8.00 -8.35
C LYS A 27 -8.40 8.02 -9.74
N TRP A 28 -7.35 8.81 -9.93
CA TRP A 28 -6.65 8.82 -11.20
C TRP A 28 -6.02 7.44 -11.45
N LEU A 29 -5.21 6.98 -10.51
CA LEU A 29 -4.51 5.72 -10.71
C LEU A 29 -5.53 4.61 -10.96
N LEU A 30 -6.67 4.70 -10.28
CA LEU A 30 -7.77 3.76 -10.44
C LEU A 30 -8.32 3.78 -11.87
N LEU A 31 -8.32 4.93 -12.53
CA LEU A 31 -8.76 5.02 -13.92
C LEU A 31 -7.84 4.22 -14.82
N GLN A 32 -6.54 4.20 -14.56
CA GLN A 32 -5.63 3.37 -15.37
C GLN A 32 -5.26 2.07 -14.67
N TYR A 33 -6.27 1.26 -14.32
CA TYR A 33 -6.06 -0.04 -13.74
C TYR A 33 -5.27 -0.97 -14.67
N ARG A 34 -5.15 -0.59 -15.95
CA ARG A 34 -4.34 -1.30 -16.91
C ARG A 34 -2.90 -1.39 -16.42
N ASP A 35 -2.45 -0.32 -15.75
CA ASP A 35 -1.09 -0.19 -15.27
C ASP A 35 -0.90 -0.88 -13.92
N ALA A 36 -1.96 -1.48 -13.36
CA ALA A 36 -1.95 -2.08 -12.04
C ALA A 36 -0.69 -2.91 -11.72
N PRO A 37 -0.29 -3.87 -12.56
CA PRO A 37 0.86 -4.70 -12.26
C PRO A 37 2.16 -3.92 -12.35
N LYS A 38 2.27 -3.01 -13.33
CA LYS A 38 3.47 -2.22 -13.53
C LYS A 38 3.64 -1.24 -12.37
N VAL A 39 2.57 -0.50 -12.06
CA VAL A 39 2.60 0.48 -10.99
C VAL A 39 2.91 -0.21 -9.66
N ALA A 40 2.41 -1.42 -9.44
CA ALA A 40 2.73 -2.14 -8.21
C ALA A 40 4.23 -2.38 -8.14
N GLU A 41 4.86 -2.77 -9.25
CA GLU A 41 6.30 -3.00 -9.28
C GLU A 41 7.07 -1.70 -9.06
N MET A 42 6.76 -0.65 -9.84
CA MET A 42 7.44 0.63 -9.70
C MET A 42 7.24 1.19 -8.30
N TRP A 43 6.04 0.99 -7.75
CA TRP A 43 5.73 1.46 -6.41
C TRP A 43 6.69 0.82 -5.41
N LYS A 44 6.81 -0.50 -5.41
CA LYS A 44 7.72 -1.17 -4.49
C LYS A 44 9.15 -0.69 -4.68
N GLU A 45 9.66 -0.74 -5.91
CA GLU A 45 11.03 -0.34 -6.17
C GLU A 45 11.29 1.08 -5.69
N TYR A 46 10.31 1.98 -5.86
CA TYR A 46 10.45 3.35 -5.40
C TYR A 46 10.55 3.41 -3.87
N MET A 47 9.80 2.55 -3.16
CA MET A 47 9.84 2.53 -1.71
C MET A 47 11.08 1.81 -1.18
N LEU A 48 11.52 0.75 -1.87
CA LEU A 48 12.70 -0.01 -1.45
C LEU A 48 13.99 0.74 -1.77
N ARG A 49 13.94 1.73 -2.67
CA ARG A 49 15.12 2.53 -3.00
C ARG A 49 15.69 3.22 -1.77
N PRO A 50 17.01 3.45 -1.72
CA PRO A 50 17.65 4.17 -0.64
C PRO A 50 17.40 5.68 -0.73
N SER A 51 16.98 6.14 -1.91
CA SER A 51 16.71 7.55 -2.19
C SER A 51 15.31 7.99 -1.77
N VAL A 52 14.58 7.18 -1.00
CA VAL A 52 13.28 7.59 -0.49
C VAL A 52 13.26 7.66 1.05
N ASN A 53 12.46 8.60 1.58
CA ASN A 53 12.35 8.87 3.00
C ASN A 53 11.02 8.34 3.57
N THR A 54 10.93 8.26 4.91
CA THR A 54 9.78 7.73 5.61
C THR A 54 8.48 8.43 5.21
N ARG A 55 8.49 9.75 4.99
CA ARG A 55 7.27 10.45 4.61
C ARG A 55 6.80 9.98 3.24
N ARG A 56 7.71 9.89 2.28
CA ARG A 56 7.37 9.46 0.93
C ARG A 56 6.86 8.02 0.95
N LYS A 57 7.39 7.22 1.86
CA LYS A 57 6.93 5.86 2.07
C LYS A 57 5.56 5.83 2.75
N LEU A 58 5.30 6.76 3.68
CA LEU A 58 4.01 6.87 4.34
C LEU A 58 2.97 7.32 3.31
N LEU A 59 3.33 8.29 2.46
CA LEU A 59 2.49 8.75 1.36
C LEU A 59 2.19 7.61 0.40
N GLY A 60 3.20 6.81 0.05
CA GLY A 60 3.04 5.69 -0.85
C GLY A 60 2.17 4.62 -0.21
N LEU A 61 2.33 4.41 1.10
CA LEU A 61 1.52 3.48 1.85
C LEU A 61 0.05 3.91 1.83
N TYR A 62 -0.22 5.20 2.03
CA TYR A 62 -1.58 5.71 2.00
C TYR A 62 -2.17 5.63 0.60
N LEU A 63 -1.38 5.93 -0.43
CA LEU A 63 -1.88 5.87 -1.79
C LEU A 63 -2.29 4.43 -2.12
N MET A 64 -1.35 3.49 -2.01
CA MET A 64 -1.64 2.11 -2.35
C MET A 64 -2.77 1.58 -1.46
N ASN A 65 -2.82 1.99 -0.19
CA ASN A 65 -3.86 1.54 0.72
C ASN A 65 -5.24 1.93 0.18
N HIS A 66 -5.40 3.19 -0.24
CA HIS A 66 -6.67 3.63 -0.80
C HIS A 66 -6.95 2.91 -2.11
N VAL A 67 -5.92 2.75 -2.95
CA VAL A 67 -6.06 2.12 -4.23
C VAL A 67 -6.55 0.67 -4.08
N VAL A 68 -5.85 -0.15 -3.31
CA VAL A 68 -6.23 -1.55 -3.15
C VAL A 68 -7.58 -1.67 -2.46
N GLN A 69 -7.86 -0.79 -1.49
CA GLN A 69 -9.11 -0.82 -0.76
C GLN A 69 -10.28 -0.50 -1.67
N GLN A 70 -10.15 0.59 -2.44
CA GLN A 70 -11.20 1.01 -3.35
C GLN A 70 -11.31 0.02 -4.52
N ALA A 71 -10.19 -0.60 -4.87
CA ALA A 71 -10.17 -1.61 -5.91
C ALA A 71 -11.05 -2.79 -5.49
N LYS A 72 -10.85 -3.33 -4.28
CA LYS A 72 -11.71 -4.40 -3.80
C LYS A 72 -13.15 -3.91 -3.74
N GLY A 73 -13.33 -2.61 -3.45
CA GLY A 73 -14.65 -1.99 -3.35
C GLY A 73 -15.47 -2.21 -4.62
N GLN A 74 -14.83 -2.08 -5.79
CA GLN A 74 -15.49 -2.32 -7.06
C GLN A 74 -14.98 -3.57 -7.76
N LYS A 75 -14.28 -4.44 -7.02
CA LYS A 75 -13.81 -5.76 -7.46
C LYS A 75 -12.78 -5.71 -8.58
N ILE A 76 -11.92 -4.68 -8.59
CA ILE A 76 -10.84 -4.55 -9.56
C ILE A 76 -9.63 -5.31 -9.02
N ILE A 77 -9.67 -6.63 -9.13
CA ILE A 77 -8.67 -7.50 -8.56
C ILE A 77 -7.27 -7.20 -9.10
N GLN A 78 -7.14 -6.59 -10.28
CA GLN A 78 -5.82 -6.36 -10.85
C GLN A 78 -4.93 -5.56 -9.90
N PHE A 79 -5.51 -4.58 -9.19
CA PHE A 79 -4.77 -3.78 -8.25
C PHE A 79 -4.36 -4.60 -7.04
N GLN A 80 -5.35 -5.04 -6.25
CA GLN A 80 -5.12 -5.79 -5.03
C GLN A 80 -4.29 -7.04 -5.31
N ASP A 81 -4.38 -7.60 -6.52
CA ASP A 81 -3.59 -8.76 -6.89
C ASP A 81 -2.12 -8.38 -6.99
N SER A 82 -1.81 -7.34 -7.76
CA SER A 82 -0.44 -6.90 -7.99
C SER A 82 0.14 -6.22 -6.74
N PHE A 83 -0.56 -5.20 -6.24
CA PHE A 83 -0.13 -4.45 -5.08
C PHE A 83 0.06 -5.34 -3.86
N GLY A 84 -0.80 -6.35 -3.68
CA GLY A 84 -0.71 -7.24 -2.54
C GLY A 84 0.67 -7.89 -2.42
N LYS A 85 1.18 -8.45 -3.50
CA LYS A 85 2.44 -9.18 -3.46
C LYS A 85 3.60 -8.28 -3.07
N VAL A 86 3.66 -7.10 -3.71
CA VAL A 86 4.71 -6.12 -3.45
C VAL A 86 4.52 -5.42 -2.10
N ALA A 87 3.30 -5.48 -1.55
CA ALA A 87 3.00 -4.89 -0.25
C ALA A 87 3.85 -5.49 0.86
N ALA A 88 3.97 -6.82 0.90
CA ALA A 88 4.74 -7.50 1.93
C ALA A 88 6.15 -6.98 1.98
N GLU A 89 6.77 -6.78 0.81
CA GLU A 89 8.06 -6.14 0.78
C GLU A 89 7.97 -4.74 1.37
N VAL A 90 7.35 -3.80 0.66
CA VAL A 90 7.32 -2.41 1.10
C VAL A 90 6.95 -2.31 2.58
N LEU A 91 5.71 -2.65 2.92
CA LEU A 91 5.21 -2.48 4.28
C LEU A 91 6.16 -3.11 5.29
N GLY A 92 6.70 -4.29 4.97
CA GLY A 92 7.64 -4.99 5.82
C GLY A 92 9.03 -4.37 5.89
N ARG A 93 9.51 -3.72 4.83
CA ARG A 93 10.82 -3.08 4.84
C ARG A 93 10.71 -1.69 5.44
N ILE A 94 9.67 -0.92 5.08
CA ILE A 94 9.47 0.39 5.67
C ILE A 94 9.15 0.24 7.15
N ASN A 95 8.64 -0.93 7.57
CA ASN A 95 8.41 -1.23 8.98
C ASN A 95 9.73 -1.20 9.75
N GLN A 96 10.84 -1.49 9.07
CA GLN A 96 12.16 -1.54 9.69
C GLN A 96 12.77 -0.14 9.75
N GLU A 97 12.15 0.83 9.08
CA GLU A 97 12.64 2.20 9.00
C GLU A 97 11.66 3.18 9.65
N PHE A 98 10.36 2.86 9.66
CA PHE A 98 9.38 3.76 10.22
C PHE A 98 9.56 3.82 11.73
N PRO A 99 9.58 5.03 12.31
CA PRO A 99 9.58 5.21 13.74
C PRO A 99 8.29 4.63 14.27
N ARG A 100 8.23 4.36 15.58
CA ARG A 100 7.08 3.72 16.19
C ARG A 100 5.77 4.36 15.74
N ASP A 101 5.74 5.68 15.57
CA ASP A 101 4.50 6.38 15.23
C ASP A 101 4.03 6.13 13.80
N LEU A 102 4.92 6.20 12.80
CA LEU A 102 4.48 5.90 11.44
C LEU A 102 4.21 4.41 11.32
N LYS A 103 5.01 3.62 12.04
CA LYS A 103 4.83 2.18 12.09
C LYS A 103 3.45 1.84 12.65
N LYS A 104 2.98 2.58 13.67
CA LYS A 104 1.61 2.43 14.17
C LYS A 104 0.60 2.68 13.06
N LYS A 105 0.80 3.74 12.26
CA LYS A 105 -0.10 4.02 11.16
C LYS A 105 -0.12 2.85 10.18
N LEU A 106 1.06 2.33 9.83
CA LEU A 106 1.14 1.15 8.99
C LEU A 106 0.51 -0.06 9.65
N SER A 107 0.69 -0.21 10.96
CA SER A 107 0.12 -1.36 11.65
C SER A 107 -1.37 -1.42 11.39
N ARG A 108 -2.06 -0.27 11.44
CA ARG A 108 -3.47 -0.22 11.14
C ARG A 108 -3.69 -0.64 9.70
N VAL A 109 -2.87 -0.14 8.76
CA VAL A 109 -3.00 -0.52 7.36
C VAL A 109 -2.95 -2.04 7.22
N VAL A 110 -1.93 -2.69 7.82
CA VAL A 110 -1.85 -4.14 7.79
C VAL A 110 -3.07 -4.78 8.47
N ASN A 111 -3.56 -4.21 9.57
CA ASN A 111 -4.75 -4.73 10.24
C ASN A 111 -5.96 -4.68 9.30
N ILE A 112 -6.40 -3.47 8.94
CA ILE A 112 -7.60 -3.30 8.14
C ILE A 112 -7.48 -4.13 6.86
N LEU A 113 -6.26 -4.26 6.34
CA LEU A 113 -6.01 -5.05 5.15
C LEU A 113 -6.50 -6.49 5.32
N LYS A 114 -5.99 -7.21 6.33
CA LYS A 114 -6.38 -8.60 6.51
C LYS A 114 -7.78 -8.75 7.11
N GLU A 115 -8.23 -7.79 7.89
CA GLU A 115 -9.57 -7.80 8.45
C GLU A 115 -10.60 -7.81 7.33
N ARG A 116 -10.32 -7.05 6.28
CA ARG A 116 -11.17 -6.94 5.12
C ARG A 116 -10.70 -7.88 4.01
N ASN A 117 -9.54 -8.50 4.21
CA ASN A 117 -8.96 -9.43 3.25
C ASN A 117 -8.84 -8.79 1.88
N ILE A 118 -8.21 -7.62 1.82
CA ILE A 118 -8.07 -6.92 0.56
C ILE A 118 -7.13 -7.70 -0.36
N PHE A 119 -6.20 -8.45 0.24
CA PHE A 119 -5.30 -9.36 -0.47
C PHE A 119 -5.64 -10.80 -0.09
N SER A 120 -4.88 -11.77 -0.59
CA SER A 120 -5.11 -13.17 -0.29
C SER A 120 -4.43 -13.48 1.04
N LYS A 121 -4.92 -14.48 1.78
CA LYS A 121 -4.35 -14.79 3.09
C LYS A 121 -2.84 -15.05 3.00
N GLN A 122 -2.39 -15.65 1.91
CA GLN A 122 -0.97 -15.86 1.70
C GLN A 122 -0.22 -14.53 1.68
N VAL A 123 -0.77 -13.55 0.97
CA VAL A 123 -0.21 -12.22 0.91
C VAL A 123 -0.25 -11.58 2.29
N VAL A 124 -1.38 -11.74 3.00
CA VAL A 124 -1.52 -11.28 4.37
C VAL A 124 -0.41 -11.86 5.23
N ASN A 125 -0.17 -13.18 5.13
CA ASN A 125 0.86 -13.83 5.90
C ASN A 125 2.24 -13.30 5.49
N ASP A 126 2.51 -13.16 4.20
CA ASP A 126 3.78 -12.66 3.73
C ASP A 126 4.06 -11.26 4.27
N ILE A 127 3.04 -10.39 4.35
CA ILE A 127 3.21 -9.08 4.97
C ILE A 127 3.55 -9.26 6.44
N GLU A 128 2.80 -10.09 7.16
CA GLU A 128 3.04 -10.34 8.58
C GLU A 128 4.43 -10.91 8.83
N ARG A 129 4.89 -11.82 7.96
CA ARG A 129 6.21 -12.42 8.07
C ARG A 129 7.30 -11.37 7.92
N SER A 130 7.05 -10.41 7.03
CA SER A 130 8.02 -9.36 6.75
C SER A 130 8.19 -8.42 7.94
N LEU A 131 7.07 -7.98 8.52
CA LEU A 131 7.04 -7.22 9.76
C LEU A 131 7.68 -8.03 10.89
N ALA A 132 7.34 -9.33 10.97
CA ALA A 132 7.85 -10.22 11.99
C ALA A 132 9.36 -10.38 11.90
N ALA A 133 9.90 -10.59 10.68
CA ALA A 133 11.31 -10.79 10.47
C ALA A 133 12.13 -9.55 10.85
N ALA A 134 11.48 -8.40 10.95
CA ALA A 134 12.15 -7.16 11.32
C ALA A 134 12.64 -7.18 12.77
N LEU A 135 11.97 -7.95 13.64
CA LEU A 135 12.34 -8.08 15.04
C LEU A 135 12.40 -9.55 15.49
N GLU A 136 12.18 -10.47 14.56
CA GLU A 136 12.19 -11.91 14.80
C GLU A 136 11.26 -12.32 15.94
N HIS A 137 9.97 -11.99 15.80
CA HIS A 137 8.93 -12.38 16.73
C HIS A 137 7.67 -12.74 15.96
N HIS A 138 6.87 -13.66 16.49
CA HIS A 138 5.76 -14.25 15.74
C HIS A 138 4.54 -14.47 16.63
N HIS A 139 3.45 -14.97 16.04
CA HIS A 139 2.20 -15.25 16.74
C HIS A 139 1.59 -16.55 16.24
N HIS A 140 0.73 -17.15 17.05
CA HIS A 140 0.15 -18.45 16.79
C HIS A 140 -1.04 -18.42 15.82
N HIS A 141 -1.37 -17.25 15.27
CA HIS A 141 -2.52 -17.13 14.37
C HIS A 141 -2.23 -16.12 13.25
N HIS A 142 -2.89 -16.34 12.10
CA HIS A 142 -2.72 -15.50 10.92
C HIS A 142 -4.05 -15.39 10.17
N PRO B 1 -1.74 17.00 6.09
CA PRO B 1 -2.09 15.58 6.19
C PRO B 1 -3.41 15.38 6.93
N SER B 2 -4.16 14.32 6.58
CA SER B 2 -5.46 14.03 7.19
C SER B 2 -6.00 12.65 6.81
N TYR B 3 -5.24 11.83 6.09
CA TYR B 3 -5.75 10.54 5.59
C TYR B 3 -5.87 9.51 6.71
N SER B 4 -6.88 8.63 6.59
CA SER B 4 -7.11 7.55 7.52
C SER B 4 -6.60 6.23 6.94
N PRO B 5 -5.74 5.51 7.66
CA PRO B 5 -5.22 4.20 7.26
C PRO B 5 -6.30 3.12 7.36
N TPO B 6 -7.56 3.54 7.51
CA TPO B 6 -8.71 2.65 7.72
CB TPO B 6 -9.34 2.97 9.08
CG2 TPO B 6 -10.52 2.05 9.39
OG1 TPO B 6 -8.34 2.85 10.06
P TPO B 6 -8.29 3.86 11.31
O1P TPO B 6 -9.46 3.45 12.11
O2P TPO B 6 -6.98 3.54 11.93
O3P TPO B 6 -8.37 5.20 10.68
C TPO B 6 -9.69 2.83 6.57
O TPO B 6 -10.00 1.86 5.88
H TPO B 6 -7.75 4.54 7.49
HA TPO B 6 -8.36 1.63 7.72
HB TPO B 6 -9.71 3.99 9.05
HG21 TPO B 6 -11.00 2.38 10.31
HG22 TPO B 6 -10.18 1.02 9.52
HG23 TPO B 6 -11.25 2.09 8.57
N SER B 7 -10.16 4.07 6.38
CA SER B 7 -11.14 4.44 5.35
C SER B 7 -12.48 3.70 5.51
N PRO B 8 -13.60 4.39 5.24
CA PRO B 8 -14.92 3.78 5.29
C PRO B 8 -15.19 2.90 4.07
N SER B 9 -14.31 2.92 3.05
CA SER B 9 -14.54 2.17 1.82
C SER B 9 -14.21 0.69 2.02
N TYR B 10 -15.16 -0.18 1.66
CA TYR B 10 -15.01 -1.62 1.68
C TYR B 10 -16.19 -2.26 0.94
N SER B 11 -16.05 -3.53 0.56
CA SER B 11 -17.10 -4.27 -0.13
C SER B 11 -16.93 -5.77 0.15
N PRO B 12 -18.03 -6.53 0.26
CA PRO B 12 -18.00 -7.95 0.54
C PRO B 12 -17.14 -8.72 -0.48
N THR B 13 -16.55 -9.82 -0.04
CA THR B 13 -15.71 -10.65 -0.89
C THR B 13 -16.58 -11.47 -1.84
N SER B 14 -16.13 -11.64 -3.08
CA SER B 14 -16.87 -12.40 -4.09
C SER B 14 -15.91 -12.91 -5.16
N PRO B 15 -16.15 -14.12 -5.70
CA PRO B 15 -15.33 -14.71 -6.76
C PRO B 15 -15.56 -14.01 -8.09
N SER B 16 -16.59 -13.15 -8.18
CA SER B 16 -16.92 -12.41 -9.38
C SER B 16 -17.75 -11.18 -9.04
N MET A 1 -1.94 5.50 -17.76
CA MET A 1 -2.38 4.65 -18.86
C MET A 1 -1.19 4.14 -19.64
N ALA A 2 -1.32 2.98 -20.28
CA ALA A 2 -0.25 2.37 -21.08
C ALA A 2 1.02 2.11 -20.27
N PHE A 3 0.95 2.25 -18.94
CA PHE A 3 2.06 2.01 -18.03
C PHE A 3 3.38 2.58 -18.56
N SER A 4 3.43 3.91 -18.75
CA SER A 4 4.60 4.58 -19.29
C SER A 4 5.81 4.54 -18.34
N SER A 5 5.71 3.76 -17.26
CA SER A 5 6.80 3.53 -16.31
C SER A 5 7.40 4.83 -15.75
N GLU A 6 6.55 5.82 -15.49
CA GLU A 6 6.97 7.12 -14.98
C GLU A 6 5.79 7.88 -14.39
N GLN A 7 4.59 7.70 -14.96
CA GLN A 7 3.41 8.46 -14.58
C GLN A 7 3.22 8.42 -13.07
N PHE A 8 2.80 7.24 -12.61
CA PHE A 8 2.58 6.98 -11.21
C PHE A 8 3.80 7.37 -10.37
N THR A 9 5.00 7.22 -10.93
CA THR A 9 6.23 7.52 -10.22
C THR A 9 6.27 9.01 -9.93
N THR A 10 6.01 9.84 -10.93
CA THR A 10 6.01 11.28 -10.73
C THR A 10 4.97 11.66 -9.69
N LYS A 11 3.85 10.91 -9.62
CA LYS A 11 2.82 11.17 -8.63
C LYS A 11 3.38 11.04 -7.22
N LEU A 12 4.17 9.99 -6.97
CA LEU A 12 4.81 9.78 -5.68
C LEU A 12 5.64 10.99 -5.31
N ASN A 13 6.32 11.58 -6.30
CA ASN A 13 7.12 12.77 -6.07
C ASN A 13 6.30 14.04 -5.91
N THR A 14 4.96 13.95 -5.95
CA THR A 14 4.11 15.11 -5.73
C THR A 14 2.91 14.80 -4.84
N LEU A 15 2.93 13.67 -4.11
CA LEU A 15 1.87 13.37 -3.14
C LEU A 15 1.90 14.37 -1.99
N GLU A 16 0.82 14.42 -1.21
CA GLU A 16 0.77 15.27 -0.03
C GLU A 16 0.12 14.50 1.12
N ASP A 17 0.43 14.90 2.35
CA ASP A 17 -0.08 14.22 3.52
C ASP A 17 -1.51 14.67 3.82
N SER A 18 -2.39 14.62 2.81
CA SER A 18 -3.78 15.00 2.98
C SER A 18 -4.69 14.04 2.23
N GLN A 19 -5.87 13.81 2.79
CA GLN A 19 -6.83 12.85 2.29
C GLN A 19 -7.15 13.10 0.82
N GLU A 20 -7.35 14.35 0.40
CA GLU A 20 -7.75 14.58 -0.97
C GLU A 20 -6.59 14.49 -1.95
N SER A 21 -5.37 14.79 -1.51
CA SER A 21 -4.21 14.62 -2.38
C SER A 21 -4.00 13.13 -2.61
N ILE A 22 -4.09 12.34 -1.53
CA ILE A 22 -4.00 10.90 -1.62
C ILE A 22 -5.16 10.37 -2.45
N SER A 23 -6.38 10.87 -2.19
CA SER A 23 -7.56 10.44 -2.92
C SER A 23 -7.43 10.80 -4.39
N SER A 24 -6.86 11.97 -4.71
CA SER A 24 -6.70 12.39 -6.09
C SER A 24 -5.69 11.50 -6.81
N ALA A 25 -4.60 11.15 -6.13
CA ALA A 25 -3.61 10.25 -6.69
C ALA A 25 -4.20 8.84 -6.81
N SER A 26 -5.08 8.47 -5.86
CA SER A 26 -5.69 7.14 -5.83
C SER A 26 -6.72 6.99 -6.93
N LYS A 27 -7.69 7.91 -6.98
CA LYS A 27 -8.78 7.86 -7.95
C LYS A 27 -8.25 7.95 -9.38
N TRP A 28 -7.26 8.81 -9.62
CA TRP A 28 -6.64 8.88 -10.94
C TRP A 28 -6.05 7.51 -11.28
N LEU A 29 -5.19 7.01 -10.40
CA LEU A 29 -4.51 5.76 -10.68
C LEU A 29 -5.56 4.66 -10.87
N LEU A 30 -6.67 4.76 -10.12
CA LEU A 30 -7.76 3.81 -10.23
C LEU A 30 -8.37 3.84 -11.63
N LEU A 31 -8.32 4.98 -12.32
CA LEU A 31 -8.82 5.06 -13.69
C LEU A 31 -7.93 4.26 -14.62
N GLN A 32 -6.61 4.33 -14.45
CA GLN A 32 -5.72 3.52 -15.29
C GLN A 32 -5.30 2.21 -14.61
N TYR A 33 -6.29 1.39 -14.26
CA TYR A 33 -6.05 0.09 -13.66
C TYR A 33 -5.25 -0.84 -14.58
N ARG A 34 -5.13 -0.48 -15.87
CA ARG A 34 -4.33 -1.23 -16.82
C ARG A 34 -2.85 -1.19 -16.44
N ASP A 35 -2.43 -0.13 -15.74
CA ASP A 35 -1.05 0.03 -15.32
C ASP A 35 -0.77 -0.65 -13.98
N ALA A 36 -1.80 -1.27 -13.38
CA ALA A 36 -1.73 -1.85 -12.05
C ALA A 36 -0.49 -2.71 -11.79
N PRO A 37 -0.11 -3.67 -12.66
CA PRO A 37 1.03 -4.53 -12.37
C PRO A 37 2.34 -3.74 -12.40
N LYS A 38 2.46 -2.80 -13.34
CA LYS A 38 3.66 -1.98 -13.46
C LYS A 38 3.76 -1.04 -12.27
N VAL A 39 2.66 -0.36 -11.98
CA VAL A 39 2.61 0.61 -10.90
C VAL A 39 2.90 -0.06 -9.57
N ALA A 40 2.41 -1.29 -9.36
CA ALA A 40 2.72 -2.01 -8.14
C ALA A 40 4.22 -2.24 -8.03
N GLU A 41 4.86 -2.66 -9.13
CA GLU A 41 6.29 -2.90 -9.12
C GLU A 41 7.06 -1.60 -8.88
N MET A 42 6.76 -0.54 -9.65
CA MET A 42 7.45 0.73 -9.50
C MET A 42 7.23 1.29 -8.11
N TRP A 43 6.01 1.14 -7.57
CA TRP A 43 5.69 1.62 -6.26
C TRP A 43 6.62 1.00 -5.22
N LYS A 44 6.77 -0.33 -5.23
CA LYS A 44 7.64 -0.98 -4.29
C LYS A 44 9.07 -0.48 -4.44
N GLU A 45 9.62 -0.52 -5.66
CA GLU A 45 10.98 -0.10 -5.88
C GLU A 45 11.20 1.34 -5.41
N TYR A 46 10.22 2.22 -5.62
CA TYR A 46 10.33 3.59 -5.14
C TYR A 46 10.37 3.64 -3.61
N MET A 47 9.50 2.88 -2.94
CA MET A 47 9.46 2.86 -1.48
C MET A 47 10.75 2.27 -0.92
N LEU A 48 11.19 1.13 -1.47
CA LEU A 48 12.36 0.43 -0.97
C LEU A 48 13.65 1.21 -1.28
N ARG A 49 13.63 2.12 -2.25
CA ARG A 49 14.83 2.88 -2.58
C ARG A 49 15.27 3.77 -1.41
N PRO A 50 16.58 3.85 -1.15
CA PRO A 50 17.13 4.62 -0.04
C PRO A 50 17.02 6.12 -0.30
N SER A 51 16.76 6.51 -1.56
CA SER A 51 16.60 7.92 -1.91
C SER A 51 15.22 8.43 -1.54
N VAL A 52 14.41 7.62 -0.85
CA VAL A 52 13.09 8.00 -0.40
C VAL A 52 12.99 7.90 1.12
N ASN A 53 12.32 8.88 1.73
CA ASN A 53 12.22 9.02 3.17
C ASN A 53 10.87 8.49 3.69
N THR A 54 10.79 8.33 5.01
CA THR A 54 9.61 7.81 5.70
C THR A 54 8.36 8.61 5.36
N ARG A 55 8.46 9.93 5.21
CA ARG A 55 7.30 10.75 4.90
C ARG A 55 6.73 10.37 3.54
N ARG A 56 7.59 10.24 2.52
CA ARG A 56 7.15 9.90 1.18
C ARG A 56 6.59 8.48 1.17
N LYS A 57 7.19 7.61 1.99
CA LYS A 57 6.72 6.23 2.14
C LYS A 57 5.36 6.18 2.83
N LEU A 58 5.10 7.07 3.77
CA LEU A 58 3.81 7.14 4.43
C LEU A 58 2.73 7.49 3.41
N LEU A 59 3.01 8.45 2.53
CA LEU A 59 2.09 8.81 1.46
C LEU A 59 1.88 7.65 0.48
N GLY A 60 2.94 6.92 0.15
CA GLY A 60 2.83 5.76 -0.73
C GLY A 60 1.99 4.67 -0.07
N LEU A 61 2.16 4.48 1.25
CA LEU A 61 1.39 3.54 2.03
C LEU A 61 -0.10 3.90 1.98
N TYR A 62 -0.42 5.19 2.19
CA TYR A 62 -1.79 5.66 2.15
C TYR A 62 -2.37 5.56 0.74
N LEU A 63 -1.57 5.91 -0.27
CA LEU A 63 -2.00 5.85 -1.65
C LEU A 63 -2.42 4.44 -2.01
N MET A 64 -1.49 3.49 -1.93
CA MET A 64 -1.78 2.12 -2.30
C MET A 64 -2.93 1.55 -1.47
N ASN A 65 -3.00 1.89 -0.17
CA ASN A 65 -4.05 1.38 0.69
C ASN A 65 -5.43 1.77 0.16
N HIS A 66 -5.59 3.02 -0.27
CA HIS A 66 -6.85 3.48 -0.81
C HIS A 66 -7.12 2.77 -2.14
N VAL A 67 -6.09 2.64 -2.98
CA VAL A 67 -6.23 2.00 -4.29
C VAL A 67 -6.67 0.54 -4.14
N VAL A 68 -5.93 -0.26 -3.38
CA VAL A 68 -6.22 -1.69 -3.26
C VAL A 68 -7.58 -1.94 -2.61
N GLN A 69 -7.96 -1.11 -1.63
CA GLN A 69 -9.23 -1.30 -0.95
C GLN A 69 -10.39 -0.91 -1.87
N GLN A 70 -10.26 0.22 -2.56
CA GLN A 70 -11.29 0.67 -3.49
C GLN A 70 -11.38 -0.33 -4.65
N ALA A 71 -10.26 -0.96 -5.00
CA ALA A 71 -10.24 -1.98 -6.03
C ALA A 71 -11.08 -3.19 -5.63
N LYS A 72 -10.93 -3.68 -4.39
CA LYS A 72 -11.73 -4.80 -3.93
C LYS A 72 -13.21 -4.44 -3.94
N GLY A 73 -13.53 -3.16 -3.64
CA GLY A 73 -14.89 -2.67 -3.65
C GLY A 73 -15.56 -2.90 -5.00
N GLN A 74 -15.03 -2.23 -6.04
CA GLN A 74 -15.59 -2.35 -7.39
C GLN A 74 -15.11 -3.62 -8.11
N LYS A 75 -14.31 -4.44 -7.42
CA LYS A 75 -13.85 -5.76 -7.86
C LYS A 75 -12.93 -5.71 -9.06
N ILE A 76 -11.92 -4.83 -8.99
CA ILE A 76 -10.86 -4.73 -9.97
C ILE A 76 -9.61 -5.36 -9.37
N ILE A 77 -9.56 -6.68 -9.38
CA ILE A 77 -8.49 -7.45 -8.79
C ILE A 77 -7.11 -7.08 -9.33
N GLN A 78 -7.00 -6.39 -10.47
CA GLN A 78 -5.70 -6.11 -11.05
C GLN A 78 -4.81 -5.38 -10.05
N PHE A 79 -5.42 -4.45 -9.31
CA PHE A 79 -4.71 -3.67 -8.30
C PHE A 79 -4.30 -4.54 -7.12
N GLN A 80 -5.29 -5.04 -6.37
CA GLN A 80 -5.02 -5.81 -5.17
C GLN A 80 -4.17 -7.03 -5.49
N ASP A 81 -4.25 -7.55 -6.72
CA ASP A 81 -3.44 -8.68 -7.13
C ASP A 81 -1.97 -8.27 -7.21
N SER A 82 -1.69 -7.20 -7.95
CA SER A 82 -0.34 -6.71 -8.16
C SER A 82 0.22 -6.08 -6.90
N PHE A 83 -0.49 -5.09 -6.35
CA PHE A 83 -0.06 -4.36 -5.17
C PHE A 83 0.10 -5.28 -3.97
N GLY A 84 -0.75 -6.30 -3.83
CA GLY A 84 -0.68 -7.21 -2.70
C GLY A 84 0.70 -7.86 -2.56
N LYS A 85 1.26 -8.38 -3.65
CA LYS A 85 2.53 -9.10 -3.60
C LYS A 85 3.65 -8.19 -3.13
N VAL A 86 3.69 -6.97 -3.68
CA VAL A 86 4.70 -5.98 -3.37
C VAL A 86 4.42 -5.31 -2.02
N ALA A 87 3.19 -5.42 -1.51
CA ALA A 87 2.81 -4.83 -0.23
C ALA A 87 3.60 -5.46 0.91
N ALA A 88 3.65 -6.80 0.98
CA ALA A 88 4.39 -7.51 2.02
C ALA A 88 5.81 -7.00 2.09
N GLU A 89 6.47 -6.84 0.94
CA GLU A 89 7.76 -6.23 0.90
C GLU A 89 7.70 -4.82 1.47
N VAL A 90 7.12 -3.87 0.75
CA VAL A 90 7.13 -2.47 1.18
C VAL A 90 6.74 -2.34 2.65
N LEU A 91 5.50 -2.66 3.00
CA LEU A 91 5.00 -2.47 4.35
C LEU A 91 5.95 -3.10 5.36
N GLY A 92 6.49 -4.28 5.03
CA GLY A 92 7.42 -4.98 5.89
C GLY A 92 8.81 -4.35 5.98
N ARG A 93 9.30 -3.72 4.90
CA ARG A 93 10.61 -3.07 4.93
C ARG A 93 10.48 -1.67 5.53
N ILE A 94 9.43 -0.92 5.17
CA ILE A 94 9.21 0.39 5.75
C ILE A 94 8.89 0.23 7.24
N ASN A 95 8.39 -0.93 7.66
CA ASN A 95 8.16 -1.21 9.08
C ASN A 95 9.49 -1.27 9.84
N GLN A 96 10.60 -1.43 9.12
CA GLN A 96 11.93 -1.47 9.72
C GLN A 96 12.57 -0.08 9.69
N GLU A 97 11.96 0.85 8.96
CA GLU A 97 12.47 2.20 8.79
C GLU A 97 11.55 3.23 9.46
N PHE A 98 10.25 2.95 9.53
CA PHE A 98 9.29 3.87 10.12
C PHE A 98 9.57 3.97 11.62
N PRO A 99 9.47 5.18 12.19
CA PRO A 99 9.55 5.39 13.62
C PRO A 99 8.34 4.75 14.27
N ARG A 100 8.39 4.57 15.59
CA ARG A 100 7.34 3.89 16.33
C ARG A 100 5.96 4.42 15.97
N ASP A 101 5.84 5.73 15.71
CA ASP A 101 4.53 6.32 15.41
C ASP A 101 4.00 5.93 14.03
N LEU A 102 4.79 6.04 12.98
CA LEU A 102 4.31 5.67 11.64
C LEU A 102 4.10 4.18 11.56
N LYS A 103 4.93 3.43 12.29
CA LYS A 103 4.75 1.99 12.43
C LYS A 103 3.37 1.67 12.99
N LYS A 104 2.90 2.44 13.99
CA LYS A 104 1.54 2.27 14.50
C LYS A 104 0.51 2.49 13.40
N LYS A 105 0.71 3.54 12.58
CA LYS A 105 -0.22 3.84 11.50
C LYS A 105 -0.25 2.69 10.50
N LEU A 106 0.94 2.22 10.09
CA LEU A 106 1.02 1.06 9.22
C LEU A 106 0.44 -0.18 9.87
N SER A 107 0.67 -0.36 11.17
CA SER A 107 0.19 -1.54 11.86
C SER A 107 -1.32 -1.67 11.65
N ARG A 108 -2.06 -0.56 11.75
CA ARG A 108 -3.48 -0.60 11.46
C ARG A 108 -3.71 -0.89 9.98
N VAL A 109 -2.92 -0.29 9.09
CA VAL A 109 -3.06 -0.54 7.66
C VAL A 109 -2.96 -2.04 7.37
N VAL A 110 -1.97 -2.72 7.96
CA VAL A 110 -1.85 -4.17 7.87
C VAL A 110 -3.08 -4.87 8.46
N ASN A 111 -3.55 -4.42 9.63
CA ASN A 111 -4.71 -5.05 10.28
C ASN A 111 -5.93 -4.97 9.38
N ILE A 112 -6.27 -3.77 8.92
CA ILE A 112 -7.44 -3.55 8.10
C ILE A 112 -7.32 -4.34 6.80
N LEU A 113 -6.09 -4.54 6.30
CA LEU A 113 -5.88 -5.32 5.10
C LEU A 113 -6.45 -6.72 5.31
N LYS A 114 -5.96 -7.42 6.33
CA LYS A 114 -6.40 -8.79 6.59
C LYS A 114 -7.81 -8.85 7.17
N GLU A 115 -8.25 -7.84 7.93
CA GLU A 115 -9.62 -7.84 8.46
C GLU A 115 -10.64 -7.86 7.33
N ARG A 116 -10.28 -7.28 6.17
CA ARG A 116 -11.13 -7.26 4.99
C ARG A 116 -10.62 -8.19 3.90
N ASN A 117 -9.44 -8.78 4.11
CA ASN A 117 -8.83 -9.68 3.15
C ASN A 117 -8.74 -9.02 1.79
N ILE A 118 -8.13 -7.84 1.75
CA ILE A 118 -8.04 -7.10 0.51
C ILE A 118 -7.10 -7.84 -0.44
N PHE A 119 -6.03 -8.43 0.12
CA PHE A 119 -5.17 -9.33 -0.63
C PHE A 119 -5.51 -10.79 -0.32
N SER A 120 -4.81 -11.72 -0.97
CA SER A 120 -5.06 -13.14 -0.80
C SER A 120 -4.48 -13.60 0.53
N LYS A 121 -4.98 -14.72 1.08
CA LYS A 121 -4.52 -15.21 2.38
C LYS A 121 -3.00 -15.38 2.41
N GLN A 122 -2.42 -15.77 1.28
CA GLN A 122 -0.98 -15.94 1.17
C GLN A 122 -0.31 -14.58 1.35
N VAL A 123 -0.81 -13.57 0.64
CA VAL A 123 -0.28 -12.22 0.73
C VAL A 123 -0.45 -11.69 2.15
N VAL A 124 -1.63 -11.93 2.74
CA VAL A 124 -1.92 -11.55 4.12
C VAL A 124 -0.84 -12.10 5.06
N ASN A 125 -0.58 -13.40 4.99
CA ASN A 125 0.44 -14.01 5.84
C ASN A 125 1.82 -13.45 5.50
N ASP A 126 2.14 -13.30 4.21
CA ASP A 126 3.44 -12.78 3.80
C ASP A 126 3.69 -11.36 4.32
N ILE A 127 2.67 -10.51 4.35
CA ILE A 127 2.82 -9.19 4.96
C ILE A 127 3.20 -9.37 6.42
N GLU A 128 2.51 -10.27 7.13
CA GLU A 128 2.86 -10.57 8.51
C GLU A 128 4.27 -11.14 8.64
N ARG A 129 4.72 -11.93 7.65
CA ARG A 129 6.07 -12.49 7.67
C ARG A 129 7.11 -11.39 7.59
N SER A 130 6.91 -10.43 6.70
CA SER A 130 7.88 -9.37 6.46
C SER A 130 8.05 -8.47 7.68
N LEU A 131 6.93 -8.03 8.25
CA LEU A 131 6.90 -7.28 9.49
C LEU A 131 7.60 -8.03 10.61
N ALA A 132 7.34 -9.32 10.73
CA ALA A 132 7.97 -10.14 11.74
C ALA A 132 9.46 -10.34 11.44
N ALA A 133 9.81 -10.53 10.17
CA ALA A 133 11.19 -10.72 9.74
C ALA A 133 12.04 -9.50 10.11
N ALA A 134 11.40 -8.39 10.44
CA ALA A 134 12.10 -7.18 10.87
C ALA A 134 12.75 -7.37 12.24
N LEU A 135 12.22 -8.30 13.05
CA LEU A 135 12.74 -8.56 14.39
C LEU A 135 13.09 -10.03 14.61
N GLU A 136 12.72 -10.93 13.68
CA GLU A 136 13.12 -12.33 13.77
C GLU A 136 14.62 -12.48 13.58
N HIS A 137 15.20 -13.57 14.08
CA HIS A 137 16.62 -13.85 13.98
C HIS A 137 16.95 -14.43 12.61
N HIS A 138 18.23 -14.33 12.21
CA HIS A 138 18.69 -14.77 10.91
C HIS A 138 18.75 -16.29 10.81
N HIS A 139 18.61 -17.01 11.93
CA HIS A 139 18.63 -18.46 11.93
C HIS A 139 17.24 -19.04 11.66
N HIS A 140 16.23 -18.18 11.46
CA HIS A 140 14.88 -18.60 11.19
C HIS A 140 14.76 -19.23 9.79
N HIS A 141 13.65 -19.90 9.50
CA HIS A 141 13.50 -20.66 8.27
C HIS A 141 12.08 -20.64 7.70
N HIS A 142 11.30 -19.58 7.98
CA HIS A 142 9.94 -19.45 7.49
C HIS A 142 9.59 -17.98 7.24
N PRO B 1 -7.36 15.80 8.36
CA PRO B 1 -6.54 16.33 7.25
C PRO B 1 -5.80 15.23 6.49
N SER B 2 -4.86 14.56 7.17
CA SER B 2 -4.11 13.45 6.61
C SER B 2 -5.03 12.26 6.36
N TYR B 3 -4.62 11.35 5.47
CA TYR B 3 -5.36 10.13 5.19
C TYR B 3 -5.34 9.23 6.42
N SER B 4 -6.25 8.24 6.47
CA SER B 4 -6.38 7.37 7.61
C SER B 4 -6.75 5.95 7.17
N PRO B 5 -6.30 4.92 7.92
CA PRO B 5 -6.72 3.56 7.71
C PRO B 5 -8.18 3.41 8.10
N TPO B 6 -8.70 2.18 8.03
CA TPO B 6 -10.10 1.89 8.33
CB TPO B 6 -10.36 2.05 9.83
CG2 TPO B 6 -11.61 1.25 10.22
OG1 TPO B 6 -9.23 1.60 10.57
P TPO B 6 -9.07 1.90 12.14
O1P TPO B 6 -9.87 0.84 12.79
O2P TPO B 6 -7.61 1.78 12.35
O3P TPO B 6 -9.61 3.27 12.30
C TPO B 6 -11.03 2.75 7.49
O TPO B 6 -12.00 3.32 7.98
H TPO B 6 -8.11 1.42 7.75
HA TPO B 6 -10.28 0.85 8.07
HB TPO B 6 -10.52 3.10 10.04
HG21 TPO B 6 -12.44 1.53 9.58
HG22 TPO B 6 -11.87 1.46 11.26
HG23 TPO B 6 -11.40 0.18 10.12
N SER B 7 -10.73 2.86 6.19
CA SER B 7 -11.50 3.66 5.26
C SER B 7 -12.86 3.01 4.99
N PRO B 8 -13.91 3.83 4.77
CA PRO B 8 -15.24 3.34 4.39
C PRO B 8 -15.27 2.83 2.95
N SER B 9 -14.12 2.77 2.28
CA SER B 9 -14.01 2.33 0.89
C SER B 9 -14.44 0.87 0.72
N TYR B 10 -14.47 0.10 1.82
CA TYR B 10 -14.91 -1.28 1.80
C TYR B 10 -15.31 -1.68 3.21
N SER B 11 -16.01 -2.82 3.35
CA SER B 11 -16.44 -3.32 4.64
C SER B 11 -16.49 -4.85 4.61
N PRO B 12 -16.09 -5.51 5.70
CA PRO B 12 -16.11 -6.96 5.80
C PRO B 12 -17.55 -7.48 5.85
N THR B 13 -18.52 -6.56 5.93
CA THR B 13 -19.93 -6.89 5.90
C THR B 13 -20.40 -7.17 4.47
N SER B 14 -19.54 -6.93 3.47
CA SER B 14 -19.89 -7.20 2.08
C SER B 14 -19.84 -8.71 1.81
N PRO B 15 -20.73 -9.24 0.96
CA PRO B 15 -20.69 -10.63 0.55
C PRO B 15 -19.46 -10.91 -0.31
N SER B 16 -18.74 -9.86 -0.71
CA SER B 16 -17.50 -9.94 -1.48
C SER B 16 -16.81 -8.59 -1.48
N MET A 1 4.31 11.24 -18.65
CA MET A 1 3.44 10.83 -19.76
C MET A 1 2.61 9.62 -19.33
N ALA A 2 1.67 9.17 -20.18
CA ALA A 2 0.82 8.03 -19.86
C ALA A 2 1.57 6.71 -20.02
N PHE A 3 1.32 5.76 -19.12
CA PHE A 3 1.89 4.41 -19.10
C PHE A 3 3.41 4.40 -19.35
N SER A 4 4.07 5.53 -19.09
CA SER A 4 5.48 5.74 -19.38
C SER A 4 6.42 5.10 -18.35
N SER A 5 5.89 4.28 -17.42
CA SER A 5 6.70 3.75 -16.33
C SER A 5 7.34 4.90 -15.55
N GLU A 6 6.54 5.95 -15.32
CA GLU A 6 6.97 7.21 -14.72
C GLU A 6 5.78 8.01 -14.23
N GLN A 7 4.62 7.87 -14.88
CA GLN A 7 3.43 8.62 -14.50
C GLN A 7 3.14 8.47 -13.01
N PHE A 8 2.78 7.26 -12.57
CA PHE A 8 2.48 7.01 -11.17
C PHE A 8 3.66 7.39 -10.28
N THR A 9 4.87 7.29 -10.82
CA THR A 9 6.08 7.56 -10.07
C THR A 9 6.13 9.06 -9.75
N THR A 10 5.87 9.90 -10.76
CA THR A 10 5.88 11.33 -10.53
C THR A 10 4.79 11.69 -9.51
N LYS A 11 3.69 10.92 -9.47
CA LYS A 11 2.64 11.15 -8.49
C LYS A 11 3.20 11.00 -7.09
N LEU A 12 4.00 9.95 -6.85
CA LEU A 12 4.63 9.72 -5.55
C LEU A 12 5.43 10.96 -5.14
N ASN A 13 6.11 11.57 -6.10
CA ASN A 13 6.91 12.75 -5.84
C ASN A 13 6.07 14.03 -5.66
N THR A 14 4.73 13.93 -5.73
CA THR A 14 3.87 15.07 -5.50
C THR A 14 2.66 14.73 -4.61
N LEU A 15 2.69 13.61 -3.91
CA LEU A 15 1.63 13.26 -2.97
C LEU A 15 1.65 14.19 -1.76
N GLU A 16 0.61 14.11 -0.93
CA GLU A 16 0.52 14.86 0.31
C GLU A 16 -0.12 13.97 1.36
N ASP A 17 0.17 14.24 2.65
CA ASP A 17 -0.40 13.47 3.73
C ASP A 17 -1.82 13.99 4.03
N SER A 18 -2.65 14.11 2.99
CA SER A 18 -4.01 14.60 3.12
C SER A 18 -4.97 13.69 2.36
N GLN A 19 -6.20 13.60 2.84
CA GLN A 19 -7.21 12.71 2.30
C GLN A 19 -7.44 12.93 0.81
N GLU A 20 -7.54 14.18 0.35
CA GLU A 20 -7.88 14.41 -1.04
C GLU A 20 -6.69 14.30 -1.97
N SER A 21 -5.47 14.65 -1.52
CA SER A 21 -4.31 14.48 -2.36
C SER A 21 -4.09 12.99 -2.59
N ILE A 22 -4.32 12.17 -1.56
CA ILE A 22 -4.25 10.73 -1.69
C ILE A 22 -5.41 10.23 -2.56
N SER A 23 -6.62 10.72 -2.28
CA SER A 23 -7.81 10.30 -3.01
C SER A 23 -7.72 10.70 -4.48
N SER A 24 -7.11 11.84 -4.78
CA SER A 24 -6.94 12.33 -6.14
C SER A 24 -5.96 11.44 -6.90
N ALA A 25 -4.82 11.16 -6.27
CA ALA A 25 -3.83 10.28 -6.86
C ALA A 25 -4.38 8.86 -6.97
N SER A 26 -5.25 8.48 -6.02
CA SER A 26 -5.88 7.17 -6.00
C SER A 26 -6.90 7.02 -7.11
N LYS A 27 -7.87 7.95 -7.18
CA LYS A 27 -8.92 7.85 -8.19
C LYS A 27 -8.35 7.88 -9.60
N TRP A 28 -7.34 8.72 -9.85
CA TRP A 28 -6.68 8.75 -11.16
C TRP A 28 -6.06 7.39 -11.45
N LEU A 29 -5.25 6.90 -10.50
CA LEU A 29 -4.56 5.64 -10.72
C LEU A 29 -5.61 4.55 -10.93
N LEU A 30 -6.74 4.66 -10.22
CA LEU A 30 -7.85 3.72 -10.35
C LEU A 30 -8.41 3.74 -11.78
N LEU A 31 -8.32 4.88 -12.48
CA LEU A 31 -8.79 4.96 -13.86
C LEU A 31 -7.88 4.12 -14.77
N GLN A 32 -6.57 4.14 -14.54
CA GLN A 32 -5.67 3.30 -15.34
C GLN A 32 -5.29 2.00 -14.64
N TYR A 33 -6.30 1.22 -14.25
CA TYR A 33 -6.08 -0.09 -13.63
C TYR A 33 -5.31 -1.04 -14.54
N ARG A 34 -5.20 -0.71 -15.83
CA ARG A 34 -4.42 -1.45 -16.80
C ARG A 34 -2.94 -1.47 -16.41
N ASP A 35 -2.48 -0.40 -15.75
CA ASP A 35 -1.09 -0.23 -15.35
C ASP A 35 -0.84 -0.83 -13.97
N ALA A 36 -1.85 -1.44 -13.35
CA ALA A 36 -1.78 -1.98 -12.01
C ALA A 36 -0.53 -2.81 -11.72
N PRO A 37 -0.14 -3.79 -12.55
CA PRO A 37 1.01 -4.63 -12.27
C PRO A 37 2.31 -3.83 -12.32
N LYS A 38 2.41 -2.90 -13.28
CA LYS A 38 3.58 -2.07 -13.42
C LYS A 38 3.67 -1.05 -12.29
N VAL A 39 2.55 -0.40 -11.98
CA VAL A 39 2.51 0.58 -10.91
C VAL A 39 2.82 -0.07 -9.57
N ALA A 40 2.34 -1.30 -9.33
CA ALA A 40 2.68 -2.02 -8.12
C ALA A 40 4.20 -2.26 -8.07
N GLU A 41 4.79 -2.62 -9.21
CA GLU A 41 6.22 -2.84 -9.32
C GLU A 41 6.98 -1.55 -9.01
N MET A 42 6.71 -0.47 -9.76
CA MET A 42 7.40 0.79 -9.55
C MET A 42 7.15 1.33 -8.16
N TRP A 43 5.94 1.15 -7.64
CA TRP A 43 5.59 1.63 -6.32
C TRP A 43 6.54 1.03 -5.30
N LYS A 44 6.69 -0.30 -5.29
CA LYS A 44 7.56 -0.94 -4.32
C LYS A 44 9.00 -0.50 -4.51
N GLU A 45 9.54 -0.64 -5.73
CA GLU A 45 10.92 -0.29 -5.97
C GLU A 45 11.20 1.16 -5.56
N TYR A 46 10.24 2.06 -5.73
CA TYR A 46 10.40 3.44 -5.27
C TYR A 46 10.52 3.50 -3.74
N MET A 47 9.71 2.74 -3.01
CA MET A 47 9.77 2.75 -1.55
C MET A 47 11.04 2.08 -1.04
N LEU A 48 11.41 0.95 -1.64
CA LEU A 48 12.59 0.20 -1.24
C LEU A 48 13.87 0.97 -1.56
N ARG A 49 13.82 1.90 -2.52
CA ARG A 49 15.01 2.65 -2.89
C ARG A 49 15.48 3.55 -1.73
N PRO A 50 16.79 3.64 -1.51
CA PRO A 50 17.36 4.39 -0.41
C PRO A 50 17.24 5.90 -0.63
N SER A 51 16.92 6.31 -1.87
CA SER A 51 16.76 7.72 -2.19
C SER A 51 15.36 8.22 -1.81
N VAL A 52 14.57 7.38 -1.13
CA VAL A 52 13.24 7.76 -0.68
C VAL A 52 13.15 7.64 0.84
N ASN A 53 12.40 8.55 1.45
CA ASN A 53 12.33 8.73 2.90
C ASN A 53 10.97 8.29 3.47
N THR A 54 10.91 8.19 4.80
CA THR A 54 9.73 7.75 5.53
C THR A 54 8.49 8.57 5.20
N ARG A 55 8.63 9.89 5.01
CA ARG A 55 7.50 10.73 4.68
C ARG A 55 6.85 10.25 3.39
N ARG A 56 7.67 10.10 2.34
CA ARG A 56 7.20 9.69 1.02
C ARG A 56 6.64 8.28 1.09
N LYS A 57 7.22 7.43 1.95
CA LYS A 57 6.75 6.06 2.13
C LYS A 57 5.41 6.04 2.86
N LEU A 58 5.17 6.98 3.78
CA LEU A 58 3.88 7.08 4.45
C LEU A 58 2.79 7.43 3.43
N LEU A 59 3.07 8.35 2.52
CA LEU A 59 2.14 8.72 1.46
C LEU A 59 1.86 7.54 0.55
N GLY A 60 2.91 6.79 0.18
CA GLY A 60 2.76 5.62 -0.67
C GLY A 60 1.92 4.55 0.00
N LEU A 61 2.11 4.37 1.31
CA LEU A 61 1.32 3.44 2.11
C LEU A 61 -0.15 3.82 2.09
N TYR A 62 -0.46 5.11 2.28
CA TYR A 62 -1.84 5.59 2.24
C TYR A 62 -2.43 5.46 0.84
N LEU A 63 -1.65 5.82 -0.18
CA LEU A 63 -2.11 5.78 -1.56
C LEU A 63 -2.51 4.36 -1.93
N MET A 64 -1.56 3.42 -1.86
CA MET A 64 -1.83 2.05 -2.27
C MET A 64 -2.98 1.47 -1.46
N ASN A 65 -3.08 1.79 -0.17
CA ASN A 65 -4.13 1.26 0.68
C ASN A 65 -5.50 1.68 0.16
N HIS A 66 -5.65 2.94 -0.28
CA HIS A 66 -6.91 3.40 -0.82
C HIS A 66 -7.18 2.70 -2.15
N VAL A 67 -6.14 2.52 -2.97
CA VAL A 67 -6.29 1.88 -4.28
C VAL A 67 -6.76 0.44 -4.13
N VAL A 68 -6.02 -0.38 -3.37
CA VAL A 68 -6.36 -1.79 -3.23
C VAL A 68 -7.72 -1.96 -2.56
N GLN A 69 -8.07 -1.06 -1.64
CA GLN A 69 -9.34 -1.09 -0.95
C GLN A 69 -10.50 -0.82 -1.90
N GLN A 70 -10.41 0.29 -2.65
CA GLN A 70 -11.43 0.66 -3.60
C GLN A 70 -11.49 -0.37 -4.74
N ALA A 71 -10.35 -0.97 -5.06
CA ALA A 71 -10.26 -2.01 -6.07
C ALA A 71 -11.10 -3.21 -5.67
N LYS A 72 -10.94 -3.70 -4.44
CA LYS A 72 -11.73 -4.83 -3.97
C LYS A 72 -13.21 -4.44 -3.95
N GLY A 73 -13.51 -3.18 -3.59
CA GLY A 73 -14.87 -2.69 -3.52
C GLY A 73 -15.61 -2.91 -4.83
N GLN A 74 -14.94 -2.65 -5.97
CA GLN A 74 -15.54 -2.85 -7.28
C GLN A 74 -14.97 -4.08 -8.00
N LYS A 75 -14.19 -4.91 -7.30
CA LYS A 75 -13.68 -6.19 -7.78
C LYS A 75 -12.71 -6.08 -8.96
N ILE A 76 -11.87 -5.05 -8.93
CA ILE A 76 -10.80 -4.90 -9.91
C ILE A 76 -9.54 -5.52 -9.33
N ILE A 77 -9.50 -6.85 -9.36
CA ILE A 77 -8.43 -7.62 -8.78
C ILE A 77 -7.06 -7.25 -9.31
N GLN A 78 -6.94 -6.55 -10.45
CA GLN A 78 -5.64 -6.26 -11.02
C GLN A 78 -4.78 -5.52 -10.00
N PHE A 79 -5.39 -4.61 -9.26
CA PHE A 79 -4.71 -3.83 -8.24
C PHE A 79 -4.32 -4.71 -7.07
N GLN A 80 -5.30 -5.20 -6.32
CA GLN A 80 -5.05 -5.97 -5.12
C GLN A 80 -4.19 -7.19 -5.43
N ASP A 81 -4.25 -7.71 -6.65
CA ASP A 81 -3.41 -8.83 -7.05
C ASP A 81 -1.95 -8.40 -7.12
N SER A 82 -1.68 -7.33 -7.85
CA SER A 82 -0.33 -6.82 -8.04
C SER A 82 0.22 -6.18 -6.77
N PHE A 83 -0.51 -5.19 -6.26
CA PHE A 83 -0.13 -4.44 -5.07
C PHE A 83 0.04 -5.35 -3.86
N GLY A 84 -0.79 -6.38 -3.72
CA GLY A 84 -0.71 -7.29 -2.60
C GLY A 84 0.67 -7.91 -2.45
N LYS A 85 1.25 -8.42 -3.53
CA LYS A 85 2.52 -9.13 -3.45
C LYS A 85 3.63 -8.18 -3.00
N VAL A 86 3.67 -7.00 -3.63
CA VAL A 86 4.67 -5.98 -3.34
C VAL A 86 4.40 -5.30 -1.99
N ALA A 87 3.18 -5.43 -1.46
CA ALA A 87 2.82 -4.85 -0.18
C ALA A 87 3.63 -5.47 0.96
N ALA A 88 3.67 -6.81 1.05
CA ALA A 88 4.42 -7.51 2.08
C ALA A 88 5.87 -7.04 2.05
N GLU A 89 6.43 -6.87 0.85
CA GLU A 89 7.77 -6.34 0.70
C GLU A 89 7.84 -4.94 1.30
N VAL A 90 7.21 -3.95 0.65
CA VAL A 90 7.27 -2.56 1.10
C VAL A 90 6.93 -2.43 2.57
N LEU A 91 5.69 -2.76 2.96
CA LEU A 91 5.19 -2.56 4.31
C LEU A 91 6.15 -3.17 5.32
N GLY A 92 6.68 -4.35 5.01
CA GLY A 92 7.67 -5.02 5.83
C GLY A 92 9.00 -4.28 5.91
N ARG A 93 9.50 -3.71 4.81
CA ARG A 93 10.77 -2.99 4.81
C ARG A 93 10.63 -1.62 5.45
N ILE A 94 9.54 -0.90 5.11
CA ILE A 94 9.28 0.39 5.71
C ILE A 94 9.01 0.22 7.19
N ASN A 95 8.58 -0.97 7.63
CA ASN A 95 8.39 -1.25 9.04
C ASN A 95 9.73 -1.32 9.77
N GLN A 96 10.84 -1.46 9.02
CA GLN A 96 12.17 -1.47 9.61
C GLN A 96 12.76 -0.05 9.59
N GLU A 97 12.15 0.85 8.81
CA GLU A 97 12.62 2.21 8.62
C GLU A 97 11.72 3.23 9.32
N PHE A 98 10.43 2.93 9.45
CA PHE A 98 9.49 3.82 10.07
C PHE A 98 9.79 3.91 11.57
N PRO A 99 9.73 5.11 12.15
CA PRO A 99 9.81 5.30 13.57
C PRO A 99 8.57 4.68 14.20
N ARG A 100 8.61 4.47 15.52
CA ARG A 100 7.53 3.81 16.24
C ARG A 100 6.17 4.40 15.89
N ASP A 101 6.08 5.72 15.66
CA ASP A 101 4.80 6.35 15.37
C ASP A 101 4.24 6.00 13.99
N LEU A 102 5.06 6.02 12.94
CA LEU A 102 4.57 5.66 11.62
C LEU A 102 4.31 4.16 11.56
N LYS A 103 5.14 3.40 12.26
CA LYS A 103 4.92 1.96 12.42
C LYS A 103 3.54 1.69 13.00
N LYS A 104 3.11 2.48 13.99
CA LYS A 104 1.75 2.36 14.53
C LYS A 104 0.72 2.59 13.43
N LYS A 105 0.91 3.63 12.61
CA LYS A 105 -0.02 3.94 11.53
C LYS A 105 -0.06 2.77 10.54
N LEU A 106 1.10 2.25 10.15
CA LEU A 106 1.15 1.10 9.28
C LEU A 106 0.53 -0.13 9.92
N SER A 107 0.76 -0.30 11.23
CA SER A 107 0.24 -1.46 11.92
C SER A 107 -1.27 -1.53 11.72
N ARG A 108 -1.97 -0.40 11.82
CA ARG A 108 -3.39 -0.37 11.55
C ARG A 108 -3.65 -0.70 10.08
N VAL A 109 -2.86 -0.12 9.17
CA VAL A 109 -3.04 -0.37 7.75
C VAL A 109 -2.98 -1.87 7.47
N VAL A 110 -1.98 -2.58 8.00
CA VAL A 110 -1.90 -4.02 7.84
C VAL A 110 -3.11 -4.71 8.48
N ASN A 111 -3.54 -4.27 9.67
CA ASN A 111 -4.69 -4.85 10.34
C ASN A 111 -5.92 -4.74 9.45
N ILE A 112 -6.37 -3.51 9.17
CA ILE A 112 -7.60 -3.29 8.44
C ILE A 112 -7.55 -4.02 7.10
N LEU A 113 -6.35 -4.20 6.52
CA LEU A 113 -6.23 -4.89 5.26
C LEU A 113 -6.61 -6.37 5.38
N LYS A 114 -6.05 -7.09 6.35
CA LYS A 114 -6.36 -8.51 6.50
C LYS A 114 -7.73 -8.73 7.12
N GLU A 115 -8.22 -7.76 7.89
CA GLU A 115 -9.56 -7.81 8.45
C GLU A 115 -10.60 -7.79 7.34
N ARG A 116 -10.33 -7.01 6.31
CA ARG A 116 -11.20 -6.94 5.13
C ARG A 116 -10.68 -7.83 4.01
N ASN A 117 -9.53 -8.49 4.23
CA ASN A 117 -8.97 -9.46 3.31
C ASN A 117 -8.84 -8.91 1.91
N ILE A 118 -8.12 -7.80 1.76
CA ILE A 118 -7.98 -7.17 0.47
C ILE A 118 -7.10 -8.01 -0.46
N PHE A 119 -6.11 -8.69 0.12
CA PHE A 119 -5.23 -9.59 -0.63
C PHE A 119 -5.58 -11.04 -0.29
N SER A 120 -4.83 -11.99 -0.87
CA SER A 120 -5.05 -13.41 -0.60
C SER A 120 -4.54 -13.74 0.80
N LYS A 121 -5.06 -14.82 1.38
CA LYS A 121 -4.63 -15.27 2.69
C LYS A 121 -3.11 -15.43 2.72
N GLN A 122 -2.51 -15.77 1.58
CA GLN A 122 -1.07 -15.96 1.52
C GLN A 122 -0.38 -14.60 1.64
N VAL A 123 -0.85 -13.63 0.86
CA VAL A 123 -0.32 -12.28 0.87
C VAL A 123 -0.51 -11.64 2.25
N VAL A 124 -1.69 -11.87 2.84
CA VAL A 124 -2.00 -11.41 4.18
C VAL A 124 -0.93 -11.88 5.15
N ASN A 125 -0.70 -13.20 5.20
CA ASN A 125 0.29 -13.77 6.09
C ASN A 125 1.68 -13.28 5.72
N ASP A 126 2.00 -13.15 4.42
CA ASP A 126 3.31 -12.69 3.99
C ASP A 126 3.60 -11.28 4.52
N ILE A 127 2.61 -10.38 4.54
CA ILE A 127 2.82 -9.08 5.14
C ILE A 127 3.14 -9.24 6.62
N GLU A 128 2.40 -10.08 7.35
CA GLU A 128 2.64 -10.30 8.76
C GLU A 128 4.01 -10.92 9.01
N ARG A 129 4.43 -11.86 8.15
CA ARG A 129 5.75 -12.49 8.24
C ARG A 129 6.84 -11.45 8.04
N SER A 130 6.56 -10.48 7.17
CA SER A 130 7.55 -9.48 6.80
C SER A 130 7.83 -8.55 7.99
N LEU A 131 6.76 -8.06 8.62
CA LEU A 131 6.86 -7.31 9.87
C LEU A 131 7.54 -8.16 10.95
N ALA A 132 7.13 -9.43 11.04
CA ALA A 132 7.67 -10.35 12.04
C ALA A 132 9.17 -10.56 11.86
N ALA A 133 9.64 -10.56 10.60
CA ALA A 133 11.06 -10.70 10.32
C ALA A 133 11.83 -9.43 10.68
N ALA A 134 11.13 -8.29 10.78
CA ALA A 134 11.76 -7.02 11.11
C ALA A 134 11.90 -6.81 12.62
N LEU A 135 10.96 -7.34 13.41
CA LEU A 135 10.99 -7.18 14.86
C LEU A 135 11.84 -8.26 15.54
N GLU A 136 12.34 -9.20 14.76
CA GLU A 136 13.21 -10.27 15.25
C GLU A 136 14.40 -9.69 16.00
N HIS A 137 14.82 -10.36 17.08
CA HIS A 137 15.91 -9.92 17.94
C HIS A 137 17.28 -10.10 17.29
N HIS A 138 17.31 -10.42 16.00
CA HIS A 138 18.55 -10.65 15.26
C HIS A 138 18.34 -10.34 13.79
N HIS A 139 19.43 -10.16 13.04
CA HIS A 139 19.35 -9.82 11.64
C HIS A 139 20.41 -10.56 10.83
N HIS A 140 20.11 -10.84 9.55
CA HIS A 140 20.99 -11.58 8.68
C HIS A 140 20.86 -11.04 7.25
N HIS A 141 20.78 -9.71 7.13
CA HIS A 141 20.57 -9.00 5.87
C HIS A 141 19.23 -9.37 5.22
N HIS A 142 18.36 -10.07 5.95
CA HIS A 142 17.03 -10.43 5.50
C HIS A 142 16.07 -9.25 5.68
N PRO B 1 -8.05 16.50 6.49
CA PRO B 1 -6.93 15.90 7.25
C PRO B 1 -6.32 14.71 6.51
N SER B 2 -5.34 14.05 7.14
CA SER B 2 -4.64 12.92 6.56
C SER B 2 -5.56 11.72 6.33
N TYR B 3 -5.18 10.87 5.39
CA TYR B 3 -5.90 9.64 5.08
C TYR B 3 -5.68 8.61 6.19
N SER B 4 -6.60 7.65 6.29
CA SER B 4 -6.53 6.58 7.26
C SER B 4 -7.17 5.34 6.65
N PRO B 5 -6.64 4.12 6.91
CA PRO B 5 -7.03 2.92 6.20
C PRO B 5 -8.45 2.47 6.49
N TPO B 6 -9.05 2.90 7.60
CA TPO B 6 -10.40 2.49 7.97
CB TPO B 6 -10.60 2.53 9.50
CG2 TPO B 6 -11.75 1.62 9.87
OG1 TPO B 6 -9.44 2.09 10.16
P TPO B 6 -8.52 3.13 10.97
O1P TPO B 6 -9.36 3.47 12.14
O2P TPO B 6 -7.31 2.34 11.30
O3P TPO B 6 -8.30 4.23 10.00
C TPO B 6 -11.41 3.36 7.23
O TPO B 6 -12.33 3.93 7.82
H TPO B 6 -8.57 3.52 8.24
HA TPO B 6 -10.55 1.46 7.65
HB TPO B 6 -10.83 3.55 9.81
HG21 TPO B 6 -11.53 0.59 9.56
HG22 TPO B 6 -12.67 1.96 9.39
HG23 TPO B 6 -11.89 1.64 10.95
N SER B 7 -11.23 3.47 5.91
CA SER B 7 -12.08 4.26 5.03
C SER B 7 -13.38 3.52 4.73
N PRO B 8 -14.49 4.25 4.53
CA PRO B 8 -15.77 3.68 4.14
C PRO B 8 -15.75 3.15 2.71
N SER B 9 -14.59 3.21 2.02
CA SER B 9 -14.46 2.69 0.66
C SER B 9 -14.73 1.19 0.62
N TYR B 10 -14.58 0.49 1.74
CA TYR B 10 -14.91 -0.93 1.84
C TYR B 10 -15.12 -1.31 3.30
N SER B 11 -15.73 -2.47 3.56
CA SER B 11 -16.02 -2.89 4.93
C SER B 11 -16.11 -4.41 5.05
N PRO B 12 -15.94 -4.95 6.27
CA PRO B 12 -16.07 -6.37 6.56
C PRO B 12 -17.48 -6.91 6.32
N THR B 13 -18.42 -6.06 5.90
CA THR B 13 -19.80 -6.47 5.68
C THR B 13 -19.93 -7.39 4.46
N SER B 14 -18.82 -7.67 3.78
CA SER B 14 -18.78 -8.56 2.62
C SER B 14 -17.39 -9.19 2.52
N PRO B 15 -17.30 -10.47 2.09
CA PRO B 15 -16.04 -11.14 1.86
C PRO B 15 -15.40 -10.65 0.56
N SER B 16 -16.19 -10.01 -0.31
CA SER B 16 -15.73 -9.50 -1.60
C SER B 16 -16.55 -8.27 -2.01
N MET A 1 4.64 10.87 -18.41
CA MET A 1 3.91 10.15 -19.48
C MET A 1 2.52 9.76 -19.00
N ALA A 2 1.89 8.76 -19.62
CA ALA A 2 0.52 8.36 -19.26
C ALA A 2 0.39 6.87 -18.93
N PHE A 3 1.43 6.06 -19.22
CA PHE A 3 1.41 4.64 -18.90
C PHE A 3 2.82 4.07 -18.77
N SER A 4 3.83 4.94 -18.65
CA SER A 4 5.22 4.52 -18.56
C SER A 4 5.62 4.28 -17.12
N SER A 5 6.82 3.74 -16.90
CA SER A 5 7.35 3.45 -15.57
C SER A 5 7.77 4.76 -14.88
N GLU A 6 6.89 5.77 -14.88
CA GLU A 6 7.22 7.09 -14.36
C GLU A 6 5.98 7.88 -13.97
N GLN A 7 4.83 7.67 -14.61
CA GLN A 7 3.68 8.54 -14.34
C GLN A 7 3.23 8.41 -12.90
N PHE A 8 2.83 7.21 -12.47
CA PHE A 8 2.44 6.97 -11.09
C PHE A 8 3.60 7.34 -10.15
N THR A 9 4.84 7.19 -10.61
CA THR A 9 6.00 7.47 -9.79
C THR A 9 6.06 8.96 -9.51
N THR A 10 5.86 9.80 -10.54
CA THR A 10 5.88 11.23 -10.32
C THR A 10 4.77 11.62 -9.35
N LYS A 11 3.64 10.87 -9.35
CA LYS A 11 2.57 11.12 -8.40
C LYS A 11 3.08 10.97 -6.97
N LEU A 12 3.85 9.91 -6.70
CA LEU A 12 4.43 9.68 -5.39
C LEU A 12 5.23 10.90 -4.94
N ASN A 13 5.94 11.52 -5.90
CA ASN A 13 6.74 12.69 -5.60
C ASN A 13 5.90 13.96 -5.40
N THR A 14 4.58 13.88 -5.53
CA THR A 14 3.71 15.02 -5.30
C THR A 14 2.50 14.69 -4.42
N LEU A 15 2.54 13.57 -3.69
CA LEU A 15 1.47 13.21 -2.77
C LEU A 15 1.48 14.11 -1.53
N GLU A 16 0.40 14.01 -0.74
CA GLU A 16 0.24 14.73 0.52
C GLU A 16 -0.56 13.85 1.47
N ASP A 17 -0.38 14.03 2.78
CA ASP A 17 -0.96 13.14 3.78
C ASP A 17 -2.46 13.34 3.99
N SER A 18 -3.19 13.80 2.96
CA SER A 18 -4.60 14.16 3.12
C SER A 18 -5.47 13.49 2.06
N GLN A 19 -6.72 13.24 2.43
CA GLN A 19 -7.70 12.58 1.59
C GLN A 19 -7.86 13.33 0.26
N GLU A 20 -7.70 14.65 0.27
CA GLU A 20 -7.80 15.45 -0.94
C GLU A 20 -6.78 14.97 -1.96
N SER A 21 -5.49 15.10 -1.62
CA SER A 21 -4.41 14.71 -2.49
C SER A 21 -4.41 13.21 -2.77
N ILE A 22 -4.63 12.40 -1.73
CA ILE A 22 -4.62 10.95 -1.87
C ILE A 22 -5.73 10.49 -2.79
N SER A 23 -6.98 10.91 -2.53
CA SER A 23 -8.10 10.43 -3.31
C SER A 23 -7.98 10.89 -4.76
N SER A 24 -7.41 12.07 -5.01
CA SER A 24 -7.27 12.57 -6.37
C SER A 24 -6.29 11.73 -7.17
N ALA A 25 -5.14 11.41 -6.57
CA ALA A 25 -4.15 10.56 -7.21
C ALA A 25 -4.67 9.12 -7.29
N SER A 26 -5.46 8.71 -6.29
CA SER A 26 -6.04 7.38 -6.24
C SER A 26 -7.04 7.20 -7.37
N LYS A 27 -8.01 8.10 -7.53
CA LYS A 27 -9.00 7.98 -8.59
C LYS A 27 -8.32 7.96 -9.96
N TRP A 28 -7.30 8.79 -10.17
CA TRP A 28 -6.58 8.76 -11.42
C TRP A 28 -5.97 7.38 -11.66
N LEU A 29 -5.18 6.91 -10.69
CA LEU A 29 -4.51 5.64 -10.86
C LEU A 29 -5.57 4.57 -11.06
N LEU A 30 -6.72 4.72 -10.40
CA LEU A 30 -7.84 3.79 -10.52
C LEU A 30 -8.37 3.76 -11.95
N LEU A 31 -8.23 4.86 -12.70
CA LEU A 31 -8.66 4.90 -14.10
C LEU A 31 -7.75 4.03 -14.95
N GLN A 32 -6.44 4.06 -14.70
CA GLN A 32 -5.52 3.21 -15.47
C GLN A 32 -5.20 1.90 -14.74
N TYR A 33 -6.24 1.15 -14.35
CA TYR A 33 -6.05 -0.13 -13.68
C TYR A 33 -5.30 -1.14 -14.56
N ARG A 34 -5.20 -0.88 -15.86
CA ARG A 34 -4.43 -1.73 -16.75
C ARG A 34 -2.93 -1.62 -16.47
N ASP A 35 -2.50 -0.55 -15.78
CA ASP A 35 -1.11 -0.39 -15.37
C ASP A 35 -0.88 -0.95 -13.96
N ALA A 36 -1.90 -1.53 -13.34
CA ALA A 36 -1.84 -2.02 -11.97
C ALA A 36 -0.59 -2.86 -11.65
N PRO A 37 -0.20 -3.85 -12.47
CA PRO A 37 0.96 -4.68 -12.16
C PRO A 37 2.25 -3.85 -12.25
N LYS A 38 2.32 -2.95 -13.24
CA LYS A 38 3.49 -2.11 -13.43
C LYS A 38 3.60 -1.13 -12.26
N VAL A 39 2.50 -0.45 -11.95
CA VAL A 39 2.46 0.53 -10.88
C VAL A 39 2.78 -0.12 -9.54
N ALA A 40 2.36 -1.37 -9.33
CA ALA A 40 2.72 -2.06 -8.11
C ALA A 40 4.23 -2.26 -8.03
N GLU A 41 4.87 -2.62 -9.15
CA GLU A 41 6.30 -2.82 -9.17
C GLU A 41 7.07 -1.52 -8.93
N MET A 42 6.82 -0.47 -9.72
CA MET A 42 7.50 0.81 -9.55
C MET A 42 7.20 1.39 -8.17
N TRP A 43 6.01 1.13 -7.62
CA TRP A 43 5.68 1.60 -6.29
C TRP A 43 6.62 0.97 -5.27
N LYS A 44 6.75 -0.35 -5.27
CA LYS A 44 7.65 -1.01 -4.34
C LYS A 44 9.08 -0.52 -4.52
N GLU A 45 9.59 -0.55 -5.75
CA GLU A 45 10.95 -0.11 -6.00
C GLU A 45 11.16 1.32 -5.53
N TYR A 46 10.19 2.21 -5.72
CA TYR A 46 10.31 3.57 -5.25
C TYR A 46 10.35 3.63 -3.72
N MET A 47 9.53 2.82 -3.03
CA MET A 47 9.52 2.81 -1.58
C MET A 47 10.83 2.23 -1.04
N LEU A 48 11.25 1.09 -1.60
CA LEU A 48 12.43 0.37 -1.13
C LEU A 48 13.72 1.12 -1.47
N ARG A 49 13.67 2.05 -2.44
CA ARG A 49 14.89 2.77 -2.81
C ARG A 49 15.39 3.64 -1.66
N PRO A 50 16.71 3.69 -1.45
CA PRO A 50 17.32 4.44 -0.36
C PRO A 50 17.21 5.94 -0.58
N SER A 51 16.90 6.35 -1.81
CA SER A 51 16.74 7.76 -2.16
C SER A 51 15.35 8.27 -1.77
N VAL A 52 14.56 7.46 -1.06
CA VAL A 52 13.24 7.85 -0.61
C VAL A 52 13.15 7.71 0.91
N ASN A 53 12.42 8.65 1.53
CA ASN A 53 12.34 8.81 2.97
C ASN A 53 10.99 8.35 3.53
N THR A 54 10.92 8.23 4.87
CA THR A 54 9.73 7.77 5.58
C THR A 54 8.50 8.58 5.24
N ARG A 55 8.63 9.90 5.06
CA ARG A 55 7.49 10.75 4.76
C ARG A 55 6.87 10.33 3.43
N ARG A 56 7.71 10.13 2.41
CA ARG A 56 7.27 9.73 1.09
C ARG A 56 6.71 8.31 1.13
N LYS A 57 7.29 7.46 1.98
CA LYS A 57 6.81 6.09 2.15
C LYS A 57 5.47 6.05 2.85
N LEU A 58 5.22 6.99 3.78
CA LEU A 58 3.92 7.06 4.43
C LEU A 58 2.84 7.43 3.42
N LEU A 59 3.14 8.41 2.56
CA LEU A 59 2.26 8.81 1.47
C LEU A 59 2.00 7.65 0.51
N GLY A 60 3.06 6.89 0.17
CA GLY A 60 2.91 5.76 -0.73
C GLY A 60 2.06 4.67 -0.09
N LEU A 61 2.25 4.45 1.22
CA LEU A 61 1.48 3.50 1.99
C LEU A 61 0.00 3.89 2.00
N TYR A 62 -0.30 5.19 2.16
CA TYR A 62 -1.67 5.67 2.18
C TYR A 62 -2.31 5.60 0.80
N LEU A 63 -1.55 5.95 -0.26
CA LEU A 63 -2.10 5.91 -1.60
C LEU A 63 -2.53 4.49 -1.96
N MET A 64 -1.59 3.54 -1.88
CA MET A 64 -1.90 2.16 -2.23
C MET A 64 -3.02 1.62 -1.35
N ASN A 65 -3.08 2.02 -0.08
CA ASN A 65 -4.13 1.57 0.83
C ASN A 65 -5.50 1.96 0.27
N HIS A 66 -5.63 3.20 -0.22
CA HIS A 66 -6.89 3.65 -0.80
C HIS A 66 -7.18 2.84 -2.06
N VAL A 67 -6.18 2.68 -2.92
CA VAL A 67 -6.35 2.00 -4.19
C VAL A 67 -6.79 0.54 -3.99
N VAL A 68 -6.06 -0.23 -3.18
CA VAL A 68 -6.39 -1.64 -3.01
C VAL A 68 -7.75 -1.82 -2.35
N GLN A 69 -8.12 -0.96 -1.41
CA GLN A 69 -9.40 -1.08 -0.75
C GLN A 69 -10.54 -0.73 -1.72
N GLN A 70 -10.42 0.41 -2.41
CA GLN A 70 -11.42 0.84 -3.37
C GLN A 70 -11.50 -0.17 -4.52
N ALA A 71 -10.37 -0.82 -4.83
CA ALA A 71 -10.32 -1.84 -5.87
C ALA A 71 -11.19 -3.04 -5.48
N LYS A 72 -11.05 -3.54 -4.24
CA LYS A 72 -11.86 -4.65 -3.79
C LYS A 72 -13.34 -4.30 -3.85
N GLY A 73 -13.67 -3.04 -3.53
CA GLY A 73 -15.05 -2.57 -3.54
C GLY A 73 -15.70 -2.70 -4.90
N GLN A 74 -15.06 -2.17 -5.95
CA GLN A 74 -15.60 -2.26 -7.29
C GLN A 74 -15.16 -3.55 -8.00
N LYS A 75 -14.43 -4.40 -7.28
CA LYS A 75 -14.03 -5.75 -7.69
C LYS A 75 -13.00 -5.78 -8.81
N ILE A 76 -12.10 -4.80 -8.81
CA ILE A 76 -10.99 -4.72 -9.75
C ILE A 76 -9.77 -5.35 -9.10
N ILE A 77 -9.71 -6.69 -9.13
CA ILE A 77 -8.71 -7.45 -8.43
C ILE A 77 -7.31 -7.17 -8.96
N GLN A 78 -7.19 -6.56 -10.14
CA GLN A 78 -5.89 -6.31 -10.75
C GLN A 78 -4.99 -5.48 -9.83
N PHE A 79 -5.59 -4.53 -9.10
CA PHE A 79 -4.85 -3.71 -8.16
C PHE A 79 -4.43 -4.53 -6.96
N GLN A 80 -5.40 -4.98 -6.16
CA GLN A 80 -5.13 -5.73 -4.95
C GLN A 80 -4.31 -6.98 -5.25
N ASP A 81 -4.40 -7.52 -6.47
CA ASP A 81 -3.61 -8.66 -6.86
C ASP A 81 -2.14 -8.25 -6.97
N SER A 82 -1.85 -7.21 -7.75
CA SER A 82 -0.50 -6.73 -7.97
C SER A 82 0.09 -6.10 -6.72
N PHE A 83 -0.62 -5.10 -6.17
CA PHE A 83 -0.18 -4.37 -4.99
C PHE A 83 0.01 -5.28 -3.79
N GLY A 84 -0.82 -6.31 -3.63
CA GLY A 84 -0.70 -7.24 -2.53
C GLY A 84 0.68 -7.86 -2.45
N LYS A 85 1.20 -8.38 -3.57
CA LYS A 85 2.47 -9.10 -3.57
C LYS A 85 3.61 -8.18 -3.13
N VAL A 86 3.65 -6.98 -3.69
CA VAL A 86 4.68 -6.00 -3.38
C VAL A 86 4.47 -5.37 -2.00
N ALA A 87 3.24 -5.44 -1.47
CA ALA A 87 2.92 -4.89 -0.15
C ALA A 87 3.76 -5.53 0.94
N ALA A 88 3.84 -6.86 0.99
CA ALA A 88 4.61 -7.58 2.00
C ALA A 88 6.04 -7.06 2.03
N GLU A 89 6.66 -6.88 0.86
CA GLU A 89 7.97 -6.29 0.82
C GLU A 89 7.92 -4.89 1.42
N VAL A 90 7.29 -3.93 0.73
CA VAL A 90 7.28 -2.55 1.15
C VAL A 90 6.92 -2.43 2.63
N LEU A 91 5.68 -2.76 2.99
CA LEU A 91 5.18 -2.58 4.35
C LEU A 91 6.15 -3.19 5.35
N GLY A 92 6.67 -4.37 5.04
CA GLY A 92 7.64 -5.05 5.88
C GLY A 92 9.00 -4.35 5.97
N ARG A 93 9.51 -3.79 4.86
CA ARG A 93 10.80 -3.11 4.88
C ARG A 93 10.67 -1.73 5.51
N ILE A 94 9.61 -0.99 5.15
CA ILE A 94 9.37 0.32 5.73
C ILE A 94 9.06 0.18 7.21
N ASN A 95 8.58 -1.00 7.64
CA ASN A 95 8.36 -1.26 9.06
C ASN A 95 9.68 -1.33 9.81
N GLN A 96 10.80 -1.47 9.08
CA GLN A 96 12.13 -1.49 9.68
C GLN A 96 12.76 -0.10 9.62
N GLU A 97 12.14 0.82 8.87
CA GLU A 97 12.63 2.18 8.68
C GLU A 97 11.73 3.20 9.38
N PHE A 98 10.42 2.90 9.49
CA PHE A 98 9.48 3.80 10.10
C PHE A 98 9.77 3.88 11.60
N PRO A 99 9.68 5.09 12.18
CA PRO A 99 9.74 5.27 13.62
C PRO A 99 8.49 4.65 14.23
N ARG A 100 8.52 4.43 15.55
CA ARG A 100 7.43 3.77 16.25
C ARG A 100 6.07 4.35 15.89
N ASP A 101 5.98 5.66 15.66
CA ASP A 101 4.70 6.30 15.36
C ASP A 101 4.17 5.97 13.97
N LEU A 102 5.01 5.99 12.93
CA LEU A 102 4.53 5.64 11.61
C LEU A 102 4.30 4.15 11.52
N LYS A 103 5.11 3.38 12.25
CA LYS A 103 4.90 1.95 12.37
C LYS A 103 3.50 1.65 12.93
N LYS A 104 3.05 2.43 13.91
CA LYS A 104 1.67 2.30 14.42
C LYS A 104 0.67 2.55 13.29
N LYS A 105 0.89 3.58 12.47
CA LYS A 105 -0.01 3.88 11.37
C LYS A 105 -0.01 2.74 10.35
N LEU A 106 1.17 2.22 10.01
CA LEU A 106 1.26 1.05 9.15
C LEU A 106 0.59 -0.15 9.79
N SER A 107 0.76 -0.33 11.10
CA SER A 107 0.16 -1.47 11.76
C SER A 107 -1.33 -1.48 11.46
N ARG A 108 -1.99 -0.31 11.50
CA ARG A 108 -3.39 -0.24 11.15
C ARG A 108 -3.58 -0.65 9.70
N VAL A 109 -2.73 -0.17 8.79
CA VAL A 109 -2.83 -0.52 7.39
C VAL A 109 -2.81 -2.05 7.23
N VAL A 110 -1.83 -2.72 7.88
CA VAL A 110 -1.80 -4.17 7.87
C VAL A 110 -3.05 -4.77 8.53
N ASN A 111 -3.52 -4.21 9.64
CA ASN A 111 -4.72 -4.71 10.31
C ASN A 111 -5.93 -4.69 9.39
N ILE A 112 -6.31 -3.49 8.94
CA ILE A 112 -7.50 -3.30 8.10
C ILE A 112 -7.39 -4.16 6.85
N LEU A 113 -6.17 -4.32 6.33
CA LEU A 113 -5.95 -5.14 5.15
C LEU A 113 -6.48 -6.54 5.37
N LYS A 114 -6.00 -7.25 6.40
CA LYS A 114 -6.45 -8.60 6.66
C LYS A 114 -7.84 -8.66 7.28
N GLU A 115 -8.24 -7.64 8.04
CA GLU A 115 -9.58 -7.61 8.60
C GLU A 115 -10.65 -7.65 7.51
N ARG A 116 -10.33 -7.12 6.32
CA ARG A 116 -11.23 -7.14 5.17
C ARG A 116 -10.71 -8.06 4.06
N ASN A 117 -9.53 -8.64 4.25
CA ASN A 117 -8.92 -9.54 3.29
C ASN A 117 -8.85 -8.90 1.91
N ILE A 118 -8.20 -7.74 1.84
CA ILE A 118 -8.07 -7.05 0.57
C ILE A 118 -7.13 -7.82 -0.36
N PHE A 119 -6.17 -8.56 0.22
CA PHE A 119 -5.26 -9.41 -0.53
C PHE A 119 -5.57 -10.88 -0.21
N SER A 120 -4.78 -11.80 -0.77
CA SER A 120 -4.99 -13.22 -0.53
C SER A 120 -4.41 -13.60 0.82
N LYS A 121 -4.90 -14.70 1.41
CA LYS A 121 -4.41 -15.19 2.68
C LYS A 121 -2.89 -15.37 2.63
N GLN A 122 -2.36 -15.69 1.45
CA GLN A 122 -0.92 -15.89 1.32
C GLN A 122 -0.22 -14.54 1.48
N VAL A 123 -0.71 -13.52 0.77
CA VAL A 123 -0.18 -12.18 0.86
C VAL A 123 -0.31 -11.64 2.28
N VAL A 124 -1.47 -11.87 2.92
CA VAL A 124 -1.69 -11.49 4.30
C VAL A 124 -0.59 -12.06 5.19
N ASN A 125 -0.34 -13.37 5.10
CA ASN A 125 0.70 -13.99 5.91
C ASN A 125 2.08 -13.48 5.51
N ASP A 126 2.35 -13.29 4.22
CA ASP A 126 3.63 -12.80 3.77
C ASP A 126 3.93 -11.41 4.34
N ILE A 127 2.94 -10.53 4.42
CA ILE A 127 3.12 -9.24 5.05
C ILE A 127 3.49 -9.45 6.52
N GLU A 128 2.77 -10.33 7.22
CA GLU A 128 3.06 -10.60 8.63
C GLU A 128 4.47 -11.17 8.81
N ARG A 129 4.92 -12.05 7.91
CA ARG A 129 6.25 -12.62 7.96
C ARG A 129 7.30 -11.54 7.82
N SER A 130 7.02 -10.56 6.97
CA SER A 130 7.96 -9.49 6.67
C SER A 130 8.11 -8.55 7.86
N LEU A 131 7.00 -8.10 8.42
CA LEU A 131 6.97 -7.36 9.68
C LEU A 131 7.63 -8.15 10.80
N ALA A 132 7.34 -9.45 10.89
CA ALA A 132 7.95 -10.30 11.91
C ALA A 132 9.46 -10.35 11.75
N ALA A 133 9.95 -10.37 10.50
CA ALA A 133 11.38 -10.36 10.24
C ALA A 133 12.03 -9.06 10.68
N ALA A 134 11.23 -7.97 10.80
CA ALA A 134 11.75 -6.69 11.23
C ALA A 134 12.07 -6.68 12.72
N LEU A 135 11.33 -7.44 13.52
CA LEU A 135 11.58 -7.56 14.95
C LEU A 135 12.36 -8.85 15.25
N GLU A 136 12.45 -9.72 14.24
CA GLU A 136 13.18 -10.98 14.26
C GLU A 136 12.69 -11.99 15.30
N HIS A 137 12.77 -13.26 14.93
CA HIS A 137 12.42 -14.41 15.77
C HIS A 137 13.12 -15.63 15.18
N HIS A 138 13.12 -15.71 13.85
CA HIS A 138 13.87 -16.66 13.03
C HIS A 138 13.96 -16.02 11.65
N HIS A 139 15.17 -15.77 11.16
CA HIS A 139 15.35 -15.06 9.91
C HIS A 139 14.75 -15.86 8.75
N HIS A 140 13.99 -15.19 7.88
CA HIS A 140 13.38 -15.82 6.72
C HIS A 140 13.04 -14.75 5.68
N HIS A 141 12.74 -15.20 4.46
CA HIS A 141 12.29 -14.34 3.37
C HIS A 141 13.27 -13.21 3.05
N HIS A 142 14.55 -13.37 3.41
CA HIS A 142 15.58 -12.37 3.22
C HIS A 142 15.20 -11.03 3.86
N PRO B 1 -9.21 16.45 4.62
CA PRO B 1 -8.28 16.50 5.77
C PRO B 1 -7.33 15.30 5.77
N SER B 2 -6.58 15.11 6.86
CA SER B 2 -5.61 14.03 6.96
C SER B 2 -6.26 12.68 6.62
N TYR B 3 -5.52 11.83 5.92
CA TYR B 3 -6.03 10.55 5.44
C TYR B 3 -6.22 9.54 6.58
N SER B 4 -7.02 8.51 6.29
CA SER B 4 -7.28 7.41 7.19
C SER B 4 -7.13 6.10 6.41
N PRO B 5 -6.22 5.21 6.85
CA PRO B 5 -5.97 3.93 6.21
C PRO B 5 -7.10 2.93 6.48
N TPO B 6 -8.20 3.41 7.06
CA TPO B 6 -9.27 2.53 7.53
CB TPO B 6 -9.57 2.84 9.01
CG2 TPO B 6 -10.62 1.88 9.57
OG1 TPO B 6 -8.37 2.73 9.74
P TPO B 6 -8.02 3.74 10.93
O1P TPO B 6 -8.09 5.07 10.28
O2P TPO B 6 -9.08 3.47 11.93
O3P TPO B 6 -6.67 3.32 11.35
C TPO B 6 -10.50 2.62 6.65
O TPO B 6 -10.77 1.68 5.90
H TPO B 6 -8.32 4.39 7.19
HA TPO B 6 -8.91 1.50 7.48
HB TPO B 6 -9.95 3.86 9.08
HG21 TPO B 6 -11.55 1.96 8.99
HG22 TPO B 6 -10.83 2.13 10.60
HG23 TPO B 6 -10.26 0.86 9.51
N SER B 7 -11.22 3.75 6.72
CA SER B 7 -12.51 3.96 6.08
C SER B 7 -13.58 2.98 6.58
N PRO B 8 -14.86 3.40 6.59
CA PRO B 8 -15.95 2.62 7.14
C PRO B 8 -16.34 1.42 6.27
N SER B 9 -15.90 1.39 5.01
CA SER B 9 -16.23 0.30 4.11
C SER B 9 -15.31 0.29 2.89
N TYR B 10 -15.09 -0.89 2.30
CA TYR B 10 -14.34 -1.01 1.07
C TYR B 10 -15.17 -0.57 -0.13
N SER B 11 -16.47 -0.30 0.07
CA SER B 11 -17.34 0.18 -0.98
C SER B 11 -18.48 1.01 -0.41
N PRO B 12 -18.74 2.20 -0.99
CA PRO B 12 -19.83 3.06 -0.59
C PRO B 12 -21.17 2.61 -1.19
N THR B 13 -21.19 1.46 -1.89
CA THR B 13 -22.38 1.05 -2.62
C THR B 13 -22.64 -0.47 -2.51
N SER B 14 -21.77 -1.21 -1.83
CA SER B 14 -21.94 -2.65 -1.67
C SER B 14 -21.37 -3.15 -0.35
N PRO B 15 -22.07 -4.06 0.33
CA PRO B 15 -21.57 -4.70 1.54
C PRO B 15 -20.52 -5.74 1.20
N SER B 16 -20.48 -6.19 -0.06
CA SER B 16 -19.52 -7.17 -0.55
C SER B 16 -19.51 -7.15 -2.08
N MET A 1 5.27 10.42 -19.71
CA MET A 1 4.08 10.28 -20.58
C MET A 1 3.22 9.13 -20.08
N ALA A 2 2.06 8.89 -20.72
CA ALA A 2 1.17 7.82 -20.30
C ALA A 2 1.88 6.47 -20.37
N PHE A 3 1.66 5.63 -19.34
CA PHE A 3 2.28 4.32 -19.21
C PHE A 3 3.80 4.35 -19.40
N SER A 4 4.43 5.50 -19.15
CA SER A 4 5.86 5.69 -19.42
C SER A 4 6.74 5.13 -18.30
N SER A 5 6.20 4.26 -17.45
CA SER A 5 6.92 3.75 -16.29
C SER A 5 7.47 4.91 -15.46
N GLU A 6 6.64 5.94 -15.29
CA GLU A 6 7.02 7.21 -14.71
C GLU A 6 5.81 7.99 -14.23
N GLN A 7 4.65 7.84 -14.88
CA GLN A 7 3.47 8.62 -14.54
C GLN A 7 3.12 8.48 -13.06
N PHE A 8 2.77 7.26 -12.65
CA PHE A 8 2.46 7.00 -11.25
C PHE A 8 3.63 7.40 -10.35
N THR A 9 4.85 7.30 -10.86
CA THR A 9 6.04 7.58 -10.07
C THR A 9 6.09 9.07 -9.77
N THR A 10 5.83 9.91 -10.77
CA THR A 10 5.84 11.34 -10.56
C THR A 10 4.76 11.72 -9.55
N LYS A 11 3.66 10.95 -9.52
CA LYS A 11 2.59 11.17 -8.56
C LYS A 11 3.13 11.02 -7.14
N LEU A 12 3.92 9.96 -6.89
CA LEU A 12 4.54 9.73 -5.59
C LEU A 12 5.32 10.96 -5.17
N ASN A 13 6.02 11.58 -6.12
CA ASN A 13 6.82 12.77 -5.85
C ASN A 13 5.98 14.03 -5.68
N THR A 14 4.65 13.92 -5.77
CA THR A 14 3.77 15.07 -5.52
C THR A 14 2.56 14.72 -4.65
N LEU A 15 2.62 13.59 -3.93
CA LEU A 15 1.55 13.23 -3.01
C LEU A 15 1.50 14.18 -1.82
N GLU A 16 0.44 14.07 -1.01
CA GLU A 16 0.24 14.87 0.18
C GLU A 16 -0.43 14.02 1.24
N ASP A 17 -0.17 14.30 2.51
CA ASP A 17 -0.68 13.50 3.60
C ASP A 17 -2.17 13.75 3.88
N SER A 18 -3.00 13.91 2.84
CA SER A 18 -4.41 14.21 3.06
C SER A 18 -5.32 13.47 2.10
N GLN A 19 -6.56 13.25 2.57
CA GLN A 19 -7.58 12.52 1.85
C GLN A 19 -7.87 13.13 0.48
N GLU A 20 -7.63 14.43 0.30
CA GLU A 20 -7.84 15.05 -1.00
C GLU A 20 -6.84 14.50 -2.01
N SER A 21 -5.56 14.79 -1.79
CA SER A 21 -4.53 14.47 -2.74
C SER A 21 -4.39 12.97 -2.92
N ILE A 22 -4.64 12.21 -1.85
CA ILE A 22 -4.62 10.76 -1.95
C ILE A 22 -5.80 10.29 -2.80
N SER A 23 -7.00 10.81 -2.56
CA SER A 23 -8.18 10.41 -3.29
C SER A 23 -8.07 10.80 -4.77
N SER A 24 -7.48 11.96 -5.04
CA SER A 24 -7.27 12.44 -6.40
C SER A 24 -6.28 11.53 -7.13
N ALA A 25 -5.14 11.24 -6.50
CA ALA A 25 -4.16 10.34 -7.09
C ALA A 25 -4.73 8.92 -7.21
N SER A 26 -5.58 8.52 -6.26
CA SER A 26 -6.15 7.19 -6.26
C SER A 26 -7.14 7.04 -7.41
N LYS A 27 -8.12 7.95 -7.49
CA LYS A 27 -9.15 7.83 -8.53
C LYS A 27 -8.54 7.83 -9.92
N TRP A 28 -7.51 8.66 -10.15
CA TRP A 28 -6.82 8.63 -11.43
C TRP A 28 -6.18 7.26 -11.65
N LEU A 29 -5.37 6.82 -10.69
CA LEU A 29 -4.63 5.58 -10.85
C LEU A 29 -5.63 4.45 -11.06
N LEU A 30 -6.79 4.54 -10.41
CA LEU A 30 -7.86 3.58 -10.54
C LEU A 30 -8.38 3.54 -11.98
N LEU A 31 -8.41 4.68 -12.68
CA LEU A 31 -8.84 4.72 -14.06
C LEU A 31 -7.89 3.91 -14.96
N GLN A 32 -6.59 3.92 -14.69
CA GLN A 32 -5.65 3.10 -15.46
C GLN A 32 -5.29 1.80 -14.74
N TYR A 33 -6.31 1.04 -14.35
CA TYR A 33 -6.10 -0.23 -13.65
C TYR A 33 -5.30 -1.24 -14.48
N ARG A 34 -5.16 -1.03 -15.79
CA ARG A 34 -4.34 -1.93 -16.59
C ARG A 34 -2.86 -1.76 -16.23
N ASP A 35 -2.49 -0.59 -15.70
CA ASP A 35 -1.11 -0.34 -15.30
C ASP A 35 -0.80 -0.97 -13.94
N ALA A 36 -1.81 -1.56 -13.29
CA ALA A 36 -1.71 -2.07 -11.93
C ALA A 36 -0.44 -2.87 -11.65
N PRO A 37 -0.06 -3.88 -12.45
CA PRO A 37 1.11 -4.70 -12.14
C PRO A 37 2.40 -3.88 -12.26
N LYS A 38 2.45 -2.97 -13.24
CA LYS A 38 3.60 -2.10 -13.43
C LYS A 38 3.70 -1.13 -12.28
N VAL A 39 2.59 -0.45 -11.97
CA VAL A 39 2.57 0.54 -10.91
C VAL A 39 2.88 -0.10 -9.56
N ALA A 40 2.41 -1.33 -9.33
CA ALA A 40 2.73 -2.03 -8.10
C ALA A 40 4.23 -2.23 -7.99
N GLU A 41 4.87 -2.63 -9.10
CA GLU A 41 6.32 -2.84 -9.10
C GLU A 41 7.06 -1.52 -8.89
N MET A 42 6.73 -0.49 -9.67
CA MET A 42 7.39 0.81 -9.52
C MET A 42 7.17 1.35 -8.12
N TRP A 43 5.97 1.15 -7.58
CA TRP A 43 5.64 1.62 -6.24
C TRP A 43 6.58 0.99 -5.23
N LYS A 44 6.71 -0.35 -5.25
CA LYS A 44 7.61 -1.02 -4.32
C LYS A 44 9.03 -0.53 -4.50
N GLU A 45 9.55 -0.57 -5.72
CA GLU A 45 10.93 -0.14 -5.97
C GLU A 45 11.16 1.28 -5.49
N TYR A 46 10.17 2.18 -5.68
CA TYR A 46 10.30 3.54 -5.19
C TYR A 46 10.32 3.60 -3.67
N MET A 47 9.48 2.80 -2.99
CA MET A 47 9.46 2.79 -1.55
C MET A 47 10.73 2.19 -0.98
N LEU A 48 11.20 1.08 -1.56
CA LEU A 48 12.37 0.37 -1.09
C LEU A 48 13.66 1.12 -1.40
N ARG A 49 13.64 2.05 -2.37
CA ARG A 49 14.85 2.78 -2.73
C ARG A 49 15.32 3.69 -1.59
N PRO A 50 16.64 3.77 -1.37
CA PRO A 50 17.23 4.58 -0.32
C PRO A 50 17.10 6.07 -0.62
N SER A 51 16.81 6.42 -1.88
CA SER A 51 16.61 7.79 -2.29
C SER A 51 15.27 8.34 -1.82
N VAL A 52 14.51 7.53 -1.08
CA VAL A 52 13.20 7.92 -0.58
C VAL A 52 13.17 7.78 0.94
N ASN A 53 12.41 8.66 1.60
CA ASN A 53 12.37 8.80 3.04
C ASN A 53 11.00 8.40 3.61
N THR A 54 10.92 8.24 4.94
CA THR A 54 9.73 7.81 5.65
C THR A 54 8.51 8.66 5.30
N ARG A 55 8.69 9.97 5.10
CA ARG A 55 7.58 10.85 4.76
C ARG A 55 6.95 10.43 3.44
N ARG A 56 7.80 10.17 2.44
CA ARG A 56 7.37 9.82 1.10
C ARG A 56 6.78 8.41 1.11
N LYS A 57 7.32 7.54 1.98
CA LYS A 57 6.83 6.18 2.14
C LYS A 57 5.48 6.17 2.86
N LEU A 58 5.25 7.10 3.80
CA LEU A 58 3.96 7.21 4.46
C LEU A 58 2.89 7.57 3.44
N LEU A 59 3.21 8.52 2.54
CA LEU A 59 2.33 8.90 1.45
C LEU A 59 2.03 7.70 0.54
N GLY A 60 3.06 6.94 0.15
CA GLY A 60 2.89 5.79 -0.71
C GLY A 60 2.04 4.72 -0.03
N LEU A 61 2.23 4.54 1.28
CA LEU A 61 1.45 3.59 2.06
C LEU A 61 -0.04 3.92 2.02
N TYR A 62 -0.41 5.17 2.28
CA TYR A 62 -1.81 5.57 2.24
C TYR A 62 -2.36 5.53 0.82
N LEU A 63 -1.54 5.88 -0.19
CA LEU A 63 -2.02 5.85 -1.56
C LEU A 63 -2.47 4.44 -1.94
N MET A 64 -1.55 3.46 -1.89
CA MET A 64 -1.87 2.11 -2.30
C MET A 64 -2.99 1.54 -1.43
N ASN A 65 -3.04 1.89 -0.13
CA ASN A 65 -4.07 1.37 0.76
C ASN A 65 -5.46 1.78 0.29
N HIS A 66 -5.62 3.03 -0.17
CA HIS A 66 -6.88 3.50 -0.70
C HIS A 66 -7.18 2.80 -2.02
N VAL A 67 -6.16 2.65 -2.88
CA VAL A 67 -6.31 2.01 -4.19
C VAL A 67 -6.78 0.57 -4.04
N VAL A 68 -6.06 -0.26 -3.26
CA VAL A 68 -6.39 -1.67 -3.13
C VAL A 68 -7.77 -1.86 -2.47
N GLN A 69 -8.11 -1.04 -1.49
CA GLN A 69 -9.40 -1.17 -0.83
C GLN A 69 -10.53 -0.76 -1.79
N GLN A 70 -10.37 0.37 -2.47
CA GLN A 70 -11.37 0.81 -3.43
C GLN A 70 -11.45 -0.18 -4.59
N ALA A 71 -10.34 -0.88 -4.89
CA ALA A 71 -10.29 -1.88 -5.94
C ALA A 71 -11.16 -3.07 -5.59
N LYS A 72 -11.04 -3.60 -4.35
CA LYS A 72 -11.88 -4.69 -3.90
C LYS A 72 -13.36 -4.25 -3.96
N GLY A 73 -13.60 -2.95 -3.75
CA GLY A 73 -14.94 -2.39 -3.83
C GLY A 73 -15.48 -2.42 -5.25
N GLN A 74 -14.76 -1.83 -6.20
CA GLN A 74 -15.19 -1.73 -7.59
C GLN A 74 -14.93 -3.01 -8.40
N LYS A 75 -14.49 -4.08 -7.71
CA LYS A 75 -14.24 -5.41 -8.28
C LYS A 75 -13.12 -5.43 -9.32
N ILE A 76 -12.01 -4.76 -9.00
CA ILE A 76 -10.82 -4.74 -9.85
C ILE A 76 -9.67 -5.40 -9.12
N ILE A 77 -9.62 -6.74 -9.19
CA ILE A 77 -8.62 -7.51 -8.45
C ILE A 77 -7.21 -7.22 -8.96
N GLN A 78 -7.05 -6.59 -10.12
CA GLN A 78 -5.75 -6.34 -10.70
C GLN A 78 -4.88 -5.53 -9.75
N PHE A 79 -5.48 -4.54 -9.08
CA PHE A 79 -4.77 -3.72 -8.12
C PHE A 79 -4.40 -4.57 -6.91
N GLN A 80 -5.39 -4.97 -6.12
CA GLN A 80 -5.17 -5.70 -4.88
C GLN A 80 -4.34 -6.94 -5.15
N ASP A 81 -4.40 -7.50 -6.36
CA ASP A 81 -3.56 -8.62 -6.72
C ASP A 81 -2.10 -8.17 -6.72
N SER A 82 -1.71 -7.43 -7.75
CA SER A 82 -0.34 -6.97 -7.92
C SER A 82 0.17 -6.18 -6.71
N PHE A 83 -0.56 -5.17 -6.25
CA PHE A 83 -0.17 -4.39 -5.08
C PHE A 83 0.01 -5.30 -3.87
N GLY A 84 -0.82 -6.32 -3.73
CA GLY A 84 -0.73 -7.23 -2.61
C GLY A 84 0.65 -7.86 -2.49
N LYS A 85 1.15 -8.44 -3.58
CA LYS A 85 2.45 -9.12 -3.57
C LYS A 85 3.57 -8.19 -3.12
N VAL A 86 3.62 -7.00 -3.71
CA VAL A 86 4.65 -6.01 -3.40
C VAL A 86 4.41 -5.37 -2.02
N ALA A 87 3.19 -5.46 -1.49
CA ALA A 87 2.84 -4.91 -0.19
C ALA A 87 3.67 -5.53 0.93
N ALA A 88 3.78 -6.86 0.96
CA ALA A 88 4.53 -7.55 2.00
C ALA A 88 5.96 -7.04 2.06
N GLU A 89 6.58 -6.85 0.90
CA GLU A 89 7.88 -6.22 0.86
C GLU A 89 7.79 -4.81 1.44
N VAL A 90 7.16 -3.87 0.72
CA VAL A 90 7.16 -2.49 1.15
C VAL A 90 6.80 -2.35 2.63
N LEU A 91 5.56 -2.69 3.00
CA LEU A 91 5.09 -2.52 4.37
C LEU A 91 6.07 -3.15 5.35
N GLY A 92 6.58 -4.33 5.02
CA GLY A 92 7.54 -5.05 5.84
C GLY A 92 8.92 -4.40 5.93
N ARG A 93 9.39 -3.73 4.86
CA ARG A 93 10.69 -3.07 4.87
C ARG A 93 10.58 -1.68 5.47
N ILE A 94 9.53 -0.93 5.12
CA ILE A 94 9.31 0.38 5.70
C ILE A 94 9.01 0.24 7.19
N ASN A 95 8.53 -0.94 7.63
CA ASN A 95 8.32 -1.21 9.04
C ASN A 95 9.65 -1.29 9.80
N GLN A 96 10.76 -1.41 9.06
CA GLN A 96 12.09 -1.46 9.64
C GLN A 96 12.74 -0.07 9.59
N GLU A 97 12.11 0.87 8.86
CA GLU A 97 12.59 2.23 8.70
C GLU A 97 11.69 3.24 9.39
N PHE A 98 10.39 2.95 9.49
CA PHE A 98 9.44 3.84 10.10
C PHE A 98 9.70 3.90 11.61
N PRO A 99 9.60 5.09 12.21
CA PRO A 99 9.64 5.27 13.65
C PRO A 99 8.38 4.64 14.24
N ARG A 100 8.38 4.44 15.57
CA ARG A 100 7.29 3.76 16.24
C ARG A 100 5.93 4.32 15.85
N ASP A 101 5.83 5.64 15.63
CA ASP A 101 4.56 6.28 15.32
C ASP A 101 4.06 5.97 13.91
N LEU A 102 4.93 5.99 12.90
CA LEU A 102 4.48 5.66 11.55
C LEU A 102 4.26 4.16 11.45
N LYS A 103 5.08 3.39 12.19
CA LYS A 103 4.87 1.96 12.31
C LYS A 103 3.49 1.67 12.89
N LYS A 104 3.06 2.45 13.89
CA LYS A 104 1.72 2.34 14.44
C LYS A 104 0.66 2.60 13.36
N LYS A 105 0.83 3.63 12.53
CA LYS A 105 -0.10 3.91 11.44
C LYS A 105 -0.15 2.73 10.48
N LEU A 106 1.01 2.25 10.05
CA LEU A 106 1.09 1.08 9.19
C LEU A 106 0.50 -0.15 9.85
N SER A 107 0.71 -0.32 11.15
CA SER A 107 0.20 -1.49 11.85
C SER A 107 -1.32 -1.55 11.64
N ARG A 108 -2.00 -0.40 11.73
CA ARG A 108 -3.44 -0.38 11.46
C ARG A 108 -3.69 -0.76 10.00
N VAL A 109 -2.90 -0.24 9.06
CA VAL A 109 -3.05 -0.56 7.66
C VAL A 109 -2.98 -2.07 7.46
N VAL A 110 -1.96 -2.74 8.03
CA VAL A 110 -1.87 -4.19 7.96
C VAL A 110 -3.09 -4.85 8.62
N ASN A 111 -3.59 -4.31 9.74
CA ASN A 111 -4.75 -4.90 10.41
C ASN A 111 -5.98 -4.85 9.51
N ILE A 112 -6.43 -3.65 9.15
CA ILE A 112 -7.63 -3.46 8.34
C ILE A 112 -7.50 -4.24 7.03
N LEU A 113 -6.28 -4.37 6.51
CA LEU A 113 -6.02 -5.11 5.29
C LEU A 113 -6.46 -6.56 5.41
N LYS A 114 -5.88 -7.31 6.34
CA LYS A 114 -6.24 -8.72 6.51
C LYS A 114 -7.60 -8.90 7.15
N GLU A 115 -8.02 -7.93 7.97
CA GLU A 115 -9.32 -7.93 8.59
C GLU A 115 -10.43 -7.95 7.54
N ARG A 116 -10.22 -7.27 6.40
CA ARG A 116 -11.19 -7.22 5.32
C ARG A 116 -10.71 -7.99 4.09
N ASN A 117 -9.55 -8.64 4.22
CA ASN A 117 -9.00 -9.55 3.22
C ASN A 117 -8.96 -8.93 1.83
N ILE A 118 -8.22 -7.83 1.69
CA ILE A 118 -8.09 -7.18 0.41
C ILE A 118 -7.17 -7.98 -0.51
N PHE A 119 -6.20 -8.69 0.09
CA PHE A 119 -5.26 -9.53 -0.66
C PHE A 119 -5.55 -11.01 -0.40
N SER A 120 -4.74 -11.89 -1.00
CA SER A 120 -4.90 -13.33 -0.83
C SER A 120 -4.33 -13.74 0.53
N LYS A 121 -4.82 -14.85 1.09
CA LYS A 121 -4.36 -15.31 2.40
C LYS A 121 -2.84 -15.47 2.46
N GLN A 122 -2.24 -15.84 1.34
CA GLN A 122 -0.79 -16.00 1.26
C GLN A 122 -0.13 -14.63 1.41
N VAL A 123 -0.63 -13.65 0.66
CA VAL A 123 -0.13 -12.29 0.74
C VAL A 123 -0.31 -11.72 2.14
N VAL A 124 -1.49 -11.97 2.73
CA VAL A 124 -1.80 -11.55 4.09
C VAL A 124 -0.72 -12.04 5.05
N ASN A 125 -0.45 -13.36 5.04
CA ASN A 125 0.55 -13.94 5.90
C ASN A 125 1.94 -13.40 5.55
N ASP A 126 2.26 -13.26 4.26
CA ASP A 126 3.56 -12.75 3.84
C ASP A 126 3.82 -11.36 4.37
N ILE A 127 2.81 -10.49 4.39
CA ILE A 127 2.95 -9.17 5.00
C ILE A 127 3.29 -9.31 6.47
N GLU A 128 2.55 -10.17 7.20
CA GLU A 128 2.80 -10.38 8.62
C GLU A 128 4.18 -11.01 8.86
N ARG A 129 4.63 -11.90 7.97
CA ARG A 129 5.95 -12.52 8.08
C ARG A 129 7.04 -11.46 7.90
N SER A 130 6.81 -10.53 6.98
CA SER A 130 7.79 -9.51 6.65
C SER A 130 8.00 -8.54 7.80
N LEU A 131 6.89 -8.01 8.33
CA LEU A 131 6.87 -7.18 9.53
C LEU A 131 7.51 -7.92 10.70
N ALA A 132 7.21 -9.20 10.85
CA ALA A 132 7.79 -10.00 11.92
C ALA A 132 9.31 -10.15 11.70
N ALA A 133 9.73 -10.49 10.48
CA ALA A 133 11.13 -10.69 10.15
C ALA A 133 11.96 -9.43 10.41
N ALA A 134 11.31 -8.29 10.60
CA ALA A 134 11.98 -7.05 10.90
C ALA A 134 12.62 -7.07 12.29
N LEU A 135 12.07 -7.89 13.20
CA LEU A 135 12.55 -7.99 14.57
C LEU A 135 12.67 -9.43 15.04
N GLU A 136 12.19 -10.40 14.26
CA GLU A 136 12.25 -11.81 14.62
C GLU A 136 13.70 -12.32 14.54
N HIS A 137 14.03 -13.33 15.35
CA HIS A 137 15.37 -13.88 15.41
C HIS A 137 15.34 -15.42 15.50
N HIS A 138 14.14 -16.01 15.55
CA HIS A 138 13.98 -17.46 15.57
C HIS A 138 14.49 -18.06 14.26
N HIS A 139 14.81 -19.37 14.28
CA HIS A 139 15.34 -20.07 13.12
C HIS A 139 14.25 -20.41 12.10
N HIS A 140 13.14 -19.66 12.08
CA HIS A 140 12.03 -19.93 11.19
C HIS A 140 11.28 -18.65 10.82
N HIS A 141 10.86 -18.55 9.56
CA HIS A 141 10.14 -17.37 9.06
C HIS A 141 9.19 -17.76 7.93
N HIS A 142 8.73 -19.02 7.90
CA HIS A 142 7.93 -19.54 6.81
C HIS A 142 6.96 -20.61 7.31
N PRO B 1 -3.89 15.44 6.76
CA PRO B 1 -5.31 15.13 7.01
C PRO B 1 -5.78 13.90 6.23
N SER B 2 -5.17 12.74 6.52
CA SER B 2 -5.46 11.50 5.82
C SER B 2 -6.89 11.03 6.07
N TYR B 3 -7.38 10.14 5.21
CA TYR B 3 -8.71 9.58 5.29
C TYR B 3 -8.81 8.52 6.39
N SER B 4 -7.68 8.23 7.05
CA SER B 4 -7.53 7.16 8.03
C SER B 4 -7.70 5.79 7.35
N PRO B 5 -6.82 4.82 7.62
CA PRO B 5 -6.75 3.59 6.85
C PRO B 5 -8.00 2.73 6.98
N TPO B 6 -8.85 2.99 7.98
CA TPO B 6 -10.09 2.27 8.17
CB TPO B 6 -10.47 2.22 9.65
CG2 TPO B 6 -11.53 1.14 9.89
OG1 TPO B 6 -9.33 1.88 10.42
P TPO B 6 -8.66 2.99 11.37
O1P TPO B 6 -7.34 2.41 11.67
O2P TPO B 6 -8.64 4.21 10.53
O3P TPO B 6 -9.58 3.03 12.52
C TPO B 6 -11.18 2.91 7.32
O TPO B 6 -12.18 3.40 7.83
H TPO B 6 -8.63 3.73 8.65
HA TPO B 6 -9.94 1.24 7.82
HB TPO B 6 -10.86 3.18 9.97
HG21 TPO B 6 -11.16 0.16 9.56
HG22 TPO B 6 -12.43 1.37 9.31
HG23 TPO B 6 -11.78 1.09 10.94
N SER B 7 -10.96 2.91 6.00
CA SER B 7 -11.89 3.51 5.05
C SER B 7 -13.24 2.78 5.07
N PRO B 8 -14.35 3.51 4.96
CA PRO B 8 -15.68 2.94 4.93
C PRO B 8 -15.96 2.19 3.63
N SER B 9 -15.11 2.39 2.62
CA SER B 9 -15.30 1.73 1.34
C SER B 9 -14.83 0.27 1.42
N TYR B 10 -15.78 -0.67 1.37
CA TYR B 10 -15.47 -2.10 1.40
C TYR B 10 -16.69 -2.92 0.98
N SER B 11 -16.44 -4.06 0.32
CA SER B 11 -17.44 -5.07 0.03
C SER B 11 -16.68 -6.35 -0.32
N PRO B 12 -17.26 -7.52 -0.01
CA PRO B 12 -16.60 -8.81 -0.19
C PRO B 12 -16.42 -9.19 -1.65
N THR B 13 -15.50 -10.14 -1.88
CA THR B 13 -15.24 -10.74 -3.19
C THR B 13 -14.95 -12.23 -2.99
N SER B 14 -15.24 -12.71 -1.78
CA SER B 14 -14.99 -14.07 -1.32
C SER B 14 -15.85 -14.23 -0.07
N PRO B 15 -15.62 -15.24 0.79
CA PRO B 15 -16.24 -15.30 2.10
C PRO B 15 -15.93 -14.04 2.93
N SER B 16 -15.10 -13.14 2.40
CA SER B 16 -14.73 -11.87 3.01
C SER B 16 -14.32 -10.86 1.95
N MET A 1 8.94 6.79 -18.85
CA MET A 1 8.01 6.75 -19.99
C MET A 1 6.59 7.07 -19.52
N ALA A 2 6.01 8.14 -20.07
CA ALA A 2 4.69 8.60 -19.68
C ALA A 2 3.62 7.57 -20.02
N PHE A 3 2.51 7.62 -19.28
CA PHE A 3 1.34 6.76 -19.46
C PHE A 3 1.65 5.26 -19.43
N SER A 4 2.82 4.86 -18.93
CA SER A 4 3.14 3.43 -18.85
C SER A 4 4.23 3.08 -17.83
N SER A 5 5.10 4.01 -17.44
CA SER A 5 6.18 3.67 -16.52
C SER A 5 6.83 4.89 -15.86
N GLU A 6 6.04 5.91 -15.50
CA GLU A 6 6.58 7.14 -14.92
C GLU A 6 5.50 8.03 -14.35
N GLN A 7 4.29 7.99 -14.91
CA GLN A 7 3.23 8.85 -14.44
C GLN A 7 2.97 8.61 -12.96
N PHE A 8 2.59 7.38 -12.59
CA PHE A 8 2.34 7.04 -11.20
C PHE A 8 3.56 7.36 -10.34
N THR A 9 4.76 7.17 -10.92
CA THR A 9 6.00 7.40 -10.21
C THR A 9 6.09 8.87 -9.83
N THR A 10 5.85 9.75 -10.80
CA THR A 10 5.91 11.18 -10.51
C THR A 10 4.89 11.55 -9.45
N LYS A 11 3.75 10.83 -9.39
CA LYS A 11 2.74 11.09 -8.37
C LYS A 11 3.33 10.89 -6.99
N LEU A 12 4.06 9.79 -6.78
CA LEU A 12 4.71 9.50 -5.51
C LEU A 12 5.62 10.65 -5.11
N ASN A 13 6.26 11.28 -6.10
CA ASN A 13 7.12 12.43 -5.85
C ASN A 13 6.35 13.72 -5.59
N THR A 14 5.01 13.69 -5.63
CA THR A 14 4.21 14.89 -5.39
C THR A 14 2.95 14.63 -4.56
N LEU A 15 2.87 13.47 -3.88
CA LEU A 15 1.74 13.19 -3.00
C LEU A 15 1.73 14.18 -1.83
N GLU A 16 0.60 14.25 -1.13
CA GLU A 16 0.45 15.08 0.05
C GLU A 16 -0.06 14.23 1.21
N ASP A 17 0.27 14.65 2.44
CA ASP A 17 -0.11 13.94 3.63
C ASP A 17 -1.56 14.26 4.00
N SER A 18 -2.49 14.08 3.06
CA SER A 18 -3.90 14.31 3.36
C SER A 18 -4.81 13.59 2.37
N GLN A 19 -6.03 13.35 2.82
CA GLN A 19 -7.04 12.62 2.08
C GLN A 19 -7.34 13.28 0.74
N GLU A 20 -7.09 14.58 0.60
CA GLU A 20 -7.36 15.27 -0.65
C GLU A 20 -6.42 14.75 -1.75
N SER A 21 -5.10 14.83 -1.52
CA SER A 21 -4.15 14.34 -2.50
C SER A 21 -4.28 12.84 -2.67
N ILE A 22 -4.46 12.13 -1.55
CA ILE A 22 -4.56 10.68 -1.61
C ILE A 22 -5.79 10.28 -2.41
N SER A 23 -6.92 10.96 -2.21
CA SER A 23 -8.15 10.68 -2.92
C SER A 23 -7.99 10.98 -4.41
N SER A 24 -7.37 12.12 -4.74
CA SER A 24 -7.16 12.52 -6.12
C SER A 24 -6.19 11.58 -6.83
N ALA A 25 -5.07 11.26 -6.18
CA ALA A 25 -4.05 10.39 -6.74
C ALA A 25 -4.55 8.95 -6.88
N SER A 26 -5.37 8.48 -5.93
CA SER A 26 -5.86 7.12 -5.96
C SER A 26 -6.92 6.95 -7.05
N LYS A 27 -7.90 7.87 -7.14
CA LYS A 27 -8.95 7.73 -8.14
C LYS A 27 -8.38 7.82 -9.55
N TRP A 28 -7.41 8.70 -9.78
CA TRP A 28 -6.76 8.79 -11.07
C TRP A 28 -6.09 7.45 -11.40
N LEU A 29 -5.28 6.96 -10.46
CA LEU A 29 -4.58 5.71 -10.71
C LEU A 29 -5.62 4.61 -10.94
N LEU A 30 -6.76 4.69 -10.24
CA LEU A 30 -7.85 3.74 -10.42
C LEU A 30 -8.39 3.79 -11.85
N LEU A 31 -8.29 4.94 -12.54
CA LEU A 31 -8.71 5.03 -13.92
C LEU A 31 -7.79 4.22 -14.83
N GLN A 32 -6.47 4.26 -14.58
CA GLN A 32 -5.54 3.45 -15.37
C GLN A 32 -5.22 2.13 -14.69
N TYR A 33 -6.26 1.37 -14.32
CA TYR A 33 -6.08 0.06 -13.70
C TYR A 33 -5.30 -0.91 -14.58
N ARG A 34 -5.15 -0.59 -15.87
CA ARG A 34 -4.36 -1.41 -16.79
C ARG A 34 -2.86 -1.33 -16.44
N ASP A 35 -2.45 -0.31 -15.69
CA ASP A 35 -1.07 -0.19 -15.23
C ASP A 35 -0.86 -0.92 -13.91
N ALA A 36 -1.92 -1.48 -13.32
CA ALA A 36 -1.89 -2.10 -12.00
C ALA A 36 -0.64 -2.95 -11.73
N PRO A 37 -0.25 -3.90 -12.59
CA PRO A 37 0.91 -4.73 -12.32
C PRO A 37 2.21 -3.93 -12.37
N LYS A 38 2.31 -2.99 -13.32
CA LYS A 38 3.50 -2.18 -13.50
C LYS A 38 3.64 -1.20 -12.35
N VAL A 39 2.56 -0.48 -12.04
CA VAL A 39 2.54 0.50 -10.97
C VAL A 39 2.82 -0.17 -9.64
N ALA A 40 2.35 -1.40 -9.43
CA ALA A 40 2.68 -2.13 -8.20
C ALA A 40 4.19 -2.34 -8.12
N GLU A 41 4.82 -2.74 -9.23
CA GLU A 41 6.25 -2.94 -9.25
C GLU A 41 7.00 -1.63 -9.04
N MET A 42 6.67 -0.58 -9.81
CA MET A 42 7.34 0.71 -9.67
C MET A 42 7.12 1.27 -8.28
N TRP A 43 5.92 1.07 -7.72
CA TRP A 43 5.61 1.54 -6.38
C TRP A 43 6.57 0.93 -5.38
N LYS A 44 6.72 -0.40 -5.38
CA LYS A 44 7.61 -1.04 -4.44
C LYS A 44 9.03 -0.53 -4.60
N GLU A 45 9.55 -0.54 -5.82
CA GLU A 45 10.92 -0.08 -6.06
C GLU A 45 11.11 1.34 -5.55
N TYR A 46 10.12 2.22 -5.69
CA TYR A 46 10.23 3.57 -5.18
C TYR A 46 10.31 3.57 -3.65
N MET A 47 9.49 2.76 -2.98
CA MET A 47 9.47 2.71 -1.53
C MET A 47 10.74 2.07 -0.96
N LEU A 48 11.24 1.03 -1.62
CA LEU A 48 12.43 0.32 -1.18
C LEU A 48 13.69 1.12 -1.49
N ARG A 49 13.64 2.07 -2.43
CA ARG A 49 14.82 2.84 -2.78
C ARG A 49 15.25 3.75 -1.62
N PRO A 50 16.57 3.88 -1.39
CA PRO A 50 17.14 4.68 -0.33
C PRO A 50 17.01 6.17 -0.64
N SER A 51 16.73 6.52 -1.90
CA SER A 51 16.54 7.89 -2.32
C SER A 51 15.14 8.40 -1.95
N VAL A 52 14.40 7.61 -1.18
CA VAL A 52 13.07 7.99 -0.71
C VAL A 52 13.02 7.88 0.82
N ASN A 53 12.30 8.81 1.46
CA ASN A 53 12.25 8.93 2.90
C ASN A 53 10.91 8.43 3.45
N THR A 54 10.86 8.22 4.78
CA THR A 54 9.69 7.70 5.47
C THR A 54 8.43 8.49 5.20
N ARG A 55 8.54 9.82 5.05
CA ARG A 55 7.37 10.65 4.79
C ARG A 55 6.78 10.29 3.44
N ARG A 56 7.61 10.20 2.42
CA ARG A 56 7.18 9.90 1.06
C ARG A 56 6.61 8.48 1.01
N LYS A 57 7.15 7.58 1.83
CA LYS A 57 6.66 6.22 1.97
C LYS A 57 5.32 6.19 2.68
N LEU A 58 5.16 7.02 3.72
CA LEU A 58 3.90 7.09 4.43
C LEU A 58 2.77 7.42 3.44
N LEU A 59 3.05 8.33 2.50
CA LEU A 59 2.09 8.69 1.47
C LEU A 59 1.87 7.54 0.49
N GLY A 60 2.93 6.80 0.13
CA GLY A 60 2.80 5.67 -0.76
C GLY A 60 1.97 4.56 -0.12
N LEU A 61 2.14 4.38 1.20
CA LEU A 61 1.36 3.43 1.97
C LEU A 61 -0.12 3.81 1.97
N TYR A 62 -0.42 5.10 2.18
CA TYR A 62 -1.80 5.57 2.14
C TYR A 62 -2.40 5.43 0.75
N LEU A 63 -1.63 5.83 -0.28
CA LEU A 63 -2.11 5.80 -1.65
C LEU A 63 -2.51 4.38 -2.04
N MET A 64 -1.55 3.45 -1.99
CA MET A 64 -1.81 2.08 -2.39
C MET A 64 -2.95 1.48 -1.57
N ASN A 65 -3.04 1.78 -0.27
CA ASN A 65 -4.08 1.20 0.56
C ASN A 65 -5.45 1.63 0.04
N HIS A 66 -5.60 2.91 -0.30
CA HIS A 66 -6.87 3.41 -0.80
C HIS A 66 -7.17 2.77 -2.15
N VAL A 67 -6.15 2.57 -2.98
CA VAL A 67 -6.30 1.95 -4.28
C VAL A 67 -6.75 0.51 -4.15
N VAL A 68 -6.00 -0.33 -3.42
CA VAL A 68 -6.30 -1.75 -3.33
C VAL A 68 -7.63 -2.00 -2.63
N GLN A 69 -7.97 -1.19 -1.64
CA GLN A 69 -9.20 -1.37 -0.89
C GLN A 69 -10.41 -1.01 -1.74
N GLN A 70 -10.32 0.11 -2.47
CA GLN A 70 -11.39 0.52 -3.38
C GLN A 70 -11.47 -0.44 -4.57
N ALA A 71 -10.31 -0.99 -4.96
CA ALA A 71 -10.25 -1.97 -6.03
C ALA A 71 -11.02 -3.23 -5.66
N LYS A 72 -10.79 -3.77 -4.45
CA LYS A 72 -11.51 -4.93 -3.99
C LYS A 72 -13.01 -4.63 -3.96
N GLY A 73 -13.37 -3.40 -3.56
CA GLY A 73 -14.76 -2.98 -3.46
C GLY A 73 -15.50 -3.12 -4.79
N GLN A 74 -14.88 -2.72 -5.90
CA GLN A 74 -15.50 -2.84 -7.22
C GLN A 74 -14.96 -4.04 -7.99
N LYS A 75 -14.21 -4.91 -7.29
CA LYS A 75 -13.69 -6.19 -7.77
C LYS A 75 -12.70 -6.06 -8.93
N ILE A 76 -11.87 -5.02 -8.90
CA ILE A 76 -10.81 -4.85 -9.88
C ILE A 76 -9.56 -5.53 -9.32
N ILE A 77 -9.55 -6.85 -9.43
CA ILE A 77 -8.50 -7.67 -8.88
C ILE A 77 -7.12 -7.27 -9.39
N GLN A 78 -7.00 -6.55 -10.51
CA GLN A 78 -5.68 -6.22 -11.06
C GLN A 78 -4.83 -5.52 -10.01
N PHE A 79 -5.43 -4.58 -9.28
CA PHE A 79 -4.74 -3.82 -8.27
C PHE A 79 -4.39 -4.70 -7.09
N GLN A 80 -5.40 -5.21 -6.37
CA GLN A 80 -5.18 -6.01 -5.17
C GLN A 80 -4.28 -7.20 -5.48
N ASP A 81 -4.34 -7.75 -6.70
CA ASP A 81 -3.50 -8.87 -7.09
C ASP A 81 -2.04 -8.44 -7.16
N SER A 82 -1.77 -7.36 -7.90
CA SER A 82 -0.42 -6.88 -8.13
C SER A 82 0.16 -6.23 -6.87
N PHE A 83 -0.57 -5.24 -6.33
CA PHE A 83 -0.14 -4.48 -5.18
C PHE A 83 0.04 -5.38 -3.96
N GLY A 84 -0.81 -6.40 -3.82
CA GLY A 84 -0.72 -7.30 -2.69
C GLY A 84 0.66 -7.93 -2.55
N LYS A 85 1.22 -8.45 -3.64
CA LYS A 85 2.49 -9.16 -3.58
C LYS A 85 3.61 -8.22 -3.13
N VAL A 86 3.67 -7.05 -3.75
CA VAL A 86 4.69 -6.05 -3.44
C VAL A 86 4.42 -5.37 -2.10
N ALA A 87 3.19 -5.45 -1.59
CA ALA A 87 2.83 -4.86 -0.31
C ALA A 87 3.65 -5.47 0.82
N ALA A 88 3.68 -6.80 0.92
CA ALA A 88 4.45 -7.50 1.95
C ALA A 88 5.90 -7.02 1.92
N GLU A 89 6.45 -6.85 0.72
CA GLU A 89 7.80 -6.34 0.59
C GLU A 89 7.87 -4.93 1.16
N VAL A 90 7.17 -3.97 0.55
CA VAL A 90 7.21 -2.58 0.99
C VAL A 90 6.89 -2.46 2.47
N LEU A 91 5.67 -2.81 2.86
CA LEU A 91 5.16 -2.60 4.21
C LEU A 91 6.11 -3.18 5.24
N GLY A 92 6.61 -4.39 4.98
CA GLY A 92 7.57 -5.04 5.87
C GLY A 92 8.92 -4.32 5.94
N ARG A 93 9.40 -3.77 4.81
CA ARG A 93 10.67 -3.07 4.79
C ARG A 93 10.55 -1.67 5.38
N ILE A 94 9.50 -0.94 5.00
CA ILE A 94 9.27 0.37 5.59
C ILE A 94 9.00 0.21 7.07
N ASN A 95 8.56 -0.97 7.52
CA ASN A 95 8.33 -1.22 8.94
C ASN A 95 9.67 -1.27 9.71
N GLN A 96 10.79 -1.47 9.00
CA GLN A 96 12.10 -1.48 9.62
C GLN A 96 12.69 -0.07 9.63
N GLU A 97 12.15 0.81 8.78
CA GLU A 97 12.65 2.17 8.59
C GLU A 97 11.73 3.20 9.25
N PHE A 98 10.44 2.88 9.37
CA PHE A 98 9.48 3.79 9.99
C PHE A 98 9.78 3.89 11.48
N PRO A 99 9.73 5.10 12.05
CA PRO A 99 9.82 5.31 13.48
C PRO A 99 8.59 4.73 14.13
N ARG A 100 8.63 4.56 15.46
CA ARG A 100 7.55 3.93 16.19
C ARG A 100 6.18 4.53 15.83
N ASP A 101 6.11 5.84 15.57
CA ASP A 101 4.84 6.48 15.25
C ASP A 101 4.29 6.07 13.88
N LEU A 102 5.09 6.14 12.82
CA LEU A 102 4.60 5.76 11.50
C LEU A 102 4.35 4.27 11.46
N LYS A 103 5.15 3.50 12.21
CA LYS A 103 4.90 2.08 12.39
C LYS A 103 3.49 1.86 12.93
N LYS A 104 3.05 2.66 13.92
CA LYS A 104 1.70 2.53 14.46
C LYS A 104 0.68 2.73 13.33
N LYS A 105 0.90 3.75 12.49
CA LYS A 105 -0.02 4.05 11.41
C LYS A 105 -0.07 2.88 10.44
N LEU A 106 1.09 2.37 10.01
CA LEU A 106 1.14 1.19 9.17
C LEU A 106 0.53 -0.02 9.85
N SER A 107 0.77 -0.18 11.14
CA SER A 107 0.28 -1.34 11.87
C SER A 107 -1.23 -1.45 11.67
N ARG A 108 -1.95 -0.33 11.78
CA ARG A 108 -3.38 -0.33 11.51
C ARG A 108 -3.63 -0.67 10.04
N VAL A 109 -2.86 -0.09 9.12
CA VAL A 109 -3.05 -0.36 7.70
C VAL A 109 -2.98 -1.87 7.45
N VAL A 110 -1.96 -2.55 7.98
CA VAL A 110 -1.89 -3.99 7.88
C VAL A 110 -3.09 -4.66 8.53
N ASN A 111 -3.50 -4.21 9.73
CA ASN A 111 -4.64 -4.81 10.44
C ASN A 111 -5.90 -4.77 9.58
N ILE A 112 -6.33 -3.57 9.20
CA ILE A 112 -7.55 -3.38 8.43
C ILE A 112 -7.48 -4.16 7.12
N LEU A 113 -6.28 -4.30 6.54
CA LEU A 113 -6.15 -5.00 5.28
C LEU A 113 -6.53 -6.46 5.41
N LYS A 114 -5.95 -7.19 6.37
CA LYS A 114 -6.28 -8.59 6.56
C LYS A 114 -7.63 -8.75 7.25
N GLU A 115 -8.04 -7.76 8.03
CA GLU A 115 -9.35 -7.74 8.66
C GLU A 115 -10.46 -7.77 7.61
N ARG A 116 -10.22 -7.15 6.45
CA ARG A 116 -11.19 -7.13 5.35
C ARG A 116 -10.65 -7.89 4.13
N ASN A 117 -9.48 -8.52 4.31
CA ASN A 117 -8.86 -9.45 3.37
C ASN A 117 -8.76 -8.87 1.97
N ILE A 118 -8.06 -7.74 1.84
CA ILE A 118 -7.94 -7.09 0.55
C ILE A 118 -7.05 -7.91 -0.40
N PHE A 119 -6.09 -8.64 0.16
CA PHE A 119 -5.25 -9.55 -0.60
C PHE A 119 -5.58 -11.00 -0.24
N SER A 120 -4.92 -11.95 -0.92
CA SER A 120 -5.14 -13.36 -0.69
C SER A 120 -4.51 -13.78 0.64
N LYS A 121 -5.00 -14.86 1.24
CA LYS A 121 -4.51 -15.32 2.53
C LYS A 121 -2.99 -15.47 2.56
N GLN A 122 -2.41 -15.87 1.43
CA GLN A 122 -0.96 -16.02 1.33
C GLN A 122 -0.29 -14.65 1.46
N VAL A 123 -0.80 -13.68 0.69
CA VAL A 123 -0.29 -12.32 0.70
C VAL A 123 -0.49 -11.70 2.08
N VAL A 124 -1.65 -11.94 2.69
CA VAL A 124 -1.96 -11.50 4.04
C VAL A 124 -0.86 -11.98 5.00
N ASN A 125 -0.61 -13.28 5.03
CA ASN A 125 0.39 -13.85 5.91
C ASN A 125 1.79 -13.33 5.54
N ASP A 126 2.09 -13.18 4.24
CA ASP A 126 3.39 -12.68 3.82
C ASP A 126 3.66 -11.27 4.36
N ILE A 127 2.66 -10.39 4.38
CA ILE A 127 2.82 -9.09 5.00
C ILE A 127 3.16 -9.27 6.48
N GLU A 128 2.43 -10.14 7.19
CA GLU A 128 2.69 -10.38 8.60
C GLU A 128 4.09 -10.96 8.83
N ARG A 129 4.54 -11.87 7.96
CA ARG A 129 5.87 -12.45 8.06
C ARG A 129 6.94 -11.39 7.85
N SER A 130 6.66 -10.44 6.94
CA SER A 130 7.62 -9.41 6.60
C SER A 130 7.83 -8.45 7.78
N LEU A 131 6.72 -8.00 8.37
CA LEU A 131 6.73 -7.23 9.61
C LEU A 131 7.34 -8.02 10.76
N ALA A 132 7.07 -9.33 10.82
CA ALA A 132 7.64 -10.18 11.84
C ALA A 132 9.17 -10.24 11.70
N ALA A 133 9.67 -10.20 10.46
CA ALA A 133 11.10 -10.11 10.22
C ALA A 133 11.62 -8.69 10.52
N ALA A 134 10.71 -7.71 10.59
CA ALA A 134 11.07 -6.33 10.86
C ALA A 134 11.10 -6.01 12.35
N LEU A 135 10.21 -6.59 13.15
CA LEU A 135 10.21 -6.32 14.58
C LEU A 135 11.45 -6.92 15.23
N GLU A 136 12.16 -7.80 14.51
CA GLU A 136 13.44 -8.34 14.98
C GLU A 136 14.53 -7.28 14.87
N HIS A 137 14.33 -6.24 14.05
CA HIS A 137 15.30 -5.17 13.89
C HIS A 137 15.16 -4.15 15.02
N HIS A 138 13.96 -4.06 15.62
CA HIS A 138 13.68 -3.09 16.68
C HIS A 138 13.48 -3.77 18.04
N HIS A 139 13.32 -5.10 18.04
CA HIS A 139 13.04 -5.91 19.24
C HIS A 139 11.80 -5.44 20.00
N HIS A 140 11.03 -4.50 19.44
CA HIS A 140 9.81 -4.02 20.07
C HIS A 140 8.92 -3.30 19.06
N HIS A 141 7.61 -3.36 19.30
CA HIS A 141 6.57 -2.71 18.52
C HIS A 141 6.50 -3.11 17.04
N HIS A 142 5.31 -2.98 16.46
CA HIS A 142 5.04 -3.35 15.07
C HIS A 142 3.81 -2.58 14.60
N PRO B 1 -3.10 16.16 7.60
CA PRO B 1 -4.41 15.52 7.82
C PRO B 1 -4.31 13.99 7.80
N SER B 2 -3.58 13.47 6.81
CA SER B 2 -3.35 12.05 6.58
C SER B 2 -4.63 11.27 6.28
N TYR B 3 -4.44 10.09 5.68
CA TYR B 3 -5.52 9.19 5.28
C TYR B 3 -5.69 8.07 6.29
N SER B 4 -6.91 7.51 6.34
CA SER B 4 -7.28 6.43 7.23
C SER B 4 -7.62 5.19 6.40
N PRO B 5 -7.00 4.04 6.71
CA PRO B 5 -7.29 2.79 6.02
C PRO B 5 -8.65 2.25 6.45
N TPO B 6 -9.14 2.72 7.60
CA TPO B 6 -10.40 2.26 8.18
CB TPO B 6 -10.40 2.50 9.69
CG2 TPO B 6 -11.50 1.67 10.37
OG1 TPO B 6 -9.15 2.12 10.23
P TPO B 6 -8.34 3.09 11.21
O1P TPO B 6 -9.27 3.31 12.33
O2P TPO B 6 -7.14 2.31 11.55
O3P TPO B 6 -8.09 4.29 10.37
C TPO B 6 -11.58 2.97 7.49
O TPO B 6 -12.47 3.52 8.13
H TPO B 6 -8.64 3.43 8.11
HA TPO B 6 -10.49 1.18 8.01
HB TPO B 6 -10.56 3.56 9.89
HG21 TPO B 6 -11.48 1.86 11.44
HG22 TPO B 6 -11.33 0.62 10.18
HG23 TPO B 6 -12.48 1.97 9.98
N SER B 7 -11.55 2.95 6.15
CA SER B 7 -12.58 3.56 5.34
C SER B 7 -13.87 2.72 5.33
N PRO B 8 -15.04 3.37 5.27
CA PRO B 8 -16.32 2.68 5.13
C PRO B 8 -16.50 2.14 3.71
N SER B 9 -15.53 2.39 2.82
CA SER B 9 -15.58 1.98 1.43
C SER B 9 -15.35 0.47 1.26
N TYR B 10 -16.12 -0.36 1.96
CA TYR B 10 -16.04 -1.80 1.84
C TYR B 10 -17.40 -2.44 2.14
N SER B 11 -17.61 -3.67 1.67
CA SER B 11 -18.84 -4.40 1.86
C SER B 11 -18.54 -5.90 1.76
N PRO B 12 -19.47 -6.77 2.21
CA PRO B 12 -19.28 -8.20 2.20
C PRO B 12 -18.79 -8.68 0.84
N THR B 13 -17.62 -9.35 0.83
CA THR B 13 -16.93 -9.72 -0.40
C THR B 13 -16.13 -11.00 -0.16
N SER B 14 -15.68 -11.63 -1.25
CA SER B 14 -14.85 -12.83 -1.22
C SER B 14 -13.56 -12.57 -0.42
N PRO B 15 -12.86 -13.64 0.00
CA PRO B 15 -11.60 -13.57 0.72
C PRO B 15 -10.52 -12.79 -0.04
N SER B 16 -10.82 -12.40 -1.28
CA SER B 16 -9.99 -11.56 -2.11
C SER B 16 -10.89 -10.94 -3.17
N MET A 1 4.75 11.90 -18.50
CA MET A 1 3.63 10.98 -18.70
C MET A 1 3.98 9.95 -19.77
N ALA A 2 4.85 9.00 -19.43
CA ALA A 2 5.30 7.95 -20.33
C ALA A 2 4.27 6.81 -20.44
N PHE A 3 3.17 6.91 -19.68
CA PHE A 3 2.10 5.91 -19.67
C PHE A 3 2.63 4.47 -19.55
N SER A 4 3.80 4.30 -18.93
CA SER A 4 4.42 2.98 -18.86
C SER A 4 5.47 2.87 -17.77
N SER A 5 6.13 3.97 -17.36
CA SER A 5 7.15 3.85 -16.33
C SER A 5 7.55 5.18 -15.68
N GLU A 6 6.62 6.11 -15.51
CA GLU A 6 6.97 7.41 -14.94
C GLU A 6 5.75 8.16 -14.41
N GLN A 7 4.58 7.95 -15.01
CA GLN A 7 3.39 8.70 -14.63
C GLN A 7 3.11 8.53 -13.14
N PHE A 8 2.81 7.29 -12.73
CA PHE A 8 2.56 6.99 -11.33
C PHE A 8 3.74 7.42 -10.47
N THR A 9 4.94 7.33 -11.02
CA THR A 9 6.15 7.64 -10.27
C THR A 9 6.15 9.12 -9.93
N THR A 10 5.83 9.98 -10.91
CA THR A 10 5.80 11.41 -10.67
C THR A 10 4.73 11.73 -9.63
N LYS A 11 3.64 10.93 -9.59
CA LYS A 11 2.61 11.12 -8.59
C LYS A 11 3.21 11.00 -7.20
N LEU A 12 4.03 9.96 -6.97
CA LEU A 12 4.67 9.74 -5.68
C LEU A 12 5.46 10.98 -5.28
N ASN A 13 6.14 11.59 -6.25
CA ASN A 13 6.93 12.79 -5.99
C ASN A 13 6.09 14.05 -5.82
N THR A 14 4.76 13.94 -5.87
CA THR A 14 3.88 15.08 -5.63
C THR A 14 2.70 14.74 -4.71
N LEU A 15 2.77 13.63 -3.98
CA LEU A 15 1.74 13.28 -3.01
C LEU A 15 1.77 14.24 -1.82
N GLU A 16 0.75 14.14 -0.96
CA GLU A 16 0.64 14.96 0.23
C GLU A 16 0.00 14.14 1.34
N ASP A 17 0.27 14.50 2.60
CA ASP A 17 -0.18 13.74 3.75
C ASP A 17 -1.65 14.02 4.08
N SER A 18 -2.50 14.13 3.06
CA SER A 18 -3.91 14.43 3.26
C SER A 18 -4.76 13.68 2.24
N GLN A 19 -5.95 13.25 2.66
CA GLN A 19 -6.84 12.43 1.85
C GLN A 19 -7.25 13.17 0.57
N GLU A 20 -7.17 14.50 0.56
CA GLU A 20 -7.45 15.28 -0.63
C GLU A 20 -6.50 14.85 -1.76
N SER A 21 -5.21 15.04 -1.52
CA SER A 21 -4.19 14.71 -2.50
C SER A 21 -4.11 13.20 -2.72
N ILE A 22 -4.23 12.41 -1.65
CA ILE A 22 -4.15 10.96 -1.76
C ILE A 22 -5.28 10.44 -2.62
N SER A 23 -6.53 10.82 -2.33
CA SER A 23 -7.68 10.33 -3.07
C SER A 23 -7.63 10.81 -4.52
N SER A 24 -7.04 11.98 -4.78
CA SER A 24 -6.93 12.48 -6.14
C SER A 24 -5.96 11.62 -6.96
N ALA A 25 -4.81 11.28 -6.37
CA ALA A 25 -3.84 10.42 -7.03
C ALA A 25 -4.39 9.00 -7.12
N SER A 26 -5.16 8.59 -6.11
CA SER A 26 -5.75 7.26 -6.05
C SER A 26 -6.79 7.07 -7.15
N LYS A 27 -7.77 7.98 -7.21
CA LYS A 27 -8.84 7.87 -8.21
C LYS A 27 -8.27 7.91 -9.63
N TRP A 28 -7.29 8.79 -9.89
CA TRP A 28 -6.65 8.81 -11.19
C TRP A 28 -6.02 7.44 -11.49
N LEU A 29 -5.20 6.95 -10.57
CA LEU A 29 -4.52 5.69 -10.80
C LEU A 29 -5.57 4.60 -11.00
N LEU A 30 -6.69 4.71 -10.29
CA LEU A 30 -7.80 3.77 -10.40
C LEU A 30 -8.38 3.78 -11.82
N LEU A 31 -8.29 4.91 -12.54
CA LEU A 31 -8.77 4.96 -13.92
C LEU A 31 -7.86 4.13 -14.82
N GLN A 32 -6.54 4.20 -14.63
CA GLN A 32 -5.63 3.39 -15.43
C GLN A 32 -5.27 2.07 -14.76
N TYR A 33 -6.25 1.33 -14.23
CA TYR A 33 -6.00 0.05 -13.59
C TYR A 33 -5.27 -0.94 -14.49
N ARG A 34 -5.14 -0.63 -15.78
CA ARG A 34 -4.43 -1.46 -16.73
C ARG A 34 -2.93 -1.51 -16.40
N ASP A 35 -2.37 -0.45 -15.78
CA ASP A 35 -0.96 -0.42 -15.44
C ASP A 35 -0.69 -1.01 -14.06
N ALA A 36 -1.74 -1.51 -13.40
CA ALA A 36 -1.67 -2.03 -12.03
C ALA A 36 -0.43 -2.89 -11.75
N PRO A 37 -0.08 -3.89 -12.58
CA PRO A 37 1.08 -4.73 -12.30
C PRO A 37 2.38 -3.93 -12.37
N LYS A 38 2.48 -3.00 -13.33
CA LYS A 38 3.66 -2.18 -13.51
C LYS A 38 3.77 -1.19 -12.36
N VAL A 39 2.69 -0.48 -12.08
CA VAL A 39 2.66 0.51 -11.02
C VAL A 39 2.94 -0.14 -9.67
N ALA A 40 2.45 -1.36 -9.44
CA ALA A 40 2.75 -2.06 -8.21
C ALA A 40 4.26 -2.29 -8.09
N GLU A 41 4.90 -2.70 -9.19
CA GLU A 41 6.33 -2.91 -9.19
C GLU A 41 7.08 -1.60 -8.95
N MET A 42 6.79 -0.56 -9.74
CA MET A 42 7.45 0.73 -9.59
C MET A 42 7.22 1.30 -8.20
N TRP A 43 6.01 1.10 -7.67
CA TRP A 43 5.68 1.59 -6.34
C TRP A 43 6.63 0.99 -5.32
N LYS A 44 6.78 -0.34 -5.32
CA LYS A 44 7.68 -0.99 -4.40
C LYS A 44 9.12 -0.51 -4.60
N GLU A 45 9.61 -0.53 -5.84
CA GLU A 45 10.96 -0.10 -6.13
C GLU A 45 11.20 1.30 -5.57
N TYR A 46 10.23 2.20 -5.71
CA TYR A 46 10.35 3.55 -5.19
C TYR A 46 10.50 3.55 -3.68
N MET A 47 9.65 2.80 -2.97
CA MET A 47 9.70 2.75 -1.51
C MET A 47 10.96 2.06 -1.01
N LEU A 48 11.37 0.98 -1.68
CA LEU A 48 12.56 0.23 -1.29
C LEU A 48 13.82 1.02 -1.58
N ARG A 49 13.76 2.01 -2.48
CA ARG A 49 14.92 2.81 -2.81
C ARG A 49 15.36 3.67 -1.61
N PRO A 50 16.67 3.77 -1.36
CA PRO A 50 17.21 4.50 -0.23
C PRO A 50 17.08 6.01 -0.42
N SER A 51 16.82 6.45 -1.65
CA SER A 51 16.64 7.86 -1.95
C SER A 51 15.26 8.36 -1.55
N VAL A 52 14.45 7.52 -0.90
CA VAL A 52 13.13 7.89 -0.43
C VAL A 52 13.06 7.77 1.09
N ASN A 53 12.37 8.73 1.72
CA ASN A 53 12.28 8.87 3.17
C ASN A 53 10.95 8.34 3.70
N THR A 54 10.87 8.17 5.03
CA THR A 54 9.70 7.66 5.73
C THR A 54 8.44 8.44 5.39
N ARG A 55 8.54 9.77 5.25
CA ARG A 55 7.38 10.58 4.97
C ARG A 55 6.80 10.19 3.60
N ARG A 56 7.65 10.11 2.58
CA ARG A 56 7.21 9.77 1.23
C ARG A 56 6.67 8.35 1.19
N LYS A 57 7.25 7.47 2.02
CA LYS A 57 6.80 6.10 2.15
C LYS A 57 5.43 6.03 2.82
N LEU A 58 5.15 6.91 3.79
CA LEU A 58 3.84 6.98 4.43
C LEU A 58 2.78 7.38 3.40
N LEU A 59 3.11 8.31 2.50
CA LEU A 59 2.18 8.73 1.46
C LEU A 59 1.90 7.57 0.51
N GLY A 60 2.95 6.84 0.11
CA GLY A 60 2.79 5.69 -0.77
C GLY A 60 1.95 4.60 -0.09
N LEU A 61 2.14 4.43 1.22
CA LEU A 61 1.37 3.48 2.01
C LEU A 61 -0.12 3.82 1.96
N TYR A 62 -0.46 5.10 2.19
CA TYR A 62 -1.85 5.53 2.15
C TYR A 62 -2.41 5.47 0.73
N LEU A 63 -1.60 5.83 -0.27
CA LEU A 63 -2.04 5.81 -1.65
C LEU A 63 -2.43 4.39 -2.05
N MET A 64 -1.47 3.45 -1.99
CA MET A 64 -1.73 2.09 -2.42
C MET A 64 -2.87 1.48 -1.60
N ASN A 65 -2.97 1.81 -0.31
CA ASN A 65 -4.02 1.27 0.53
C ASN A 65 -5.39 1.68 0.01
N HIS A 66 -5.54 2.95 -0.38
CA HIS A 66 -6.80 3.40 -0.93
C HIS A 66 -7.08 2.68 -2.25
N VAL A 67 -6.05 2.52 -3.08
CA VAL A 67 -6.19 1.87 -4.37
C VAL A 67 -6.63 0.41 -4.21
N VAL A 68 -5.87 -0.39 -3.46
CA VAL A 68 -6.17 -1.82 -3.32
C VAL A 68 -7.51 -2.06 -2.65
N GLN A 69 -7.87 -1.23 -1.67
CA GLN A 69 -9.11 -1.42 -0.94
C GLN A 69 -10.31 -1.05 -1.81
N GLN A 70 -10.22 0.09 -2.50
CA GLN A 70 -11.27 0.52 -3.42
C GLN A 70 -11.35 -0.44 -4.60
N ALA A 71 -10.22 -1.04 -4.98
CA ALA A 71 -10.18 -2.04 -6.03
C ALA A 71 -11.01 -3.25 -5.66
N LYS A 72 -10.88 -3.74 -4.42
CA LYS A 72 -11.67 -4.87 -3.96
C LYS A 72 -13.16 -4.52 -4.00
N GLY A 73 -13.50 -3.27 -3.65
CA GLY A 73 -14.89 -2.83 -3.65
C GLY A 73 -15.52 -2.97 -5.03
N GLN A 74 -14.91 -2.33 -6.05
CA GLN A 74 -15.43 -2.37 -7.42
C GLN A 74 -15.00 -3.65 -8.15
N LYS A 75 -14.24 -4.51 -7.47
CA LYS A 75 -13.87 -5.85 -7.93
C LYS A 75 -12.86 -5.85 -9.08
N ILE A 76 -11.88 -4.94 -9.01
CA ILE A 76 -10.81 -4.83 -9.98
C ILE A 76 -9.55 -5.46 -9.36
N ILE A 77 -9.51 -6.79 -9.40
CA ILE A 77 -8.44 -7.57 -8.82
C ILE A 77 -7.06 -7.19 -9.35
N GLN A 78 -6.95 -6.49 -10.48
CA GLN A 78 -5.64 -6.19 -11.05
C GLN A 78 -4.77 -5.48 -10.03
N PHE A 79 -5.37 -4.55 -9.27
CA PHE A 79 -4.65 -3.79 -8.26
C PHE A 79 -4.26 -4.68 -7.10
N GLN A 80 -5.25 -5.17 -6.34
CA GLN A 80 -5.00 -5.97 -5.16
C GLN A 80 -4.13 -7.19 -5.48
N ASP A 81 -4.22 -7.70 -6.72
CA ASP A 81 -3.41 -8.83 -7.12
C ASP A 81 -1.94 -8.42 -7.21
N SER A 82 -1.67 -7.33 -7.93
CA SER A 82 -0.31 -6.85 -8.14
C SER A 82 0.26 -6.22 -6.88
N PHE A 83 -0.45 -5.22 -6.36
CA PHE A 83 -0.02 -4.48 -5.18
C PHE A 83 0.16 -5.38 -3.98
N GLY A 84 -0.69 -6.41 -3.84
CA GLY A 84 -0.60 -7.32 -2.70
C GLY A 84 0.78 -7.93 -2.56
N LYS A 85 1.33 -8.47 -3.66
CA LYS A 85 2.61 -9.17 -3.61
C LYS A 85 3.73 -8.24 -3.16
N VAL A 86 3.76 -7.03 -3.74
CA VAL A 86 4.76 -6.02 -3.43
C VAL A 86 4.49 -5.35 -2.08
N ALA A 87 3.26 -5.47 -1.55
CA ALA A 87 2.89 -4.90 -0.27
C ALA A 87 3.71 -5.49 0.87
N ALA A 88 3.76 -6.83 0.98
CA ALA A 88 4.51 -7.50 2.02
C ALA A 88 5.94 -6.99 2.06
N GLU A 89 6.55 -6.79 0.89
CA GLU A 89 7.85 -6.18 0.83
C GLU A 89 7.79 -4.77 1.39
N VAL A 90 7.20 -3.82 0.66
CA VAL A 90 7.21 -2.42 1.09
C VAL A 90 6.81 -2.30 2.56
N LEU A 91 5.57 -2.63 2.90
CA LEU A 91 5.06 -2.46 4.25
C LEU A 91 6.02 -3.08 5.25
N GLY A 92 6.55 -4.27 4.95
CA GLY A 92 7.49 -4.96 5.82
C GLY A 92 8.86 -4.29 5.92
N ARG A 93 9.39 -3.72 4.83
CA ARG A 93 10.69 -3.07 4.87
C ARG A 93 10.56 -1.68 5.49
N ILE A 94 9.52 -0.92 5.12
CA ILE A 94 9.30 0.38 5.73
C ILE A 94 8.97 0.22 7.21
N ASN A 95 8.46 -0.94 7.63
CA ASN A 95 8.19 -1.22 9.03
C ASN A 95 9.50 -1.33 9.81
N GLN A 96 10.62 -1.54 9.11
CA GLN A 96 11.93 -1.59 9.74
C GLN A 96 12.56 -0.20 9.79
N GLU A 97 11.95 0.76 9.07
CA GLU A 97 12.46 2.11 8.95
C GLU A 97 11.52 3.13 9.60
N PHE A 98 10.23 2.81 9.69
CA PHE A 98 9.26 3.73 10.26
C PHE A 98 9.49 3.81 11.76
N PRO A 99 9.51 5.03 12.32
CA PRO A 99 9.60 5.23 13.75
C PRO A 99 8.36 4.64 14.40
N ARG A 100 8.40 4.46 15.72
CA ARG A 100 7.33 3.80 16.44
C ARG A 100 5.96 4.34 16.05
N ASP A 101 5.85 5.65 15.79
CA ASP A 101 4.56 6.25 15.51
C ASP A 101 4.04 5.95 14.09
N LEU A 102 4.85 6.13 13.06
CA LEU A 102 4.39 5.85 11.71
C LEU A 102 4.16 4.35 11.54
N LYS A 103 4.99 3.56 12.22
CA LYS A 103 4.85 2.11 12.22
C LYS A 103 3.51 1.71 12.82
N LYS A 104 3.05 2.40 13.87
CA LYS A 104 1.70 2.20 14.39
C LYS A 104 0.66 2.49 13.31
N LYS A 105 0.83 3.56 12.53
CA LYS A 105 -0.12 3.88 11.47
C LYS A 105 -0.14 2.76 10.44
N LEU A 106 1.03 2.27 10.04
CA LEU A 106 1.10 1.13 9.15
C LEU A 106 0.49 -0.11 9.79
N SER A 107 0.72 -0.31 11.08
CA SER A 107 0.22 -1.48 11.76
C SER A 107 -1.30 -1.55 11.57
N ARG A 108 -1.99 -0.41 11.64
CA ARG A 108 -3.42 -0.38 11.37
C ARG A 108 -3.69 -0.75 9.91
N VAL A 109 -2.91 -0.17 8.99
CA VAL A 109 -3.08 -0.47 7.57
C VAL A 109 -2.99 -1.97 7.34
N VAL A 110 -1.96 -2.64 7.88
CA VAL A 110 -1.86 -4.08 7.80
C VAL A 110 -3.08 -4.77 8.43
N ASN A 111 -3.52 -4.32 9.61
CA ASN A 111 -4.68 -4.91 10.27
C ASN A 111 -5.90 -4.86 9.36
N ILE A 112 -6.34 -3.65 9.02
CA ILE A 112 -7.58 -3.49 8.25
C ILE A 112 -7.48 -4.29 6.95
N LEU A 113 -6.27 -4.44 6.40
CA LEU A 113 -6.11 -5.15 5.15
C LEU A 113 -6.47 -6.62 5.30
N LYS A 114 -5.91 -7.31 6.30
CA LYS A 114 -6.20 -8.73 6.51
C LYS A 114 -7.58 -8.95 7.12
N GLU A 115 -8.09 -7.97 7.86
CA GLU A 115 -9.43 -8.03 8.43
C GLU A 115 -10.47 -8.07 7.33
N ARG A 116 -10.29 -7.21 6.32
CA ARG A 116 -11.19 -7.14 5.18
C ARG A 116 -10.63 -7.93 3.99
N ASN A 117 -9.48 -8.58 4.20
CA ASN A 117 -8.89 -9.52 3.27
C ASN A 117 -8.77 -8.94 1.86
N ILE A 118 -8.03 -7.84 1.73
CA ILE A 118 -7.88 -7.18 0.45
C ILE A 118 -7.00 -8.01 -0.47
N PHE A 119 -6.01 -8.71 0.09
CA PHE A 119 -5.16 -9.61 -0.68
C PHE A 119 -5.48 -11.06 -0.33
N SER A 120 -4.73 -12.01 -0.90
CA SER A 120 -4.93 -13.42 -0.63
C SER A 120 -4.39 -13.77 0.75
N LYS A 121 -4.88 -14.86 1.34
CA LYS A 121 -4.40 -15.31 2.63
C LYS A 121 -2.88 -15.46 2.62
N GLN A 122 -2.31 -15.79 1.46
CA GLN A 122 -0.87 -15.96 1.37
C GLN A 122 -0.20 -14.61 1.50
N VAL A 123 -0.69 -13.62 0.75
CA VAL A 123 -0.17 -12.27 0.80
C VAL A 123 -0.34 -11.69 2.21
N VAL A 124 -1.51 -11.92 2.81
CA VAL A 124 -1.80 -11.52 4.18
C VAL A 124 -0.71 -12.03 5.12
N ASN A 125 -0.42 -13.33 5.06
CA ASN A 125 0.61 -13.91 5.91
C ASN A 125 1.98 -13.38 5.52
N ASP A 126 2.29 -13.25 4.23
CA ASP A 126 3.57 -12.74 3.79
C ASP A 126 3.84 -11.36 4.37
N ILE A 127 2.83 -10.48 4.38
CA ILE A 127 2.94 -9.18 5.00
C ILE A 127 3.27 -9.33 6.48
N GLU A 128 2.59 -10.25 7.16
CA GLU A 128 2.74 -10.39 8.61
C GLU A 128 4.13 -10.92 8.96
N ARG A 129 4.66 -11.84 8.17
CA ARG A 129 5.98 -12.42 8.41
C ARG A 129 7.06 -11.40 8.14
N SER A 130 6.81 -10.47 7.22
CA SER A 130 7.79 -9.45 6.88
C SER A 130 7.95 -8.48 8.04
N LEU A 131 6.83 -8.00 8.57
CA LEU A 131 6.78 -7.19 9.78
C LEU A 131 7.36 -7.98 10.95
N ALA A 132 7.01 -9.26 11.06
CA ALA A 132 7.50 -10.11 12.14
C ALA A 132 9.03 -10.18 12.13
N ALA A 133 9.63 -10.38 10.95
CA ALA A 133 11.07 -10.44 10.81
C ALA A 133 11.73 -9.10 11.12
N ALA A 134 10.96 -8.00 11.12
CA ALA A 134 11.51 -6.69 11.37
C ALA A 134 11.79 -6.41 12.85
N LEU A 135 11.02 -7.03 13.76
CA LEU A 135 11.20 -6.82 15.18
C LEU A 135 11.22 -8.11 16.01
N GLU A 136 11.00 -9.27 15.38
CA GLU A 136 11.03 -10.56 16.04
C GLU A 136 10.13 -10.66 17.27
N HIS A 137 9.11 -9.80 17.36
CA HIS A 137 8.16 -9.81 18.46
C HIS A 137 6.73 -9.59 17.95
N HIS A 138 6.46 -10.05 16.73
CA HIS A 138 5.14 -9.99 16.11
C HIS A 138 4.94 -11.23 15.23
N HIS A 139 3.68 -11.56 14.94
CA HIS A 139 3.34 -12.72 14.13
C HIS A 139 1.93 -12.60 13.58
N HIS A 140 1.59 -13.42 12.58
CA HIS A 140 0.25 -13.46 12.03
C HIS A 140 -0.73 -13.98 13.07
N HIS A 141 -2.01 -13.65 12.88
CA HIS A 141 -3.06 -14.04 13.81
C HIS A 141 -4.40 -14.17 13.09
N HIS A 142 -5.27 -15.00 13.65
CA HIS A 142 -6.62 -15.25 13.16
C HIS A 142 -7.40 -15.96 14.26
N PRO B 1 -7.20 17.15 5.10
CA PRO B 1 -7.62 16.22 6.15
C PRO B 1 -6.83 14.91 6.13
N SER B 2 -6.57 14.35 7.30
CA SER B 2 -5.78 13.13 7.42
C SER B 2 -6.50 11.94 6.81
N TYR B 3 -5.74 11.02 6.22
CA TYR B 3 -6.28 9.81 5.63
C TYR B 3 -6.59 8.77 6.70
N SER B 4 -7.41 7.77 6.34
CA SER B 4 -7.75 6.65 7.19
C SER B 4 -7.96 5.42 6.32
N PRO B 5 -7.25 4.32 6.60
CA PRO B 5 -7.39 3.08 5.86
C PRO B 5 -8.63 2.32 6.31
N TPO B 6 -9.33 2.82 7.34
CA TPO B 6 -10.40 2.10 7.98
CB TPO B 6 -10.36 2.34 9.50
CG2 TPO B 6 -11.29 1.35 10.20
OG1 TPO B 6 -9.04 2.17 9.97
P TPO B 6 -8.44 3.13 11.10
O1P TPO B 6 -9.37 2.95 12.23
O2P TPO B 6 -7.09 2.57 11.33
O3P TPO B 6 -8.47 4.47 10.46
C TPO B 6 -11.75 2.44 7.37
O TPO B 6 -12.10 1.89 6.33
H TPO B 6 -9.09 3.74 7.69
HA TPO B 6 -10.23 1.03 7.82
HB TPO B 6 -10.69 3.36 9.70
HG21 TPO B 6 -12.31 1.48 9.85
HG22 TPO B 6 -11.27 1.53 11.28
HG23 TPO B 6 -10.96 0.33 10.00
N SER B 7 -12.52 3.34 8.00
CA SER B 7 -13.91 3.63 7.64
C SER B 7 -14.80 2.38 7.78
N PRO B 8 -16.11 2.57 7.97
CA PRO B 8 -17.06 1.48 8.18
C PRO B 8 -17.37 0.68 6.93
N SER B 9 -16.60 0.87 5.84
CA SER B 9 -16.88 0.19 4.58
C SER B 9 -15.59 -0.01 3.77
N TYR B 10 -15.67 -0.85 2.73
CA TYR B 10 -14.56 -1.10 1.83
C TYR B 10 -14.35 0.09 0.90
N SER B 11 -15.26 1.08 0.96
CA SER B 11 -15.25 2.25 0.09
C SER B 11 -15.89 3.43 0.82
N PRO B 12 -15.72 4.65 0.29
CA PRO B 12 -16.37 5.86 0.80
C PRO B 12 -17.90 5.80 0.77
N THR B 13 -18.47 4.64 0.43
CA THR B 13 -19.91 4.45 0.30
C THR B 13 -20.28 3.07 0.83
N SER B 14 -21.58 2.74 0.81
CA SER B 14 -22.04 1.43 1.22
C SER B 14 -21.37 0.36 0.36
N PRO B 15 -21.20 -0.85 0.90
CA PRO B 15 -20.55 -1.96 0.23
C PRO B 15 -21.38 -2.46 -0.95
N SER B 16 -20.72 -3.13 -1.91
CA SER B 16 -21.35 -3.69 -3.09
C SER B 16 -20.44 -4.74 -3.72
N MET A 1 4.95 11.65 -18.03
CA MET A 1 4.60 11.48 -19.45
C MET A 1 3.53 10.39 -19.59
N ALA A 2 3.39 9.82 -20.79
CA ALA A 2 2.38 8.80 -21.06
C ALA A 2 2.62 7.53 -20.24
N PHE A 3 1.64 6.62 -20.26
CA PHE A 3 1.69 5.37 -19.52
C PHE A 3 3.01 4.65 -19.81
N SER A 4 3.82 4.44 -18.76
CA SER A 4 5.14 3.86 -18.93
C SER A 4 5.65 3.32 -17.59
N SER A 5 6.37 4.16 -16.83
CA SER A 5 6.90 3.76 -15.54
C SER A 5 7.24 5.00 -14.69
N GLU A 6 6.58 6.13 -14.95
CA GLU A 6 6.96 7.40 -14.34
C GLU A 6 5.76 8.26 -13.99
N GLN A 7 4.62 8.13 -14.69
CA GLN A 7 3.49 9.00 -14.42
C GLN A 7 3.11 8.89 -12.95
N PHE A 8 2.71 7.69 -12.55
CA PHE A 8 2.38 7.37 -11.18
C PHE A 8 3.55 7.68 -10.25
N THR A 9 4.77 7.51 -10.73
CA THR A 9 5.96 7.73 -9.93
C THR A 9 6.05 9.20 -9.55
N THR A 10 5.85 10.09 -10.52
CA THR A 10 5.90 11.52 -10.23
C THR A 10 4.79 11.87 -9.23
N LYS A 11 3.66 11.15 -9.28
CA LYS A 11 2.59 11.37 -8.31
C LYS A 11 3.10 11.15 -6.91
N LEU A 12 3.86 10.05 -6.69
CA LEU A 12 4.45 9.75 -5.38
C LEU A 12 5.26 10.94 -4.89
N ASN A 13 5.98 11.58 -5.80
CA ASN A 13 6.81 12.73 -5.46
C ASN A 13 6.00 14.01 -5.19
N THR A 14 4.66 13.95 -5.33
CA THR A 14 3.80 15.11 -5.07
C THR A 14 2.56 14.77 -4.24
N LEU A 15 2.54 13.61 -3.58
CA LEU A 15 1.43 13.24 -2.71
C LEU A 15 1.38 14.11 -1.45
N GLU A 16 0.27 14.01 -0.72
CA GLU A 16 0.09 14.65 0.58
C GLU A 16 -0.56 13.64 1.52
N ASP A 17 -0.34 13.79 2.83
CA ASP A 17 -0.86 12.87 3.81
C ASP A 17 -2.36 13.03 4.05
N SER A 18 -3.10 13.57 3.08
CA SER A 18 -4.49 13.94 3.27
C SER A 18 -5.42 13.07 2.44
N GLN A 19 -6.64 12.87 2.95
CA GLN A 19 -7.68 12.11 2.28
C GLN A 19 -7.94 12.68 0.90
N GLU A 20 -7.87 14.01 0.78
CA GLU A 20 -8.15 14.72 -0.46
C GLU A 20 -7.11 14.41 -1.53
N SER A 21 -5.85 14.73 -1.23
CA SER A 21 -4.75 14.52 -2.15
C SER A 21 -4.59 13.04 -2.47
N ILE A 22 -4.74 12.17 -1.46
CA ILE A 22 -4.64 10.73 -1.68
C ILE A 22 -5.80 10.25 -2.54
N SER A 23 -7.02 10.72 -2.28
CA SER A 23 -8.18 10.32 -3.04
C SER A 23 -8.04 10.73 -4.50
N SER A 24 -7.54 11.95 -4.75
CA SER A 24 -7.34 12.43 -6.10
C SER A 24 -6.31 11.58 -6.85
N ALA A 25 -5.21 11.25 -6.18
CA ALA A 25 -4.18 10.41 -6.76
C ALA A 25 -4.71 8.98 -6.95
N SER A 26 -5.53 8.51 -6.00
CA SER A 26 -6.07 7.16 -6.04
C SER A 26 -7.06 7.01 -7.17
N LYS A 27 -8.05 7.91 -7.27
CA LYS A 27 -9.07 7.80 -8.31
C LYS A 27 -8.45 7.90 -9.69
N TRP A 28 -7.45 8.78 -9.87
CA TRP A 28 -6.76 8.84 -11.15
C TRP A 28 -6.08 7.51 -11.44
N LEU A 29 -5.26 7.02 -10.51
CA LEU A 29 -4.54 5.79 -10.74
C LEU A 29 -5.54 4.67 -10.99
N LEU A 30 -6.69 4.73 -10.33
CA LEU A 30 -7.77 3.78 -10.51
C LEU A 30 -8.32 3.85 -11.94
N LEU A 31 -8.26 5.01 -12.60
CA LEU A 31 -8.71 5.12 -13.98
C LEU A 31 -7.78 4.33 -14.90
N GLN A 32 -6.48 4.35 -14.63
CA GLN A 32 -5.55 3.54 -15.41
C GLN A 32 -5.25 2.21 -14.73
N TYR A 33 -6.30 1.44 -14.39
CA TYR A 33 -6.14 0.13 -13.78
C TYR A 33 -5.34 -0.82 -14.67
N ARG A 34 -5.16 -0.47 -15.95
CA ARG A 34 -4.33 -1.25 -16.86
C ARG A 34 -2.86 -1.18 -16.44
N ASP A 35 -2.48 -0.15 -15.69
CA ASP A 35 -1.12 -0.06 -15.18
C ASP A 35 -0.94 -0.92 -13.93
N ALA A 36 -2.01 -1.49 -13.38
CA ALA A 36 -1.98 -2.19 -12.10
C ALA A 36 -0.74 -3.07 -11.83
N PRO A 37 -0.27 -3.93 -12.75
CA PRO A 37 0.91 -4.73 -12.48
C PRO A 37 2.18 -3.85 -12.47
N LYS A 38 2.24 -2.88 -13.39
CA LYS A 38 3.38 -1.98 -13.54
C LYS A 38 3.45 -0.99 -12.38
N VAL A 39 2.30 -0.50 -11.92
CA VAL A 39 2.29 0.45 -10.82
C VAL A 39 2.76 -0.25 -9.56
N ALA A 40 2.35 -1.50 -9.36
CA ALA A 40 2.80 -2.23 -8.19
C ALA A 40 4.32 -2.43 -8.24
N GLU A 41 4.86 -2.67 -9.44
CA GLU A 41 6.29 -2.84 -9.66
C GLU A 41 7.06 -1.58 -9.24
N MET A 42 6.83 -0.46 -9.92
CA MET A 42 7.57 0.76 -9.65
C MET A 42 7.26 1.33 -8.27
N TRP A 43 6.04 1.11 -7.77
CA TRP A 43 5.71 1.57 -6.43
C TRP A 43 6.64 0.96 -5.41
N LYS A 44 6.77 -0.37 -5.39
CA LYS A 44 7.62 -1.03 -4.41
C LYS A 44 9.07 -0.62 -4.56
N GLU A 45 9.62 -0.77 -5.77
CA GLU A 45 11.01 -0.43 -5.99
C GLU A 45 11.30 1.01 -5.58
N TYR A 46 10.34 1.92 -5.77
CA TYR A 46 10.50 3.29 -5.32
C TYR A 46 10.61 3.36 -3.80
N MET A 47 9.79 2.60 -3.06
CA MET A 47 9.83 2.62 -1.61
C MET A 47 11.09 1.95 -1.08
N LEU A 48 11.47 0.81 -1.68
CA LEU A 48 12.62 0.06 -1.24
C LEU A 48 13.92 0.78 -1.57
N ARG A 49 13.90 1.72 -2.54
CA ARG A 49 15.09 2.47 -2.90
C ARG A 49 15.56 3.34 -1.74
N PRO A 50 16.88 3.42 -1.51
CA PRO A 50 17.45 4.17 -0.40
C PRO A 50 17.33 5.68 -0.61
N SER A 51 17.02 6.11 -1.84
CA SER A 51 16.84 7.52 -2.16
C SER A 51 15.45 8.01 -1.79
N VAL A 52 14.65 7.18 -1.10
CA VAL A 52 13.31 7.56 -0.69
C VAL A 52 13.19 7.47 0.83
N ASN A 53 12.53 8.47 1.42
CA ASN A 53 12.44 8.68 2.85
C ASN A 53 11.10 8.22 3.41
N THR A 54 11.02 8.13 4.75
CA THR A 54 9.83 7.68 5.47
C THR A 54 8.59 8.49 5.11
N ARG A 55 8.73 9.79 4.90
CA ARG A 55 7.59 10.64 4.56
C ARG A 55 6.99 10.19 3.24
N ARG A 56 7.85 9.99 2.24
CA ARG A 56 7.42 9.57 0.91
C ARG A 56 6.83 8.16 0.96
N LYS A 57 7.40 7.32 1.82
CA LYS A 57 6.91 5.96 2.03
C LYS A 57 5.56 5.95 2.73
N LEU A 58 5.32 6.89 3.65
CA LEU A 58 4.04 6.99 4.33
C LEU A 58 2.95 7.39 3.34
N LEU A 59 3.27 8.36 2.47
CA LEU A 59 2.37 8.79 1.42
C LEU A 59 2.06 7.63 0.47
N GLY A 60 3.08 6.84 0.12
CA GLY A 60 2.91 5.70 -0.77
C GLY A 60 2.05 4.62 -0.12
N LEU A 61 2.23 4.42 1.18
CA LEU A 61 1.44 3.47 1.95
C LEU A 61 -0.04 3.85 1.91
N TYR A 62 -0.35 5.14 2.10
CA TYR A 62 -1.73 5.61 2.08
C TYR A 62 -2.32 5.49 0.68
N LEU A 63 -1.54 5.86 -0.35
CA LEU A 63 -2.01 5.81 -1.71
C LEU A 63 -2.40 4.38 -2.09
N MET A 64 -1.45 3.45 -2.04
CA MET A 64 -1.71 2.09 -2.43
C MET A 64 -2.84 1.50 -1.61
N ASN A 65 -2.92 1.82 -0.30
CA ASN A 65 -3.95 1.28 0.55
C ASN A 65 -5.33 1.70 0.03
N HIS A 66 -5.49 2.98 -0.35
CA HIS A 66 -6.76 3.46 -0.87
C HIS A 66 -7.06 2.78 -2.21
N VAL A 67 -6.03 2.62 -3.05
CA VAL A 67 -6.19 1.99 -4.36
C VAL A 67 -6.66 0.54 -4.21
N VAL A 68 -5.93 -0.28 -3.44
CA VAL A 68 -6.28 -1.68 -3.28
C VAL A 68 -7.63 -1.84 -2.58
N GLN A 69 -7.93 -0.93 -1.65
CA GLN A 69 -9.19 -0.98 -0.91
C GLN A 69 -10.36 -0.68 -1.84
N GLN A 70 -10.24 0.40 -2.62
CA GLN A 70 -11.28 0.79 -3.55
C GLN A 70 -11.37 -0.22 -4.69
N ALA A 71 -10.24 -0.85 -5.02
CA ALA A 71 -10.20 -1.90 -6.03
C ALA A 71 -11.05 -3.08 -5.58
N LYS A 72 -10.85 -3.57 -4.35
CA LYS A 72 -11.66 -4.66 -3.84
C LYS A 72 -13.13 -4.23 -3.75
N GLY A 73 -13.38 -2.93 -3.63
CA GLY A 73 -14.74 -2.40 -3.63
C GLY A 73 -15.48 -2.73 -4.92
N GLN A 74 -14.88 -2.36 -6.06
CA GLN A 74 -15.50 -2.59 -7.37
C GLN A 74 -14.93 -3.84 -8.06
N LYS A 75 -14.25 -4.70 -7.30
CA LYS A 75 -13.73 -5.99 -7.70
C LYS A 75 -12.71 -5.93 -8.85
N ILE A 76 -11.89 -4.88 -8.85
CA ILE A 76 -10.82 -4.73 -9.83
C ILE A 76 -9.57 -5.41 -9.27
N ILE A 77 -9.58 -6.75 -9.29
CA ILE A 77 -8.52 -7.55 -8.73
C ILE A 77 -7.15 -7.20 -9.30
N GLN A 78 -7.06 -6.52 -10.45
CA GLN A 78 -5.75 -6.24 -11.05
C GLN A 78 -4.85 -5.53 -10.05
N PHE A 79 -5.43 -4.58 -9.31
CA PHE A 79 -4.70 -3.81 -8.32
C PHE A 79 -4.32 -4.68 -7.14
N GLN A 80 -5.30 -5.13 -6.35
CA GLN A 80 -5.05 -5.91 -5.15
C GLN A 80 -4.21 -7.15 -5.46
N ASP A 81 -4.31 -7.68 -6.69
CA ASP A 81 -3.50 -8.83 -7.08
C ASP A 81 -2.03 -8.43 -7.18
N SER A 82 -1.73 -7.37 -7.95
CA SER A 82 -0.37 -6.91 -8.17
C SER A 82 0.20 -6.25 -6.92
N PHE A 83 -0.52 -5.26 -6.38
CA PHE A 83 -0.11 -4.49 -5.22
C PHE A 83 0.06 -5.38 -4.00
N GLY A 84 -0.79 -6.40 -3.84
CA GLY A 84 -0.71 -7.29 -2.70
C GLY A 84 0.67 -7.92 -2.56
N LYS A 85 1.24 -8.45 -3.64
CA LYS A 85 2.50 -9.16 -3.58
C LYS A 85 3.62 -8.24 -3.13
N VAL A 86 3.67 -7.05 -3.75
CA VAL A 86 4.67 -6.03 -3.45
C VAL A 86 4.39 -5.35 -2.11
N ALA A 87 3.16 -5.47 -1.58
CA ALA A 87 2.81 -4.89 -0.31
C ALA A 87 3.64 -5.48 0.83
N ALA A 88 3.67 -6.82 0.94
CA ALA A 88 4.44 -7.51 1.95
C ALA A 88 5.88 -7.02 1.93
N GLU A 89 6.45 -6.87 0.74
CA GLU A 89 7.81 -6.37 0.59
C GLU A 89 7.90 -4.95 1.15
N VAL A 90 7.19 -3.98 0.57
CA VAL A 90 7.26 -2.60 1.03
C VAL A 90 6.93 -2.48 2.50
N LEU A 91 5.70 -2.83 2.89
CA LEU A 91 5.19 -2.61 4.23
C LEU A 91 6.12 -3.23 5.27
N GLY A 92 6.60 -4.44 4.98
CA GLY A 92 7.54 -5.14 5.84
C GLY A 92 8.90 -4.46 5.97
N ARG A 93 9.38 -3.80 4.91
CA ARG A 93 10.67 -3.10 4.94
C ARG A 93 10.54 -1.69 5.49
N ILE A 94 9.48 -0.97 5.11
CA ILE A 94 9.24 0.35 5.68
C ILE A 94 8.95 0.21 7.17
N ASN A 95 8.50 -0.98 7.61
CA ASN A 95 8.28 -1.26 9.02
C ASN A 95 9.61 -1.33 9.79
N GLN A 96 10.71 -1.45 9.05
CA GLN A 96 12.06 -1.48 9.60
C GLN A 96 12.71 -0.10 9.53
N GLU A 97 12.09 0.80 8.75
CA GLU A 97 12.61 2.15 8.53
C GLU A 97 11.71 3.20 9.16
N PHE A 98 10.44 2.87 9.41
CA PHE A 98 9.50 3.79 10.02
C PHE A 98 9.79 3.89 11.51
N PRO A 99 9.68 5.10 12.09
CA PRO A 99 9.71 5.29 13.52
C PRO A 99 8.45 4.69 14.12
N ARG A 100 8.43 4.53 15.45
CA ARG A 100 7.33 3.88 16.15
C ARG A 100 5.98 4.45 15.72
N ASP A 101 5.92 5.76 15.48
CA ASP A 101 4.65 6.41 15.16
C ASP A 101 4.14 6.11 13.75
N LEU A 102 5.01 6.07 12.74
CA LEU A 102 4.56 5.70 11.41
C LEU A 102 4.31 4.20 11.36
N LYS A 103 5.11 3.44 12.11
CA LYS A 103 4.90 2.01 12.26
C LYS A 103 3.52 1.76 12.85
N LYS A 104 3.12 2.55 13.85
CA LYS A 104 1.78 2.50 14.43
C LYS A 104 0.72 2.72 13.35
N LYS A 105 0.89 3.73 12.49
CA LYS A 105 -0.08 3.98 11.43
C LYS A 105 -0.13 2.83 10.45
N LEU A 106 1.04 2.33 10.01
CA LEU A 106 1.09 1.17 9.15
C LEU A 106 0.48 -0.05 9.83
N SER A 107 0.72 -0.22 11.12
CA SER A 107 0.19 -1.37 11.83
C SER A 107 -1.32 -1.41 11.65
N ARG A 108 -1.99 -0.25 11.75
CA ARG A 108 -3.42 -0.22 11.49
C ARG A 108 -3.69 -0.67 10.06
N VAL A 109 -2.94 -0.12 9.10
CA VAL A 109 -3.14 -0.43 7.69
C VAL A 109 -3.06 -1.94 7.47
N VAL A 110 -2.01 -2.61 7.97
CA VAL A 110 -1.89 -4.05 7.84
C VAL A 110 -3.11 -4.76 8.44
N ASN A 111 -3.53 -4.41 9.67
CA ASN A 111 -4.70 -5.03 10.27
C ASN A 111 -5.92 -4.83 9.39
N ILE A 112 -6.39 -3.60 9.19
CA ILE A 112 -7.61 -3.38 8.45
C ILE A 112 -7.54 -4.13 7.11
N LEU A 113 -6.34 -4.24 6.52
CA LEU A 113 -6.20 -4.95 5.26
C LEU A 113 -6.55 -6.43 5.39
N LYS A 114 -5.97 -7.14 6.37
CA LYS A 114 -6.24 -8.56 6.54
C LYS A 114 -7.62 -8.83 7.11
N GLU A 115 -8.17 -7.90 7.88
CA GLU A 115 -9.53 -8.00 8.39
C GLU A 115 -10.52 -7.96 7.24
N ARG A 116 -10.19 -7.18 6.22
CA ARG A 116 -11.00 -7.05 5.02
C ARG A 116 -10.52 -8.00 3.93
N ASN A 117 -9.36 -8.63 4.16
CA ASN A 117 -8.79 -9.58 3.23
C ASN A 117 -8.69 -8.97 1.85
N ILE A 118 -8.06 -7.80 1.77
CA ILE A 118 -7.95 -7.09 0.50
C ILE A 118 -7.08 -7.87 -0.46
N PHE A 119 -6.10 -8.61 0.09
CA PHE A 119 -5.24 -9.50 -0.68
C PHE A 119 -5.59 -10.95 -0.34
N SER A 120 -4.83 -11.90 -0.90
CA SER A 120 -5.06 -13.31 -0.63
C SER A 120 -4.55 -13.66 0.76
N LYS A 121 -5.07 -14.74 1.34
CA LYS A 121 -4.62 -15.20 2.64
C LYS A 121 -3.09 -15.36 2.65
N GLN A 122 -2.51 -15.72 1.50
CA GLN A 122 -1.07 -15.91 1.42
C GLN A 122 -0.39 -14.55 1.56
N VAL A 123 -0.85 -13.57 0.78
CA VAL A 123 -0.31 -12.23 0.82
C VAL A 123 -0.49 -11.62 2.21
N VAL A 124 -1.66 -11.85 2.82
CA VAL A 124 -1.93 -11.42 4.18
C VAL A 124 -0.84 -11.93 5.11
N ASN A 125 -0.61 -13.26 5.10
CA ASN A 125 0.40 -13.84 5.96
C ASN A 125 1.77 -13.29 5.60
N ASP A 126 2.10 -13.20 4.31
CA ASP A 126 3.40 -12.72 3.84
C ASP A 126 3.71 -11.33 4.38
N ILE A 127 2.72 -10.42 4.41
CA ILE A 127 2.90 -9.12 5.02
C ILE A 127 3.26 -9.29 6.50
N GLU A 128 2.55 -10.19 7.20
CA GLU A 128 2.84 -10.41 8.61
C GLU A 128 4.25 -10.95 8.80
N ARG A 129 4.70 -11.86 7.92
CA ARG A 129 6.02 -12.45 8.04
C ARG A 129 7.08 -11.36 7.92
N SER A 130 6.85 -10.42 7.01
CA SER A 130 7.78 -9.38 6.66
C SER A 130 7.95 -8.36 7.79
N LEU A 131 6.84 -7.96 8.42
CA LEU A 131 6.85 -7.12 9.60
C LEU A 131 7.57 -7.84 10.74
N ALA A 132 7.24 -9.12 10.94
CA ALA A 132 7.82 -9.92 12.01
C ALA A 132 9.32 -10.11 11.81
N ALA A 133 9.74 -10.37 10.58
CA ALA A 133 11.15 -10.59 10.24
C ALA A 133 11.99 -9.36 10.58
N ALA A 134 11.37 -8.19 10.71
CA ALA A 134 12.09 -6.96 11.04
C ALA A 134 12.67 -7.00 12.46
N LEU A 135 12.07 -7.81 13.34
CA LEU A 135 12.52 -7.93 14.72
C LEU A 135 12.68 -9.38 15.14
N GLU A 136 12.50 -10.31 14.20
CA GLU A 136 12.50 -11.76 14.41
C GLU A 136 11.32 -12.20 15.29
N HIS A 137 10.88 -13.44 15.09
CA HIS A 137 9.71 -13.98 15.78
C HIS A 137 9.85 -15.49 15.95
N HIS A 138 8.96 -16.10 16.74
CA HIS A 138 9.03 -17.52 17.04
C HIS A 138 8.81 -18.34 15.77
N HIS A 139 9.61 -19.41 15.61
CA HIS A 139 9.63 -20.20 14.38
C HIS A 139 8.48 -21.20 14.27
N HIS A 140 7.59 -21.29 15.27
CA HIS A 140 6.48 -22.24 15.22
C HIS A 140 5.17 -21.63 15.68
N HIS A 141 5.18 -20.41 16.23
CA HIS A 141 3.96 -19.74 16.63
C HIS A 141 3.27 -19.10 15.43
N HIS A 142 4.06 -18.81 14.38
CA HIS A 142 3.60 -18.15 13.17
C HIS A 142 2.93 -16.80 13.46
N PRO B 1 -7.92 16.95 5.13
CA PRO B 1 -7.86 16.20 6.40
C PRO B 1 -7.02 14.93 6.26
N SER B 2 -6.59 14.35 7.38
CA SER B 2 -5.75 13.16 7.37
C SER B 2 -6.46 11.98 6.70
N TYR B 3 -5.69 11.10 6.05
CA TYR B 3 -6.21 9.89 5.48
C TYR B 3 -6.51 8.86 6.57
N SER B 4 -7.27 7.82 6.23
CA SER B 4 -7.59 6.72 7.12
C SER B 4 -7.84 5.47 6.27
N PRO B 5 -7.20 4.34 6.61
CA PRO B 5 -7.43 3.06 5.95
C PRO B 5 -8.73 2.42 6.44
N TPO B 6 -9.29 2.97 7.53
CA TPO B 6 -10.44 2.37 8.21
CB TPO B 6 -10.31 2.60 9.73
CG2 TPO B 6 -11.26 1.66 10.46
OG1 TPO B 6 -8.98 2.37 10.14
P TPO B 6 -8.27 3.37 11.17
O1P TPO B 6 -6.95 2.77 11.39
O2P TPO B 6 -8.26 4.66 10.43
O3P TPO B 6 -9.17 3.34 12.34
C TPO B 6 -11.75 2.96 7.70
O TPO B 6 -12.72 2.22 7.54
H TPO B 6 -8.91 3.82 7.90
HA TPO B 6 -10.44 1.30 8.03
HB TPO B 6 -10.57 3.63 9.95
HG21 TPO B 6 -11.17 1.83 11.54
HG22 TPO B 6 -11.01 0.63 10.24
HG23 TPO B 6 -12.29 1.87 10.16
N SER B 7 -11.80 4.26 7.44
CA SER B 7 -13.01 4.93 7.01
C SER B 7 -13.57 4.38 5.69
N PRO B 8 -12.73 4.05 4.69
CA PRO B 8 -13.16 3.43 3.45
C PRO B 8 -13.83 2.07 3.69
N SER B 9 -14.47 1.53 2.65
CA SER B 9 -15.16 0.24 2.72
C SER B 9 -15.18 -0.41 1.34
N TYR B 10 -15.69 -1.65 1.27
CA TYR B 10 -15.72 -2.41 0.03
C TYR B 10 -16.98 -3.30 -0.07
N SER B 11 -17.81 -3.32 0.97
CA SER B 11 -18.97 -4.18 1.00
C SER B 11 -19.93 -3.77 2.11
N PRO B 12 -21.24 -4.03 1.95
CA PRO B 12 -22.23 -3.86 3.00
C PRO B 12 -22.05 -4.93 4.08
N THR B 13 -20.86 -4.97 4.70
CA THR B 13 -20.47 -5.91 5.74
C THR B 13 -20.44 -7.37 5.28
N SER B 14 -21.00 -7.67 4.11
CA SER B 14 -20.97 -9.03 3.58
C SER B 14 -19.54 -9.39 3.14
N PRO B 15 -19.11 -10.65 3.32
CA PRO B 15 -17.80 -11.08 2.89
C PRO B 15 -17.76 -11.08 1.36
N SER B 16 -16.64 -10.60 0.80
CA SER B 16 -16.42 -10.54 -0.64
C SER B 16 -14.95 -10.21 -0.90
N MET A 1 5.39 11.77 -18.44
CA MET A 1 4.67 11.31 -19.65
C MET A 1 3.50 10.43 -19.26
N ALA A 2 2.58 10.17 -20.20
CA ALA A 2 1.41 9.34 -19.94
C ALA A 2 1.74 7.86 -20.11
N PHE A 3 1.14 7.02 -19.26
CA PHE A 3 1.26 5.57 -19.27
C PHE A 3 2.72 5.07 -19.28
N SER A 4 3.65 5.96 -18.93
CA SER A 4 5.07 5.66 -18.85
C SER A 4 5.40 4.94 -17.55
N SER A 5 6.63 4.45 -17.44
CA SER A 5 7.16 3.88 -16.21
C SER A 5 7.63 5.03 -15.31
N GLU A 6 6.81 6.09 -15.20
CA GLU A 6 7.18 7.31 -14.51
C GLU A 6 5.97 8.14 -14.10
N GLN A 7 4.82 8.03 -14.79
CA GLN A 7 3.67 8.83 -14.42
C GLN A 7 3.29 8.59 -12.97
N PHE A 8 2.90 7.36 -12.62
CA PHE A 8 2.55 7.03 -11.25
C PHE A 8 3.70 7.39 -10.30
N THR A 9 4.94 7.28 -10.80
CA THR A 9 6.11 7.53 -9.98
C THR A 9 6.14 9.02 -9.61
N THR A 10 5.92 9.89 -10.61
CA THR A 10 5.91 11.31 -10.34
C THR A 10 4.81 11.66 -9.35
N LYS A 11 3.70 10.91 -9.37
CA LYS A 11 2.62 11.12 -8.43
C LYS A 11 3.14 10.95 -7.01
N LEU A 12 3.89 9.87 -6.75
CA LEU A 12 4.48 9.62 -5.44
C LEU A 12 5.29 10.82 -4.99
N ASN A 13 6.03 11.44 -5.92
CA ASN A 13 6.85 12.59 -5.59
C ASN A 13 6.03 13.87 -5.43
N THR A 14 4.70 13.82 -5.56
CA THR A 14 3.86 14.99 -5.34
C THR A 14 2.63 14.69 -4.48
N LEU A 15 2.60 13.55 -3.79
CA LEU A 15 1.52 13.24 -2.88
C LEU A 15 1.55 14.16 -1.65
N GLU A 16 0.42 14.22 -0.93
CA GLU A 16 0.29 15.00 0.29
C GLU A 16 -0.35 14.12 1.36
N ASP A 17 0.00 14.36 2.64
CA ASP A 17 -0.41 13.55 3.77
C ASP A 17 -1.89 13.72 4.13
N SER A 18 -2.78 13.84 3.13
CA SER A 18 -4.19 14.04 3.40
C SER A 18 -5.07 13.37 2.36
N GLN A 19 -6.25 12.92 2.79
CA GLN A 19 -7.17 12.14 1.97
C GLN A 19 -7.63 12.90 0.72
N GLU A 20 -7.58 14.24 0.73
CA GLU A 20 -8.00 15.00 -0.44
C GLU A 20 -7.06 14.71 -1.60
N SER A 21 -5.77 14.99 -1.41
CA SER A 21 -4.78 14.76 -2.44
C SER A 21 -4.59 13.27 -2.71
N ILE A 22 -4.62 12.44 -1.66
CA ILE A 22 -4.50 11.01 -1.86
C ILE A 22 -5.67 10.51 -2.71
N SER A 23 -6.88 11.04 -2.48
CA SER A 23 -8.05 10.64 -3.24
C SER A 23 -7.86 10.99 -4.72
N SER A 24 -7.33 12.18 -5.01
CA SER A 24 -7.13 12.61 -6.39
C SER A 24 -6.15 11.68 -7.11
N ALA A 25 -5.06 11.32 -6.42
CA ALA A 25 -4.04 10.44 -6.99
C ALA A 25 -4.60 9.02 -7.09
N SER A 26 -5.44 8.61 -6.13
CA SER A 26 -6.02 7.29 -6.10
C SER A 26 -7.03 7.12 -7.23
N LYS A 27 -8.00 8.03 -7.35
CA LYS A 27 -9.05 7.93 -8.35
C LYS A 27 -8.45 7.96 -9.76
N TRP A 28 -7.44 8.78 -9.98
CA TRP A 28 -6.75 8.78 -11.26
C TRP A 28 -6.12 7.41 -11.52
N LEU A 29 -5.30 6.95 -10.57
CA LEU A 29 -4.58 5.71 -10.77
C LEU A 29 -5.59 4.58 -11.00
N LEU A 30 -6.74 4.66 -10.33
CA LEU A 30 -7.83 3.72 -10.48
C LEU A 30 -8.38 3.73 -11.91
N LEU A 31 -8.39 4.89 -12.58
CA LEU A 31 -8.83 4.97 -13.97
C LEU A 31 -7.90 4.17 -14.89
N GLN A 32 -6.59 4.19 -14.64
CA GLN A 32 -5.68 3.37 -15.44
C GLN A 32 -5.33 2.07 -14.74
N TYR A 33 -6.36 1.30 -14.36
CA TYR A 33 -6.17 0.01 -13.70
C TYR A 33 -5.36 -0.98 -14.52
N ARG A 34 -5.15 -0.74 -15.82
CA ARG A 34 -4.34 -1.62 -16.63
C ARG A 34 -2.87 -1.48 -16.27
N ASP A 35 -2.48 -0.36 -15.66
CA ASP A 35 -1.11 -0.15 -15.24
C ASP A 35 -0.82 -0.87 -13.93
N ALA A 36 -1.84 -1.44 -13.30
CA ALA A 36 -1.78 -2.05 -11.98
C ALA A 36 -0.55 -2.91 -11.71
N PRO A 37 -0.18 -3.88 -12.57
CA PRO A 37 0.96 -4.73 -12.31
C PRO A 37 2.26 -3.95 -12.34
N LYS A 38 2.36 -2.98 -13.27
CA LYS A 38 3.55 -2.18 -13.42
C LYS A 38 3.67 -1.17 -12.29
N VAL A 39 2.58 -0.46 -11.99
CA VAL A 39 2.56 0.51 -10.92
C VAL A 39 2.87 -0.16 -9.59
N ALA A 40 2.38 -1.39 -9.36
CA ALA A 40 2.72 -2.10 -8.15
C ALA A 40 4.23 -2.37 -8.10
N GLU A 41 4.80 -2.77 -9.24
CA GLU A 41 6.23 -3.03 -9.35
C GLU A 41 7.03 -1.77 -9.06
N MET A 42 6.76 -0.67 -9.79
CA MET A 42 7.48 0.58 -9.60
C MET A 42 7.24 1.14 -8.20
N TRP A 43 6.02 0.97 -7.69
CA TRP A 43 5.69 1.45 -6.36
C TRP A 43 6.62 0.85 -5.33
N LYS A 44 6.75 -0.48 -5.30
CA LYS A 44 7.60 -1.12 -4.32
C LYS A 44 9.04 -0.65 -4.46
N GLU A 45 9.60 -0.75 -5.66
CA GLU A 45 10.98 -0.37 -5.88
C GLU A 45 11.22 1.08 -5.45
N TYR A 46 10.23 1.96 -5.64
CA TYR A 46 10.35 3.33 -5.18
C TYR A 46 10.43 3.40 -3.66
N MET A 47 9.58 2.65 -2.96
CA MET A 47 9.56 2.65 -1.50
C MET A 47 10.84 2.03 -0.93
N LEU A 48 11.29 0.92 -1.52
CA LEU A 48 12.48 0.22 -1.06
C LEU A 48 13.74 1.02 -1.34
N ARG A 49 13.70 1.94 -2.32
CA ARG A 49 14.87 2.72 -2.66
C ARG A 49 15.27 3.66 -1.51
N PRO A 50 16.58 3.81 -1.26
CA PRO A 50 17.10 4.64 -0.18
C PRO A 50 16.95 6.12 -0.49
N SER A 51 16.70 6.45 -1.76
CA SER A 51 16.51 7.84 -2.19
C SER A 51 15.11 8.34 -1.86
N VAL A 52 14.33 7.53 -1.12
CA VAL A 52 13.00 7.90 -0.68
C VAL A 52 12.92 7.83 0.84
N ASN A 53 12.16 8.76 1.43
CA ASN A 53 12.07 8.95 2.87
C ASN A 53 10.74 8.44 3.44
N THR A 54 10.68 8.33 4.78
CA THR A 54 9.52 7.84 5.49
C THR A 54 8.25 8.60 5.15
N ARG A 55 8.32 9.91 4.92
CA ARG A 55 7.13 10.67 4.54
C ARG A 55 6.61 10.18 3.19
N ARG A 56 7.50 10.09 2.21
CA ARG A 56 7.14 9.68 0.87
C ARG A 56 6.62 8.24 0.87
N LYS A 57 7.13 7.43 1.81
CA LYS A 57 6.65 6.07 2.02
C LYS A 57 5.31 6.07 2.75
N LEU A 58 5.10 6.98 3.70
CA LEU A 58 3.82 7.06 4.38
C LEU A 58 2.74 7.42 3.36
N LEU A 59 3.07 8.33 2.44
CA LEU A 59 2.21 8.73 1.35
C LEU A 59 1.96 7.56 0.41
N GLY A 60 3.00 6.77 0.10
CA GLY A 60 2.86 5.62 -0.77
C GLY A 60 1.97 4.56 -0.11
N LEU A 61 2.17 4.35 1.20
CA LEU A 61 1.36 3.45 2.00
C LEU A 61 -0.11 3.86 1.98
N TYR A 62 -0.39 5.15 2.19
CA TYR A 62 -1.76 5.65 2.17
C TYR A 62 -2.36 5.54 0.77
N LEU A 63 -1.59 5.88 -0.27
CA LEU A 63 -2.10 5.83 -1.63
C LEU A 63 -2.46 4.39 -1.99
N MET A 64 -1.49 3.46 -1.90
CA MET A 64 -1.74 2.08 -2.26
C MET A 64 -2.89 1.52 -1.43
N ASN A 65 -2.97 1.87 -0.14
CA ASN A 65 -4.02 1.36 0.73
C ASN A 65 -5.38 1.78 0.21
N HIS A 66 -5.52 3.03 -0.23
CA HIS A 66 -6.79 3.50 -0.78
C HIS A 66 -7.07 2.78 -2.10
N VAL A 67 -6.03 2.62 -2.93
CA VAL A 67 -6.17 1.98 -4.23
C VAL A 67 -6.63 0.53 -4.07
N VAL A 68 -5.92 -0.30 -3.30
CA VAL A 68 -6.26 -1.71 -3.15
C VAL A 68 -7.62 -1.87 -2.47
N GLN A 69 -7.94 -1.00 -1.51
CA GLN A 69 -9.19 -1.06 -0.78
C GLN A 69 -10.36 -0.75 -1.71
N GLN A 70 -10.28 0.36 -2.45
CA GLN A 70 -11.31 0.75 -3.38
C GLN A 70 -11.36 -0.22 -4.56
N ALA A 71 -10.21 -0.81 -4.91
CA ALA A 71 -10.14 -1.79 -5.98
C ALA A 71 -10.98 -3.01 -5.64
N LYS A 72 -10.82 -3.56 -4.42
CA LYS A 72 -11.62 -4.69 -4.00
C LYS A 72 -13.09 -4.32 -4.04
N GLY A 73 -13.42 -3.11 -3.58
CA GLY A 73 -14.80 -2.63 -3.56
C GLY A 73 -15.42 -2.61 -4.96
N GLN A 74 -14.72 -2.02 -5.93
CA GLN A 74 -15.23 -1.91 -7.29
C GLN A 74 -14.97 -3.20 -8.10
N LYS A 75 -14.45 -4.24 -7.43
CA LYS A 75 -14.23 -5.57 -8.00
C LYS A 75 -13.14 -5.59 -9.08
N ILE A 76 -12.05 -4.88 -8.86
CA ILE A 76 -10.93 -4.83 -9.80
C ILE A 76 -9.70 -5.48 -9.17
N ILE A 77 -9.63 -6.81 -9.31
CA ILE A 77 -8.55 -7.60 -8.75
C ILE A 77 -7.17 -7.19 -9.25
N GLN A 78 -7.07 -6.49 -10.38
CA GLN A 78 -5.76 -6.21 -10.97
C GLN A 78 -4.85 -5.50 -9.95
N PHE A 79 -5.42 -4.55 -9.21
CA PHE A 79 -4.69 -3.79 -8.21
C PHE A 79 -4.32 -4.66 -7.03
N GLN A 80 -5.32 -5.15 -6.30
CA GLN A 80 -5.09 -5.93 -5.10
C GLN A 80 -4.22 -7.16 -5.42
N ASP A 81 -4.30 -7.69 -6.63
CA ASP A 81 -3.49 -8.82 -7.03
C ASP A 81 -2.03 -8.42 -7.12
N SER A 82 -1.73 -7.33 -7.85
CA SER A 82 -0.37 -6.86 -8.06
C SER A 82 0.20 -6.21 -6.80
N PHE A 83 -0.52 -5.22 -6.26
CA PHE A 83 -0.10 -4.48 -5.08
C PHE A 83 0.07 -5.39 -3.88
N GLY A 84 -0.78 -6.41 -3.74
CA GLY A 84 -0.72 -7.32 -2.63
C GLY A 84 0.66 -7.96 -2.48
N LYS A 85 1.22 -8.49 -3.57
CA LYS A 85 2.48 -9.23 -3.51
C LYS A 85 3.60 -8.32 -3.05
N VAL A 86 3.68 -7.13 -3.65
CA VAL A 86 4.68 -6.13 -3.34
C VAL A 86 4.42 -5.46 -2.00
N ALA A 87 3.19 -5.55 -1.48
CA ALA A 87 2.85 -4.96 -0.20
C ALA A 87 3.65 -5.59 0.94
N ALA A 88 3.69 -6.92 1.04
CA ALA A 88 4.44 -7.62 2.06
C ALA A 88 5.89 -7.16 2.06
N GLU A 89 6.46 -6.98 0.87
CA GLU A 89 7.81 -6.46 0.73
C GLU A 89 7.85 -5.05 1.32
N VAL A 90 7.20 -4.08 0.66
CA VAL A 90 7.23 -2.69 1.08
C VAL A 90 6.91 -2.54 2.56
N LEU A 91 5.68 -2.88 2.96
CA LEU A 91 5.19 -2.66 4.31
C LEU A 91 6.16 -3.26 5.32
N GLY A 92 6.64 -4.46 5.05
CA GLY A 92 7.62 -5.12 5.89
C GLY A 92 8.98 -4.41 5.99
N ARG A 93 9.44 -3.76 4.91
CA ARG A 93 10.72 -3.04 4.93
C ARG A 93 10.56 -1.63 5.48
N ILE A 94 9.48 -0.94 5.10
CA ILE A 94 9.22 0.39 5.66
C ILE A 94 8.94 0.26 7.15
N ASN A 95 8.52 -0.92 7.62
CA ASN A 95 8.31 -1.18 9.03
C ASN A 95 9.64 -1.22 9.78
N GLN A 96 10.74 -1.33 9.03
CA GLN A 96 12.09 -1.33 9.60
C GLN A 96 12.69 0.08 9.54
N GLU A 97 12.05 0.97 8.77
CA GLU A 97 12.52 2.33 8.57
C GLU A 97 11.61 3.33 9.27
N PHE A 98 10.32 3.01 9.39
CA PHE A 98 9.35 3.90 10.01
C PHE A 98 9.66 3.99 11.51
N PRO A 99 9.58 5.19 12.09
CA PRO A 99 9.70 5.38 13.52
C PRO A 99 8.48 4.75 14.19
N ARG A 100 8.55 4.57 15.50
CA ARG A 100 7.51 3.89 16.25
C ARG A 100 6.12 4.41 15.91
N ASP A 101 5.99 5.71 15.65
CA ASP A 101 4.69 6.30 15.37
C ASP A 101 4.13 5.95 14.00
N LEU A 102 4.93 6.06 12.92
CA LEU A 102 4.43 5.71 11.61
C LEU A 102 4.19 4.21 11.52
N LYS A 103 5.02 3.45 12.24
CA LYS A 103 4.81 2.01 12.37
C LYS A 103 3.44 1.72 12.95
N LYS A 104 3.00 2.49 13.96
CA LYS A 104 1.65 2.34 14.49
C LYS A 104 0.62 2.59 13.39
N LYS A 105 0.83 3.62 12.55
CA LYS A 105 -0.12 3.92 11.48
C LYS A 105 -0.17 2.76 10.48
N LEU A 106 1.00 2.26 10.07
CA LEU A 106 1.06 1.09 9.21
C LEU A 106 0.44 -0.12 9.88
N SER A 107 0.68 -0.28 11.19
CA SER A 107 0.15 -1.44 11.88
C SER A 107 -1.36 -1.49 11.69
N ARG A 108 -2.05 -0.35 11.79
CA ARG A 108 -3.48 -0.33 11.53
C ARG A 108 -3.72 -0.77 10.09
N VAL A 109 -2.97 -0.20 9.14
CA VAL A 109 -3.13 -0.51 7.72
C VAL A 109 -3.06 -2.01 7.49
N VAL A 110 -2.05 -2.69 8.02
CA VAL A 110 -1.94 -4.14 7.86
C VAL A 110 -3.15 -4.86 8.43
N ASN A 111 -3.60 -4.52 9.65
CA ASN A 111 -4.78 -5.17 10.23
C ASN A 111 -6.01 -4.97 9.37
N ILE A 112 -6.41 -3.71 9.12
CA ILE A 112 -7.64 -3.47 8.38
C ILE A 112 -7.59 -4.19 7.04
N LEU A 113 -6.39 -4.37 6.48
CA LEU A 113 -6.25 -5.05 5.21
C LEU A 113 -6.63 -6.53 5.31
N LYS A 114 -6.08 -7.25 6.28
CA LYS A 114 -6.36 -8.68 6.45
C LYS A 114 -7.74 -8.92 7.03
N GLU A 115 -8.27 -7.96 7.80
CA GLU A 115 -9.61 -8.04 8.34
C GLU A 115 -10.63 -8.08 7.21
N ARG A 116 -10.45 -7.21 6.23
CA ARG A 116 -11.31 -7.15 5.05
C ARG A 116 -10.72 -7.95 3.89
N ASN A 117 -9.56 -8.58 4.14
CA ASN A 117 -8.95 -9.54 3.22
C ASN A 117 -8.77 -8.94 1.83
N ILE A 118 -8.11 -7.79 1.74
CA ILE A 118 -7.94 -7.12 0.47
C ILE A 118 -7.05 -7.95 -0.46
N PHE A 119 -6.10 -8.69 0.12
CA PHE A 119 -5.23 -9.58 -0.63
C PHE A 119 -5.57 -11.04 -0.29
N SER A 120 -4.83 -11.98 -0.89
CA SER A 120 -5.06 -13.40 -0.67
C SER A 120 -4.50 -13.79 0.69
N LYS A 121 -5.01 -14.88 1.28
CA LYS A 121 -4.57 -15.32 2.59
C LYS A 121 -3.05 -15.49 2.66
N GLN A 122 -2.44 -15.89 1.55
CA GLN A 122 -1.00 -16.04 1.49
C GLN A 122 -0.34 -14.67 1.62
N VAL A 123 -0.82 -13.70 0.83
CA VAL A 123 -0.30 -12.36 0.85
C VAL A 123 -0.50 -11.73 2.22
N VAL A 124 -1.68 -11.96 2.82
CA VAL A 124 -1.97 -11.51 4.17
C VAL A 124 -0.88 -11.97 5.13
N ASN A 125 -0.66 -13.30 5.19
CA ASN A 125 0.35 -13.85 6.08
C ASN A 125 1.74 -13.35 5.69
N ASP A 126 2.04 -13.26 4.39
CA ASP A 126 3.33 -12.77 3.95
C ASP A 126 3.64 -11.39 4.51
N ILE A 127 2.65 -10.49 4.53
CA ILE A 127 2.83 -9.18 5.13
C ILE A 127 3.14 -9.32 6.62
N GLU A 128 2.43 -10.19 7.35
CA GLU A 128 2.60 -10.30 8.79
C GLU A 128 3.99 -10.87 9.11
N ARG A 129 4.45 -11.84 8.32
CA ARG A 129 5.76 -12.43 8.52
C ARG A 129 6.86 -11.46 8.15
N SER A 130 6.59 -10.55 7.21
CA SER A 130 7.58 -9.60 6.76
C SER A 130 7.87 -8.59 7.87
N LEU A 131 6.79 -8.00 8.42
CA LEU A 131 6.87 -7.12 9.57
C LEU A 131 7.54 -7.84 10.74
N ALA A 132 7.18 -9.10 10.97
CA ALA A 132 7.75 -9.90 12.05
C ALA A 132 9.24 -10.17 11.83
N ALA A 133 9.64 -10.46 10.59
CA ALA A 133 11.03 -10.71 10.26
C ALA A 133 11.90 -9.47 10.47
N ALA A 134 11.28 -8.28 10.55
CA ALA A 134 12.00 -7.05 10.79
C ALA A 134 12.65 -7.03 12.17
N LEU A 135 12.09 -7.80 13.10
CA LEU A 135 12.62 -7.95 14.45
C LEU A 135 12.88 -9.43 14.78
N GLU A 136 12.74 -10.29 13.76
CA GLU A 136 13.04 -11.72 13.86
C GLU A 136 12.08 -12.44 14.80
N HIS A 137 10.91 -11.84 15.04
CA HIS A 137 9.87 -12.48 15.84
C HIS A 137 9.20 -13.56 15.01
N HIS A 138 8.84 -14.67 15.66
CA HIS A 138 8.30 -15.84 14.96
C HIS A 138 6.77 -15.83 14.90
N HIS A 139 6.13 -14.82 15.47
CA HIS A 139 4.69 -14.63 15.39
C HIS A 139 3.92 -15.90 15.78
N HIS A 140 4.26 -16.48 16.93
CA HIS A 140 3.55 -17.64 17.47
C HIS A 140 2.16 -17.27 17.95
N HIS A 141 1.28 -16.89 17.02
CA HIS A 141 -0.09 -16.45 17.26
C HIS A 141 -0.16 -15.19 18.12
N HIS A 142 0.99 -14.61 18.45
CA HIS A 142 1.13 -13.41 19.27
C HIS A 142 2.21 -12.52 18.67
N PRO B 1 -8.26 17.18 5.85
CA PRO B 1 -6.86 16.79 6.10
C PRO B 1 -6.76 15.39 6.69
N SER B 2 -5.53 14.87 6.79
CA SER B 2 -5.25 13.53 7.29
C SER B 2 -5.92 12.45 6.44
N TYR B 3 -5.65 11.18 6.75
CA TYR B 3 -6.21 10.04 6.03
C TYR B 3 -6.67 8.97 7.02
N SER B 4 -7.49 8.02 6.53
CA SER B 4 -8.02 6.94 7.32
C SER B 4 -8.08 5.68 6.46
N PRO B 5 -7.20 4.70 6.72
CA PRO B 5 -7.23 3.41 6.06
C PRO B 5 -8.53 2.66 6.30
N TPO B 6 -9.28 3.06 7.33
CA TPO B 6 -10.51 2.38 7.73
CB TPO B 6 -10.61 2.37 9.27
CG2 TPO B 6 -11.54 1.23 9.69
OG1 TPO B 6 -9.33 2.13 9.85
P TPO B 6 -8.52 3.30 10.59
O1P TPO B 6 -9.14 3.34 11.94
O2P TPO B 6 -7.13 2.82 10.56
O3P TPO B 6 -8.77 4.50 9.76
C TPO B 6 -11.71 3.06 7.09
O TPO B 6 -12.67 3.42 7.77
H TPO B 6 -9.00 3.86 7.87
HA TPO B 6 -10.48 1.36 7.38
HB TPO B 6 -10.99 3.31 9.63
HG21 TPO B 6 -11.61 1.22 10.78
HG22 TPO B 6 -11.15 0.28 9.35
HG23 TPO B 6 -12.53 1.39 9.28
N SER B 7 -11.67 3.23 5.76
CA SER B 7 -12.75 3.87 5.04
C SER B 7 -13.95 2.93 4.93
N PRO B 8 -15.15 3.48 4.76
CA PRO B 8 -16.39 2.71 4.70
C PRO B 8 -16.51 1.92 3.39
N SER B 9 -15.55 2.07 2.47
CA SER B 9 -15.59 1.33 1.21
C SER B 9 -15.24 -0.13 1.46
N TYR B 10 -16.15 -1.03 1.11
CA TYR B 10 -16.08 -2.47 1.36
C TYR B 10 -16.03 -2.77 2.87
N SER B 11 -16.52 -3.95 3.28
CA SER B 11 -16.63 -4.27 4.70
C SER B 11 -16.61 -5.76 5.06
N PRO B 12 -17.19 -6.68 4.28
CA PRO B 12 -17.29 -8.08 4.70
C PRO B 12 -15.95 -8.78 4.66
N THR B 13 -15.82 -9.88 5.40
CA THR B 13 -14.61 -10.68 5.45
C THR B 13 -14.52 -11.63 4.25
N SER B 14 -15.29 -11.35 3.20
CA SER B 14 -15.32 -12.16 1.99
C SER B 14 -13.97 -12.15 1.30
N PRO B 15 -13.59 -13.25 0.62
CA PRO B 15 -12.35 -13.35 -0.13
C PRO B 15 -12.37 -12.47 -1.38
N SER B 16 -13.51 -11.81 -1.64
CA SER B 16 -13.70 -10.91 -2.75
C SER B 16 -14.62 -9.76 -2.35
N MET A 1 4.06 11.26 -18.34
CA MET A 1 4.09 10.82 -19.75
C MET A 1 3.01 9.75 -19.96
N ALA A 2 3.09 9.01 -21.07
CA ALA A 2 2.21 7.89 -21.34
C ALA A 2 2.51 6.74 -20.37
N PHE A 3 1.79 5.62 -20.48
CA PHE A 3 2.01 4.48 -19.61
C PHE A 3 3.46 4.03 -19.68
N SER A 4 4.16 4.21 -18.57
CA SER A 4 5.57 3.93 -18.43
C SER A 4 5.92 3.96 -16.95
N SER A 5 7.18 3.67 -16.60
CA SER A 5 7.65 3.65 -15.22
C SER A 5 7.76 5.08 -14.66
N GLU A 6 6.79 5.95 -14.93
CA GLU A 6 6.94 7.36 -14.59
C GLU A 6 5.64 8.05 -14.19
N GLN A 7 4.50 7.67 -14.77
CA GLN A 7 3.26 8.39 -14.48
C GLN A 7 3.03 8.39 -12.97
N PHE A 8 2.69 7.20 -12.49
CA PHE A 8 2.46 6.95 -11.09
C PHE A 8 3.68 7.37 -10.27
N THR A 9 4.88 7.30 -10.85
CA THR A 9 6.09 7.65 -10.13
C THR A 9 6.05 9.14 -9.78
N THR A 10 5.74 9.97 -10.78
CA THR A 10 5.69 11.41 -10.56
C THR A 10 4.63 11.72 -9.51
N LYS A 11 3.55 10.92 -9.46
CA LYS A 11 2.52 11.10 -8.46
C LYS A 11 3.12 10.96 -7.06
N LEU A 12 3.93 9.92 -6.84
CA LEU A 12 4.56 9.68 -5.55
C LEU A 12 5.34 10.91 -5.11
N ASN A 13 6.00 11.57 -6.06
CA ASN A 13 6.79 12.76 -5.77
C ASN A 13 5.92 14.00 -5.55
N THR A 14 4.59 13.86 -5.61
CA THR A 14 3.69 14.98 -5.32
C THR A 14 2.51 14.57 -4.42
N LEU A 15 2.59 13.43 -3.73
CA LEU A 15 1.54 13.00 -2.82
C LEU A 15 1.55 13.78 -1.50
N GLU A 16 0.54 13.50 -0.67
CA GLU A 16 0.39 14.02 0.68
C GLU A 16 -0.41 12.98 1.46
N ASP A 17 -0.19 12.84 2.77
CA ASP A 17 -0.81 11.76 3.53
C ASP A 17 -2.22 12.13 3.99
N SER A 18 -2.93 12.91 3.19
CA SER A 18 -4.29 13.33 3.50
C SER A 18 -5.22 12.87 2.38
N GLN A 19 -6.45 12.48 2.76
CA GLN A 19 -7.40 11.90 1.82
C GLN A 19 -7.69 12.84 0.65
N GLU A 20 -7.46 14.14 0.81
CA GLU A 20 -7.61 15.08 -0.29
C GLU A 20 -6.70 14.67 -1.43
N SER A 21 -5.39 14.73 -1.18
CA SER A 21 -4.38 14.40 -2.16
C SER A 21 -4.44 12.91 -2.52
N ILE A 22 -4.65 12.06 -1.52
CA ILE A 22 -4.68 10.61 -1.74
C ILE A 22 -5.84 10.24 -2.66
N SER A 23 -7.06 10.70 -2.36
CA SER A 23 -8.22 10.32 -3.16
C SER A 23 -8.09 10.86 -4.58
N SER A 24 -7.48 12.03 -4.76
CA SER A 24 -7.32 12.60 -6.09
C SER A 24 -6.38 11.74 -6.94
N ALA A 25 -5.23 11.34 -6.37
CA ALA A 25 -4.29 10.49 -7.07
C ALA A 25 -4.86 9.08 -7.19
N SER A 26 -5.67 8.65 -6.21
CA SER A 26 -6.25 7.32 -6.19
C SER A 26 -7.29 7.17 -7.29
N LYS A 27 -8.24 8.10 -7.38
CA LYS A 27 -9.27 8.02 -8.40
C LYS A 27 -8.63 8.05 -9.79
N TRP A 28 -7.60 8.89 -9.98
CA TRP A 28 -6.89 8.89 -11.25
C TRP A 28 -6.27 7.52 -11.51
N LEU A 29 -5.46 7.05 -10.56
CA LEU A 29 -4.74 5.81 -10.75
C LEU A 29 -5.73 4.69 -11.02
N LEU A 30 -6.90 4.74 -10.36
CA LEU A 30 -7.98 3.80 -10.54
C LEU A 30 -8.50 3.81 -11.97
N LEU A 31 -8.50 4.98 -12.64
CA LEU A 31 -8.92 5.07 -14.02
C LEU A 31 -7.97 4.28 -14.93
N GLN A 32 -6.66 4.28 -14.62
CA GLN A 32 -5.74 3.46 -15.40
C GLN A 32 -5.35 2.16 -14.70
N TYR A 33 -6.35 1.35 -14.32
CA TYR A 33 -6.11 0.05 -13.72
C TYR A 33 -5.34 -0.88 -14.66
N ARG A 34 -5.22 -0.50 -15.94
CA ARG A 34 -4.44 -1.22 -16.93
C ARG A 34 -2.96 -1.28 -16.51
N ASP A 35 -2.49 -0.23 -15.81
CA ASP A 35 -1.11 -0.10 -15.37
C ASP A 35 -0.90 -0.73 -14.00
N ALA A 36 -1.94 -1.34 -13.42
CA ALA A 36 -1.90 -1.90 -12.08
C ALA A 36 -0.62 -2.70 -11.76
N PRO A 37 -0.19 -3.66 -12.60
CA PRO A 37 0.98 -4.45 -12.29
C PRO A 37 2.26 -3.61 -12.37
N LYS A 38 2.33 -2.70 -13.35
CA LYS A 38 3.49 -1.84 -13.52
C LYS A 38 3.57 -0.81 -12.39
N VAL A 39 2.42 -0.32 -11.95
CA VAL A 39 2.36 0.65 -10.89
C VAL A 39 2.76 0.01 -9.58
N ALA A 40 2.28 -1.21 -9.30
CA ALA A 40 2.67 -1.93 -8.09
C ALA A 40 4.17 -2.20 -8.12
N GLU A 41 4.72 -2.51 -9.30
CA GLU A 41 6.15 -2.74 -9.48
C GLU A 41 6.95 -1.50 -9.13
N MET A 42 6.72 -0.39 -9.85
CA MET A 42 7.48 0.83 -9.60
C MET A 42 7.23 1.33 -8.18
N TRP A 43 6.02 1.11 -7.66
CA TRP A 43 5.68 1.55 -6.32
C TRP A 43 6.64 0.95 -5.31
N LYS A 44 6.76 -0.38 -5.29
CA LYS A 44 7.64 -1.03 -4.34
C LYS A 44 9.08 -0.58 -4.51
N GLU A 45 9.60 -0.68 -5.73
CA GLU A 45 10.98 -0.31 -5.98
C GLU A 45 11.25 1.13 -5.56
N TYR A 46 10.29 2.04 -5.75
CA TYR A 46 10.44 3.41 -5.27
C TYR A 46 10.56 3.44 -3.74
N MET A 47 9.74 2.68 -3.02
CA MET A 47 9.78 2.68 -1.56
C MET A 47 11.07 2.03 -1.05
N LEU A 48 11.45 0.89 -1.63
CA LEU A 48 12.62 0.16 -1.20
C LEU A 48 13.90 0.91 -1.54
N ARG A 49 13.84 1.85 -2.49
CA ARG A 49 15.03 2.62 -2.86
C ARG A 49 15.49 3.51 -1.70
N PRO A 50 16.81 3.61 -1.49
CA PRO A 50 17.39 4.39 -0.41
C PRO A 50 17.26 5.89 -0.66
N SER A 51 16.95 6.27 -1.91
CA SER A 51 16.76 7.67 -2.26
C SER A 51 15.38 8.18 -1.87
N VAL A 52 14.60 7.37 -1.13
CA VAL A 52 13.29 7.75 -0.66
C VAL A 52 13.23 7.66 0.86
N ASN A 53 12.55 8.63 1.50
CA ASN A 53 12.49 8.78 2.94
C ASN A 53 11.14 8.29 3.49
N THR A 54 11.07 8.14 4.82
CA THR A 54 9.90 7.67 5.53
C THR A 54 8.65 8.45 5.19
N ARG A 55 8.72 9.78 5.09
CA ARG A 55 7.58 10.59 4.76
C ARG A 55 6.97 10.15 3.44
N ARG A 56 7.80 10.04 2.40
CA ARG A 56 7.37 9.70 1.05
C ARG A 56 6.81 8.27 1.04
N LYS A 57 7.41 7.40 1.85
CA LYS A 57 6.96 6.03 2.00
C LYS A 57 5.60 5.97 2.68
N LEU A 58 5.32 6.88 3.62
CA LEU A 58 4.00 6.95 4.24
C LEU A 58 2.96 7.34 3.20
N LEU A 59 3.32 8.24 2.27
CA LEU A 59 2.39 8.67 1.23
C LEU A 59 2.01 7.48 0.36
N GLY A 60 3.00 6.67 -0.02
CA GLY A 60 2.77 5.51 -0.86
C GLY A 60 1.93 4.46 -0.14
N LEU A 61 2.16 4.29 1.17
CA LEU A 61 1.40 3.36 1.99
C LEU A 61 -0.09 3.72 1.99
N TYR A 62 -0.40 5.00 2.24
CA TYR A 62 -1.78 5.45 2.25
C TYR A 62 -2.41 5.41 0.86
N LEU A 63 -1.64 5.78 -0.18
CA LEU A 63 -2.19 5.78 -1.53
C LEU A 63 -2.56 4.37 -1.94
N MET A 64 -1.60 3.44 -1.90
CA MET A 64 -1.85 2.08 -2.34
C MET A 64 -2.98 1.48 -1.52
N ASN A 65 -3.06 1.79 -0.22
CA ASN A 65 -4.12 1.26 0.63
C ASN A 65 -5.49 1.65 0.11
N HIS A 66 -5.66 2.92 -0.30
CA HIS A 66 -6.94 3.36 -0.83
C HIS A 66 -7.19 2.68 -2.17
N VAL A 67 -6.16 2.54 -2.99
CA VAL A 67 -6.28 1.93 -4.30
C VAL A 67 -6.72 0.48 -4.18
N VAL A 68 -6.02 -0.33 -3.39
CA VAL A 68 -6.34 -1.74 -3.26
C VAL A 68 -7.71 -1.94 -2.60
N GLN A 69 -8.06 -1.06 -1.66
CA GLN A 69 -9.35 -1.14 -0.98
C GLN A 69 -10.48 -0.85 -1.95
N GLN A 70 -10.37 0.25 -2.70
CA GLN A 70 -11.39 0.63 -3.66
C GLN A 70 -11.42 -0.35 -4.82
N ALA A 71 -10.27 -0.98 -5.12
CA ALA A 71 -10.19 -2.00 -6.14
C ALA A 71 -10.99 -3.24 -5.75
N LYS A 72 -10.84 -3.71 -4.51
CA LYS A 72 -11.59 -4.85 -4.04
C LYS A 72 -13.09 -4.54 -4.07
N GLY A 73 -13.44 -3.29 -3.82
CA GLY A 73 -14.82 -2.84 -3.86
C GLY A 73 -15.45 -3.11 -5.23
N GLN A 74 -14.94 -2.42 -6.26
CA GLN A 74 -15.48 -2.53 -7.62
C GLN A 74 -14.98 -3.77 -8.37
N LYS A 75 -14.32 -4.69 -7.65
CA LYS A 75 -13.87 -5.98 -8.15
C LYS A 75 -12.81 -5.90 -9.25
N ILE A 76 -11.87 -4.98 -9.10
CA ILE A 76 -10.76 -4.84 -10.02
C ILE A 76 -9.52 -5.47 -9.40
N ILE A 77 -9.49 -6.80 -9.42
CA ILE A 77 -8.42 -7.58 -8.81
C ILE A 77 -7.04 -7.20 -9.32
N GLN A 78 -6.91 -6.52 -10.47
CA GLN A 78 -5.59 -6.23 -11.02
C GLN A 78 -4.71 -5.53 -9.99
N PHE A 79 -5.30 -4.56 -9.29
CA PHE A 79 -4.61 -3.79 -8.29
C PHE A 79 -4.22 -4.68 -7.11
N GLN A 80 -5.22 -5.14 -6.34
CA GLN A 80 -4.99 -5.92 -5.14
C GLN A 80 -4.15 -7.16 -5.44
N ASP A 81 -4.21 -7.67 -6.68
CA ASP A 81 -3.40 -8.81 -7.07
C ASP A 81 -1.92 -8.43 -7.06
N SER A 82 -1.53 -7.42 -7.85
CA SER A 82 -0.12 -7.07 -7.94
C SER A 82 0.35 -6.26 -6.74
N PHE A 83 -0.42 -5.27 -6.29
CA PHE A 83 -0.06 -4.48 -5.12
C PHE A 83 0.10 -5.37 -3.89
N GLY A 84 -0.74 -6.39 -3.76
CA GLY A 84 -0.69 -7.30 -2.64
C GLY A 84 0.69 -7.93 -2.46
N LYS A 85 1.26 -8.47 -3.53
CA LYS A 85 2.54 -9.18 -3.44
C LYS A 85 3.65 -8.23 -2.99
N VAL A 86 3.72 -7.06 -3.64
CA VAL A 86 4.72 -6.05 -3.34
C VAL A 86 4.44 -5.36 -2.00
N ALA A 87 3.22 -5.48 -1.48
CA ALA A 87 2.86 -4.90 -0.19
C ALA A 87 3.69 -5.49 0.94
N ALA A 88 3.73 -6.83 1.04
CA ALA A 88 4.51 -7.51 2.07
C ALA A 88 5.96 -7.06 2.04
N GLU A 89 6.49 -6.88 0.83
CA GLU A 89 7.84 -6.38 0.66
C GLU A 89 7.93 -4.97 1.23
N VAL A 90 7.24 -3.99 0.65
CA VAL A 90 7.32 -2.61 1.10
C VAL A 90 7.00 -2.50 2.59
N LEU A 91 5.76 -2.83 2.97
CA LEU A 91 5.25 -2.61 4.31
C LEU A 91 6.20 -3.23 5.34
N GLY A 92 6.66 -4.44 5.09
CA GLY A 92 7.59 -5.14 5.98
C GLY A 92 8.96 -4.47 6.06
N ARG A 93 9.44 -3.83 4.99
CA ARG A 93 10.71 -3.13 4.99
C ARG A 93 10.60 -1.72 5.56
N ILE A 94 9.56 -0.97 5.16
CA ILE A 94 9.33 0.35 5.71
C ILE A 94 9.04 0.23 7.21
N ASN A 95 8.58 -0.95 7.66
CA ASN A 95 8.33 -1.19 9.07
C ASN A 95 9.63 -1.25 9.85
N GLN A 96 10.76 -1.44 9.15
CA GLN A 96 12.07 -1.49 9.76
C GLN A 96 12.75 -0.11 9.70
N GLU A 97 12.16 0.80 8.93
CA GLU A 97 12.68 2.15 8.73
C GLU A 97 11.78 3.19 9.37
N PHE A 98 10.47 2.91 9.49
CA PHE A 98 9.53 3.83 10.06
C PHE A 98 9.79 3.96 11.56
N PRO A 99 9.71 5.18 12.11
CA PRO A 99 9.78 5.42 13.53
C PRO A 99 8.53 4.85 14.17
N ARG A 100 8.55 4.72 15.50
CA ARG A 100 7.45 4.11 16.24
C ARG A 100 6.09 4.66 15.83
N ASP A 101 6.01 5.96 15.50
CA ASP A 101 4.73 6.58 15.15
C ASP A 101 4.21 6.19 13.77
N LEU A 102 5.06 6.19 12.74
CA LEU A 102 4.60 5.81 11.41
C LEU A 102 4.33 4.31 11.38
N LYS A 103 5.11 3.56 12.16
CA LYS A 103 4.86 2.14 12.36
C LYS A 103 3.46 1.91 12.92
N LYS A 104 3.01 2.75 13.86
CA LYS A 104 1.63 2.67 14.35
C LYS A 104 0.65 2.86 13.19
N LYS A 105 0.87 3.88 12.35
CA LYS A 105 -0.01 4.15 11.22
C LYS A 105 -0.07 2.92 10.32
N LEU A 106 1.09 2.37 9.96
CA LEU A 106 1.17 1.18 9.15
C LEU A 106 0.54 -0.03 9.85
N SER A 107 0.77 -0.18 11.14
CA SER A 107 0.26 -1.33 11.87
C SER A 107 -1.25 -1.42 11.67
N ARG A 108 -1.94 -0.28 11.72
CA ARG A 108 -3.38 -0.28 11.49
C ARG A 108 -3.66 -0.63 10.04
N VAL A 109 -2.88 -0.07 9.10
CA VAL A 109 -3.06 -0.36 7.68
C VAL A 109 -2.98 -1.87 7.45
N VAL A 110 -1.97 -2.54 8.01
CA VAL A 110 -1.87 -3.98 7.90
C VAL A 110 -3.07 -4.67 8.55
N ASN A 111 -3.50 -4.23 9.74
CA ASN A 111 -4.66 -4.81 10.41
C ASN A 111 -5.89 -4.72 9.52
N ILE A 112 -6.35 -3.50 9.22
CA ILE A 112 -7.57 -3.32 8.47
C ILE A 112 -7.50 -4.06 7.14
N LEU A 113 -6.30 -4.20 6.56
CA LEU A 113 -6.17 -4.88 5.29
C LEU A 113 -6.54 -6.36 5.41
N LYS A 114 -5.98 -7.07 6.39
CA LYS A 114 -6.27 -8.49 6.55
C LYS A 114 -7.65 -8.72 7.16
N GLU A 115 -8.17 -7.75 7.91
CA GLU A 115 -9.52 -7.80 8.45
C GLU A 115 -10.54 -7.76 7.32
N ARG A 116 -10.30 -6.89 6.33
CA ARG A 116 -11.15 -6.77 5.15
C ARG A 116 -10.63 -7.64 4.01
N ASN A 117 -9.50 -8.34 4.25
CA ASN A 117 -8.94 -9.33 3.36
C ASN A 117 -8.77 -8.78 1.94
N ILE A 118 -8.06 -7.66 1.81
CA ILE A 118 -7.91 -7.02 0.51
C ILE A 118 -7.01 -7.85 -0.40
N PHE A 119 -6.06 -8.58 0.19
CA PHE A 119 -5.20 -9.49 -0.55
C PHE A 119 -5.54 -10.93 -0.19
N SER A 120 -4.82 -11.89 -0.77
CA SER A 120 -5.03 -13.30 -0.49
C SER A 120 -4.52 -13.64 0.90
N LYS A 121 -5.04 -14.72 1.49
CA LYS A 121 -4.58 -15.18 2.79
C LYS A 121 -3.07 -15.35 2.80
N GLN A 122 -2.48 -15.70 1.65
CA GLN A 122 -1.04 -15.90 1.59
C GLN A 122 -0.34 -14.56 1.69
N VAL A 123 -0.81 -13.57 0.92
CA VAL A 123 -0.27 -12.22 0.95
C VAL A 123 -0.45 -11.60 2.32
N VAL A 124 -1.62 -11.81 2.93
CA VAL A 124 -1.92 -11.36 4.28
C VAL A 124 -0.84 -11.85 5.24
N ASN A 125 -0.61 -13.17 5.25
CA ASN A 125 0.40 -13.75 6.12
C ASN A 125 1.80 -13.27 5.74
N ASP A 126 2.10 -13.13 4.45
CA ASP A 126 3.41 -12.66 4.01
C ASP A 126 3.71 -11.25 4.54
N ILE A 127 2.72 -10.36 4.53
CA ILE A 127 2.90 -9.04 5.13
C ILE A 127 3.24 -9.20 6.60
N GLU A 128 2.49 -10.04 7.33
CA GLU A 128 2.72 -10.26 8.75
C GLU A 128 4.09 -10.88 9.02
N ARG A 129 4.52 -11.82 8.17
CA ARG A 129 5.83 -12.45 8.31
C ARG A 129 6.94 -11.42 8.14
N SER A 130 6.75 -10.51 7.19
CA SER A 130 7.75 -9.51 6.85
C SER A 130 7.93 -8.52 7.99
N LEU A 131 6.82 -7.98 8.51
CA LEU A 131 6.81 -7.15 9.70
C LEU A 131 7.44 -7.86 10.88
N ALA A 132 7.09 -9.13 11.08
CA ALA A 132 7.64 -9.92 12.17
C ALA A 132 9.14 -10.12 12.01
N ALA A 133 9.60 -10.36 10.77
CA ALA A 133 11.02 -10.53 10.49
C ALA A 133 11.83 -9.25 10.77
N ALA A 134 11.15 -8.11 10.89
CA ALA A 134 11.79 -6.84 11.21
C ALA A 134 12.39 -6.85 12.61
N LEU A 135 11.84 -7.68 13.51
CA LEU A 135 12.33 -7.86 14.86
C LEU A 135 12.65 -9.32 15.14
N GLU A 136 12.46 -10.18 14.13
CA GLU A 136 12.65 -11.63 14.19
C GLU A 136 11.66 -12.29 15.16
N HIS A 137 11.37 -13.58 14.90
CA HIS A 137 10.38 -14.32 15.66
C HIS A 137 10.67 -15.82 15.59
N HIS A 138 9.94 -16.62 16.38
CA HIS A 138 10.10 -18.06 16.39
C HIS A 138 9.59 -18.68 15.10
N HIS A 139 10.05 -19.90 14.80
CA HIS A 139 9.67 -20.61 13.58
C HIS A 139 9.40 -22.08 13.89
N HIS A 140 8.66 -22.76 13.01
CA HIS A 140 8.36 -24.17 13.15
C HIS A 140 7.99 -24.75 11.78
N HIS A 141 8.15 -26.07 11.64
CA HIS A 141 7.83 -26.78 10.41
C HIS A 141 7.52 -28.25 10.72
N HIS A 142 8.16 -28.80 11.77
CA HIS A 142 7.93 -30.16 12.22
C HIS A 142 8.31 -30.26 13.69
N PRO B 1 -8.57 15.24 5.46
CA PRO B 1 -7.91 14.93 6.73
C PRO B 1 -7.01 13.70 6.65
N SER B 2 -6.60 13.16 7.80
CA SER B 2 -5.64 12.07 7.93
C SER B 2 -6.09 10.73 7.35
N TYR B 3 -7.10 10.74 6.47
CA TYR B 3 -7.62 9.59 5.74
C TYR B 3 -8.27 8.50 6.59
N SER B 4 -7.62 8.01 7.66
CA SER B 4 -8.10 6.89 8.45
C SER B 4 -8.39 5.68 7.53
N PRO B 5 -7.39 4.82 7.33
CA PRO B 5 -7.50 3.62 6.49
C PRO B 5 -8.63 2.69 6.93
N TPO B 6 -9.18 2.94 8.13
CA TPO B 6 -10.28 2.17 8.70
CB TPO B 6 -10.25 2.34 10.22
CG2 TPO B 6 -11.17 1.32 10.89
OG1 TPO B 6 -8.92 2.17 10.68
P TPO B 6 -8.30 3.18 11.76
O1P TPO B 6 -9.14 2.95 12.96
O2P TPO B 6 -6.91 2.73 11.90
O3P TPO B 6 -8.46 4.52 11.12
C TPO B 6 -11.61 2.64 8.14
O TPO B 6 -12.50 1.82 7.91
H TPO B 6 -8.83 3.72 8.66
HA TPO B 6 -10.14 1.12 8.46
HB TPO B 6 -10.59 3.35 10.47
HG21 TPO B 6 -11.13 1.45 11.97
HG22 TPO B 6 -10.84 0.32 10.63
HG23 TPO B 6 -12.19 1.46 10.54
N SER B 7 -11.73 3.95 7.93
CA SER B 7 -12.98 4.62 7.56
C SER B 7 -13.59 4.19 6.22
N PRO B 8 -12.85 3.68 5.22
CA PRO B 8 -13.46 3.23 3.98
C PRO B 8 -14.57 2.23 4.25
N SER B 9 -15.75 2.49 3.71
CA SER B 9 -16.91 1.65 3.91
C SER B 9 -16.79 0.37 3.08
N TYR B 10 -16.36 -0.72 3.71
CA TYR B 10 -16.30 -2.01 3.05
C TYR B 10 -16.47 -3.14 4.07
N SER B 11 -17.02 -4.27 3.61
CA SER B 11 -17.33 -5.40 4.48
C SER B 11 -16.07 -6.15 4.93
N PRO B 12 -16.03 -6.59 6.20
CA PRO B 12 -14.95 -7.39 6.74
C PRO B 12 -15.08 -8.86 6.31
N THR B 13 -13.99 -9.61 6.50
CA THR B 13 -13.92 -11.07 6.37
C THR B 13 -14.72 -11.63 5.19
N SER B 14 -14.77 -10.94 4.05
CA SER B 14 -15.54 -11.43 2.91
C SER B 14 -15.04 -10.87 1.59
N PRO B 15 -15.29 -11.58 0.49
CA PRO B 15 -15.02 -11.16 -0.87
C PRO B 15 -16.15 -10.28 -1.41
N SER B 16 -16.99 -9.74 -0.52
CA SER B 16 -18.22 -9.01 -0.87
C SER B 16 -17.97 -8.00 -2.00
N MET A 1 4.10 10.75 -18.05
CA MET A 1 3.42 10.10 -19.19
C MET A 1 2.02 9.65 -18.75
N ALA A 2 1.47 8.57 -19.34
CA ALA A 2 0.15 8.07 -18.99
C ALA A 2 0.12 6.55 -18.84
N PHE A 3 1.28 5.89 -19.03
CA PHE A 3 1.40 4.45 -18.82
C PHE A 3 2.86 4.03 -18.68
N SER A 4 3.78 4.99 -18.59
CA SER A 4 5.21 4.70 -18.52
C SER A 4 5.61 4.35 -17.09
N SER A 5 6.81 3.83 -16.90
CA SER A 5 7.32 3.49 -15.57
C SER A 5 7.71 4.79 -14.85
N GLU A 6 6.83 5.79 -14.86
CA GLU A 6 7.14 7.11 -14.34
C GLU A 6 5.89 7.90 -13.95
N GLN A 7 4.73 7.66 -14.58
CA GLN A 7 3.58 8.50 -14.32
C GLN A 7 3.16 8.40 -12.85
N PHE A 8 2.76 7.20 -12.42
CA PHE A 8 2.41 6.95 -11.03
C PHE A 8 3.57 7.34 -10.12
N THR A 9 4.80 7.21 -10.61
CA THR A 9 5.98 7.49 -9.80
C THR A 9 6.05 9.00 -9.51
N THR A 10 5.84 9.83 -10.54
CA THR A 10 5.89 11.27 -10.31
C THR A 10 4.79 11.64 -9.32
N LYS A 11 3.66 10.90 -9.31
CA LYS A 11 2.60 11.15 -8.35
C LYS A 11 3.12 10.97 -6.93
N LEU A 12 3.87 9.89 -6.68
CA LEU A 12 4.47 9.64 -5.36
C LEU A 12 5.27 10.85 -4.90
N ASN A 13 5.97 11.48 -5.84
CA ASN A 13 6.78 12.65 -5.53
C ASN A 13 5.95 13.91 -5.31
N THR A 14 4.62 13.84 -5.44
CA THR A 14 3.75 14.99 -5.18
C THR A 14 2.52 14.63 -4.33
N LEU A 15 2.55 13.49 -3.63
CA LEU A 15 1.46 13.12 -2.73
C LEU A 15 1.48 13.95 -1.44
N GLU A 16 0.39 13.84 -0.68
CA GLU A 16 0.25 14.38 0.67
C GLU A 16 -0.65 13.43 1.46
N ASP A 17 -0.49 13.38 2.78
CA ASP A 17 -1.12 12.35 3.60
C ASP A 17 -2.56 12.71 3.96
N SER A 18 -3.28 13.35 3.03
CA SER A 18 -4.65 13.77 3.26
C SER A 18 -5.57 13.22 2.17
N GLN A 19 -6.82 12.95 2.53
CA GLN A 19 -7.75 12.27 1.64
C GLN A 19 -8.02 13.06 0.37
N GLU A 20 -7.76 14.37 0.37
CA GLU A 20 -7.91 15.17 -0.83
C GLU A 20 -6.91 14.70 -1.87
N SER A 21 -5.62 14.78 -1.51
CA SER A 21 -4.53 14.40 -2.39
C SER A 21 -4.55 12.91 -2.67
N ILE A 22 -4.78 12.09 -1.64
CA ILE A 22 -4.79 10.64 -1.78
C ILE A 22 -5.92 10.21 -2.71
N SER A 23 -7.15 10.64 -2.45
CA SER A 23 -8.28 10.19 -3.25
C SER A 23 -8.16 10.70 -4.69
N SER A 24 -7.52 11.87 -4.90
CA SER A 24 -7.31 12.40 -6.24
C SER A 24 -6.35 11.53 -7.02
N ALA A 25 -5.19 11.21 -6.44
CA ALA A 25 -4.22 10.35 -7.09
C ALA A 25 -4.78 8.93 -7.22
N SER A 26 -5.62 8.53 -6.26
CA SER A 26 -6.21 7.20 -6.24
C SER A 26 -7.22 7.04 -7.38
N LYS A 27 -8.19 7.94 -7.47
CA LYS A 27 -9.22 7.84 -8.51
C LYS A 27 -8.58 7.87 -9.90
N TRP A 28 -7.55 8.70 -10.09
CA TRP A 28 -6.84 8.72 -11.35
C TRP A 28 -6.19 7.36 -11.60
N LEU A 29 -5.37 6.91 -10.65
CA LEU A 29 -4.63 5.68 -10.83
C LEU A 29 -5.61 4.55 -11.09
N LEU A 30 -6.78 4.60 -10.44
CA LEU A 30 -7.84 3.63 -10.62
C LEU A 30 -8.36 3.64 -12.06
N LEU A 31 -8.39 4.80 -12.72
CA LEU A 31 -8.81 4.87 -14.11
C LEU A 31 -7.86 4.11 -15.01
N GLN A 32 -6.55 4.11 -14.72
CA GLN A 32 -5.61 3.31 -15.49
C GLN A 32 -5.26 2.00 -14.78
N TYR A 33 -6.28 1.21 -14.43
CA TYR A 33 -6.08 -0.08 -13.80
C TYR A 33 -5.27 -1.05 -14.66
N ARG A 34 -5.10 -0.74 -15.95
CA ARG A 34 -4.27 -1.56 -16.83
C ARG A 34 -2.79 -1.41 -16.50
N ASP A 35 -2.43 -0.36 -15.73
CA ASP A 35 -1.07 -0.19 -15.26
C ASP A 35 -0.83 -0.90 -13.93
N ALA A 36 -1.88 -1.50 -13.35
CA ALA A 36 -1.83 -2.09 -12.03
C ALA A 36 -0.57 -2.90 -11.72
N PRO A 37 -0.16 -3.87 -12.55
CA PRO A 37 1.01 -4.69 -12.25
C PRO A 37 2.29 -3.86 -12.31
N LYS A 38 2.38 -2.94 -13.29
CA LYS A 38 3.55 -2.10 -13.46
C LYS A 38 3.66 -1.14 -12.29
N VAL A 39 2.56 -0.48 -11.95
CA VAL A 39 2.52 0.49 -10.87
C VAL A 39 2.85 -0.19 -9.53
N ALA A 40 2.44 -1.44 -9.34
CA ALA A 40 2.79 -2.16 -8.13
C ALA A 40 4.29 -2.34 -8.05
N GLU A 41 4.94 -2.67 -9.18
CA GLU A 41 6.39 -2.86 -9.20
C GLU A 41 7.15 -1.56 -8.95
N MET A 42 6.88 -0.51 -9.75
CA MET A 42 7.56 0.77 -9.56
C MET A 42 7.29 1.32 -8.17
N TRP A 43 6.09 1.07 -7.62
CA TRP A 43 5.76 1.51 -6.28
C TRP A 43 6.72 0.90 -5.28
N LYS A 44 6.83 -0.44 -5.27
CA LYS A 44 7.72 -1.11 -4.34
C LYS A 44 9.15 -0.65 -4.51
N GLU A 45 9.67 -0.71 -5.74
CA GLU A 45 11.05 -0.34 -6.00
C GLU A 45 11.33 1.09 -5.55
N TYR A 46 10.36 2.00 -5.72
CA TYR A 46 10.50 3.36 -5.25
C TYR A 46 10.58 3.42 -3.74
N MET A 47 9.76 2.64 -3.02
CA MET A 47 9.79 2.66 -1.56
C MET A 47 11.06 2.00 -1.02
N LEU A 48 11.44 0.87 -1.60
CA LEU A 48 12.62 0.13 -1.14
C LEU A 48 13.90 0.89 -1.47
N ARG A 49 13.86 1.81 -2.44
CA ARG A 49 15.06 2.57 -2.78
C ARG A 49 15.51 3.47 -1.63
N PRO A 50 16.82 3.56 -1.38
CA PRO A 50 17.37 4.33 -0.28
C PRO A 50 17.25 5.84 -0.53
N SER A 51 16.97 6.24 -1.77
CA SER A 51 16.79 7.64 -2.12
C SER A 51 15.41 8.15 -1.76
N VAL A 52 14.59 7.33 -1.08
CA VAL A 52 13.26 7.72 -0.66
C VAL A 52 13.15 7.64 0.86
N ASN A 53 12.39 8.59 1.44
CA ASN A 53 12.31 8.80 2.87
C ASN A 53 10.96 8.33 3.44
N THR A 54 10.90 8.24 4.78
CA THR A 54 9.72 7.77 5.52
C THR A 54 8.45 8.53 5.14
N ARG A 55 8.52 9.85 4.95
CA ARG A 55 7.37 10.64 4.58
C ARG A 55 6.79 10.13 3.26
N ARG A 56 7.65 9.98 2.24
CA ARG A 56 7.25 9.55 0.92
C ARG A 56 6.71 8.12 0.99
N LYS A 57 7.25 7.30 1.88
CA LYS A 57 6.80 5.95 2.11
C LYS A 57 5.44 5.92 2.82
N LEU A 58 5.19 6.86 3.73
CA LEU A 58 3.89 6.96 4.40
C LEU A 58 2.81 7.32 3.37
N LEU A 59 3.12 8.28 2.50
CA LEU A 59 2.25 8.68 1.41
C LEU A 59 1.94 7.51 0.49
N GLY A 60 2.97 6.72 0.16
CA GLY A 60 2.80 5.56 -0.70
C GLY A 60 1.94 4.50 -0.03
N LEU A 61 2.15 4.31 1.28
CA LEU A 61 1.37 3.37 2.07
C LEU A 61 -0.11 3.75 2.06
N TYR A 62 -0.41 5.04 2.24
CA TYR A 62 -1.78 5.52 2.24
C TYR A 62 -2.40 5.42 0.85
N LEU A 63 -1.66 5.81 -0.20
CA LEU A 63 -2.20 5.77 -1.55
C LEU A 63 -2.53 4.34 -1.95
N MET A 64 -1.56 3.43 -1.88
CA MET A 64 -1.77 2.06 -2.28
C MET A 64 -2.92 1.44 -1.49
N ASN A 65 -3.03 1.77 -0.19
CA ASN A 65 -4.10 1.23 0.63
C ASN A 65 -5.46 1.64 0.08
N HIS A 66 -5.61 2.91 -0.32
CA HIS A 66 -6.87 3.37 -0.88
C HIS A 66 -7.11 2.67 -2.21
N VAL A 67 -6.06 2.55 -3.03
CA VAL A 67 -6.17 1.95 -4.36
C VAL A 67 -6.62 0.50 -4.25
N VAL A 68 -5.91 -0.33 -3.47
CA VAL A 68 -6.23 -1.75 -3.37
C VAL A 68 -7.61 -1.96 -2.73
N GLN A 69 -7.96 -1.15 -1.73
CA GLN A 69 -9.23 -1.31 -1.04
C GLN A 69 -10.39 -0.95 -1.95
N GLN A 70 -10.28 0.19 -2.64
CA GLN A 70 -11.30 0.62 -3.59
C GLN A 70 -11.35 -0.34 -4.77
N ALA A 71 -10.20 -0.94 -5.13
CA ALA A 71 -10.14 -1.93 -6.19
C ALA A 71 -11.00 -3.14 -5.83
N LYS A 72 -10.90 -3.64 -4.59
CA LYS A 72 -11.71 -4.76 -4.17
C LYS A 72 -13.19 -4.40 -4.26
N GLY A 73 -13.54 -3.17 -3.85
CA GLY A 73 -14.91 -2.71 -3.87
C GLY A 73 -15.49 -2.70 -5.29
N GLN A 74 -14.78 -2.05 -6.22
CA GLN A 74 -15.24 -1.98 -7.60
C GLN A 74 -14.96 -3.28 -8.36
N LYS A 75 -14.36 -4.26 -7.68
CA LYS A 75 -14.08 -5.61 -8.18
C LYS A 75 -13.05 -5.62 -9.32
N ILE A 76 -11.92 -4.96 -9.08
CA ILE A 76 -10.80 -4.91 -10.02
C ILE A 76 -9.59 -5.54 -9.36
N ILE A 77 -9.51 -6.88 -9.43
CA ILE A 77 -8.45 -7.65 -8.81
C ILE A 77 -7.06 -7.24 -9.30
N GLN A 78 -6.93 -6.57 -10.45
CA GLN A 78 -5.61 -6.28 -11.00
C GLN A 78 -4.72 -5.56 -9.98
N PHE A 79 -5.32 -4.59 -9.27
CA PHE A 79 -4.61 -3.82 -8.27
C PHE A 79 -4.26 -4.67 -7.07
N GLN A 80 -5.27 -5.14 -6.34
CA GLN A 80 -5.06 -5.90 -5.12
C GLN A 80 -4.19 -7.13 -5.38
N ASP A 81 -4.26 -7.69 -6.61
CA ASP A 81 -3.44 -8.82 -6.97
C ASP A 81 -1.98 -8.43 -7.04
N SER A 82 -1.66 -7.37 -7.79
CA SER A 82 -0.29 -6.92 -7.98
C SER A 82 0.26 -6.26 -6.73
N PHE A 83 -0.46 -5.25 -6.23
CA PHE A 83 -0.05 -4.48 -5.06
C PHE A 83 0.11 -5.37 -3.83
N GLY A 84 -0.75 -6.38 -3.68
CA GLY A 84 -0.68 -7.27 -2.53
C GLY A 84 0.70 -7.92 -2.37
N LYS A 85 1.24 -8.47 -3.46
CA LYS A 85 2.52 -9.18 -3.40
C LYS A 85 3.64 -8.25 -2.97
N VAL A 86 3.70 -7.08 -3.58
CA VAL A 86 4.71 -6.08 -3.29
C VAL A 86 4.46 -5.37 -1.97
N ALA A 87 3.24 -5.47 -1.43
CA ALA A 87 2.89 -4.88 -0.14
C ALA A 87 3.72 -5.50 0.99
N ALA A 88 3.79 -6.83 1.06
CA ALA A 88 4.56 -7.53 2.08
C ALA A 88 6.00 -7.03 2.07
N GLU A 89 6.57 -6.84 0.87
CA GLU A 89 7.89 -6.26 0.75
C GLU A 89 7.88 -4.87 1.37
N VAL A 90 7.26 -3.89 0.71
CA VAL A 90 7.29 -2.51 1.17
C VAL A 90 6.95 -2.41 2.65
N LEU A 91 5.71 -2.75 3.02
CA LEU A 91 5.22 -2.57 4.38
C LEU A 91 6.19 -3.18 5.39
N GLY A 92 6.69 -4.38 5.10
CA GLY A 92 7.63 -5.07 5.96
C GLY A 92 9.01 -4.42 6.05
N ARG A 93 9.49 -3.73 5.00
CA ARG A 93 10.78 -3.06 5.04
C ARG A 93 10.66 -1.64 5.57
N ILE A 94 9.58 -0.93 5.21
CA ILE A 94 9.34 0.40 5.76
C ILE A 94 9.05 0.27 7.25
N ASN A 95 8.59 -0.90 7.71
CA ASN A 95 8.37 -1.17 9.12
C ASN A 95 9.70 -1.21 9.89
N GLN A 96 10.81 -1.32 9.16
CA GLN A 96 12.14 -1.36 9.76
C GLN A 96 12.79 0.02 9.67
N GLU A 97 12.18 0.93 8.88
CA GLU A 97 12.68 2.27 8.67
C GLU A 97 11.77 3.30 9.35
N PHE A 98 10.47 2.99 9.50
CA PHE A 98 9.52 3.89 10.11
C PHE A 98 9.82 4.01 11.60
N PRO A 99 9.75 5.23 12.15
CA PRO A 99 9.83 5.43 13.58
C PRO A 99 8.60 4.83 14.23
N ARG A 100 8.63 4.68 15.56
CA ARG A 100 7.56 4.03 16.29
C ARG A 100 6.19 4.60 15.93
N ASP A 101 6.11 5.91 15.65
CA ASP A 101 4.83 6.51 15.31
C ASP A 101 4.28 6.06 13.95
N LEU A 102 5.08 6.13 12.87
CA LEU A 102 4.57 5.73 11.57
C LEU A 102 4.33 4.23 11.53
N LYS A 103 5.15 3.48 12.27
CA LYS A 103 4.92 2.06 12.45
C LYS A 103 3.53 1.79 13.03
N LYS A 104 3.09 2.59 14.00
CA LYS A 104 1.73 2.48 14.53
C LYS A 104 0.72 2.70 13.40
N LYS A 105 0.94 3.71 12.56
CA LYS A 105 0.02 4.00 11.46
C LYS A 105 -0.03 2.83 10.50
N LEU A 106 1.14 2.30 10.12
CA LEU A 106 1.21 1.12 9.27
C LEU A 106 0.58 -0.09 9.93
N SER A 107 0.80 -0.26 11.23
CA SER A 107 0.24 -1.39 11.93
C SER A 107 -1.26 -1.43 11.70
N ARG A 108 -1.93 -0.28 11.79
CA ARG A 108 -3.36 -0.24 11.52
C ARG A 108 -3.59 -0.67 10.07
N VAL A 109 -2.81 -0.14 9.14
CA VAL A 109 -2.97 -0.47 7.72
C VAL A 109 -2.89 -1.98 7.52
N VAL A 110 -1.88 -2.66 8.10
CA VAL A 110 -1.79 -4.11 8.00
C VAL A 110 -3.02 -4.80 8.59
N ASN A 111 -3.51 -4.36 9.76
CA ASN A 111 -4.70 -4.97 10.35
C ASN A 111 -5.94 -4.76 9.50
N ILE A 112 -6.31 -3.51 9.19
CA ILE A 112 -7.52 -3.25 8.42
C ILE A 112 -7.44 -3.97 7.08
N LEU A 113 -6.24 -4.10 6.52
CA LEU A 113 -6.02 -4.80 5.27
C LEU A 113 -6.54 -6.24 5.38
N LYS A 114 -6.05 -7.00 6.37
CA LYS A 114 -6.49 -8.38 6.54
C LYS A 114 -7.89 -8.49 7.15
N GLU A 115 -8.33 -7.52 7.96
CA GLU A 115 -9.66 -7.56 8.53
C GLU A 115 -10.74 -7.50 7.45
N ARG A 116 -10.46 -6.82 6.32
CA ARG A 116 -11.37 -6.76 5.19
C ARG A 116 -10.84 -7.57 4.01
N ASN A 117 -9.70 -8.23 4.20
CA ASN A 117 -9.12 -9.21 3.27
C ASN A 117 -8.99 -8.66 1.86
N ILE A 118 -8.25 -7.57 1.71
CA ILE A 118 -8.07 -6.97 0.40
C ILE A 118 -7.11 -7.79 -0.46
N PHE A 119 -6.20 -8.54 0.17
CA PHE A 119 -5.29 -9.44 -0.53
C PHE A 119 -5.63 -10.89 -0.18
N SER A 120 -4.85 -11.83 -0.71
CA SER A 120 -5.07 -13.25 -0.46
C SER A 120 -4.45 -13.62 0.88
N LYS A 121 -4.95 -14.69 1.51
CA LYS A 121 -4.48 -15.11 2.83
C LYS A 121 -2.96 -15.28 2.85
N GLN A 122 -2.39 -15.74 1.73
CA GLN A 122 -0.96 -15.91 1.61
C GLN A 122 -0.28 -14.55 1.70
N VAL A 123 -0.78 -13.57 0.96
CA VAL A 123 -0.25 -12.22 0.98
C VAL A 123 -0.38 -11.61 2.37
N VAL A 124 -1.54 -11.81 3.00
CA VAL A 124 -1.78 -11.36 4.38
C VAL A 124 -0.68 -11.88 5.29
N ASN A 125 -0.44 -13.20 5.29
CA ASN A 125 0.57 -13.79 6.12
C ASN A 125 1.97 -13.32 5.72
N ASP A 126 2.23 -13.17 4.41
CA ASP A 126 3.53 -12.70 3.95
C ASP A 126 3.84 -11.30 4.48
N ILE A 127 2.85 -10.42 4.55
CA ILE A 127 3.05 -9.10 5.16
C ILE A 127 3.43 -9.28 6.63
N GLU A 128 2.72 -10.16 7.36
CA GLU A 128 3.04 -10.41 8.76
C GLU A 128 4.44 -11.01 8.92
N ARG A 129 4.84 -11.92 8.02
CA ARG A 129 6.17 -12.52 8.06
C ARG A 129 7.23 -11.45 7.86
N SER A 130 6.95 -10.49 6.98
CA SER A 130 7.90 -9.44 6.64
C SER A 130 8.13 -8.50 7.81
N LEU A 131 7.03 -8.02 8.41
CA LEU A 131 7.06 -7.25 9.64
C LEU A 131 7.77 -8.01 10.75
N ALA A 132 7.48 -9.31 10.88
CA ALA A 132 8.11 -10.14 11.89
C ALA A 132 9.61 -10.28 11.63
N ALA A 133 10.01 -10.43 10.36
CA ALA A 133 11.41 -10.55 9.99
C ALA A 133 12.19 -9.26 10.31
N ALA A 134 11.48 -8.15 10.53
CA ALA A 134 12.11 -6.89 10.89
C ALA A 134 12.78 -6.98 12.27
N LEU A 135 12.29 -7.87 13.12
CA LEU A 135 12.87 -8.11 14.43
C LEU A 135 13.28 -9.58 14.58
N GLU A 136 13.05 -10.39 13.54
CA GLU A 136 13.42 -11.80 13.48
C GLU A 136 12.86 -12.62 14.65
N HIS A 137 11.80 -12.12 15.29
CA HIS A 137 11.16 -12.79 16.43
C HIS A 137 9.66 -12.50 16.45
N HIS A 138 8.94 -13.26 17.28
CA HIS A 138 7.50 -13.14 17.44
C HIS A 138 7.11 -13.67 18.82
N HIS A 139 5.88 -13.40 19.24
CA HIS A 139 5.39 -13.85 20.55
C HIS A 139 5.21 -15.37 20.58
N HIS A 140 5.16 -15.92 21.79
CA HIS A 140 4.98 -17.34 22.01
C HIS A 140 3.57 -17.78 21.65
N HIS A 141 3.30 -19.09 21.75
CA HIS A 141 1.98 -19.65 21.49
C HIS A 141 1.01 -19.30 22.61
N HIS A 142 1.50 -18.61 23.65
CA HIS A 142 0.69 -18.19 24.79
C HIS A 142 1.28 -16.90 25.38
N PRO B 1 -9.44 16.00 5.29
CA PRO B 1 -8.45 15.85 6.36
C PRO B 1 -7.49 14.70 6.08
N SER B 2 -6.64 14.34 7.06
CA SER B 2 -5.68 13.27 6.89
C SER B 2 -6.39 11.96 6.51
N TYR B 3 -5.71 11.10 5.76
CA TYR B 3 -6.29 9.85 5.28
C TYR B 3 -6.46 8.83 6.40
N SER B 4 -7.32 7.84 6.14
CA SER B 4 -7.60 6.74 7.06
C SER B 4 -7.86 5.48 6.25
N PRO B 5 -7.12 4.38 6.52
CA PRO B 5 -7.32 3.11 5.85
C PRO B 5 -8.57 2.41 6.35
N TPO B 6 -9.03 2.80 7.55
CA TPO B 6 -10.17 2.22 8.23
CB TPO B 6 -10.12 2.62 9.71
CG2 TPO B 6 -11.12 1.77 10.49
OG1 TPO B 6 -8.82 2.41 10.21
P TPO B 6 -8.14 3.47 11.19
O1P TPO B 6 -9.04 3.48 12.36
O2P TPO B 6 -6.80 2.90 11.45
O3P TPO B 6 -8.14 4.72 10.39
C TPO B 6 -11.47 2.71 7.59
O TPO B 6 -12.42 1.94 7.48
H TPO B 6 -8.54 3.56 8.02
HA TPO B 6 -10.13 1.13 8.15
HB TPO B 6 -10.38 3.68 9.80
HG21 TPO B 6 -10.88 0.71 10.37
HG22 TPO B 6 -12.14 1.96 10.11
HG23 TPO B 6 -11.09 2.04 11.55
N SER B 7 -11.49 3.98 7.19
CA SER B 7 -12.64 4.62 6.56
C SER B 7 -13.20 3.77 5.43
N PRO B 8 -14.53 3.79 5.22
CA PRO B 8 -15.16 3.02 4.17
C PRO B 8 -14.54 3.27 2.80
N SER B 9 -14.25 2.18 2.09
CA SER B 9 -13.70 2.20 0.74
C SER B 9 -13.90 0.83 0.09
N TYR B 10 -14.91 0.09 0.56
CA TYR B 10 -15.15 -1.28 0.17
C TYR B 10 -16.63 -1.63 0.39
N SER B 11 -17.10 -2.72 -0.23
CA SER B 11 -18.49 -3.16 -0.10
C SER B 11 -18.58 -4.67 -0.30
N PRO B 12 -19.46 -5.35 0.45
CA PRO B 12 -19.61 -6.81 0.43
C PRO B 12 -20.01 -7.41 -0.92
N THR B 13 -20.12 -6.60 -1.98
CA THR B 13 -20.51 -7.10 -3.29
C THR B 13 -19.39 -7.92 -3.95
N SER B 14 -18.20 -7.97 -3.33
CA SER B 14 -17.08 -8.72 -3.85
C SER B 14 -17.30 -10.22 -3.64
N PRO B 15 -16.72 -11.06 -4.52
CA PRO B 15 -16.84 -12.51 -4.46
C PRO B 15 -16.04 -13.09 -3.29
N SER B 16 -15.23 -12.27 -2.63
CA SER B 16 -14.43 -12.64 -1.47
C SER B 16 -14.00 -11.37 -0.74
N MET A 1 7.94 13.27 -17.52
CA MET A 1 6.65 13.21 -16.83
C MET A 1 5.55 12.84 -17.81
N ALA A 2 5.40 11.53 -18.09
CA ALA A 2 4.41 11.05 -19.03
C ALA A 2 3.91 9.66 -18.65
N PHE A 3 2.89 9.18 -19.38
CA PHE A 3 2.32 7.85 -19.22
C PHE A 3 3.30 6.80 -19.75
N SER A 4 4.45 6.66 -19.08
CA SER A 4 5.52 5.79 -19.53
C SER A 4 6.41 5.38 -18.36
N SER A 5 5.85 4.60 -17.42
CA SER A 5 6.60 4.11 -16.26
C SER A 5 7.18 5.29 -15.46
N GLU A 6 6.37 6.33 -15.28
CA GLU A 6 6.78 7.57 -14.65
C GLU A 6 5.56 8.35 -14.15
N GLN A 7 4.40 8.16 -14.78
CA GLN A 7 3.15 8.76 -14.40
C GLN A 7 2.90 8.63 -12.90
N PHE A 8 2.53 7.43 -12.46
CA PHE A 8 2.30 7.13 -11.05
C PHE A 8 3.49 7.54 -10.20
N THR A 9 4.71 7.45 -10.76
CA THR A 9 5.91 7.75 -10.02
C THR A 9 5.92 9.25 -9.66
N THR A 10 5.64 10.11 -10.64
CA THR A 10 5.59 11.53 -10.40
C THR A 10 4.52 11.83 -9.35
N LYS A 11 3.44 11.05 -9.31
CA LYS A 11 2.40 11.23 -8.31
C LYS A 11 2.99 11.07 -6.92
N LEU A 12 3.79 10.02 -6.70
CA LEU A 12 4.43 9.77 -5.41
C LEU A 12 5.21 11.00 -4.97
N ASN A 13 5.88 11.66 -5.93
CA ASN A 13 6.67 12.85 -5.63
C ASN A 13 5.81 14.09 -5.41
N THR A 14 4.47 13.98 -5.47
CA THR A 14 3.60 15.11 -5.20
C THR A 14 2.41 14.74 -4.30
N LEU A 15 2.46 13.59 -3.61
CA LEU A 15 1.40 13.20 -2.69
C LEU A 15 1.38 14.08 -1.44
N GLU A 16 0.31 13.94 -0.64
CA GLU A 16 0.15 14.62 0.63
C GLU A 16 -0.51 13.66 1.62
N ASP A 17 -0.30 13.86 2.92
CA ASP A 17 -0.84 12.99 3.94
C ASP A 17 -2.34 13.19 4.15
N SER A 18 -3.06 13.66 3.13
CA SER A 18 -4.46 14.08 3.28
C SER A 18 -5.36 13.21 2.41
N GLN A 19 -6.58 12.96 2.89
CA GLN A 19 -7.54 12.16 2.15
C GLN A 19 -7.88 12.84 0.83
N GLU A 20 -7.76 14.17 0.75
CA GLU A 20 -8.01 14.91 -0.48
C GLU A 20 -7.00 14.54 -1.55
N SER A 21 -5.72 14.82 -1.28
CA SER A 21 -4.66 14.57 -2.22
C SER A 21 -4.53 13.08 -2.51
N ILE A 22 -4.70 12.23 -1.50
CA ILE A 22 -4.63 10.80 -1.68
C ILE A 22 -5.80 10.30 -2.53
N SER A 23 -7.02 10.81 -2.27
CA SER A 23 -8.19 10.39 -3.02
C SER A 23 -8.05 10.77 -4.49
N SER A 24 -7.54 11.97 -4.76
CA SER A 24 -7.38 12.42 -6.14
C SER A 24 -6.36 11.57 -6.87
N ALA A 25 -5.24 11.26 -6.21
CA ALA A 25 -4.22 10.40 -6.80
C ALA A 25 -4.73 8.97 -6.94
N SER A 26 -5.54 8.53 -5.98
CA SER A 26 -6.10 7.18 -5.95
C SER A 26 -7.11 6.98 -7.07
N LYS A 27 -8.08 7.87 -7.18
CA LYS A 27 -9.12 7.75 -8.20
C LYS A 27 -8.53 7.86 -9.60
N TRP A 28 -7.52 8.71 -9.79
CA TRP A 28 -6.85 8.78 -11.08
C TRP A 28 -6.19 7.45 -11.40
N LEU A 29 -5.36 6.98 -10.47
CA LEU A 29 -4.64 5.74 -10.70
C LEU A 29 -5.65 4.62 -10.94
N LEU A 30 -6.79 4.69 -10.25
CA LEU A 30 -7.86 3.73 -10.40
C LEU A 30 -8.43 3.77 -11.83
N LEU A 31 -8.41 4.93 -12.49
CA LEU A 31 -8.88 5.03 -13.87
C LEU A 31 -7.97 4.25 -14.81
N GLN A 32 -6.65 4.25 -14.57
CA GLN A 32 -5.74 3.46 -15.39
C GLN A 32 -5.35 2.14 -14.74
N TYR A 33 -6.33 1.38 -14.23
CA TYR A 33 -6.06 0.10 -13.57
C TYR A 33 -5.28 -0.88 -14.46
N ARG A 34 -5.19 -0.60 -15.76
CA ARG A 34 -4.44 -1.41 -16.69
C ARG A 34 -2.94 -1.42 -16.35
N ASP A 35 -2.43 -0.34 -15.74
CA ASP A 35 -1.02 -0.26 -15.39
C ASP A 35 -0.75 -0.87 -14.01
N ALA A 36 -1.79 -1.37 -13.35
CA ALA A 36 -1.71 -1.93 -12.00
C ALA A 36 -0.45 -2.77 -11.73
N PRO A 37 -0.08 -3.75 -12.57
CA PRO A 37 1.09 -4.57 -12.31
C PRO A 37 2.37 -3.75 -12.39
N LYS A 38 2.45 -2.83 -13.36
CA LYS A 38 3.61 -1.97 -13.53
C LYS A 38 3.72 -1.01 -12.34
N VAL A 39 2.62 -0.34 -12.02
CA VAL A 39 2.58 0.63 -10.93
C VAL A 39 2.90 -0.03 -9.60
N ALA A 40 2.43 -1.28 -9.39
CA ALA A 40 2.74 -1.99 -8.17
C ALA A 40 4.26 -2.21 -8.08
N GLU A 41 4.89 -2.59 -9.18
CA GLU A 41 6.33 -2.80 -9.19
C GLU A 41 7.08 -1.48 -8.97
N MET A 42 6.75 -0.44 -9.76
CA MET A 42 7.42 0.85 -9.60
C MET A 42 7.20 1.39 -8.21
N TRP A 43 6.00 1.17 -7.65
CA TRP A 43 5.71 1.62 -6.31
C TRP A 43 6.66 0.98 -5.31
N LYS A 44 6.79 -0.35 -5.32
CA LYS A 44 7.69 -1.00 -4.39
C LYS A 44 9.11 -0.49 -4.59
N GLU A 45 9.62 -0.53 -5.82
CA GLU A 45 10.98 -0.09 -6.07
C GLU A 45 11.19 1.35 -5.59
N TYR A 46 10.20 2.23 -5.76
CA TYR A 46 10.32 3.59 -5.28
C TYR A 46 10.36 3.63 -3.75
N MET A 47 9.53 2.82 -3.07
CA MET A 47 9.51 2.80 -1.62
C MET A 47 10.81 2.23 -1.07
N LEU A 48 11.28 1.12 -1.66
CA LEU A 48 12.47 0.43 -1.20
C LEU A 48 13.75 1.21 -1.53
N ARG A 49 13.70 2.13 -2.49
CA ARG A 49 14.90 2.87 -2.87
C ARG A 49 15.40 3.75 -1.72
N PRO A 50 16.74 3.86 -1.55
CA PRO A 50 17.35 4.65 -0.50
C PRO A 50 17.19 6.14 -0.77
N SER A 51 16.86 6.50 -2.01
CA SER A 51 16.63 7.89 -2.40
C SER A 51 15.28 8.39 -1.92
N VAL A 52 14.54 7.57 -1.15
CA VAL A 52 13.23 7.92 -0.63
C VAL A 52 13.22 7.78 0.89
N ASN A 53 12.46 8.64 1.56
CA ASN A 53 12.42 8.77 3.01
C ASN A 53 11.07 8.32 3.57
N THR A 54 11.01 8.15 4.90
CA THR A 54 9.83 7.69 5.61
C THR A 54 8.60 8.51 5.28
N ARG A 55 8.75 9.83 5.11
CA ARG A 55 7.62 10.68 4.79
C ARG A 55 7.00 10.29 3.46
N ARG A 56 7.85 10.09 2.45
CA ARG A 56 7.42 9.77 1.10
C ARG A 56 6.87 8.34 1.08
N LYS A 57 7.43 7.46 1.91
CA LYS A 57 6.97 6.09 2.05
C LYS A 57 5.60 6.04 2.75
N LEU A 58 5.37 6.94 3.71
CA LEU A 58 4.09 7.01 4.39
C LEU A 58 2.99 7.39 3.38
N LEU A 59 3.28 8.37 2.53
CA LEU A 59 2.38 8.77 1.46
C LEU A 59 2.10 7.63 0.50
N GLY A 60 3.13 6.86 0.13
CA GLY A 60 2.96 5.73 -0.77
C GLY A 60 2.13 4.63 -0.12
N LEU A 61 2.33 4.41 1.18
CA LEU A 61 1.54 3.47 1.96
C LEU A 61 0.06 3.85 1.95
N TYR A 62 -0.23 5.14 2.19
CA TYR A 62 -1.61 5.62 2.20
C TYR A 62 -2.24 5.50 0.81
N LEU A 63 -1.50 5.85 -0.24
CA LEU A 63 -2.05 5.82 -1.59
C LEU A 63 -2.47 4.41 -1.97
N MET A 64 -1.53 3.46 -1.96
CA MET A 64 -1.83 2.10 -2.37
C MET A 64 -2.91 1.49 -1.49
N ASN A 65 -2.96 1.84 -0.20
CA ASN A 65 -3.96 1.32 0.71
C ASN A 65 -5.36 1.65 0.19
N HIS A 66 -5.61 2.91 -0.15
CA HIS A 66 -6.91 3.28 -0.68
C HIS A 66 -7.17 2.59 -2.02
N VAL A 67 -6.14 2.50 -2.87
CA VAL A 67 -6.29 1.90 -4.18
C VAL A 67 -6.70 0.44 -4.07
N VAL A 68 -5.97 -0.37 -3.28
CA VAL A 68 -6.28 -1.79 -3.17
C VAL A 68 -7.65 -2.02 -2.56
N GLN A 69 -8.06 -1.17 -1.60
CA GLN A 69 -9.36 -1.30 -0.98
C GLN A 69 -10.47 -0.92 -1.95
N GLN A 70 -10.32 0.21 -2.65
CA GLN A 70 -11.30 0.64 -3.63
C GLN A 70 -11.36 -0.37 -4.78
N ALA A 71 -10.22 -1.02 -5.05
CA ALA A 71 -10.13 -2.03 -6.09
C ALA A 71 -10.98 -3.24 -5.72
N LYS A 72 -10.82 -3.74 -4.49
CA LYS A 72 -11.63 -4.85 -4.03
C LYS A 72 -13.10 -4.46 -4.01
N GLY A 73 -13.38 -3.18 -3.73
CA GLY A 73 -14.73 -2.64 -3.67
C GLY A 73 -15.47 -2.90 -4.98
N GLN A 74 -14.88 -2.52 -6.11
CA GLN A 74 -15.48 -2.75 -7.41
C GLN A 74 -14.94 -4.03 -8.08
N LYS A 75 -14.11 -4.78 -7.34
CA LYS A 75 -13.56 -6.08 -7.72
C LYS A 75 -12.62 -6.04 -8.91
N ILE A 76 -11.74 -5.01 -8.95
CA ILE A 76 -10.70 -4.89 -9.95
C ILE A 76 -9.43 -5.51 -9.38
N ILE A 77 -9.39 -6.84 -9.42
CA ILE A 77 -8.31 -7.61 -8.84
C ILE A 77 -6.94 -7.22 -9.37
N GLN A 78 -6.84 -6.51 -10.49
CA GLN A 78 -5.53 -6.19 -11.06
C GLN A 78 -4.67 -5.47 -10.03
N PHE A 79 -5.27 -4.55 -9.28
CA PHE A 79 -4.59 -3.79 -8.26
C PHE A 79 -4.19 -4.69 -7.09
N GLN A 80 -5.18 -5.18 -6.34
CA GLN A 80 -4.93 -5.97 -5.15
C GLN A 80 -4.07 -7.18 -5.47
N ASP A 81 -4.13 -7.69 -6.71
CA ASP A 81 -3.31 -8.81 -7.10
C ASP A 81 -1.84 -8.40 -7.17
N SER A 82 -1.55 -7.31 -7.90
CA SER A 82 -0.20 -6.82 -8.10
C SER A 82 0.35 -6.17 -6.84
N PHE A 83 -0.40 -5.19 -6.30
CA PHE A 83 -0.02 -4.45 -5.12
C PHE A 83 0.18 -5.36 -3.92
N GLY A 84 -0.65 -6.39 -3.78
CA GLY A 84 -0.57 -7.30 -2.66
C GLY A 84 0.82 -7.93 -2.51
N LYS A 85 1.38 -8.44 -3.61
CA LYS A 85 2.65 -9.17 -3.54
C LYS A 85 3.77 -8.24 -3.11
N VAL A 86 3.81 -7.04 -3.70
CA VAL A 86 4.82 -6.03 -3.40
C VAL A 86 4.55 -5.36 -2.04
N ALA A 87 3.31 -5.45 -1.54
CA ALA A 87 2.95 -4.86 -0.25
C ALA A 87 3.74 -5.49 0.89
N ALA A 88 3.74 -6.83 1.01
CA ALA A 88 4.48 -7.52 2.05
C ALA A 88 5.94 -7.08 2.04
N GLU A 89 6.52 -6.90 0.85
CA GLU A 89 7.87 -6.41 0.74
C GLU A 89 7.97 -4.99 1.29
N VAL A 90 7.29 -4.02 0.65
CA VAL A 90 7.37 -2.62 1.08
C VAL A 90 7.03 -2.48 2.55
N LEU A 91 5.79 -2.81 2.92
CA LEU A 91 5.27 -2.62 4.27
C LEU A 91 6.24 -3.24 5.27
N GLY A 92 6.80 -4.39 4.92
CA GLY A 92 7.84 -5.05 5.69
C GLY A 92 9.11 -4.22 5.85
N ARG A 93 9.68 -3.70 4.75
CA ARG A 93 10.91 -2.93 4.81
C ARG A 93 10.69 -1.57 5.47
N ILE A 94 9.61 -0.88 5.08
CA ILE A 94 9.31 0.42 5.68
C ILE A 94 8.98 0.23 7.16
N ASN A 95 8.54 -0.97 7.57
CA ASN A 95 8.31 -1.25 8.97
C ASN A 95 9.62 -1.26 9.75
N GLN A 96 10.73 -1.56 9.07
CA GLN A 96 12.05 -1.57 9.70
C GLN A 96 12.66 -0.17 9.71
N GLU A 97 12.10 0.73 8.88
CA GLU A 97 12.61 2.08 8.71
C GLU A 97 11.71 3.11 9.40
N PHE A 98 10.41 2.81 9.50
CA PHE A 98 9.46 3.74 10.10
C PHE A 98 9.69 3.77 11.60
N PRO A 99 9.74 4.96 12.21
CA PRO A 99 9.81 5.10 13.64
C PRO A 99 8.52 4.57 14.23
N ARG A 100 8.54 4.32 15.54
CA ARG A 100 7.40 3.72 16.23
C ARG A 100 6.09 4.42 15.90
N ASP A 101 6.12 5.74 15.68
CA ASP A 101 4.92 6.49 15.33
C ASP A 101 4.35 6.03 13.99
N LEU A 102 5.11 6.17 12.90
CA LEU A 102 4.64 5.82 11.57
C LEU A 102 4.43 4.32 11.43
N LYS A 103 5.26 3.54 12.13
CA LYS A 103 5.13 2.10 12.16
C LYS A 103 3.78 1.71 12.73
N LYS A 104 3.32 2.42 13.77
CA LYS A 104 1.98 2.21 14.33
C LYS A 104 0.90 2.59 13.31
N LYS A 105 1.11 3.65 12.52
CA LYS A 105 0.15 4.00 11.48
C LYS A 105 0.07 2.87 10.47
N LEU A 106 1.23 2.34 10.04
CA LEU A 106 1.25 1.20 9.17
C LEU A 106 0.63 -0.03 9.83
N SER A 107 0.88 -0.22 11.13
CA SER A 107 0.34 -1.37 11.82
C SER A 107 -1.17 -1.39 11.63
N ARG A 108 -1.84 -0.24 11.76
CA ARG A 108 -3.26 -0.17 11.53
C ARG A 108 -3.55 -0.57 10.08
N VAL A 109 -2.79 -0.03 9.13
CA VAL A 109 -2.98 -0.33 7.71
C VAL A 109 -2.91 -1.83 7.47
N VAL A 110 -1.91 -2.53 8.01
CA VAL A 110 -1.81 -3.96 7.83
C VAL A 110 -3.03 -4.68 8.44
N ASN A 111 -3.41 -4.35 9.67
CA ASN A 111 -4.57 -4.98 10.28
C ASN A 111 -5.84 -4.78 9.45
N ILE A 112 -6.15 -3.54 9.09
CA ILE A 112 -7.35 -3.26 8.32
C ILE A 112 -7.33 -4.05 7.02
N LEU A 113 -6.15 -4.21 6.41
CA LEU A 113 -6.08 -4.89 5.13
C LEU A 113 -6.49 -6.35 5.26
N LYS A 114 -6.02 -7.05 6.30
CA LYS A 114 -6.40 -8.43 6.53
C LYS A 114 -7.80 -8.54 7.14
N GLU A 115 -8.25 -7.52 7.88
CA GLU A 115 -9.60 -7.53 8.42
C GLU A 115 -10.64 -7.56 7.28
N ARG A 116 -10.29 -6.95 6.13
CA ARG A 116 -11.14 -6.97 4.95
C ARG A 116 -10.59 -7.87 3.86
N ASN A 117 -9.44 -8.50 4.11
CA ASN A 117 -8.83 -9.49 3.23
C ASN A 117 -8.68 -8.96 1.81
N ILE A 118 -7.98 -7.83 1.67
CA ILE A 118 -7.84 -7.21 0.37
C ILE A 118 -6.96 -8.06 -0.55
N PHE A 119 -5.95 -8.72 0.02
CA PHE A 119 -5.07 -9.61 -0.73
C PHE A 119 -5.39 -11.07 -0.40
N SER A 120 -4.62 -11.99 -0.99
CA SER A 120 -4.81 -13.41 -0.77
C SER A 120 -4.29 -13.79 0.60
N LYS A 121 -4.81 -14.87 1.19
CA LYS A 121 -4.42 -15.29 2.52
C LYS A 121 -2.91 -15.44 2.64
N GLN A 122 -2.24 -15.84 1.57
CA GLN A 122 -0.79 -15.97 1.56
C GLN A 122 -0.16 -14.60 1.71
N VAL A 123 -0.62 -13.64 0.91
CA VAL A 123 -0.13 -12.27 0.94
C VAL A 123 -0.39 -11.64 2.30
N VAL A 124 -1.59 -11.87 2.84
CA VAL A 124 -1.94 -11.42 4.18
C VAL A 124 -0.88 -11.86 5.18
N ASN A 125 -0.63 -13.17 5.25
CA ASN A 125 0.34 -13.72 6.18
C ASN A 125 1.74 -13.21 5.85
N ASP A 126 2.10 -13.11 4.57
CA ASP A 126 3.41 -12.62 4.18
C ASP A 126 3.66 -11.21 4.69
N ILE A 127 2.67 -10.32 4.63
CA ILE A 127 2.83 -8.99 5.21
C ILE A 127 3.12 -9.10 6.70
N GLU A 128 2.34 -9.92 7.43
CA GLU A 128 2.53 -10.07 8.87
C GLU A 128 3.91 -10.65 9.19
N ARG A 129 4.35 -11.65 8.42
CA ARG A 129 5.66 -12.26 8.60
C ARG A 129 6.75 -11.21 8.40
N SER A 130 6.48 -10.27 7.50
CA SER A 130 7.44 -9.25 7.12
C SER A 130 7.69 -8.27 8.27
N LEU A 131 6.62 -7.82 8.93
CA LEU A 131 6.72 -7.01 10.14
C LEU A 131 7.40 -7.80 11.25
N ALA A 132 6.96 -9.05 11.43
CA ALA A 132 7.41 -9.90 12.51
C ALA A 132 8.92 -10.19 12.40
N ALA A 133 9.42 -10.44 11.19
CA ALA A 133 10.82 -10.72 10.97
C ALA A 133 11.69 -9.51 11.28
N ALA A 134 11.12 -8.30 11.23
CA ALA A 134 11.85 -7.08 11.51
C ALA A 134 12.04 -6.84 13.00
N LEU A 135 11.07 -7.27 13.81
CA LEU A 135 11.10 -7.01 15.25
C LEU A 135 11.66 -8.20 16.04
N GLU A 136 11.60 -9.42 15.48
CA GLU A 136 12.12 -10.63 16.11
C GLU A 136 11.49 -10.92 17.48
N HIS A 137 11.74 -12.11 18.03
CA HIS A 137 11.25 -12.51 19.35
C HIS A 137 12.02 -11.80 20.47
N HIS A 138 13.03 -11.01 20.12
CA HIS A 138 13.85 -10.27 21.07
C HIS A 138 13.02 -9.16 21.73
N HIS A 139 13.55 -8.56 22.80
CA HIS A 139 12.86 -7.49 23.50
C HIS A 139 12.87 -6.20 22.66
N HIS A 140 11.73 -5.50 22.65
CA HIS A 140 11.59 -4.22 21.96
C HIS A 140 10.34 -3.50 22.48
N HIS A 141 10.17 -2.24 22.08
CA HIS A 141 9.05 -1.42 22.50
C HIS A 141 8.71 -0.43 21.37
N HIS A 142 7.48 0.09 21.39
CA HIS A 142 6.98 0.97 20.33
C HIS A 142 6.10 2.05 20.92
N PRO B 1 -8.79 16.48 5.16
CA PRO B 1 -8.14 16.15 6.43
C PRO B 1 -7.16 14.99 6.30
N SER B 2 -6.50 14.63 7.40
CA SER B 2 -5.49 13.57 7.39
C SER B 2 -6.09 12.27 6.88
N TYR B 3 -5.27 11.48 6.17
CA TYR B 3 -5.72 10.21 5.63
C TYR B 3 -6.03 9.21 6.73
N SER B 4 -7.08 8.40 6.51
CA SER B 4 -7.51 7.35 7.43
C SER B 4 -6.85 6.03 7.05
N PRO B 5 -6.12 5.39 7.97
CA PRO B 5 -5.55 4.07 7.74
C PRO B 5 -6.60 3.05 7.35
N TPO B 6 -7.86 3.32 7.74
CA TPO B 6 -8.98 2.45 7.45
CB TPO B 6 -10.11 2.64 8.47
CG2 TPO B 6 -11.12 1.51 8.33
OG1 TPO B 6 -9.59 2.63 9.78
P TPO B 6 -9.76 3.91 10.73
O1P TPO B 6 -11.22 4.13 10.73
O2P TPO B 6 -9.19 3.45 12.02
O3P TPO B 6 -8.97 4.96 10.03
C TPO B 6 -9.46 2.69 6.02
O TPO B 6 -9.43 1.76 5.21
H TPO B 6 -8.05 4.16 8.27
HA TPO B 6 -8.63 1.42 7.51
HB TPO B 6 -10.60 3.59 8.27
HG21 TPO B 6 -11.55 1.52 7.33
HG22 TPO B 6 -11.92 1.66 9.06
HG23 TPO B 6 -10.65 0.55 8.53
N SER B 7 -9.92 3.91 5.74
CA SER B 7 -10.43 4.29 4.41
C SER B 7 -11.29 3.18 3.82
N PRO B 8 -12.40 2.82 4.48
CA PRO B 8 -13.20 1.67 4.12
C PRO B 8 -13.77 1.86 2.73
N SER B 9 -13.56 0.87 1.86
CA SER B 9 -13.98 0.92 0.46
C SER B 9 -14.49 -0.43 -0.02
N TYR B 10 -14.76 -1.34 0.93
CA TYR B 10 -15.27 -2.67 0.65
C TYR B 10 -16.05 -3.18 1.86
N SER B 11 -16.93 -4.15 1.64
CA SER B 11 -17.74 -4.77 2.69
C SER B 11 -18.31 -6.09 2.17
N PRO B 12 -18.65 -7.02 3.07
CA PRO B 12 -19.15 -8.34 2.73
C PRO B 12 -20.53 -8.29 2.08
N THR B 13 -21.15 -7.10 2.01
CA THR B 13 -22.45 -6.93 1.36
C THR B 13 -22.31 -6.90 -0.16
N SER B 14 -21.11 -7.15 -0.69
CA SER B 14 -20.87 -7.18 -2.12
C SER B 14 -21.64 -8.33 -2.77
N PRO B 15 -22.14 -8.12 -4.00
CA PRO B 15 -22.76 -9.17 -4.79
C PRO B 15 -21.66 -10.10 -5.28
N SER B 16 -21.18 -10.96 -4.36
CA SER B 16 -20.02 -11.81 -4.59
C SER B 16 -18.85 -10.95 -5.07
N MET A 1 4.97 11.59 -18.29
CA MET A 1 4.18 11.22 -19.49
C MET A 1 3.39 9.94 -19.23
N ALA A 2 2.35 9.70 -20.02
CA ALA A 2 1.49 8.53 -19.83
C ALA A 2 2.25 7.23 -20.07
N PHE A 3 1.99 6.24 -19.21
CA PHE A 3 2.61 4.92 -19.25
C PHE A 3 4.13 4.95 -19.39
N SER A 4 4.76 6.07 -19.03
CA SER A 4 6.19 6.26 -19.24
C SER A 4 7.04 5.66 -18.13
N SER A 5 6.49 4.71 -17.35
CA SER A 5 7.18 4.12 -16.21
C SER A 5 7.67 5.21 -15.26
N GLU A 6 6.84 6.25 -15.08
CA GLU A 6 7.19 7.45 -14.36
C GLU A 6 5.95 8.22 -13.93
N GLN A 7 4.85 8.11 -14.68
CA GLN A 7 3.63 8.83 -14.36
C GLN A 7 3.23 8.62 -12.91
N PHE A 8 2.87 7.37 -12.54
CA PHE A 8 2.49 7.05 -11.18
C PHE A 8 3.59 7.44 -10.20
N THR A 9 4.85 7.33 -10.64
CA THR A 9 6.00 7.58 -9.81
C THR A 9 6.04 9.07 -9.43
N THR A 10 5.83 9.95 -10.41
CA THR A 10 5.84 11.37 -10.13
C THR A 10 4.71 11.70 -9.18
N LYS A 11 3.60 10.97 -9.26
CA LYS A 11 2.47 11.18 -8.34
C LYS A 11 2.94 10.99 -6.90
N LEU A 12 3.67 9.90 -6.63
CA LEU A 12 4.20 9.63 -5.30
C LEU A 12 4.99 10.84 -4.79
N ASN A 13 5.77 11.46 -5.69
CA ASN A 13 6.56 12.62 -5.32
C ASN A 13 5.73 13.91 -5.17
N THR A 14 4.41 13.84 -5.36
CA THR A 14 3.56 15.00 -5.16
C THR A 14 2.29 14.68 -4.35
N LEU A 15 2.25 13.53 -3.67
CA LEU A 15 1.14 13.21 -2.79
C LEU A 15 1.19 14.07 -1.52
N GLU A 16 0.16 13.96 -0.68
CA GLU A 16 0.10 14.64 0.60
C GLU A 16 -0.53 13.70 1.63
N ASP A 17 -0.26 13.93 2.92
CA ASP A 17 -0.71 13.05 3.98
C ASP A 17 -2.22 13.16 4.25
N SER A 18 -3.04 13.43 3.23
CA SER A 18 -4.46 13.73 3.45
C SER A 18 -5.36 13.04 2.43
N GLN A 19 -6.55 12.66 2.90
CA GLN A 19 -7.50 11.92 2.08
C GLN A 19 -7.86 12.70 0.82
N GLU A 20 -7.84 14.03 0.88
CA GLU A 20 -8.12 14.86 -0.28
C GLU A 20 -7.15 14.53 -1.42
N SER A 21 -5.87 14.83 -1.20
CA SER A 21 -4.84 14.57 -2.20
C SER A 21 -4.83 13.10 -2.61
N ILE A 22 -4.89 12.21 -1.61
CA ILE A 22 -4.80 10.79 -1.89
C ILE A 22 -5.97 10.34 -2.74
N SER A 23 -7.18 10.84 -2.46
CA SER A 23 -8.35 10.41 -3.21
C SER A 23 -8.23 10.82 -4.68
N SER A 24 -7.70 12.01 -4.96
CA SER A 24 -7.56 12.48 -6.32
C SER A 24 -6.58 11.62 -7.10
N ALA A 25 -5.44 11.29 -6.47
CA ALA A 25 -4.45 10.44 -7.07
C ALA A 25 -4.98 9.01 -7.21
N SER A 26 -5.80 8.58 -6.25
CA SER A 26 -6.38 7.26 -6.26
C SER A 26 -7.35 7.10 -7.43
N LYS A 27 -8.32 8.03 -7.57
CA LYS A 27 -9.29 7.94 -8.66
C LYS A 27 -8.60 7.93 -10.01
N TRP A 28 -7.56 8.74 -10.20
CA TRP A 28 -6.83 8.72 -11.46
C TRP A 28 -6.19 7.35 -11.67
N LEU A 29 -5.39 6.90 -10.69
CA LEU A 29 -4.66 5.66 -10.84
C LEU A 29 -5.64 4.53 -11.08
N LEU A 30 -6.82 4.61 -10.46
CA LEU A 30 -7.89 3.66 -10.62
C LEU A 30 -8.40 3.63 -12.06
N LEU A 31 -8.39 4.78 -12.75
CA LEU A 31 -8.81 4.83 -14.15
C LEU A 31 -7.85 4.04 -15.05
N GLN A 32 -6.55 4.05 -14.75
CA GLN A 32 -5.61 3.24 -15.52
C GLN A 32 -5.26 1.94 -14.77
N TYR A 33 -6.29 1.17 -14.37
CA TYR A 33 -6.08 -0.09 -13.68
C TYR A 33 -5.31 -1.11 -14.53
N ARG A 34 -5.17 -0.87 -15.84
CA ARG A 34 -4.38 -1.75 -16.69
C ARG A 34 -2.89 -1.55 -16.42
N ASP A 35 -2.51 -0.46 -15.74
CA ASP A 35 -1.13 -0.24 -15.32
C ASP A 35 -0.85 -0.89 -13.97
N ALA A 36 -1.86 -1.51 -13.35
CA ALA A 36 -1.78 -2.05 -12.00
C ALA A 36 -0.52 -2.89 -11.73
N PRO A 37 -0.15 -3.86 -12.57
CA PRO A 37 1.00 -4.70 -12.30
C PRO A 37 2.30 -3.89 -12.37
N LYS A 38 2.38 -2.94 -13.31
CA LYS A 38 3.55 -2.12 -13.49
C LYS A 38 3.67 -1.10 -12.36
N VAL A 39 2.55 -0.44 -12.02
CA VAL A 39 2.53 0.53 -10.96
C VAL A 39 2.86 -0.14 -9.63
N ALA A 40 2.39 -1.37 -9.39
CA ALA A 40 2.74 -2.08 -8.18
C ALA A 40 4.25 -2.36 -8.14
N GLU A 41 4.82 -2.71 -9.31
CA GLU A 41 6.25 -2.94 -9.44
C GLU A 41 7.03 -1.66 -9.13
N MET A 42 6.75 -0.57 -9.86
CA MET A 42 7.43 0.70 -9.65
C MET A 42 7.22 1.21 -8.23
N TRP A 43 6.02 0.99 -7.70
CA TRP A 43 5.69 1.45 -6.36
C TRP A 43 6.61 0.83 -5.33
N LYS A 44 6.76 -0.50 -5.33
CA LYS A 44 7.65 -1.14 -4.38
C LYS A 44 9.07 -0.63 -4.53
N GLU A 45 9.59 -0.67 -5.76
CA GLU A 45 10.96 -0.23 -6.00
C GLU A 45 11.16 1.21 -5.52
N TYR A 46 10.16 2.07 -5.68
CA TYR A 46 10.26 3.44 -5.20
C TYR A 46 10.37 3.49 -3.66
N MET A 47 9.53 2.70 -2.98
CA MET A 47 9.53 2.67 -1.53
C MET A 47 10.81 2.05 -0.97
N LEU A 48 11.28 0.97 -1.60
CA LEU A 48 12.48 0.29 -1.15
C LEU A 48 13.74 1.09 -1.46
N ARG A 49 13.68 2.02 -2.42
CA ARG A 49 14.85 2.81 -2.76
C ARG A 49 15.28 3.74 -1.62
N PRO A 50 16.59 3.86 -1.39
CA PRO A 50 17.14 4.69 -0.32
C PRO A 50 17.01 6.17 -0.64
N SER A 51 16.75 6.50 -1.90
CA SER A 51 16.57 7.89 -2.33
C SER A 51 15.18 8.42 -1.97
N VAL A 52 14.41 7.63 -1.22
CA VAL A 52 13.07 8.01 -0.75
C VAL A 52 13.03 7.94 0.77
N ASN A 53 12.31 8.89 1.38
CA ASN A 53 12.25 9.06 2.82
C ASN A 53 10.95 8.49 3.39
N THR A 54 10.89 8.36 4.72
CA THR A 54 9.75 7.80 5.44
C THR A 54 8.45 8.52 5.12
N ARG A 55 8.49 9.85 4.95
CA ARG A 55 7.28 10.61 4.66
C ARG A 55 6.78 10.26 3.27
N ARG A 56 7.69 10.12 2.31
CA ARG A 56 7.35 9.80 0.93
C ARG A 56 6.83 8.37 0.87
N LYS A 57 7.31 7.51 1.78
CA LYS A 57 6.81 6.16 1.92
C LYS A 57 5.46 6.16 2.63
N LEU A 58 5.26 7.03 3.62
CA LEU A 58 3.97 7.14 4.28
C LEU A 58 2.90 7.51 3.25
N LEU A 59 3.27 8.41 2.32
CA LEU A 59 2.41 8.79 1.21
C LEU A 59 2.13 7.60 0.30
N GLY A 60 3.16 6.81 -0.04
CA GLY A 60 2.98 5.66 -0.90
C GLY A 60 2.11 4.62 -0.22
N LEU A 61 2.29 4.43 1.09
CA LEU A 61 1.47 3.55 1.89
C LEU A 61 0.00 3.97 1.80
N TYR A 62 -0.29 5.24 2.09
CA TYR A 62 -1.65 5.74 2.07
C TYR A 62 -2.29 5.59 0.70
N LEU A 63 -1.55 5.90 -0.37
CA LEU A 63 -2.10 5.80 -1.70
C LEU A 63 -2.47 4.36 -2.02
N MET A 64 -1.50 3.44 -1.90
CA MET A 64 -1.74 2.04 -2.23
C MET A 64 -2.93 1.49 -1.43
N ASN A 65 -3.06 1.88 -0.15
CA ASN A 65 -4.18 1.42 0.67
C ASN A 65 -5.50 1.78 0.03
N HIS A 66 -5.69 3.06 -0.28
CA HIS A 66 -6.94 3.53 -0.86
C HIS A 66 -7.18 2.86 -2.21
N VAL A 67 -6.10 2.66 -2.99
CA VAL A 67 -6.18 2.01 -4.28
C VAL A 67 -6.64 0.55 -4.14
N VAL A 68 -5.93 -0.26 -3.35
CA VAL A 68 -6.26 -1.68 -3.23
C VAL A 68 -7.65 -1.88 -2.61
N GLN A 69 -8.03 -1.03 -1.66
CA GLN A 69 -9.34 -1.15 -1.04
C GLN A 69 -10.44 -0.77 -2.02
N GLN A 70 -10.32 0.38 -2.68
CA GLN A 70 -11.32 0.78 -3.66
C GLN A 70 -11.36 -0.21 -4.82
N ALA A 71 -10.21 -0.84 -5.11
CA ALA A 71 -10.13 -1.87 -6.14
C ALA A 71 -10.97 -3.08 -5.74
N LYS A 72 -10.82 -3.58 -4.51
CA LYS A 72 -11.62 -4.69 -4.03
C LYS A 72 -13.10 -4.31 -4.07
N GLY A 73 -13.40 -3.03 -3.82
CA GLY A 73 -14.75 -2.52 -3.83
C GLY A 73 -15.44 -2.83 -5.16
N GLN A 74 -14.90 -2.27 -6.26
CA GLN A 74 -15.45 -2.46 -7.59
C GLN A 74 -14.92 -3.73 -8.27
N LYS A 75 -14.26 -4.60 -7.49
CA LYS A 75 -13.76 -5.91 -7.90
C LYS A 75 -12.75 -5.87 -9.03
N ILE A 76 -11.82 -4.92 -8.97
CA ILE A 76 -10.74 -4.81 -9.94
C ILE A 76 -9.50 -5.46 -9.33
N ILE A 77 -9.49 -6.80 -9.36
CA ILE A 77 -8.44 -7.59 -8.76
C ILE A 77 -7.05 -7.22 -9.28
N GLN A 78 -6.91 -6.54 -10.43
CA GLN A 78 -5.60 -6.26 -10.99
C GLN A 78 -4.72 -5.54 -9.97
N PHE A 79 -5.33 -4.62 -9.23
CA PHE A 79 -4.63 -3.84 -8.22
C PHE A 79 -4.25 -4.71 -7.03
N GLN A 80 -5.26 -5.18 -6.28
CA GLN A 80 -5.01 -5.96 -5.08
C GLN A 80 -4.16 -7.19 -5.40
N ASP A 81 -4.23 -7.71 -6.63
CA ASP A 81 -3.43 -8.84 -7.02
C ASP A 81 -1.95 -8.45 -7.10
N SER A 82 -1.65 -7.36 -7.83
CA SER A 82 -0.28 -6.91 -8.02
C SER A 82 0.28 -6.24 -6.76
N PHE A 83 -0.45 -5.24 -6.25
CA PHE A 83 -0.05 -4.50 -5.07
C PHE A 83 0.12 -5.41 -3.85
N GLY A 84 -0.73 -6.42 -3.72
CA GLY A 84 -0.67 -7.32 -2.59
C GLY A 84 0.70 -7.97 -2.44
N LYS A 85 1.26 -8.51 -3.52
CA LYS A 85 2.51 -9.25 -3.45
C LYS A 85 3.66 -8.33 -3.02
N VAL A 86 3.71 -7.14 -3.62
CA VAL A 86 4.74 -6.16 -3.33
C VAL A 86 4.50 -5.49 -1.98
N ALA A 87 3.26 -5.53 -1.46
CA ALA A 87 2.91 -4.93 -0.18
C ALA A 87 3.70 -5.55 0.96
N ALA A 88 3.75 -6.88 1.03
CA ALA A 88 4.48 -7.59 2.07
C ALA A 88 5.92 -7.12 2.13
N GLU A 89 6.56 -6.98 0.97
CA GLU A 89 7.90 -6.43 0.94
C GLU A 89 7.88 -4.99 1.42
N VAL A 90 7.26 -4.07 0.67
CA VAL A 90 7.28 -2.66 1.02
C VAL A 90 6.96 -2.43 2.49
N LEU A 91 5.73 -2.74 2.90
CA LEU A 91 5.26 -2.51 4.26
C LEU A 91 6.23 -3.15 5.27
N GLY A 92 6.74 -4.33 4.94
CA GLY A 92 7.70 -5.04 5.77
C GLY A 92 9.06 -4.35 5.85
N ARG A 93 9.55 -3.73 4.77
CA ARG A 93 10.84 -3.05 4.78
C ARG A 93 10.70 -1.64 5.36
N ILE A 94 9.64 -0.92 5.01
CA ILE A 94 9.40 0.41 5.57
C ILE A 94 9.13 0.27 7.07
N ASN A 95 8.65 -0.89 7.52
CA ASN A 95 8.44 -1.16 8.93
C ASN A 95 9.77 -1.23 9.68
N GLN A 96 10.88 -1.38 8.95
CA GLN A 96 12.21 -1.41 9.53
C GLN A 96 12.86 -0.03 9.48
N GLU A 97 12.24 0.90 8.74
CA GLU A 97 12.73 2.25 8.55
C GLU A 97 11.83 3.27 9.23
N PHE A 98 10.53 2.98 9.34
CA PHE A 98 9.58 3.89 9.94
C PHE A 98 9.87 4.00 11.44
N PRO A 99 9.72 5.20 12.01
CA PRO A 99 9.78 5.42 13.44
C PRO A 99 8.55 4.78 14.07
N ARG A 100 8.57 4.62 15.40
CA ARG A 100 7.51 3.94 16.12
C ARG A 100 6.12 4.46 15.72
N ASP A 101 5.99 5.76 15.47
CA ASP A 101 4.70 6.36 15.16
C ASP A 101 4.20 6.01 13.76
N LEU A 102 5.05 6.05 12.74
CA LEU A 102 4.61 5.68 11.40
C LEU A 102 4.42 4.17 11.34
N LYS A 103 5.24 3.45 12.08
CA LYS A 103 5.06 2.01 12.23
C LYS A 103 3.70 1.72 12.86
N LYS A 104 3.29 2.50 13.86
CA LYS A 104 1.97 2.40 14.46
C LYS A 104 0.88 2.64 13.41
N LYS A 105 1.04 3.65 12.54
CA LYS A 105 0.07 3.91 11.49
C LYS A 105 0.01 2.73 10.54
N LEU A 106 1.17 2.29 10.04
CA LEU A 106 1.23 1.13 9.16
C LEU A 106 0.65 -0.11 9.83
N SER A 107 0.94 -0.30 11.11
CA SER A 107 0.45 -1.47 11.81
C SER A 107 -1.07 -1.54 11.67
N ARG A 108 -1.76 -0.41 11.86
CA ARG A 108 -3.20 -0.37 11.66
C ARG A 108 -3.53 -0.67 10.21
N VAL A 109 -2.77 -0.09 9.27
CA VAL A 109 -2.98 -0.31 7.84
C VAL A 109 -2.95 -1.80 7.53
N VAL A 110 -1.93 -2.52 7.99
CA VAL A 110 -1.88 -3.97 7.76
C VAL A 110 -3.07 -4.66 8.44
N ASN A 111 -3.44 -4.24 9.65
CA ASN A 111 -4.55 -4.86 10.37
C ASN A 111 -5.84 -4.75 9.57
N ILE A 112 -6.24 -3.52 9.24
CA ILE A 112 -7.49 -3.27 8.54
C ILE A 112 -7.48 -3.97 7.17
N LEU A 113 -6.30 -4.12 6.56
CA LEU A 113 -6.23 -4.77 5.27
C LEU A 113 -6.65 -6.23 5.38
N LYS A 114 -6.14 -6.95 6.38
CA LYS A 114 -6.51 -8.35 6.54
C LYS A 114 -7.85 -8.52 7.23
N GLU A 115 -8.27 -7.56 8.06
CA GLU A 115 -9.58 -7.61 8.66
C GLU A 115 -10.67 -7.51 7.58
N ARG A 116 -10.36 -6.84 6.46
CA ARG A 116 -11.27 -6.73 5.32
C ARG A 116 -10.82 -7.59 4.14
N ASN A 117 -9.67 -8.28 4.30
CA ASN A 117 -9.17 -9.26 3.34
C ASN A 117 -9.08 -8.69 1.94
N ILE A 118 -8.20 -7.70 1.76
CA ILE A 118 -8.02 -7.07 0.46
C ILE A 118 -7.13 -7.94 -0.43
N PHE A 119 -6.14 -8.60 0.15
CA PHE A 119 -5.27 -9.51 -0.58
C PHE A 119 -5.62 -10.96 -0.24
N SER A 120 -4.90 -11.92 -0.84
CA SER A 120 -5.14 -13.33 -0.61
C SER A 120 -4.58 -13.72 0.75
N LYS A 121 -5.11 -14.79 1.35
CA LYS A 121 -4.67 -15.23 2.68
C LYS A 121 -3.15 -15.39 2.75
N GLN A 122 -2.54 -15.81 1.65
CA GLN A 122 -1.09 -15.97 1.59
C GLN A 122 -0.43 -14.61 1.69
N VAL A 123 -0.90 -13.65 0.88
CA VAL A 123 -0.37 -12.31 0.86
C VAL A 123 -0.55 -11.64 2.22
N VAL A 124 -1.71 -11.87 2.83
CA VAL A 124 -2.00 -11.37 4.18
C VAL A 124 -0.92 -11.84 5.16
N ASN A 125 -0.71 -13.16 5.23
CA ASN A 125 0.28 -13.72 6.13
C ASN A 125 1.68 -13.25 5.73
N ASP A 126 1.97 -13.18 4.43
CA ASP A 126 3.27 -12.72 3.96
C ASP A 126 3.60 -11.34 4.52
N ILE A 127 2.62 -10.42 4.53
CA ILE A 127 2.83 -9.10 5.13
C ILE A 127 3.12 -9.24 6.63
N GLU A 128 2.39 -10.11 7.34
CA GLU A 128 2.57 -10.21 8.79
C GLU A 128 3.92 -10.82 9.13
N ARG A 129 4.38 -11.79 8.33
CA ARG A 129 5.68 -12.40 8.53
C ARG A 129 6.79 -11.43 8.18
N SER A 130 6.50 -10.49 7.27
CA SER A 130 7.48 -9.52 6.84
C SER A 130 7.79 -8.54 7.97
N LEU A 131 6.75 -7.95 8.56
CA LEU A 131 6.87 -7.15 9.76
C LEU A 131 7.55 -7.93 10.88
N ALA A 132 7.14 -9.20 11.04
CA ALA A 132 7.69 -10.06 12.08
C ALA A 132 9.17 -10.30 11.84
N ALA A 133 9.58 -10.48 10.58
CA ALA A 133 10.99 -10.69 10.25
C ALA A 133 11.83 -9.45 10.54
N ALA A 134 11.20 -8.28 10.68
CA ALA A 134 11.90 -7.07 11.00
C ALA A 134 12.33 -7.01 12.46
N LEU A 135 11.52 -7.61 13.36
CA LEU A 135 11.81 -7.60 14.78
C LEU A 135 12.48 -8.90 15.23
N GLU A 136 12.43 -9.93 14.41
CA GLU A 136 13.20 -11.16 14.64
C GLU A 136 14.66 -10.92 14.27
N HIS A 137 15.54 -11.86 14.63
CA HIS A 137 16.94 -11.73 14.31
C HIS A 137 17.14 -11.78 12.78
N HIS A 138 17.94 -10.85 12.27
CA HIS A 138 18.17 -10.70 10.83
C HIS A 138 19.16 -11.74 10.29
N HIS A 139 19.47 -12.76 11.08
CA HIS A 139 20.46 -13.79 10.77
C HIS A 139 21.88 -13.21 10.64
N HIS A 140 22.88 -14.09 10.70
CA HIS A 140 24.28 -13.70 10.60
C HIS A 140 25.13 -14.89 10.17
N HIS A 141 26.37 -14.64 9.73
CA HIS A 141 27.21 -15.70 9.19
C HIS A 141 28.71 -15.46 9.40
N HIS A 142 29.09 -14.60 10.36
CA HIS A 142 30.49 -14.32 10.63
C HIS A 142 30.73 -14.10 12.12
N PRO B 1 -9.13 15.82 5.41
CA PRO B 1 -8.24 15.69 6.57
C PRO B 1 -7.18 14.62 6.35
N SER B 2 -6.31 14.40 7.33
CA SER B 2 -5.24 13.42 7.18
C SER B 2 -5.81 12.05 6.88
N TYR B 3 -5.11 11.25 6.08
CA TYR B 3 -5.60 9.97 5.61
C TYR B 3 -5.64 8.93 6.72
N SER B 4 -6.50 7.92 6.54
CA SER B 4 -6.65 6.77 7.42
C SER B 4 -7.20 5.62 6.59
N PRO B 5 -6.75 4.37 6.80
CA PRO B 5 -7.15 3.24 6.00
C PRO B 5 -8.57 2.74 6.32
N TPO B 6 -9.14 3.18 7.45
CA TPO B 6 -10.42 2.68 7.94
CB TPO B 6 -10.60 3.08 9.40
CG2 TPO B 6 -9.77 2.16 10.30
OG1 TPO B 6 -10.17 4.41 9.59
P TPO B 6 -10.92 5.41 10.59
O1P TPO B 6 -11.19 4.58 11.78
O2P TPO B 6 -9.91 6.48 10.79
O3P TPO B 6 -12.12 5.81 9.82
C TPO B 6 -11.60 3.15 7.09
O TPO B 6 -12.27 2.33 6.47
H TPO B 6 -8.67 3.88 8.00
HA TPO B 6 -10.41 1.59 7.90
HB TPO B 6 -11.65 2.98 9.68
HG21 TPO B 6 -9.83 2.49 11.33
HG22 TPO B 6 -8.73 2.18 9.97
HG23 TPO B 6 -10.16 1.15 10.23
N SER B 7 -11.87 4.46 7.08
CA SER B 7 -13.02 5.04 6.40
C SER B 7 -13.08 4.75 4.89
N PRO B 8 -11.97 4.75 4.13
CA PRO B 8 -11.97 4.40 2.72
C PRO B 8 -12.14 2.90 2.52
N SER B 9 -13.18 2.33 3.16
CA SER B 9 -13.50 0.91 3.08
C SER B 9 -13.80 0.51 1.63
N TYR B 10 -13.61 -0.78 1.31
CA TYR B 10 -13.86 -1.26 -0.02
C TYR B 10 -15.35 -1.27 -0.31
N SER B 11 -15.80 -0.30 -1.11
CA SER B 11 -17.20 -0.03 -1.43
C SER B 11 -18.02 0.33 -0.18
N PRO B 12 -19.02 1.21 -0.30
CA PRO B 12 -19.85 1.67 0.80
C PRO B 12 -20.62 0.58 1.55
N THR B 13 -20.44 -0.70 1.20
CA THR B 13 -21.17 -1.78 1.86
C THR B 13 -20.31 -3.02 2.10
N SER B 14 -18.98 -2.90 1.91
CA SER B 14 -18.04 -3.99 2.18
C SER B 14 -18.47 -5.33 1.56
N PRO B 15 -18.83 -5.34 0.26
CA PRO B 15 -19.35 -6.54 -0.39
C PRO B 15 -18.22 -7.52 -0.69
N SER B 16 -18.25 -8.67 -0.02
CA SER B 16 -17.31 -9.77 -0.19
C SER B 16 -15.85 -9.30 -0.26
N MET A 1 -4.14 7.26 -18.90
CA MET A 1 -4.58 6.39 -20.00
C MET A 1 -3.85 5.05 -19.95
N ALA A 2 -2.52 5.11 -20.02
CA ALA A 2 -1.66 3.93 -19.95
C ALA A 2 -0.33 4.33 -19.31
N PHE A 3 0.42 3.35 -18.83
CA PHE A 3 1.68 3.63 -18.14
C PHE A 3 2.75 4.15 -19.09
N SER A 4 3.75 4.81 -18.50
CA SER A 4 4.93 5.30 -19.19
C SER A 4 6.16 5.07 -18.31
N SER A 5 5.97 4.25 -17.27
CA SER A 5 7.00 3.92 -16.29
C SER A 5 7.55 5.17 -15.60
N GLU A 6 6.68 6.14 -15.33
CA GLU A 6 7.07 7.41 -14.73
C GLU A 6 5.85 8.15 -14.17
N GLN A 7 4.69 8.03 -14.83
CA GLN A 7 3.53 8.81 -14.44
C GLN A 7 3.19 8.61 -12.98
N PHE A 8 2.85 7.39 -12.56
CA PHE A 8 2.54 7.09 -11.18
C PHE A 8 3.71 7.47 -10.27
N THR A 9 4.94 7.34 -10.78
CA THR A 9 6.12 7.61 -10.00
C THR A 9 6.15 9.11 -9.67
N THR A 10 5.89 9.96 -10.66
CA THR A 10 5.90 11.39 -10.42
C THR A 10 4.81 11.74 -9.42
N LYS A 11 3.70 10.99 -9.40
CA LYS A 11 2.63 11.21 -8.42
C LYS A 11 3.19 11.04 -7.01
N LEU A 12 3.96 9.97 -6.78
CA LEU A 12 4.58 9.72 -5.48
C LEU A 12 5.38 10.94 -5.04
N ASN A 13 6.09 11.56 -5.98
CA ASN A 13 6.90 12.73 -5.67
C ASN A 13 6.07 14.00 -5.48
N THR A 14 4.73 13.93 -5.60
CA THR A 14 3.87 15.08 -5.36
C THR A 14 2.66 14.75 -4.48
N LEU A 15 2.68 13.62 -3.76
CA LEU A 15 1.60 13.27 -2.85
C LEU A 15 1.58 14.19 -1.64
N GLU A 16 0.47 14.16 -0.88
CA GLU A 16 0.32 14.90 0.35
C GLU A 16 -0.31 13.99 1.40
N ASP A 17 0.00 14.24 2.67
CA ASP A 17 -0.50 13.43 3.77
C ASP A 17 -1.98 13.70 4.05
N SER A 18 -2.79 13.94 3.00
CA SER A 18 -4.16 14.38 3.18
C SER A 18 -5.13 13.49 2.41
N GLN A 19 -6.37 13.42 2.89
CA GLN A 19 -7.38 12.57 2.31
C GLN A 19 -7.65 12.89 0.84
N GLU A 20 -7.68 14.17 0.46
CA GLU A 20 -8.06 14.51 -0.91
C GLU A 20 -6.89 14.39 -1.89
N SER A 21 -5.67 14.70 -1.47
CA SER A 21 -4.52 14.53 -2.35
C SER A 21 -4.31 13.05 -2.61
N ILE A 22 -4.46 12.22 -1.58
CA ILE A 22 -4.38 10.78 -1.74
C ILE A 22 -5.54 10.31 -2.61
N SER A 23 -6.75 10.84 -2.37
CA SER A 23 -7.90 10.46 -3.16
C SER A 23 -7.75 10.91 -4.60
N SER A 24 -7.09 12.04 -4.86
CA SER A 24 -6.86 12.55 -6.21
C SER A 24 -5.89 11.65 -6.96
N ALA A 25 -4.79 11.29 -6.31
CA ALA A 25 -3.80 10.40 -6.89
C ALA A 25 -4.40 9.00 -7.04
N SER A 26 -5.29 8.61 -6.11
CA SER A 26 -5.92 7.31 -6.13
C SER A 26 -6.97 7.22 -7.24
N LYS A 27 -7.93 8.15 -7.26
CA LYS A 27 -9.00 8.13 -8.25
C LYS A 27 -8.44 8.13 -9.66
N TRP A 28 -7.39 8.93 -9.91
CA TRP A 28 -6.74 8.95 -11.21
C TRP A 28 -6.14 7.58 -11.50
N LEU A 29 -5.31 7.09 -10.57
CA LEU A 29 -4.63 5.83 -10.79
C LEU A 29 -5.66 4.74 -11.03
N LEU A 30 -6.83 4.83 -10.37
CA LEU A 30 -7.93 3.90 -10.56
C LEU A 30 -8.48 3.98 -11.99
N LEU A 31 -8.46 5.17 -12.61
CA LEU A 31 -8.93 5.30 -13.99
C LEU A 31 -8.05 4.49 -14.93
N GLN A 32 -6.74 4.39 -14.65
CA GLN A 32 -5.88 3.51 -15.46
C GLN A 32 -5.54 2.21 -14.72
N TYR A 33 -6.59 1.43 -14.40
CA TYR A 33 -6.42 0.14 -13.73
C TYR A 33 -5.58 -0.83 -14.55
N ARG A 34 -5.34 -0.55 -15.83
CA ARG A 34 -4.54 -1.41 -16.69
C ARG A 34 -3.06 -1.34 -16.30
N ASP A 35 -2.65 -0.22 -15.70
CA ASP A 35 -1.27 -0.04 -15.25
C ASP A 35 -1.01 -0.73 -13.92
N ALA A 36 -2.03 -1.36 -13.34
CA ALA A 36 -1.96 -1.99 -12.03
C ALA A 36 -0.68 -2.80 -11.77
N PRO A 37 -0.27 -3.73 -12.63
CA PRO A 37 0.90 -4.55 -12.36
C PRO A 37 2.18 -3.72 -12.43
N LYS A 38 2.25 -2.79 -13.39
CA LYS A 38 3.42 -1.95 -13.57
C LYS A 38 3.58 -1.02 -12.38
N VAL A 39 2.49 -0.32 -12.03
CA VAL A 39 2.48 0.65 -10.95
C VAL A 39 2.80 -0.04 -9.62
N ALA A 40 2.30 -1.26 -9.40
CA ALA A 40 2.60 -1.98 -8.17
C ALA A 40 4.11 -2.23 -8.08
N GLU A 41 4.73 -2.63 -9.20
CA GLU A 41 6.16 -2.89 -9.22
C GLU A 41 6.96 -1.62 -8.99
N MET A 42 6.67 -0.55 -9.75
CA MET A 42 7.38 0.71 -9.59
C MET A 42 7.18 1.26 -8.19
N TRP A 43 5.98 1.08 -7.64
CA TRP A 43 5.68 1.55 -6.30
C TRP A 43 6.64 0.93 -5.30
N LYS A 44 6.78 -0.40 -5.31
CA LYS A 44 7.68 -1.06 -4.39
C LYS A 44 9.12 -0.59 -4.59
N GLU A 45 9.62 -0.64 -5.82
CA GLU A 45 10.99 -0.24 -6.08
C GLU A 45 11.24 1.19 -5.59
N TYR A 46 10.26 2.07 -5.72
CA TYR A 46 10.39 3.43 -5.22
C TYR A 46 10.52 3.45 -3.70
N MET A 47 9.71 2.66 -2.99
CA MET A 47 9.78 2.64 -1.53
C MET A 47 11.05 1.96 -1.03
N LEU A 48 11.45 0.87 -1.67
CA LEU A 48 12.64 0.13 -1.28
C LEU A 48 13.91 0.94 -1.59
N ARG A 49 13.82 1.91 -2.51
CA ARG A 49 14.99 2.72 -2.82
C ARG A 49 15.39 3.60 -1.63
N PRO A 50 16.70 3.71 -1.35
CA PRO A 50 17.22 4.44 -0.19
C PRO A 50 17.10 5.95 -0.37
N SER A 51 16.80 6.41 -1.59
CA SER A 51 16.66 7.83 -1.87
C SER A 51 15.31 8.36 -1.41
N VAL A 52 14.44 7.48 -0.90
CA VAL A 52 13.11 7.84 -0.45
C VAL A 52 13.03 7.80 1.07
N ASN A 53 12.27 8.73 1.66
CA ASN A 53 12.16 8.95 3.09
C ASN A 53 10.83 8.41 3.65
N THR A 54 10.73 8.32 4.98
CA THR A 54 9.56 7.78 5.66
C THR A 54 8.28 8.50 5.28
N ARG A 55 8.30 9.83 5.10
CA ARG A 55 7.11 10.56 4.70
C ARG A 55 6.63 10.08 3.34
N ARG A 56 7.54 10.01 2.37
CA ARG A 56 7.21 9.60 1.00
C ARG A 56 6.70 8.16 1.01
N LYS A 57 7.23 7.35 1.93
CA LYS A 57 6.78 5.98 2.12
C LYS A 57 5.43 5.92 2.82
N LEU A 58 5.16 6.84 3.75
CA LEU A 58 3.87 6.92 4.41
C LEU A 58 2.79 7.33 3.40
N LEU A 59 3.13 8.29 2.53
CA LEU A 59 2.28 8.71 1.44
C LEU A 59 2.01 7.54 0.49
N GLY A 60 3.05 6.76 0.17
CA GLY A 60 2.90 5.61 -0.70
C GLY A 60 2.04 4.55 -0.04
N LEU A 61 2.20 4.36 1.27
CA LEU A 61 1.40 3.44 2.07
C LEU A 61 -0.06 3.85 2.03
N TYR A 62 -0.36 5.14 2.22
CA TYR A 62 -1.73 5.64 2.19
C TYR A 62 -2.31 5.54 0.78
N LEU A 63 -1.51 5.88 -0.24
CA LEU A 63 -1.99 5.82 -1.61
C LEU A 63 -2.36 4.38 -1.97
N MET A 64 -1.42 3.45 -1.86
CA MET A 64 -1.68 2.07 -2.22
C MET A 64 -2.84 1.52 -1.39
N ASN A 65 -2.92 1.91 -0.10
CA ASN A 65 -3.98 1.45 0.77
C ASN A 65 -5.34 1.85 0.22
N HIS A 66 -5.47 3.09 -0.27
CA HIS A 66 -6.72 3.54 -0.86
C HIS A 66 -6.96 2.85 -2.20
N VAL A 67 -5.89 2.66 -2.99
CA VAL A 67 -6.00 2.02 -4.30
C VAL A 67 -6.49 0.59 -4.17
N VAL A 68 -5.81 -0.25 -3.37
CA VAL A 68 -6.20 -1.63 -3.21
C VAL A 68 -7.58 -1.75 -2.57
N GLN A 69 -7.89 -0.84 -1.65
CA GLN A 69 -9.18 -0.79 -0.97
C GLN A 69 -10.29 -0.52 -1.99
N GLN A 70 -10.13 0.55 -2.76
CA GLN A 70 -11.11 0.96 -3.76
C GLN A 70 -11.21 -0.09 -4.87
N ALA A 71 -10.09 -0.76 -5.16
CA ALA A 71 -10.04 -1.80 -6.16
C ALA A 71 -10.91 -2.99 -5.75
N LYS A 72 -10.74 -3.49 -4.51
CA LYS A 72 -11.57 -4.58 -4.04
C LYS A 72 -13.04 -4.18 -4.07
N GLY A 73 -13.31 -2.91 -3.71
CA GLY A 73 -14.66 -2.39 -3.66
C GLY A 73 -15.38 -2.52 -4.99
N GLN A 74 -14.85 -1.88 -6.03
CA GLN A 74 -15.45 -1.94 -7.37
C GLN A 74 -15.17 -3.29 -8.05
N LYS A 75 -14.45 -4.18 -7.37
CA LYS A 75 -14.13 -5.53 -7.82
C LYS A 75 -13.21 -5.56 -9.03
N ILE A 76 -12.03 -4.92 -8.87
CA ILE A 76 -10.99 -4.91 -9.88
C ILE A 76 -9.72 -5.51 -9.26
N ILE A 77 -9.62 -6.84 -9.33
CA ILE A 77 -8.53 -7.60 -8.76
C ILE A 77 -7.16 -7.16 -9.27
N GLN A 78 -7.06 -6.45 -10.39
CA GLN A 78 -5.77 -6.13 -10.98
C GLN A 78 -4.85 -5.44 -9.98
N PHE A 79 -5.39 -4.46 -9.24
CA PHE A 79 -4.61 -3.71 -8.27
C PHE A 79 -4.30 -4.56 -7.06
N GLN A 80 -5.32 -5.03 -6.35
CA GLN A 80 -5.11 -5.81 -5.13
C GLN A 80 -4.24 -7.03 -5.40
N ASP A 81 -4.30 -7.58 -6.62
CA ASP A 81 -3.48 -8.72 -6.99
C ASP A 81 -2.01 -8.32 -7.07
N SER A 82 -1.71 -7.27 -7.85
CA SER A 82 -0.34 -6.81 -8.06
C SER A 82 0.24 -6.17 -6.81
N PHE A 83 -0.50 -5.23 -6.21
CA PHE A 83 -0.06 -4.47 -5.05
C PHE A 83 0.12 -5.38 -3.84
N GLY A 84 -0.72 -6.40 -3.69
CA GLY A 84 -0.63 -7.32 -2.57
C GLY A 84 0.76 -7.94 -2.45
N LYS A 85 1.29 -8.45 -3.57
CA LYS A 85 2.57 -9.17 -3.55
C LYS A 85 3.69 -8.25 -3.09
N VAL A 86 3.74 -7.04 -3.66
CA VAL A 86 4.75 -6.04 -3.37
C VAL A 86 4.51 -5.37 -2.02
N ALA A 87 3.28 -5.46 -1.49
CA ALA A 87 2.94 -4.87 -0.20
C ALA A 87 3.75 -5.50 0.93
N ALA A 88 3.77 -6.83 1.00
CA ALA A 88 4.52 -7.55 2.02
C ALA A 88 5.97 -7.06 2.04
N GLU A 89 6.56 -6.91 0.85
CA GLU A 89 7.91 -6.37 0.76
C GLU A 89 7.97 -4.96 1.34
N VAL A 90 7.32 -3.99 0.69
CA VAL A 90 7.38 -2.60 1.12
C VAL A 90 7.02 -2.44 2.60
N LEU A 91 5.78 -2.79 2.98
CA LEU A 91 5.28 -2.58 4.32
C LEU A 91 6.23 -3.20 5.34
N GLY A 92 6.75 -4.38 5.03
CA GLY A 92 7.72 -5.05 5.88
C GLY A 92 9.10 -4.38 5.96
N ARG A 93 9.52 -3.63 4.93
CA ARG A 93 10.79 -2.91 4.97
C ARG A 93 10.61 -1.54 5.59
N ILE A 94 9.56 -0.81 5.19
CA ILE A 94 9.27 0.48 5.77
C ILE A 94 8.97 0.32 7.26
N ASN A 95 8.56 -0.88 7.68
CA ASN A 95 8.32 -1.20 9.08
C ASN A 95 9.64 -1.11 9.86
N GLN A 96 10.76 -1.40 9.19
CA GLN A 96 12.07 -1.38 9.82
C GLN A 96 12.68 0.03 9.78
N GLU A 97 12.08 0.93 9.00
CA GLU A 97 12.55 2.29 8.84
C GLU A 97 11.62 3.29 9.51
N PHE A 98 10.33 2.97 9.61
CA PHE A 98 9.36 3.88 10.20
C PHE A 98 9.62 4.00 11.70
N PRO A 99 9.45 5.20 12.27
CA PRO A 99 9.48 5.41 13.70
C PRO A 99 8.26 4.74 14.32
N ARG A 100 8.27 4.57 15.65
CA ARG A 100 7.22 3.85 16.34
C ARG A 100 5.83 4.32 15.95
N ASP A 101 5.66 5.63 15.71
CA ASP A 101 4.35 6.19 15.39
C ASP A 101 3.88 5.85 13.98
N LEU A 102 4.75 5.90 12.98
CA LEU A 102 4.33 5.55 11.63
C LEU A 102 4.20 4.03 11.52
N LYS A 103 5.05 3.32 12.28
CA LYS A 103 4.90 1.88 12.42
C LYS A 103 3.52 1.55 12.97
N LYS A 104 3.09 2.29 14.00
CA LYS A 104 1.75 2.16 14.54
C LYS A 104 0.69 2.40 13.48
N LYS A 105 0.84 3.44 12.65
CA LYS A 105 -0.14 3.69 11.59
C LYS A 105 -0.13 2.55 10.58
N LEU A 106 1.05 2.11 10.15
CA LEU A 106 1.15 0.98 9.25
C LEU A 106 0.56 -0.27 9.87
N SER A 107 0.79 -0.49 11.16
CA SER A 107 0.26 -1.67 11.81
C SER A 107 -1.25 -1.71 11.60
N ARG A 108 -1.92 -0.57 11.73
CA ARG A 108 -3.34 -0.50 11.45
C ARG A 108 -3.61 -0.81 9.98
N VAL A 109 -2.80 -0.26 9.07
CA VAL A 109 -2.97 -0.54 7.64
C VAL A 109 -2.95 -2.04 7.40
N VAL A 110 -1.94 -2.74 7.94
CA VAL A 110 -1.88 -4.19 7.82
C VAL A 110 -3.10 -4.84 8.49
N ASN A 111 -3.52 -4.36 9.66
CA ASN A 111 -4.67 -4.93 10.37
C ASN A 111 -5.93 -4.84 9.53
N ILE A 112 -6.36 -3.62 9.20
CA ILE A 112 -7.57 -3.38 8.44
C ILE A 112 -7.53 -4.13 7.11
N LEU A 113 -6.33 -4.31 6.54
CA LEU A 113 -6.21 -4.99 5.26
C LEU A 113 -6.58 -6.47 5.38
N LYS A 114 -5.96 -7.21 6.29
CA LYS A 114 -6.29 -8.63 6.43
C LYS A 114 -7.65 -8.81 7.08
N GLU A 115 -8.07 -7.83 7.89
CA GLU A 115 -9.39 -7.80 8.48
C GLU A 115 -10.46 -7.78 7.40
N ARG A 116 -10.19 -7.08 6.28
CA ARG A 116 -11.13 -7.01 5.17
C ARG A 116 -10.65 -7.82 3.96
N ASN A 117 -9.51 -8.49 4.12
CA ASN A 117 -8.98 -9.44 3.15
C ASN A 117 -8.85 -8.83 1.76
N ILE A 118 -8.09 -7.75 1.64
CA ILE A 118 -7.91 -7.10 0.37
C ILE A 118 -7.01 -7.94 -0.54
N PHE A 119 -6.09 -8.70 0.04
CA PHE A 119 -5.19 -9.57 -0.70
C PHE A 119 -5.50 -11.03 -0.41
N SER A 120 -4.70 -11.94 -0.97
CA SER A 120 -4.89 -13.38 -0.78
C SER A 120 -4.32 -13.79 0.58
N LYS A 121 -4.82 -14.89 1.16
CA LYS A 121 -4.38 -15.35 2.47
C LYS A 121 -2.86 -15.50 2.53
N GLN A 122 -2.25 -15.90 1.42
CA GLN A 122 -0.81 -16.04 1.36
C GLN A 122 -0.16 -14.67 1.50
N VAL A 123 -0.65 -13.69 0.74
CA VAL A 123 -0.15 -12.33 0.79
C VAL A 123 -0.33 -11.75 2.18
N VAL A 124 -1.50 -12.01 2.79
CA VAL A 124 -1.78 -11.59 4.15
C VAL A 124 -0.69 -12.10 5.08
N ASN A 125 -0.44 -13.40 5.09
CA ASN A 125 0.57 -13.98 5.96
C ASN A 125 1.95 -13.48 5.60
N ASP A 126 2.27 -13.32 4.31
CA ASP A 126 3.57 -12.84 3.88
C ASP A 126 3.83 -11.42 4.39
N ILE A 127 2.82 -10.54 4.40
CA ILE A 127 2.97 -9.23 4.99
C ILE A 127 3.35 -9.40 6.45
N GLU A 128 2.68 -10.30 7.17
CA GLU A 128 3.02 -10.57 8.57
C GLU A 128 4.44 -11.13 8.69
N ARG A 129 4.88 -11.96 7.74
CA ARG A 129 6.23 -12.50 7.75
C ARG A 129 7.26 -11.39 7.65
N SER A 130 7.02 -10.43 6.77
CA SER A 130 7.96 -9.36 6.49
C SER A 130 8.14 -8.45 7.70
N LEU A 131 7.02 -8.00 8.27
CA LEU A 131 7.01 -7.24 9.52
C LEU A 131 7.68 -8.01 10.63
N ALA A 132 7.43 -9.32 10.72
CA ALA A 132 8.05 -10.15 11.74
C ALA A 132 9.55 -10.30 11.47
N ALA A 133 9.95 -10.48 10.21
CA ALA A 133 11.35 -10.64 9.85
C ALA A 133 12.17 -9.41 10.25
N ALA A 134 11.48 -8.30 10.54
CA ALA A 134 12.13 -7.08 11.01
C ALA A 134 12.66 -7.23 12.43
N LEU A 135 12.05 -8.13 13.22
CA LEU A 135 12.41 -8.33 14.62
C LEU A 135 12.73 -9.78 14.98
N GLU A 136 12.52 -10.73 14.06
CA GLU A 136 12.84 -12.14 14.28
C GLU A 136 14.35 -12.40 14.34
N HIS A 137 15.18 -11.36 14.49
CA HIS A 137 16.62 -11.52 14.58
C HIS A 137 17.01 -12.10 15.93
N HIS A 138 18.11 -12.88 15.96
CA HIS A 138 18.61 -13.51 17.17
C HIS A 138 20.12 -13.67 17.09
N HIS A 139 20.76 -13.88 18.25
CA HIS A 139 22.19 -14.09 18.36
C HIS A 139 22.49 -14.85 19.64
N HIS A 140 23.63 -15.54 19.68
CA HIS A 140 24.02 -16.34 20.83
C HIS A 140 25.51 -16.28 21.08
N HIS A 141 26.24 -15.47 20.30
CA HIS A 141 27.68 -15.31 20.42
C HIS A 141 28.07 -13.98 19.76
N HIS A 142 29.25 -13.47 20.08
CA HIS A 142 29.72 -12.17 19.60
C HIS A 142 31.23 -12.17 19.47
N PRO B 1 -6.52 17.67 5.81
CA PRO B 1 -5.08 17.39 5.69
C PRO B 1 -4.64 16.20 6.53
N SER B 2 -5.40 15.10 6.47
CA SER B 2 -5.11 13.89 7.22
C SER B 2 -5.74 12.68 6.55
N TYR B 3 -5.32 11.47 6.96
CA TYR B 3 -5.89 10.23 6.46
C TYR B 3 -5.70 9.13 7.51
N SER B 4 -6.52 8.07 7.43
CA SER B 4 -6.42 6.95 8.35
C SER B 4 -6.86 5.67 7.63
N PRO B 5 -6.24 4.52 7.92
CA PRO B 5 -6.42 3.28 7.15
C PRO B 5 -7.84 2.72 7.17
N TPO B 6 -8.66 3.09 8.15
CA TPO B 6 -9.97 2.47 8.33
CB TPO B 6 -10.32 2.40 9.82
CG2 TPO B 6 -11.43 1.37 10.05
OG1 TPO B 6 -9.18 2.00 10.56
P TPO B 6 -8.41 3.04 11.49
O1P TPO B 6 -9.26 3.11 12.70
O2P TPO B 6 -7.10 2.40 11.72
O3P TPO B 6 -8.36 4.28 10.68
C TPO B 6 -11.04 3.23 7.53
O TPO B 6 -12.06 3.63 8.05
H TPO B 6 -8.39 3.81 8.81
HA TPO B 6 -9.92 1.46 7.95
HB TPO B 6 -10.66 3.37 10.18
HG21 TPO B 6 -11.66 1.32 11.11
HG22 TPO B 6 -11.09 0.38 9.71
HG23 TPO B 6 -12.33 1.66 9.50
N SER B 7 -10.78 3.38 6.22
CA SER B 7 -11.72 4.00 5.31
C SER B 7 -12.79 2.99 4.89
N PRO B 8 -14.07 3.40 4.89
CA PRO B 8 -15.20 2.55 4.56
C PRO B 8 -15.35 2.36 3.04
N SER B 9 -14.55 3.04 2.23
CA SER B 9 -14.68 3.02 0.78
C SER B 9 -14.28 1.68 0.16
N TYR B 10 -14.04 0.65 0.98
CA TYR B 10 -13.69 -0.68 0.50
C TYR B 10 -14.91 -1.42 -0.08
N SER B 11 -16.10 -0.83 0.01
CA SER B 11 -17.32 -1.49 -0.41
C SER B 11 -18.35 -0.47 -0.91
N PRO B 12 -18.07 0.19 -2.05
CA PRO B 12 -18.91 1.21 -2.64
C PRO B 12 -20.16 0.64 -3.33
N THR B 13 -20.42 -0.67 -3.15
CA THR B 13 -21.57 -1.32 -3.79
C THR B 13 -22.32 -2.20 -2.79
N SER B 14 -22.15 -1.95 -1.49
CA SER B 14 -22.80 -2.73 -0.45
C SER B 14 -22.88 -1.89 0.84
N PRO B 15 -23.88 -2.12 1.69
CA PRO B 15 -24.05 -1.42 2.95
C PRO B 15 -22.95 -1.78 3.95
N SER B 16 -22.11 -2.75 3.61
CA SER B 16 -20.98 -3.17 4.42
C SER B 16 -19.93 -3.87 3.56
N MET A 1 4.20 10.89 -18.04
CA MET A 1 3.07 11.29 -18.91
C MET A 1 1.96 10.25 -18.88
N ALA A 2 2.15 9.12 -19.58
CA ALA A 2 1.18 8.05 -19.61
C ALA A 2 1.87 6.72 -19.86
N PHE A 3 1.63 5.75 -18.96
CA PHE A 3 2.22 4.42 -18.98
C PHE A 3 3.74 4.44 -19.16
N SER A 4 4.38 5.59 -18.89
CA SER A 4 5.79 5.82 -19.11
C SER A 4 6.66 5.27 -17.98
N SER A 5 6.11 4.41 -17.11
CA SER A 5 6.82 3.91 -15.94
C SER A 5 7.34 5.07 -15.09
N GLU A 6 6.56 6.15 -15.05
CA GLU A 6 6.94 7.41 -14.44
C GLU A 6 5.70 8.21 -14.03
N GLN A 7 4.56 8.01 -14.69
CA GLN A 7 3.35 8.74 -14.36
C GLN A 7 3.03 8.56 -12.88
N PHE A 8 2.74 7.32 -12.47
CA PHE A 8 2.46 7.03 -11.07
C PHE A 8 3.62 7.47 -10.18
N THR A 9 4.85 7.40 -10.70
CA THR A 9 6.03 7.76 -9.95
C THR A 9 5.98 9.25 -9.59
N THR A 10 5.68 10.09 -10.58
CA THR A 10 5.61 11.52 -10.33
C THR A 10 4.52 11.82 -9.32
N LYS A 11 3.44 11.01 -9.31
CA LYS A 11 2.38 11.18 -8.32
C LYS A 11 2.94 11.05 -6.92
N LEU A 12 3.76 10.02 -6.67
CA LEU A 12 4.38 9.80 -5.38
C LEU A 12 5.14 11.03 -4.92
N ASN A 13 5.83 11.67 -5.87
CA ASN A 13 6.60 12.86 -5.57
C ASN A 13 5.74 14.12 -5.40
N THR A 14 4.41 13.99 -5.51
CA THR A 14 3.52 15.12 -5.28
C THR A 14 2.31 14.74 -4.39
N LEU A 15 2.40 13.65 -3.63
CA LEU A 15 1.34 13.29 -2.70
C LEU A 15 1.36 14.17 -1.45
N GLU A 16 0.22 14.20 -0.74
CA GLU A 16 0.08 14.85 0.56
C GLU A 16 -0.59 13.86 1.51
N ASP A 17 -0.31 14.02 2.81
CA ASP A 17 -0.77 13.13 3.87
C ASP A 17 -2.27 13.25 4.16
N SER A 18 -3.09 13.52 3.15
CA SER A 18 -4.51 13.78 3.37
C SER A 18 -5.37 13.18 2.28
N GLN A 19 -6.59 12.78 2.64
CA GLN A 19 -7.51 12.08 1.76
C GLN A 19 -7.85 12.88 0.51
N GLU A 20 -7.64 14.20 0.51
CA GLU A 20 -7.85 15.02 -0.67
C GLU A 20 -6.93 14.57 -1.80
N SER A 21 -5.63 14.79 -1.63
CA SER A 21 -4.64 14.41 -2.61
C SER A 21 -4.61 12.90 -2.80
N ILE A 22 -4.75 12.13 -1.71
CA ILE A 22 -4.72 10.69 -1.82
C ILE A 22 -5.88 10.20 -2.68
N SER A 23 -7.10 10.66 -2.40
CA SER A 23 -8.26 10.20 -3.16
C SER A 23 -8.16 10.68 -4.60
N SER A 24 -7.61 11.87 -4.83
CA SER A 24 -7.46 12.41 -6.17
C SER A 24 -6.50 11.57 -6.99
N ALA A 25 -5.35 11.22 -6.40
CA ALA A 25 -4.38 10.37 -7.06
C ALA A 25 -4.92 8.95 -7.20
N SER A 26 -5.72 8.51 -6.22
CA SER A 26 -6.30 7.18 -6.25
C SER A 26 -7.30 7.06 -7.38
N LYS A 27 -8.27 7.99 -7.48
CA LYS A 27 -9.26 7.93 -8.56
C LYS A 27 -8.58 7.94 -9.92
N TRP A 28 -7.53 8.76 -10.10
CA TRP A 28 -6.80 8.76 -11.35
C TRP A 28 -6.17 7.40 -11.60
N LEU A 29 -5.37 6.92 -10.64
CA LEU A 29 -4.65 5.68 -10.83
C LEU A 29 -5.64 4.55 -11.09
N LEU A 30 -6.81 4.63 -10.45
CA LEU A 30 -7.89 3.67 -10.61
C LEU A 30 -8.39 3.68 -12.06
N LEU A 31 -8.37 4.83 -12.74
CA LEU A 31 -8.77 4.90 -14.14
C LEU A 31 -7.81 4.09 -15.01
N GLN A 32 -6.50 4.19 -14.78
CA GLN A 32 -5.55 3.41 -15.59
C GLN A 32 -5.17 2.08 -14.95
N TYR A 33 -6.17 1.33 -14.46
CA TYR A 33 -5.93 0.05 -13.81
C TYR A 33 -5.13 -0.93 -14.69
N ARG A 34 -4.99 -0.64 -15.98
CA ARG A 34 -4.19 -1.45 -16.88
C ARG A 34 -2.71 -1.42 -16.49
N ASP A 35 -2.25 -0.35 -15.83
CA ASP A 35 -0.86 -0.25 -15.42
C ASP A 35 -0.62 -0.85 -14.04
N ALA A 36 -1.68 -1.37 -13.41
CA ALA A 36 -1.64 -1.92 -12.06
C ALA A 36 -0.39 -2.75 -11.75
N PRO A 37 0.01 -3.73 -12.59
CA PRO A 37 1.17 -4.54 -12.29
C PRO A 37 2.46 -3.72 -12.35
N LYS A 38 2.55 -2.79 -13.31
CA LYS A 38 3.70 -1.92 -13.47
C LYS A 38 3.77 -0.90 -12.33
N VAL A 39 2.61 -0.39 -11.91
CA VAL A 39 2.56 0.58 -10.84
C VAL A 39 2.94 -0.07 -9.52
N ALA A 40 2.49 -1.31 -9.27
CA ALA A 40 2.88 -2.02 -8.07
C ALA A 40 4.39 -2.26 -8.07
N GLU A 41 4.96 -2.53 -9.26
CA GLU A 41 6.39 -2.74 -9.43
C GLU A 41 7.17 -1.47 -9.07
N MET A 42 6.92 -0.36 -9.78
CA MET A 42 7.64 0.87 -9.54
C MET A 42 7.39 1.38 -8.12
N TRP A 43 6.19 1.13 -7.59
CA TRP A 43 5.84 1.58 -6.25
C TRP A 43 6.77 0.96 -5.23
N LYS A 44 6.88 -0.37 -5.23
CA LYS A 44 7.77 -1.04 -4.29
C LYS A 44 9.20 -0.58 -4.45
N GLU A 45 9.73 -0.63 -5.67
CA GLU A 45 11.10 -0.22 -5.91
C GLU A 45 11.34 1.22 -5.44
N TYR A 46 10.35 2.11 -5.60
CA TYR A 46 10.47 3.46 -5.11
C TYR A 46 10.57 3.49 -3.59
N MET A 47 9.73 2.71 -2.89
CA MET A 47 9.76 2.71 -1.43
C MET A 47 11.02 2.04 -0.88
N LEU A 48 11.43 0.92 -1.49
CA LEU A 48 12.60 0.20 -1.04
C LEU A 48 13.88 0.96 -1.35
N ARG A 49 13.83 1.90 -2.31
CA ARG A 49 15.02 2.69 -2.63
C ARG A 49 15.44 3.57 -1.44
N PRO A 50 16.74 3.67 -1.16
CA PRO A 50 17.27 4.40 -0.03
C PRO A 50 17.16 5.91 -0.21
N SER A 51 16.88 6.36 -1.44
CA SER A 51 16.73 7.78 -1.74
C SER A 51 15.36 8.31 -1.29
N VAL A 52 14.52 7.42 -0.75
CA VAL A 52 13.17 7.79 -0.32
C VAL A 52 13.06 7.71 1.20
N ASN A 53 12.39 8.70 1.78
CA ASN A 53 12.28 8.89 3.22
C ASN A 53 10.95 8.37 3.76
N THR A 54 10.84 8.25 5.09
CA THR A 54 9.67 7.75 5.78
C THR A 54 8.41 8.53 5.41
N ARG A 55 8.50 9.84 5.24
CA ARG A 55 7.38 10.67 4.87
C ARG A 55 6.80 10.24 3.53
N ARG A 56 7.67 10.06 2.53
CA ARG A 56 7.28 9.69 1.18
C ARG A 56 6.73 8.26 1.19
N LYS A 57 7.28 7.41 2.06
CA LYS A 57 6.81 6.05 2.23
C LYS A 57 5.45 6.02 2.92
N LEU A 58 5.18 6.94 3.85
CA LEU A 58 3.87 7.03 4.49
C LEU A 58 2.82 7.43 3.46
N LEU A 59 3.16 8.37 2.58
CA LEU A 59 2.28 8.80 1.50
C LEU A 59 2.00 7.63 0.55
N GLY A 60 3.02 6.84 0.24
CA GLY A 60 2.86 5.70 -0.65
C GLY A 60 2.00 4.62 0.01
N LEU A 61 2.18 4.44 1.33
CA LEU A 61 1.38 3.50 2.10
C LEU A 61 -0.09 3.88 2.06
N TYR A 62 -0.40 5.17 2.23
CA TYR A 62 -1.77 5.65 2.18
C TYR A 62 -2.35 5.54 0.78
N LEU A 63 -1.58 5.91 -0.25
CA LEU A 63 -2.06 5.87 -1.61
C LEU A 63 -2.43 4.45 -1.99
N MET A 64 -1.49 3.51 -1.91
CA MET A 64 -1.74 2.14 -2.29
C MET A 64 -2.89 1.55 -1.47
N ASN A 65 -2.98 1.90 -0.18
CA ASN A 65 -4.04 1.39 0.68
C ASN A 65 -5.41 1.79 0.15
N HIS A 66 -5.57 3.05 -0.27
CA HIS A 66 -6.83 3.50 -0.81
C HIS A 66 -7.09 2.82 -2.15
N VAL A 67 -6.05 2.67 -2.98
CA VAL A 67 -6.15 2.04 -4.28
C VAL A 67 -6.62 0.60 -4.16
N VAL A 68 -5.92 -0.23 -3.37
CA VAL A 68 -6.26 -1.63 -3.24
C VAL A 68 -7.64 -1.81 -2.60
N GLN A 69 -8.00 -0.94 -1.65
CA GLN A 69 -9.28 -1.02 -0.98
C GLN A 69 -10.42 -0.71 -1.95
N GLN A 70 -10.29 0.39 -2.70
CA GLN A 70 -11.29 0.77 -3.66
C GLN A 70 -11.33 -0.20 -4.84
N ALA A 71 -10.17 -0.80 -5.15
CA ALA A 71 -10.09 -1.82 -6.19
C ALA A 71 -10.97 -3.01 -5.82
N LYS A 72 -10.84 -3.51 -4.58
CA LYS A 72 -11.68 -4.61 -4.12
C LYS A 72 -13.16 -4.21 -4.20
N GLY A 73 -13.45 -2.94 -3.88
CA GLY A 73 -14.81 -2.42 -3.88
C GLY A 73 -15.48 -2.58 -5.25
N GLN A 74 -14.75 -2.31 -6.32
CA GLN A 74 -15.27 -2.45 -7.68
C GLN A 74 -14.72 -3.70 -8.39
N LYS A 75 -14.11 -4.61 -7.61
CA LYS A 75 -13.62 -5.92 -8.01
C LYS A 75 -12.58 -5.88 -9.11
N ILE A 76 -11.72 -4.86 -9.09
CA ILE A 76 -10.63 -4.73 -10.03
C ILE A 76 -9.39 -5.36 -9.42
N ILE A 77 -9.37 -6.70 -9.44
CA ILE A 77 -8.32 -7.49 -8.84
C ILE A 77 -6.94 -7.13 -9.37
N GLN A 78 -6.82 -6.46 -10.51
CA GLN A 78 -5.50 -6.18 -11.08
C GLN A 78 -4.63 -5.44 -10.07
N PHE A 79 -5.25 -4.53 -9.33
CA PHE A 79 -4.56 -3.74 -8.32
C PHE A 79 -4.18 -4.62 -7.14
N GLN A 80 -5.18 -5.08 -6.38
CA GLN A 80 -4.94 -5.86 -5.18
C GLN A 80 -4.09 -7.09 -5.48
N ASP A 81 -4.14 -7.60 -6.71
CA ASP A 81 -3.32 -8.73 -7.11
C ASP A 81 -1.86 -8.31 -7.16
N SER A 82 -1.55 -7.24 -7.90
CA SER A 82 -0.20 -6.75 -8.08
C SER A 82 0.32 -6.11 -6.80
N PHE A 83 -0.41 -5.11 -6.29
CA PHE A 83 -0.03 -4.37 -5.09
C PHE A 83 0.13 -5.29 -3.89
N GLY A 84 -0.71 -6.32 -3.77
CA GLY A 84 -0.64 -7.24 -2.64
C GLY A 84 0.73 -7.87 -2.47
N LYS A 85 1.31 -8.39 -3.56
CA LYS A 85 2.58 -9.11 -3.48
C LYS A 85 3.70 -8.18 -3.03
N VAL A 86 3.73 -6.98 -3.62
CA VAL A 86 4.74 -5.98 -3.30
C VAL A 86 4.46 -5.29 -1.97
N ALA A 87 3.23 -5.40 -1.46
CA ALA A 87 2.85 -4.82 -0.17
C ALA A 87 3.67 -5.45 0.96
N ALA A 88 3.69 -6.78 1.02
CA ALA A 88 4.45 -7.50 2.03
C ALA A 88 5.89 -7.00 2.05
N GLU A 89 6.48 -6.86 0.87
CA GLU A 89 7.80 -6.27 0.76
C GLU A 89 7.80 -4.88 1.39
N VAL A 90 7.21 -3.88 0.71
CA VAL A 90 7.27 -2.50 1.18
C VAL A 90 6.91 -2.38 2.65
N LEU A 91 5.67 -2.70 3.01
CA LEU A 91 5.17 -2.52 4.36
C LEU A 91 6.11 -3.15 5.36
N GLY A 92 6.64 -4.33 5.04
CA GLY A 92 7.57 -5.04 5.90
C GLY A 92 8.95 -4.40 6.02
N ARG A 93 9.43 -3.69 4.99
CA ARG A 93 10.72 -3.02 5.07
C ARG A 93 10.58 -1.61 5.62
N ILE A 94 9.50 -0.91 5.26
CA ILE A 94 9.26 0.41 5.83
C ILE A 94 8.94 0.26 7.32
N ASN A 95 8.48 -0.92 7.75
CA ASN A 95 8.23 -1.20 9.15
C ASN A 95 9.55 -1.23 9.93
N GLN A 96 10.67 -1.37 9.23
CA GLN A 96 11.99 -1.40 9.85
C GLN A 96 12.64 -0.02 9.80
N GLU A 97 12.06 0.88 8.99
CA GLU A 97 12.56 2.23 8.81
C GLU A 97 11.63 3.27 9.43
N PHE A 98 10.35 2.93 9.62
CA PHE A 98 9.39 3.84 10.24
C PHE A 98 9.68 3.92 11.73
N PRO A 99 9.60 5.12 12.31
CA PRO A 99 9.67 5.31 13.74
C PRO A 99 8.45 4.67 14.38
N ARG A 100 8.49 4.50 15.71
CA ARG A 100 7.43 3.83 16.45
C ARG A 100 6.05 4.37 16.08
N ASP A 101 5.94 5.67 15.82
CA ASP A 101 4.63 6.27 15.52
C ASP A 101 4.10 5.90 14.15
N LEU A 102 4.91 5.99 13.08
CA LEU A 102 4.43 5.65 11.75
C LEU A 102 4.20 4.14 11.67
N LYS A 103 5.01 3.38 12.39
CA LYS A 103 4.80 1.94 12.52
C LYS A 103 3.42 1.66 13.09
N LYS A 104 2.96 2.43 14.07
CA LYS A 104 1.60 2.28 14.58
C LYS A 104 0.58 2.53 13.46
N LYS A 105 0.81 3.57 12.65
CA LYS A 105 -0.10 3.88 11.55
C LYS A 105 -0.14 2.73 10.56
N LEU A 106 1.04 2.22 10.17
CA LEU A 106 1.11 1.08 9.28
C LEU A 106 0.48 -0.16 9.92
N SER A 107 0.70 -0.34 11.22
CA SER A 107 0.17 -1.51 11.90
C SER A 107 -1.33 -1.56 11.67
N ARG A 108 -2.02 -0.42 11.77
CA ARG A 108 -3.44 -0.39 11.47
C ARG A 108 -3.65 -0.80 10.02
N VAL A 109 -2.89 -0.21 9.09
CA VAL A 109 -3.04 -0.49 7.67
C VAL A 109 -2.97 -1.99 7.41
N VAL A 110 -1.97 -2.69 7.96
CA VAL A 110 -1.88 -4.13 7.80
C VAL A 110 -3.11 -4.84 8.38
N ASN A 111 -3.51 -4.54 9.62
CA ASN A 111 -4.70 -5.16 10.20
C ASN A 111 -5.93 -4.94 9.35
N ILE A 112 -6.32 -3.67 9.14
CA ILE A 112 -7.56 -3.41 8.42
C ILE A 112 -7.53 -4.10 7.06
N LEU A 113 -6.34 -4.27 6.47
CA LEU A 113 -6.23 -4.94 5.18
C LEU A 113 -6.64 -6.40 5.27
N LYS A 114 -6.10 -7.15 6.24
CA LYS A 114 -6.42 -8.57 6.39
C LYS A 114 -7.79 -8.80 7.01
N GLU A 115 -8.29 -7.83 7.77
CA GLU A 115 -9.63 -7.88 8.33
C GLU A 115 -10.66 -7.85 7.22
N ARG A 116 -10.42 -6.98 6.23
CA ARG A 116 -11.30 -6.86 5.06
C ARG A 116 -10.77 -7.70 3.90
N ASN A 117 -9.64 -8.38 4.11
CA ASN A 117 -9.08 -9.34 3.17
C ASN A 117 -8.93 -8.77 1.76
N ILE A 118 -8.15 -7.69 1.65
CA ILE A 118 -7.96 -7.05 0.36
C ILE A 118 -7.06 -7.88 -0.56
N PHE A 119 -6.09 -8.59 0.02
CA PHE A 119 -5.23 -9.48 -0.73
C PHE A 119 -5.57 -10.93 -0.41
N SER A 120 -4.83 -11.87 -1.02
CA SER A 120 -5.06 -13.29 -0.80
C SER A 120 -4.51 -13.69 0.55
N LYS A 121 -5.03 -14.78 1.15
CA LYS A 121 -4.59 -15.22 2.46
C LYS A 121 -3.07 -15.39 2.52
N GLN A 122 -2.47 -15.82 1.41
CA GLN A 122 -1.02 -15.98 1.34
C GLN A 122 -0.35 -14.62 1.47
N VAL A 123 -0.84 -13.64 0.70
CA VAL A 123 -0.30 -12.28 0.72
C VAL A 123 -0.48 -11.67 2.10
N VAL A 124 -1.65 -11.88 2.71
CA VAL A 124 -1.93 -11.43 4.07
C VAL A 124 -0.85 -11.94 5.01
N ASN A 125 -0.66 -13.27 5.04
CA ASN A 125 0.34 -13.87 5.89
C ASN A 125 1.71 -13.33 5.53
N ASP A 126 2.07 -13.28 4.25
CA ASP A 126 3.39 -12.81 3.83
C ASP A 126 3.69 -11.42 4.36
N ILE A 127 2.70 -10.51 4.39
CA ILE A 127 2.90 -9.21 4.99
C ILE A 127 3.26 -9.39 6.47
N GLU A 128 2.62 -10.33 7.15
CA GLU A 128 2.94 -10.56 8.56
C GLU A 128 4.33 -11.15 8.70
N ARG A 129 4.79 -11.93 7.73
CA ARG A 129 6.12 -12.51 7.76
C ARG A 129 7.19 -11.45 7.54
N SER A 130 6.90 -10.43 6.72
CA SER A 130 7.87 -9.41 6.41
C SER A 130 8.10 -8.48 7.59
N LEU A 131 7.01 -8.01 8.20
CA LEU A 131 7.05 -7.23 9.42
C LEU A 131 7.79 -7.99 10.51
N ALA A 132 7.50 -9.29 10.64
CA ALA A 132 8.17 -10.13 11.61
C ALA A 132 9.63 -10.34 11.26
N ALA A 133 9.95 -10.64 9.98
CA ALA A 133 11.31 -10.87 9.51
C ALA A 133 12.21 -9.67 9.80
N ALA A 134 11.62 -8.52 10.12
CA ALA A 134 12.38 -7.34 10.51
C ALA A 134 13.16 -7.61 11.79
N LEU A 135 12.69 -8.56 12.62
CA LEU A 135 13.36 -8.98 13.83
C LEU A 135 13.36 -10.50 14.03
N GLU A 136 12.70 -11.26 13.13
CA GLU A 136 12.60 -12.70 13.23
C GLU A 136 13.69 -13.38 12.40
N HIS A 137 14.50 -14.21 13.07
CA HIS A 137 15.56 -15.02 12.47
C HIS A 137 16.61 -14.23 11.67
N HIS A 138 16.49 -12.90 11.61
CA HIS A 138 17.44 -12.07 10.89
C HIS A 138 17.61 -10.74 11.60
N HIS A 139 18.86 -10.25 11.63
CA HIS A 139 19.21 -8.99 12.27
C HIS A 139 20.39 -8.35 11.53
N HIS A 140 20.57 -8.74 10.27
CA HIS A 140 21.71 -8.34 9.44
C HIS A 140 21.26 -8.07 8.01
N HIS A 141 19.95 -8.11 7.76
CA HIS A 141 19.36 -7.90 6.45
C HIS A 141 19.17 -6.40 6.18
N HIS A 142 18.85 -6.08 4.92
CA HIS A 142 18.54 -4.72 4.47
C HIS A 142 19.62 -3.72 4.90
N PRO B 1 -9.04 16.76 5.16
CA PRO B 1 -7.61 16.58 5.48
C PRO B 1 -7.37 15.29 6.27
N SER B 2 -6.11 14.88 6.40
CA SER B 2 -5.70 13.63 7.03
C SER B 2 -6.29 12.41 6.31
N TYR B 3 -5.93 11.21 6.77
CA TYR B 3 -6.40 9.97 6.15
C TYR B 3 -6.57 8.88 7.20
N SER B 4 -7.34 7.86 6.85
CA SER B 4 -7.62 6.72 7.71
C SER B 4 -7.88 5.50 6.84
N PRO B 5 -7.08 4.43 6.98
CA PRO B 5 -7.23 3.20 6.19
C PRO B 5 -8.49 2.45 6.63
N TPO B 6 -9.03 2.79 7.80
CA TPO B 6 -10.24 2.16 8.33
CB TPO B 6 -10.32 2.42 9.83
CG2 TPO B 6 -11.43 1.58 10.46
OG1 TPO B 6 -9.09 2.08 10.44
P TPO B 6 -8.31 3.14 11.37
O1P TPO B 6 -8.11 4.30 10.45
O2P TPO B 6 -9.23 3.38 12.49
O3P TPO B 6 -7.07 2.42 11.73
C TPO B 6 -11.46 2.71 7.62
O TPO B 6 -12.39 1.95 7.34
H TPO B 6 -8.60 3.52 8.35
HA TPO B 6 -10.18 1.09 8.17
HB TPO B 6 -10.52 3.48 10.02
HG21 TPO B 6 -11.47 1.78 11.53
HG22 TPO B 6 -11.22 0.52 10.29
HG23 TPO B 6 -12.39 1.84 10.02
N SER B 7 -11.47 4.01 7.33
CA SER B 7 -12.62 4.71 6.77
C SER B 7 -13.07 4.24 5.38
N PRO B 8 -12.19 3.90 4.42
CA PRO B 8 -12.63 3.37 3.14
C PRO B 8 -13.09 1.93 3.30
N SER B 9 -13.81 1.40 2.31
CA SER B 9 -14.30 0.03 2.36
C SER B 9 -14.70 -0.45 0.98
N TYR B 10 -15.02 -1.74 0.88
CA TYR B 10 -15.54 -2.33 -0.35
C TYR B 10 -17.04 -2.06 -0.48
N SER B 11 -17.54 -1.07 0.26
CA SER B 11 -18.94 -0.70 0.40
C SER B 11 -19.77 -1.77 1.11
N PRO B 12 -20.75 -1.35 1.91
CA PRO B 12 -21.62 -2.26 2.66
C PRO B 12 -22.67 -2.91 1.77
N THR B 13 -22.86 -2.39 0.55
CA THR B 13 -23.81 -2.91 -0.42
C THR B 13 -23.49 -2.33 -1.80
N SER B 14 -23.67 -3.14 -2.85
CA SER B 14 -23.38 -2.73 -4.21
C SER B 14 -24.14 -3.65 -5.17
N PRO B 15 -24.57 -3.13 -6.33
CA PRO B 15 -25.29 -3.90 -7.34
C PRO B 15 -24.35 -4.90 -8.03
N SER B 16 -23.04 -4.78 -7.80
CA SER B 16 -22.03 -5.68 -8.35
C SER B 16 -20.74 -5.57 -7.55
N MET A 1 4.88 11.51 -18.53
CA MET A 1 4.30 10.98 -19.78
C MET A 1 3.14 10.05 -19.46
N ALA A 2 2.27 9.78 -20.44
CA ALA A 2 1.11 8.94 -20.22
C ALA A 2 1.49 7.46 -20.18
N PHE A 3 0.93 6.75 -19.19
CA PHE A 3 1.08 5.30 -19.00
C PHE A 3 2.55 4.83 -19.01
N SER A 4 3.48 5.74 -18.76
CA SER A 4 4.90 5.45 -18.70
C SER A 4 5.26 4.80 -17.37
N SER A 5 6.51 4.36 -17.23
CA SER A 5 7.04 3.86 -15.96
C SER A 5 7.43 5.05 -15.07
N GLU A 6 6.62 6.11 -15.08
CA GLU A 6 6.96 7.37 -14.46
C GLU A 6 5.73 8.20 -14.07
N GLN A 7 4.58 8.01 -14.71
CA GLN A 7 3.42 8.82 -14.37
C GLN A 7 3.07 8.63 -12.89
N PHE A 8 2.79 7.39 -12.46
CA PHE A 8 2.50 7.10 -11.08
C PHE A 8 3.67 7.50 -10.19
N THR A 9 4.89 7.42 -10.73
CA THR A 9 6.09 7.75 -9.97
C THR A 9 6.07 9.22 -9.62
N THR A 10 5.79 10.08 -10.60
CA THR A 10 5.76 11.51 -10.34
C THR A 10 4.67 11.81 -9.32
N LYS A 11 3.58 11.03 -9.31
CA LYS A 11 2.53 11.21 -8.30
C LYS A 11 3.11 11.05 -6.90
N LEU A 12 3.90 10.00 -6.68
CA LEU A 12 4.53 9.74 -5.39
C LEU A 12 5.33 10.97 -4.94
N ASN A 13 5.98 11.64 -5.88
CA ASN A 13 6.76 12.83 -5.58
C ASN A 13 5.91 14.07 -5.34
N THR A 14 4.58 13.97 -5.44
CA THR A 14 3.70 15.10 -5.19
C THR A 14 2.49 14.75 -4.30
N LEU A 15 2.54 13.60 -3.62
CA LEU A 15 1.47 13.22 -2.70
C LEU A 15 1.47 14.09 -1.44
N GLU A 16 0.43 13.94 -0.62
CA GLU A 16 0.29 14.64 0.65
C GLU A 16 -0.41 13.71 1.63
N ASP A 17 -0.14 13.87 2.93
CA ASP A 17 -0.66 12.95 3.94
C ASP A 17 -2.12 13.26 4.30
N SER A 18 -2.94 13.57 3.29
CA SER A 18 -4.33 13.93 3.51
C SER A 18 -5.24 13.26 2.48
N GLN A 19 -6.48 13.01 2.92
CA GLN A 19 -7.50 12.30 2.17
C GLN A 19 -7.73 12.93 0.80
N GLU A 20 -7.63 14.26 0.70
CA GLU A 20 -7.85 14.98 -0.53
C GLU A 20 -6.84 14.56 -1.59
N SER A 21 -5.56 14.79 -1.31
CA SER A 21 -4.49 14.45 -2.24
C SER A 21 -4.43 12.95 -2.49
N ILE A 22 -4.60 12.14 -1.44
CA ILE A 22 -4.57 10.70 -1.60
C ILE A 22 -5.70 10.23 -2.49
N SER A 23 -6.93 10.67 -2.22
CA SER A 23 -8.08 10.24 -3.01
C SER A 23 -7.98 10.77 -4.44
N SER A 24 -7.32 11.91 -4.63
CA SER A 24 -7.17 12.48 -5.96
C SER A 24 -6.23 11.63 -6.81
N ALA A 25 -5.08 11.27 -6.25
CA ALA A 25 -4.13 10.41 -6.94
C ALA A 25 -4.68 9.00 -7.05
N SER A 26 -5.50 8.59 -6.06
CA SER A 26 -6.07 7.26 -6.01
C SER A 26 -7.12 7.07 -7.10
N LYS A 27 -8.07 8.01 -7.20
CA LYS A 27 -9.11 7.92 -8.22
C LYS A 27 -8.50 7.96 -9.62
N TRP A 28 -7.51 8.82 -9.85
CA TRP A 28 -6.83 8.85 -11.13
C TRP A 28 -6.16 7.51 -11.41
N LEU A 29 -5.37 7.03 -10.45
CA LEU A 29 -4.63 5.81 -10.67
C LEU A 29 -5.63 4.68 -10.91
N LEU A 30 -6.78 4.74 -10.25
CA LEU A 30 -7.87 3.79 -10.43
C LEU A 30 -8.44 3.86 -11.86
N LEU A 31 -8.36 5.02 -12.53
CA LEU A 31 -8.82 5.13 -13.90
C LEU A 31 -7.91 4.32 -14.83
N GLN A 32 -6.60 4.27 -14.54
CA GLN A 32 -5.68 3.43 -15.33
C GLN A 32 -5.37 2.11 -14.63
N TYR A 33 -6.41 1.36 -14.24
CA TYR A 33 -6.26 0.08 -13.58
C TYR A 33 -5.50 -0.94 -14.41
N ARG A 34 -5.31 -0.70 -15.71
CA ARG A 34 -4.60 -1.63 -16.57
C ARG A 34 -3.12 -1.61 -16.20
N ASP A 35 -2.65 -0.46 -15.71
CA ASP A 35 -1.26 -0.23 -15.36
C ASP A 35 -0.92 -0.84 -14.00
N ALA A 36 -1.91 -1.44 -13.34
CA ALA A 36 -1.80 -1.99 -11.99
C ALA A 36 -0.53 -2.81 -11.74
N PRO A 37 -0.16 -3.78 -12.58
CA PRO A 37 1.02 -4.59 -12.33
C PRO A 37 2.29 -3.76 -12.42
N LYS A 38 2.34 -2.83 -13.38
CA LYS A 38 3.50 -1.97 -13.57
C LYS A 38 3.60 -0.95 -12.45
N VAL A 39 2.46 -0.39 -12.03
CA VAL A 39 2.44 0.61 -10.97
C VAL A 39 2.83 -0.03 -9.64
N ALA A 40 2.39 -1.28 -9.39
CA ALA A 40 2.79 -1.98 -8.19
C ALA A 40 4.29 -2.25 -8.20
N GLU A 41 4.84 -2.56 -9.39
CA GLU A 41 6.27 -2.79 -9.56
C GLU A 41 7.07 -1.53 -9.22
N MET A 42 6.82 -0.42 -9.92
CA MET A 42 7.56 0.81 -9.68
C MET A 42 7.29 1.31 -8.26
N TRP A 43 6.10 1.06 -7.74
CA TRP A 43 5.75 1.52 -6.40
C TRP A 43 6.70 0.90 -5.38
N LYS A 44 6.80 -0.43 -5.33
CA LYS A 44 7.67 -1.06 -4.36
C LYS A 44 9.10 -0.61 -4.54
N GLU A 45 9.63 -0.73 -5.75
CA GLU A 45 11.00 -0.34 -6.01
C GLU A 45 11.26 1.11 -5.59
N TYR A 46 10.30 2.01 -5.79
CA TYR A 46 10.44 3.38 -5.33
C TYR A 46 10.47 3.45 -3.80
N MET A 47 9.63 2.67 -3.12
CA MET A 47 9.62 2.68 -1.66
C MET A 47 10.91 2.11 -1.11
N LEU A 48 11.34 0.96 -1.64
CA LEU A 48 12.52 0.27 -1.16
C LEU A 48 13.81 1.01 -1.49
N ARG A 49 13.77 1.92 -2.49
CA ARG A 49 14.99 2.63 -2.86
C ARG A 49 15.48 3.52 -1.70
N PRO A 50 16.80 3.58 -1.47
CA PRO A 50 17.38 4.32 -0.38
C PRO A 50 17.27 5.82 -0.59
N SER A 51 16.96 6.25 -1.82
CA SER A 51 16.80 7.66 -2.15
C SER A 51 15.41 8.16 -1.77
N VAL A 52 14.60 7.32 -1.09
CA VAL A 52 13.27 7.69 -0.68
C VAL A 52 13.14 7.60 0.84
N ASN A 53 12.52 8.64 1.42
CA ASN A 53 12.42 8.83 2.85
C ASN A 53 11.09 8.29 3.40
N THR A 54 11.02 8.19 4.73
CA THR A 54 9.87 7.67 5.45
C THR A 54 8.58 8.41 5.12
N ARG A 55 8.64 9.73 4.94
CA ARG A 55 7.42 10.50 4.66
C ARG A 55 6.91 10.14 3.27
N ARG A 56 7.81 10.01 2.28
CA ARG A 56 7.41 9.64 0.93
C ARG A 56 6.87 8.22 0.94
N LYS A 57 7.47 7.35 1.76
CA LYS A 57 7.00 5.98 1.93
C LYS A 57 5.63 5.93 2.59
N LEU A 58 5.35 6.85 3.53
CA LEU A 58 4.05 6.91 4.17
C LEU A 58 2.97 7.25 3.15
N LEU A 59 3.24 8.25 2.32
CA LEU A 59 2.32 8.66 1.26
C LEU A 59 2.08 7.51 0.28
N GLY A 60 3.13 6.74 -0.04
CA GLY A 60 2.99 5.60 -0.93
C GLY A 60 2.13 4.51 -0.27
N LEU A 61 2.29 4.32 1.03
CA LEU A 61 1.51 3.36 1.79
C LEU A 61 0.03 3.72 1.78
N TYR A 62 -0.31 4.99 2.04
CA TYR A 62 -1.70 5.42 2.04
C TYR A 62 -2.28 5.39 0.63
N LEU A 63 -1.51 5.80 -0.38
CA LEU A 63 -2.02 5.81 -1.74
C LEU A 63 -2.34 4.39 -2.20
N MET A 64 -1.41 3.45 -2.02
CA MET A 64 -1.67 2.09 -2.45
C MET A 64 -2.80 1.49 -1.63
N ASN A 65 -2.87 1.80 -0.34
CA ASN A 65 -3.91 1.25 0.53
C ASN A 65 -5.29 1.65 0.04
N HIS A 66 -5.44 2.90 -0.40
CA HIS A 66 -6.73 3.37 -0.88
C HIS A 66 -7.12 2.65 -2.17
N VAL A 67 -6.19 2.57 -3.14
CA VAL A 67 -6.52 1.96 -4.42
C VAL A 67 -6.76 0.45 -4.28
N VAL A 68 -5.94 -0.26 -3.50
CA VAL A 68 -6.16 -1.70 -3.34
C VAL A 68 -7.51 -1.98 -2.68
N GLN A 69 -7.90 -1.15 -1.71
CA GLN A 69 -9.17 -1.36 -1.04
C GLN A 69 -10.34 -0.99 -1.97
N GLN A 70 -10.26 0.17 -2.61
CA GLN A 70 -11.30 0.61 -3.53
C GLN A 70 -11.40 -0.34 -4.72
N ALA A 71 -10.26 -0.91 -5.12
CA ALA A 71 -10.22 -1.91 -6.17
C ALA A 71 -11.04 -3.12 -5.75
N LYS A 72 -10.87 -3.60 -4.51
CA LYS A 72 -11.64 -4.74 -4.04
C LYS A 72 -13.11 -4.40 -3.91
N GLY A 73 -13.42 -3.11 -3.71
CA GLY A 73 -14.79 -2.63 -3.67
C GLY A 73 -15.51 -2.95 -4.98
N GLN A 74 -15.02 -2.37 -6.08
CA GLN A 74 -15.59 -2.60 -7.41
C GLN A 74 -15.07 -3.89 -8.04
N LYS A 75 -14.25 -4.64 -7.30
CA LYS A 75 -13.79 -5.98 -7.63
C LYS A 75 -12.81 -6.04 -8.81
N ILE A 76 -11.90 -5.06 -8.88
CA ILE A 76 -10.84 -4.99 -9.86
C ILE A 76 -9.58 -5.59 -9.25
N ILE A 77 -9.48 -6.92 -9.30
CA ILE A 77 -8.39 -7.66 -8.68
C ILE A 77 -7.02 -7.29 -9.24
N GLN A 78 -6.94 -6.60 -10.39
CA GLN A 78 -5.65 -6.31 -11.00
C GLN A 78 -4.75 -5.58 -10.00
N PHE A 79 -5.35 -4.64 -9.26
CA PHE A 79 -4.64 -3.87 -8.26
C PHE A 79 -4.25 -4.75 -7.08
N GLN A 80 -5.24 -5.31 -6.39
CA GLN A 80 -4.96 -6.07 -5.17
C GLN A 80 -4.05 -7.25 -5.47
N ASP A 81 -4.10 -7.77 -6.70
CA ASP A 81 -3.28 -8.90 -7.11
C ASP A 81 -1.82 -8.46 -7.20
N SER A 82 -1.55 -7.37 -7.91
CA SER A 82 -0.21 -6.86 -8.11
C SER A 82 0.35 -6.22 -6.86
N PHE A 83 -0.40 -5.28 -6.27
CA PHE A 83 0.02 -4.52 -5.11
C PHE A 83 0.20 -5.42 -3.90
N GLY A 84 -0.64 -6.45 -3.76
CA GLY A 84 -0.57 -7.36 -2.64
C GLY A 84 0.82 -7.98 -2.48
N LYS A 85 1.38 -8.52 -3.56
CA LYS A 85 2.64 -9.25 -3.49
C LYS A 85 3.75 -8.31 -3.04
N VAL A 86 3.81 -7.12 -3.66
CA VAL A 86 4.80 -6.11 -3.35
C VAL A 86 4.53 -5.42 -2.01
N ALA A 87 3.29 -5.55 -1.48
CA ALA A 87 2.94 -4.97 -0.20
C ALA A 87 3.76 -5.57 0.94
N ALA A 88 3.77 -6.90 1.06
CA ALA A 88 4.54 -7.58 2.09
C ALA A 88 5.99 -7.11 2.07
N GLU A 89 6.55 -6.96 0.88
CA GLU A 89 7.90 -6.43 0.72
C GLU A 89 7.96 -5.02 1.31
N VAL A 90 7.29 -4.05 0.69
CA VAL A 90 7.35 -2.67 1.14
C VAL A 90 6.97 -2.53 2.60
N LEU A 91 5.73 -2.88 2.96
CA LEU A 91 5.19 -2.66 4.29
C LEU A 91 6.12 -3.23 5.36
N GLY A 92 6.63 -4.44 5.13
CA GLY A 92 7.54 -5.06 6.06
C GLY A 92 8.91 -4.38 6.13
N ARG A 93 9.37 -3.77 5.02
CA ARG A 93 10.62 -3.04 4.98
C ARG A 93 10.48 -1.65 5.59
N ILE A 94 9.47 -0.90 5.17
CA ILE A 94 9.22 0.41 5.74
C ILE A 94 8.90 0.25 7.22
N ASN A 95 8.47 -0.94 7.67
CA ASN A 95 8.22 -1.19 9.08
C ASN A 95 9.53 -1.23 9.87
N GLN A 96 10.66 -1.41 9.18
CA GLN A 96 11.98 -1.43 9.79
C GLN A 96 12.63 -0.06 9.68
N GLU A 97 12.05 0.82 8.87
CA GLU A 97 12.58 2.14 8.59
C GLU A 97 11.68 3.24 9.16
N PHE A 98 10.40 2.91 9.41
CA PHE A 98 9.46 3.86 9.99
C PHE A 98 9.71 4.00 11.49
N PRO A 99 9.60 5.21 12.03
CA PRO A 99 9.59 5.45 13.45
C PRO A 99 8.29 4.91 14.01
N ARG A 100 8.19 4.81 15.35
CA ARG A 100 7.03 4.23 15.99
C ARG A 100 5.72 4.84 15.50
N ASP A 101 5.71 6.15 15.23
CA ASP A 101 4.51 6.84 14.80
C ASP A 101 4.05 6.43 13.40
N LEU A 102 4.95 6.28 12.43
CA LEU A 102 4.54 5.86 11.10
C LEU A 102 4.29 4.36 11.11
N LYS A 103 5.04 3.64 11.95
CA LYS A 103 4.78 2.22 12.16
C LYS A 103 3.37 2.04 12.73
N LYS A 104 2.95 2.93 13.62
CA LYS A 104 1.59 2.95 14.14
C LYS A 104 0.58 3.15 12.99
N LYS A 105 0.83 4.11 12.09
CA LYS A 105 -0.06 4.31 10.94
C LYS A 105 -0.14 3.04 10.10
N LEU A 106 1.02 2.46 9.80
CA LEU A 106 1.08 1.24 9.02
C LEU A 106 0.43 0.08 9.76
N SER A 107 0.63 0.00 11.07
CA SER A 107 0.08 -1.08 11.85
C SER A 107 -1.42 -1.15 11.61
N ARG A 108 -2.11 -0.01 11.64
CA ARG A 108 -3.52 0.02 11.36
C ARG A 108 -3.77 -0.48 9.94
N VAL A 109 -2.99 0.01 8.98
CA VAL A 109 -3.12 -0.37 7.57
C VAL A 109 -3.04 -1.88 7.42
N VAL A 110 -1.99 -2.54 7.95
CA VAL A 110 -1.90 -3.99 7.91
C VAL A 110 -3.12 -4.61 8.59
N ASN A 111 -3.51 -4.10 9.77
CA ASN A 111 -4.65 -4.66 10.51
C ASN A 111 -5.90 -4.69 9.64
N ILE A 112 -6.30 -3.52 9.13
CA ILE A 112 -7.52 -3.44 8.34
C ILE A 112 -7.38 -4.29 7.10
N LEU A 113 -6.20 -4.32 6.48
CA LEU A 113 -6.08 -5.03 5.22
C LEU A 113 -6.52 -6.48 5.39
N LYS A 114 -6.04 -7.16 6.43
CA LYS A 114 -6.46 -8.54 6.69
C LYS A 114 -7.86 -8.65 7.29
N GLU A 115 -8.33 -7.65 8.04
CA GLU A 115 -9.67 -7.71 8.63
C GLU A 115 -10.75 -7.79 7.56
N ARG A 116 -10.50 -7.18 6.38
CA ARG A 116 -11.43 -7.23 5.26
C ARG A 116 -10.81 -7.90 4.04
N ASN A 117 -9.62 -8.48 4.20
CA ASN A 117 -8.96 -9.36 3.25
C ASN A 117 -8.86 -8.75 1.85
N ILE A 118 -8.08 -7.68 1.72
CA ILE A 118 -7.91 -7.03 0.44
C ILE A 118 -7.01 -7.87 -0.47
N PHE A 119 -6.02 -8.55 0.11
CA PHE A 119 -5.17 -9.47 -0.62
C PHE A 119 -5.53 -10.91 -0.24
N SER A 120 -4.84 -11.88 -0.84
CA SER A 120 -5.09 -13.28 -0.56
C SER A 120 -4.42 -13.68 0.75
N LYS A 121 -4.89 -14.76 1.37
CA LYS A 121 -4.42 -15.22 2.66
C LYS A 121 -2.90 -15.38 2.68
N GLN A 122 -2.34 -15.80 1.56
CA GLN A 122 -0.90 -15.96 1.42
C GLN A 122 -0.24 -14.58 1.55
N VAL A 123 -0.76 -13.60 0.83
CA VAL A 123 -0.25 -12.24 0.87
C VAL A 123 -0.41 -11.67 2.27
N VAL A 124 -1.59 -11.87 2.86
CA VAL A 124 -1.86 -11.44 4.23
C VAL A 124 -0.79 -11.98 5.17
N ASN A 125 -0.59 -13.30 5.13
CA ASN A 125 0.40 -13.95 5.96
C ASN A 125 1.79 -13.40 5.66
N ASP A 126 2.18 -13.29 4.39
CA ASP A 126 3.49 -12.81 4.01
C ASP A 126 3.76 -11.39 4.54
N ILE A 127 2.76 -10.50 4.52
CA ILE A 127 2.93 -9.19 5.12
C ILE A 127 3.29 -9.34 6.59
N GLU A 128 2.61 -10.25 7.30
CA GLU A 128 2.93 -10.48 8.69
C GLU A 128 4.34 -11.04 8.84
N ARG A 129 4.77 -11.91 7.92
CA ARG A 129 6.10 -12.49 8.00
C ARG A 129 7.16 -11.41 7.87
N SER A 130 6.93 -10.44 6.98
CA SER A 130 7.88 -9.37 6.71
C SER A 130 8.03 -8.44 7.90
N LEU A 131 6.90 -8.00 8.46
CA LEU A 131 6.87 -7.24 9.70
C LEU A 131 7.57 -7.99 10.82
N ALA A 132 7.28 -9.29 10.94
CA ALA A 132 7.90 -10.12 11.97
C ALA A 132 9.41 -10.25 11.75
N ALA A 133 9.84 -10.39 10.49
CA ALA A 133 11.26 -10.51 10.14
C ALA A 133 12.03 -9.23 10.48
N ALA A 134 11.31 -8.12 10.72
CA ALA A 134 11.94 -6.87 11.10
C ALA A 134 12.60 -6.98 12.47
N LEU A 135 12.12 -7.89 13.30
CA LEU A 135 12.68 -8.18 14.62
C LEU A 135 12.98 -9.67 14.79
N GLU A 136 12.72 -10.46 13.74
CA GLU A 136 12.96 -11.90 13.70
C GLU A 136 12.30 -12.65 14.84
N HIS A 137 11.20 -12.11 15.37
CA HIS A 137 10.43 -12.83 16.37
C HIS A 137 9.56 -13.88 15.69
N HIS A 138 9.53 -15.09 16.23
CA HIS A 138 8.81 -16.21 15.66
C HIS A 138 8.29 -17.11 16.79
N HIS A 139 7.91 -18.34 16.45
CA HIS A 139 7.40 -19.31 17.42
C HIS A 139 8.48 -19.86 18.34
N HIS A 140 9.36 -19.00 18.86
CA HIS A 140 10.43 -19.43 19.77
C HIS A 140 9.89 -20.01 21.07
N HIS A 141 8.58 -19.91 21.30
CA HIS A 141 7.97 -20.48 22.49
C HIS A 141 7.68 -21.98 22.32
N HIS A 142 7.99 -22.53 21.14
CA HIS A 142 7.79 -23.94 20.85
C HIS A 142 8.90 -24.78 21.50
N PRO B 1 -10.44 15.08 4.78
CA PRO B 1 -9.21 15.63 5.39
C PRO B 1 -8.27 14.55 5.90
N SER B 2 -8.61 13.91 7.02
CA SER B 2 -7.79 12.84 7.58
C SER B 2 -8.11 11.53 6.87
N TYR B 3 -7.09 10.84 6.39
CA TYR B 3 -7.28 9.55 5.74
C TYR B 3 -7.52 8.46 6.79
N SER B 4 -8.17 7.36 6.37
CA SER B 4 -8.44 6.22 7.24
C SER B 4 -8.57 4.97 6.37
N PRO B 5 -7.76 3.94 6.63
CA PRO B 5 -7.85 2.68 5.92
C PRO B 5 -9.12 1.94 6.34
N TPO B 6 -9.62 2.26 7.54
CA TPO B 6 -10.81 1.64 8.14
CB TPO B 6 -10.89 2.03 9.61
CG2 TPO B 6 -11.95 1.17 10.30
OG1 TPO B 6 -9.64 1.85 10.23
P TPO B 6 -9.07 2.95 11.25
O1P TPO B 6 -8.89 4.15 10.39
O2P TPO B 6 -10.15 3.07 12.26
O3P TPO B 6 -7.81 2.35 11.76
C TPO B 6 -12.07 2.08 7.40
O TPO B 6 -13.02 1.32 7.32
H TPO B 6 -9.16 2.97 8.09
HA TPO B 6 -10.71 0.56 8.06
HB TPO B 6 -11.18 3.08 9.68
HG21 TPO B 6 -11.68 0.11 10.21
HG22 TPO B 6 -12.92 1.34 9.85
HG23 TPO B 6 -12.00 1.44 11.36
N SER B 7 -12.05 3.31 6.87
CA SER B 7 -13.19 3.91 6.19
C SER B 7 -13.75 2.98 5.11
N PRO B 8 -15.05 3.10 4.81
CA PRO B 8 -15.74 2.24 3.87
C PRO B 8 -15.25 2.49 2.44
N SER B 9 -14.90 1.39 1.76
CA SER B 9 -14.43 1.40 0.39
C SER B 9 -14.39 -0.04 -0.14
N TYR B 10 -14.18 -1.00 0.78
CA TYR B 10 -14.23 -2.42 0.50
C TYR B 10 -15.67 -2.88 0.23
N SER B 11 -15.81 -4.10 -0.29
CA SER B 11 -17.11 -4.71 -0.56
C SER B 11 -16.98 -6.23 -0.40
N PRO B 12 -18.01 -6.90 0.13
CA PRO B 12 -17.99 -8.33 0.38
C PRO B 12 -17.63 -9.15 -0.85
N THR B 13 -16.94 -10.27 -0.63
CA THR B 13 -16.54 -11.19 -1.68
C THR B 13 -16.15 -12.52 -1.03
N SER B 14 -15.84 -13.54 -1.85
CA SER B 14 -15.51 -14.86 -1.33
C SER B 14 -14.16 -14.84 -0.62
N PRO B 15 -13.93 -15.80 0.31
CA PRO B 15 -12.66 -15.96 1.00
C PRO B 15 -11.51 -16.20 0.05
N SER B 16 -10.28 -16.02 0.54
CA SER B 16 -9.07 -16.20 -0.24
C SER B 16 -7.86 -16.49 0.65
N MET A 1 -3.52 7.99 -18.51
CA MET A 1 -2.63 9.16 -18.57
C MET A 1 -1.18 8.69 -18.70
N ALA A 2 -0.76 8.41 -19.93
CA ALA A 2 0.57 7.90 -20.23
C ALA A 2 0.87 6.58 -19.52
N PHE A 3 2.04 6.00 -19.83
CA PHE A 3 2.51 4.75 -19.27
C PHE A 3 4.04 4.74 -19.31
N SER A 4 4.63 5.92 -19.07
CA SER A 4 6.05 6.19 -19.23
C SER A 4 6.92 5.50 -18.19
N SER A 5 6.34 4.63 -17.35
CA SER A 5 7.02 4.03 -16.21
C SER A 5 7.54 5.12 -15.27
N GLU A 6 6.75 6.20 -15.15
CA GLU A 6 7.13 7.39 -14.42
C GLU A 6 5.89 8.20 -14.01
N GLN A 7 4.79 8.11 -14.75
CA GLN A 7 3.61 8.90 -14.45
C GLN A 7 3.20 8.70 -12.99
N PHE A 8 2.84 7.47 -12.62
CA PHE A 8 2.48 7.15 -11.24
C PHE A 8 3.60 7.55 -10.28
N THR A 9 4.84 7.46 -10.75
CA THR A 9 6.00 7.71 -9.91
C THR A 9 6.04 9.20 -9.56
N THR A 10 5.81 10.06 -10.55
CA THR A 10 5.81 11.50 -10.29
C THR A 10 4.68 11.83 -9.32
N LYS A 11 3.57 11.07 -9.36
CA LYS A 11 2.48 11.26 -8.42
C LYS A 11 2.98 11.09 -7.00
N LEU A 12 3.76 10.03 -6.74
CA LEU A 12 4.34 9.77 -5.43
C LEU A 12 5.12 10.98 -4.95
N ASN A 13 5.86 11.62 -5.87
CA ASN A 13 6.65 12.80 -5.52
C ASN A 13 5.80 14.06 -5.34
N THR A 14 4.47 13.96 -5.49
CA THR A 14 3.61 15.12 -5.26
C THR A 14 2.38 14.77 -4.41
N LEU A 15 2.39 13.64 -3.71
CA LEU A 15 1.31 13.28 -2.81
C LEU A 15 1.28 14.19 -1.57
N GLU A 16 0.20 14.07 -0.78
CA GLU A 16 0.05 14.78 0.47
C GLU A 16 -0.52 13.83 1.51
N ASP A 17 -0.31 14.15 2.79
CA ASP A 17 -0.64 13.26 3.87
C ASP A 17 -2.13 13.15 4.19
N SER A 18 -3.04 13.36 3.22
CA SER A 18 -4.45 13.34 3.56
C SER A 18 -5.37 12.68 2.55
N GLN A 19 -6.61 12.39 2.99
CA GLN A 19 -7.59 11.71 2.17
C GLN A 19 -7.94 12.49 0.90
N GLU A 20 -7.87 13.83 0.92
CA GLU A 20 -8.22 14.60 -0.26
C GLU A 20 -7.20 14.36 -1.38
N SER A 21 -5.91 14.55 -1.06
CA SER A 21 -4.84 14.34 -2.01
C SER A 21 -4.77 12.88 -2.43
N ILE A 22 -4.82 12.00 -1.43
CA ILE A 22 -4.71 10.57 -1.67
C ILE A 22 -5.89 10.09 -2.51
N SER A 23 -7.10 10.58 -2.23
CA SER A 23 -8.28 10.19 -2.99
C SER A 23 -8.14 10.63 -4.45
N SER A 24 -7.58 11.82 -4.68
CA SER A 24 -7.39 12.33 -6.04
C SER A 24 -6.42 11.44 -6.81
N ALA A 25 -5.26 11.17 -6.21
CA ALA A 25 -4.27 10.32 -6.83
C ALA A 25 -4.77 8.89 -6.94
N SER A 26 -5.60 8.46 -5.99
CA SER A 26 -6.13 7.10 -5.96
C SER A 26 -7.12 6.89 -7.09
N LYS A 27 -8.14 7.75 -7.19
CA LYS A 27 -9.15 7.60 -8.23
C LYS A 27 -8.52 7.66 -9.62
N TRP A 28 -7.53 8.55 -9.81
CA TRP A 28 -6.83 8.62 -11.07
C TRP A 28 -6.15 7.29 -11.38
N LEU A 29 -5.32 6.82 -10.46
CA LEU A 29 -4.58 5.60 -10.71
C LEU A 29 -5.59 4.47 -10.92
N LEU A 30 -6.73 4.52 -10.21
CA LEU A 30 -7.79 3.54 -10.35
C LEU A 30 -8.34 3.54 -11.78
N LEU A 31 -8.29 4.69 -12.48
CA LEU A 31 -8.75 4.74 -13.87
C LEU A 31 -7.81 3.96 -14.77
N GLN A 32 -6.49 4.06 -14.55
CA GLN A 32 -5.54 3.30 -15.35
C GLN A 32 -5.15 1.98 -14.70
N TYR A 33 -6.14 1.16 -14.36
CA TYR A 33 -5.88 -0.15 -13.77
C TYR A 33 -5.12 -1.07 -14.72
N ARG A 34 -5.03 -0.72 -16.01
CA ARG A 34 -4.23 -1.50 -16.95
C ARG A 34 -2.73 -1.38 -16.64
N ASP A 35 -2.33 -0.38 -15.84
CA ASP A 35 -0.95 -0.25 -15.39
C ASP A 35 -0.75 -0.88 -14.00
N ALA A 36 -1.80 -1.48 -13.43
CA ALA A 36 -1.77 -2.02 -12.08
C ALA A 36 -0.52 -2.85 -11.77
N PRO A 37 -0.11 -3.83 -12.60
CA PRO A 37 1.04 -4.65 -12.29
C PRO A 37 2.34 -3.85 -12.36
N LYS A 38 2.43 -2.93 -13.32
CA LYS A 38 3.61 -2.10 -13.50
C LYS A 38 3.73 -1.12 -12.36
N VAL A 39 2.65 -0.40 -12.06
CA VAL A 39 2.63 0.58 -10.99
C VAL A 39 2.91 -0.07 -9.65
N ALA A 40 2.42 -1.30 -9.43
CA ALA A 40 2.73 -2.01 -8.21
C ALA A 40 4.23 -2.24 -8.09
N GLU A 41 4.89 -2.64 -9.20
CA GLU A 41 6.32 -2.86 -9.19
C GLU A 41 7.08 -1.55 -8.99
N MET A 42 6.76 -0.50 -9.77
CA MET A 42 7.43 0.78 -9.65
C MET A 42 7.22 1.34 -8.25
N TRP A 43 6.01 1.13 -7.69
CA TRP A 43 5.72 1.60 -6.35
C TRP A 43 6.64 0.96 -5.33
N LYS A 44 6.78 -0.37 -5.35
CA LYS A 44 7.66 -1.03 -4.41
C LYS A 44 9.09 -0.53 -4.59
N GLU A 45 9.61 -0.59 -5.81
CA GLU A 45 10.97 -0.15 -6.06
C GLU A 45 11.19 1.28 -5.58
N TYR A 46 10.20 2.16 -5.77
CA TYR A 46 10.31 3.53 -5.29
C TYR A 46 10.34 3.57 -3.77
N MET A 47 9.52 2.75 -3.09
CA MET A 47 9.50 2.75 -1.63
C MET A 47 10.79 2.17 -1.08
N LEU A 48 11.26 1.06 -1.65
CA LEU A 48 12.45 0.37 -1.18
C LEU A 48 13.72 1.15 -1.50
N ARG A 49 13.67 2.07 -2.46
CA ARG A 49 14.87 2.83 -2.83
C ARG A 49 15.33 3.74 -1.68
N PRO A 50 16.65 3.85 -1.50
CA PRO A 50 17.25 4.67 -0.45
C PRO A 50 17.11 6.16 -0.77
N SER A 51 16.80 6.48 -2.03
CA SER A 51 16.60 7.86 -2.47
C SER A 51 15.25 8.40 -2.01
N VAL A 52 14.50 7.60 -1.24
CA VAL A 52 13.19 7.96 -0.72
C VAL A 52 13.18 7.85 0.79
N ASN A 53 12.42 8.74 1.44
CA ASN A 53 12.39 8.89 2.89
C ASN A 53 11.05 8.42 3.46
N THR A 54 11.00 8.27 4.79
CA THR A 54 9.84 7.80 5.53
C THR A 54 8.58 8.60 5.20
N ARG A 55 8.69 9.92 5.03
CA ARG A 55 7.57 10.76 4.71
C ARG A 55 6.95 10.35 3.39
N ARG A 56 7.78 10.12 2.38
CA ARG A 56 7.35 9.78 1.04
C ARG A 56 6.80 8.35 1.02
N LYS A 57 7.36 7.49 1.87
CA LYS A 57 6.90 6.12 2.03
C LYS A 57 5.55 6.09 2.75
N LEU A 58 5.33 7.00 3.70
CA LEU A 58 4.04 7.11 4.37
C LEU A 58 2.95 7.50 3.36
N LEU A 59 3.29 8.42 2.46
CA LEU A 59 2.39 8.84 1.40
C LEU A 59 2.10 7.69 0.44
N GLY A 60 3.14 6.92 0.09
CA GLY A 60 2.97 5.77 -0.79
C GLY A 60 2.11 4.69 -0.13
N LEU A 61 2.30 4.50 1.18
CA LEU A 61 1.52 3.57 1.97
C LEU A 61 0.03 3.96 1.94
N TYR A 62 -0.27 5.24 2.12
CA TYR A 62 -1.64 5.72 2.10
C TYR A 62 -2.25 5.59 0.71
N LEU A 63 -1.47 5.92 -0.34
CA LEU A 63 -1.99 5.85 -1.70
C LEU A 63 -2.39 4.43 -2.06
N MET A 64 -1.44 3.50 -2.02
CA MET A 64 -1.71 2.13 -2.39
C MET A 64 -2.84 1.55 -1.54
N ASN A 65 -2.90 1.91 -0.25
CA ASN A 65 -3.93 1.40 0.64
C ASN A 65 -5.31 1.79 0.13
N HIS A 66 -5.49 3.05 -0.28
CA HIS A 66 -6.77 3.50 -0.78
C HIS A 66 -7.09 2.82 -2.12
N VAL A 67 -6.06 2.64 -2.95
CA VAL A 67 -6.21 2.03 -4.26
C VAL A 67 -6.65 0.58 -4.14
N VAL A 68 -5.90 -0.24 -3.38
CA VAL A 68 -6.23 -1.66 -3.26
C VAL A 68 -7.58 -1.87 -2.60
N GLN A 69 -7.94 -1.01 -1.65
CA GLN A 69 -9.20 -1.15 -0.95
C GLN A 69 -10.38 -0.78 -1.85
N GLN A 70 -10.26 0.31 -2.60
CA GLN A 70 -11.29 0.70 -3.55
C GLN A 70 -11.35 -0.29 -4.70
N ALA A 71 -10.19 -0.84 -5.09
CA ALA A 71 -10.14 -1.85 -6.13
C ALA A 71 -11.02 -3.02 -5.73
N LYS A 72 -10.87 -3.53 -4.50
CA LYS A 72 -11.73 -4.59 -4.02
C LYS A 72 -13.19 -4.12 -4.08
N GLY A 73 -13.41 -2.84 -3.78
CA GLY A 73 -14.73 -2.22 -3.75
C GLY A 73 -15.48 -2.38 -5.08
N GLN A 74 -14.78 -2.34 -6.22
CA GLN A 74 -15.41 -2.60 -7.51
C GLN A 74 -14.86 -3.86 -8.19
N LYS A 75 -14.10 -4.67 -7.46
CA LYS A 75 -13.54 -5.94 -7.89
C LYS A 75 -12.48 -5.82 -8.98
N ILE A 76 -11.71 -4.73 -8.98
CA ILE A 76 -10.57 -4.58 -9.87
C ILE A 76 -9.39 -5.34 -9.27
N ILE A 77 -9.46 -6.67 -9.32
CA ILE A 77 -8.48 -7.50 -8.65
C ILE A 77 -7.07 -7.25 -9.18
N GLN A 78 -6.93 -6.61 -10.35
CA GLN A 78 -5.63 -6.38 -10.95
C GLN A 78 -4.75 -5.57 -10.00
N PHE A 79 -5.36 -4.63 -9.27
CA PHE A 79 -4.65 -3.82 -8.31
C PHE A 79 -4.24 -4.65 -7.11
N GLN A 80 -5.22 -5.11 -6.33
CA GLN A 80 -4.97 -5.86 -5.11
C GLN A 80 -4.14 -7.11 -5.42
N ASP A 81 -4.22 -7.64 -6.64
CA ASP A 81 -3.43 -8.79 -7.05
C ASP A 81 -1.96 -8.39 -7.13
N SER A 82 -1.66 -7.32 -7.87
CA SER A 82 -0.30 -6.86 -8.07
C SER A 82 0.26 -6.20 -6.82
N PHE A 83 -0.45 -5.18 -6.32
CA PHE A 83 -0.04 -4.43 -5.14
C PHE A 83 0.13 -5.34 -3.92
N GLY A 84 -0.72 -6.36 -3.78
CA GLY A 84 -0.65 -7.27 -2.64
C GLY A 84 0.73 -7.90 -2.50
N LYS A 85 1.28 -8.43 -3.59
CA LYS A 85 2.55 -9.16 -3.53
C LYS A 85 3.68 -8.22 -3.09
N VAL A 86 3.72 -7.04 -3.68
CA VAL A 86 4.75 -6.04 -3.39
C VAL A 86 4.49 -5.35 -2.05
N ALA A 87 3.25 -5.44 -1.52
CA ALA A 87 2.90 -4.86 -0.25
C ALA A 87 3.69 -5.48 0.89
N ALA A 88 3.74 -6.82 0.96
CA ALA A 88 4.48 -7.52 2.01
C ALA A 88 5.92 -7.04 2.05
N GLU A 89 6.54 -6.88 0.88
CA GLU A 89 7.85 -6.29 0.82
C GLU A 89 7.81 -4.88 1.38
N VAL A 90 7.22 -3.92 0.65
CA VAL A 90 7.24 -2.53 1.08
C VAL A 90 6.88 -2.38 2.55
N LEU A 91 5.64 -2.70 2.92
CA LEU A 91 5.15 -2.49 4.27
C LEU A 91 6.11 -3.12 5.29
N GLY A 92 6.63 -4.30 4.97
CA GLY A 92 7.58 -4.99 5.84
C GLY A 92 8.97 -4.34 5.90
N ARG A 93 9.47 -3.80 4.79
CA ARG A 93 10.77 -3.15 4.76
C ARG A 93 10.69 -1.74 5.34
N ILE A 94 9.64 -0.99 4.99
CA ILE A 94 9.43 0.33 5.57
C ILE A 94 9.15 0.19 7.07
N ASN A 95 8.65 -0.97 7.52
CA ASN A 95 8.43 -1.21 8.93
C ASN A 95 9.77 -1.26 9.67
N GLN A 96 10.88 -1.47 8.94
CA GLN A 96 12.21 -1.47 9.54
C GLN A 96 12.82 -0.08 9.51
N GLU A 97 12.22 0.84 8.75
CA GLU A 97 12.72 2.20 8.56
C GLU A 97 11.82 3.21 9.26
N PHE A 98 10.52 2.90 9.38
CA PHE A 98 9.58 3.80 10.01
C PHE A 98 9.87 3.86 11.51
N PRO A 99 9.82 5.06 12.10
CA PRO A 99 9.91 5.23 13.54
C PRO A 99 8.67 4.62 14.18
N ARG A 100 8.72 4.42 15.50
CA ARG A 100 7.64 3.78 16.24
C ARG A 100 6.27 4.36 15.89
N ASP A 101 6.19 5.67 15.61
CA ASP A 101 4.91 6.31 15.33
C ASP A 101 4.36 5.95 13.95
N LEU A 102 5.17 6.02 12.89
CA LEU A 102 4.67 5.68 11.56
C LEU A 102 4.40 4.18 11.50
N LYS A 103 5.21 3.41 12.22
CA LYS A 103 4.97 1.98 12.38
C LYS A 103 3.56 1.74 12.95
N LYS A 104 3.12 2.54 13.93
CA LYS A 104 1.76 2.42 14.45
C LYS A 104 0.75 2.67 13.33
N LYS A 105 0.99 3.69 12.49
CA LYS A 105 0.08 4.01 11.41
C LYS A 105 0.01 2.84 10.43
N LEU A 106 1.17 2.33 10.01
CA LEU A 106 1.22 1.16 9.15
C LEU A 106 0.59 -0.06 9.81
N SER A 107 0.82 -0.24 11.11
CA SER A 107 0.29 -1.39 11.79
C SER A 107 -1.22 -1.45 11.57
N ARG A 108 -1.91 -0.30 11.70
CA ARG A 108 -3.34 -0.27 11.42
C ARG A 108 -3.60 -0.61 9.97
N VAL A 109 -2.81 -0.06 9.04
CA VAL A 109 -2.99 -0.33 7.62
C VAL A 109 -2.95 -1.83 7.38
N VAL A 110 -1.94 -2.53 7.92
CA VAL A 110 -1.89 -3.98 7.80
C VAL A 110 -3.09 -4.63 8.48
N ASN A 111 -3.49 -4.17 9.68
CA ASN A 111 -4.61 -4.74 10.41
C ASN A 111 -5.89 -4.68 9.57
N ILE A 112 -6.31 -3.47 9.21
CA ILE A 112 -7.54 -3.25 8.46
C ILE A 112 -7.49 -4.04 7.15
N LEU A 113 -6.31 -4.18 6.54
CA LEU A 113 -6.21 -4.84 5.25
C LEU A 113 -6.60 -6.31 5.36
N LYS A 114 -6.00 -7.05 6.31
CA LYS A 114 -6.34 -8.46 6.47
C LYS A 114 -7.69 -8.63 7.16
N GLU A 115 -8.09 -7.64 7.97
CA GLU A 115 -9.40 -7.63 8.60
C GLU A 115 -10.50 -7.62 7.54
N ARG A 116 -10.26 -6.99 6.39
CA ARG A 116 -11.22 -6.95 5.28
C ARG A 116 -10.73 -7.73 4.07
N ASN A 117 -9.57 -8.39 4.21
CA ASN A 117 -9.02 -9.32 3.23
C ASN A 117 -8.92 -8.74 1.84
N ILE A 118 -8.13 -7.67 1.70
CA ILE A 118 -7.97 -7.02 0.41
C ILE A 118 -7.08 -7.85 -0.50
N PHE A 119 -6.09 -8.55 0.07
CA PHE A 119 -5.23 -9.45 -0.67
C PHE A 119 -5.58 -10.90 -0.33
N SER A 120 -4.83 -11.86 -0.90
CA SER A 120 -5.05 -13.27 -0.62
C SER A 120 -4.55 -13.61 0.77
N LYS A 121 -5.07 -14.69 1.34
CA LYS A 121 -4.63 -15.14 2.66
C LYS A 121 -3.12 -15.32 2.68
N GLN A 122 -2.53 -15.68 1.54
CA GLN A 122 -1.09 -15.89 1.47
C GLN A 122 -0.38 -14.55 1.59
N VAL A 123 -0.83 -13.57 0.81
CA VAL A 123 -0.29 -12.24 0.82
C VAL A 123 -0.47 -11.60 2.20
N VAL A 124 -1.65 -11.82 2.80
CA VAL A 124 -1.95 -11.34 4.15
C VAL A 124 -0.87 -11.83 5.11
N ASN A 125 -0.65 -13.15 5.15
CA ASN A 125 0.34 -13.72 6.03
C ASN A 125 1.74 -13.24 5.65
N ASP A 126 2.04 -13.13 4.35
CA ASP A 126 3.36 -12.66 3.91
C ASP A 126 3.66 -11.26 4.43
N ILE A 127 2.68 -10.36 4.45
CA ILE A 127 2.88 -9.04 5.04
C ILE A 127 3.21 -9.19 6.51
N GLU A 128 2.47 -10.03 7.25
CA GLU A 128 2.72 -10.25 8.67
C GLU A 128 4.08 -10.90 8.92
N ARG A 129 4.50 -11.82 8.05
CA ARG A 129 5.81 -12.46 8.15
C ARG A 129 6.90 -11.44 7.93
N SER A 130 6.64 -10.46 7.07
CA SER A 130 7.62 -9.46 6.72
C SER A 130 7.90 -8.53 7.91
N LEU A 131 6.83 -8.03 8.54
CA LEU A 131 6.91 -7.30 9.79
C LEU A 131 7.57 -8.15 10.87
N ALA A 132 7.19 -9.43 10.95
CA ALA A 132 7.73 -10.34 11.93
C ALA A 132 9.23 -10.54 11.75
N ALA A 133 9.71 -10.54 10.50
CA ALA A 133 11.13 -10.63 10.22
C ALA A 133 11.85 -9.35 10.58
N ALA A 134 11.12 -8.23 10.69
CA ALA A 134 11.71 -6.94 11.02
C ALA A 134 11.94 -6.79 12.51
N LEU A 135 11.05 -7.34 13.34
CA LEU A 135 11.11 -7.19 14.79
C LEU A 135 11.99 -8.24 15.44
N GLU A 136 12.49 -9.21 14.66
CA GLU A 136 13.43 -10.20 15.15
C GLU A 136 14.73 -9.53 15.60
N HIS A 137 15.54 -10.26 16.36
CA HIS A 137 16.78 -9.72 16.89
C HIS A 137 17.84 -9.60 15.80
N HIS A 138 18.43 -8.40 15.67
CA HIS A 138 19.49 -8.11 14.72
C HIS A 138 20.21 -6.83 15.15
N HIS A 139 21.17 -6.38 14.35
CA HIS A 139 22.04 -5.25 14.64
C HIS A 139 21.32 -3.90 14.53
N HIS A 140 19.99 -3.87 14.56
CA HIS A 140 19.22 -2.64 14.44
C HIS A 140 17.93 -2.74 15.25
N HIS A 141 17.26 -1.61 15.47
CA HIS A 141 16.04 -1.59 16.27
C HIS A 141 15.11 -0.47 15.78
N HIS A 142 13.80 -0.68 15.94
CA HIS A 142 12.78 0.25 15.48
C HIS A 142 11.48 -0.01 16.24
N PRO B 1 -3.86 17.45 5.62
CA PRO B 1 -3.19 16.41 6.43
C PRO B 1 -4.20 15.40 7.00
N SER B 2 -3.65 14.33 7.59
CA SER B 2 -4.38 13.22 8.20
C SER B 2 -5.19 12.38 7.22
N TYR B 3 -5.14 11.06 7.43
CA TYR B 3 -5.78 10.05 6.61
C TYR B 3 -6.10 8.83 7.47
N SER B 4 -6.95 7.93 6.94
CA SER B 4 -7.36 6.73 7.65
C SER B 4 -7.58 5.60 6.64
N PRO B 5 -7.00 4.42 6.88
CA PRO B 5 -7.23 3.23 6.07
C PRO B 5 -8.52 2.51 6.47
N TPO B 6 -9.11 2.94 7.60
CA TPO B 6 -10.22 2.25 8.25
CB TPO B 6 -10.27 2.65 9.73
CG2 TPO B 6 -11.37 1.86 10.44
OG1 TPO B 6 -9.00 2.35 10.29
P TPO B 6 -8.36 3.27 11.44
O1P TPO B 6 -9.34 3.23 12.55
O2P TPO B 6 -7.07 2.60 11.72
O3P TPO B 6 -8.24 4.59 10.77
C TPO B 6 -11.55 2.48 7.55
O TPO B 6 -12.35 1.55 7.48
H TPO B 6 -8.78 3.79 8.04
HA TPO B 6 -10.02 1.19 8.20
HB TPO B 6 -10.46 3.72 9.81
HG21 TPO B 6 -11.19 0.79 10.33
HG22 TPO B 6 -12.33 2.12 10.02
HG23 TPO B 6 -11.38 2.12 11.51
N SER B 7 -11.80 3.69 7.02
CA SER B 7 -13.07 3.97 6.35
C SER B 7 -12.94 4.88 5.11
N PRO B 8 -11.83 4.85 4.36
CA PRO B 8 -11.68 5.66 3.16
C PRO B 8 -12.35 4.97 1.97
N SER B 9 -12.63 3.66 2.10
CA SER B 9 -13.21 2.86 1.05
C SER B 9 -13.63 1.50 1.61
N TYR B 10 -14.48 0.78 0.86
CA TYR B 10 -14.97 -0.56 1.20
C TYR B 10 -15.67 -0.60 2.57
N SER B 11 -16.04 -1.80 3.02
CA SER B 11 -16.78 -1.99 4.25
C SER B 11 -16.50 -3.38 4.81
N PRO B 12 -16.59 -3.59 6.13
CA PRO B 12 -16.46 -4.89 6.75
C PRO B 12 -17.52 -5.91 6.26
N THR B 13 -18.51 -5.43 5.50
CA THR B 13 -19.62 -6.24 5.00
C THR B 13 -20.48 -6.81 6.13
N SER B 14 -21.58 -7.48 5.75
CA SER B 14 -22.49 -8.09 6.70
C SER B 14 -23.22 -9.25 6.01
N PRO B 15 -23.53 -10.33 6.75
CA PRO B 15 -24.24 -11.48 6.23
C PRO B 15 -25.72 -11.16 5.97
N SER B 16 -26.15 -9.94 6.32
CA SER B 16 -27.51 -9.46 6.08
C SER B 16 -27.54 -7.94 6.25
N MET A 1 -3.08 12.17 -21.94
CA MET A 1 -2.01 11.51 -21.16
C MET A 1 -1.90 10.05 -21.55
N ALA A 2 -0.81 9.39 -21.15
CA ALA A 2 -0.59 7.98 -21.45
C ALA A 2 0.31 7.39 -20.37
N PHE A 3 0.31 6.05 -20.26
CA PHE A 3 1.12 5.34 -19.29
C PHE A 3 2.60 5.43 -19.65
N SER A 4 3.44 5.28 -18.63
CA SER A 4 4.89 5.26 -18.75
C SER A 4 5.44 4.63 -17.47
N SER A 5 6.75 4.42 -17.39
CA SER A 5 7.37 3.97 -16.15
C SER A 5 7.66 5.17 -15.25
N GLU A 6 6.77 6.17 -15.25
CA GLU A 6 7.05 7.43 -14.59
C GLU A 6 5.79 8.19 -14.17
N GLN A 7 4.65 8.06 -14.85
CA GLN A 7 3.50 8.87 -14.49
C GLN A 7 3.12 8.63 -13.03
N PHE A 8 2.80 7.38 -12.67
CA PHE A 8 2.49 7.02 -11.30
C PHE A 8 3.64 7.41 -10.37
N THR A 9 4.87 7.30 -10.87
CA THR A 9 6.05 7.56 -10.07
C THR A 9 6.07 9.03 -9.69
N THR A 10 5.80 9.91 -10.65
CA THR A 10 5.80 11.34 -10.38
C THR A 10 4.70 11.67 -9.38
N LYS A 11 3.60 10.89 -9.39
CA LYS A 11 2.52 11.09 -8.42
C LYS A 11 3.07 10.91 -7.02
N LEU A 12 3.84 9.84 -6.78
CA LEU A 12 4.44 9.58 -5.48
C LEU A 12 5.25 10.79 -5.01
N ASN A 13 5.97 11.41 -5.95
CA ASN A 13 6.76 12.59 -5.62
C ASN A 13 5.94 13.85 -5.43
N THR A 14 4.60 13.79 -5.55
CA THR A 14 3.76 14.95 -5.32
C THR A 14 2.53 14.62 -4.46
N LEU A 15 2.53 13.48 -3.76
CA LEU A 15 1.45 13.14 -2.85
C LEU A 15 1.47 14.08 -1.63
N GLU A 16 0.40 14.01 -0.83
CA GLU A 16 0.28 14.78 0.40
C GLU A 16 -0.38 13.91 1.46
N ASP A 17 -0.06 14.17 2.73
CA ASP A 17 -0.49 13.31 3.83
C ASP A 17 -1.97 13.48 4.17
N SER A 18 -2.84 13.71 3.18
CA SER A 18 -4.27 13.92 3.44
C SER A 18 -5.13 13.27 2.37
N GLN A 19 -6.32 12.83 2.78
CA GLN A 19 -7.24 12.09 1.93
C GLN A 19 -7.62 12.87 0.68
N GLU A 20 -7.56 14.20 0.71
CA GLU A 20 -7.85 15.03 -0.45
C GLU A 20 -6.90 14.67 -1.59
N SER A 21 -5.61 14.91 -1.37
CA SER A 21 -4.57 14.63 -2.35
C SER A 21 -4.46 13.13 -2.62
N ILE A 22 -4.62 12.30 -1.58
CA ILE A 22 -4.55 10.86 -1.76
C ILE A 22 -5.69 10.39 -2.65
N SER A 23 -6.91 10.89 -2.43
CA SER A 23 -8.06 10.52 -3.24
C SER A 23 -7.84 10.90 -4.70
N SER A 24 -7.30 12.10 -4.95
CA SER A 24 -7.05 12.56 -6.29
C SER A 24 -6.09 11.61 -7.02
N ALA A 25 -4.99 11.27 -6.35
CA ALA A 25 -4.02 10.35 -6.92
C ALA A 25 -4.59 8.94 -7.03
N SER A 26 -5.45 8.55 -6.09
CA SER A 26 -6.04 7.21 -6.07
C SER A 26 -7.02 7.03 -7.22
N LYS A 27 -7.99 7.94 -7.36
CA LYS A 27 -9.00 7.82 -8.40
C LYS A 27 -8.39 7.92 -9.78
N TRP A 28 -7.38 8.79 -9.96
CA TRP A 28 -6.68 8.84 -11.24
C TRP A 28 -6.05 7.49 -11.53
N LEU A 29 -5.24 6.99 -10.60
CA LEU A 29 -4.56 5.74 -10.82
C LEU A 29 -5.59 4.65 -11.06
N LEU A 30 -6.75 4.76 -10.40
CA LEU A 30 -7.85 3.82 -10.56
C LEU A 30 -8.38 3.86 -12.00
N LEU A 31 -8.27 5.00 -12.70
CA LEU A 31 -8.69 5.09 -14.09
C LEU A 31 -7.74 4.30 -14.99
N GLN A 32 -6.44 4.27 -14.66
CA GLN A 32 -5.51 3.45 -15.42
C GLN A 32 -5.18 2.14 -14.71
N TYR A 33 -6.21 1.41 -14.29
CA TYR A 33 -6.03 0.13 -13.62
C TYR A 33 -5.30 -0.90 -14.48
N ARG A 34 -5.18 -0.67 -15.80
CA ARG A 34 -4.41 -1.58 -16.63
C ARG A 34 -2.94 -1.51 -16.27
N ASP A 35 -2.50 -0.38 -15.70
CA ASP A 35 -1.11 -0.21 -15.30
C ASP A 35 -0.83 -0.95 -13.99
N ALA A 36 -1.88 -1.51 -13.37
CA ALA A 36 -1.83 -2.13 -12.05
C ALA A 36 -0.57 -2.94 -11.74
N PRO A 37 -0.18 -3.92 -12.58
CA PRO A 37 0.97 -4.75 -12.27
C PRO A 37 2.27 -3.95 -12.34
N LYS A 38 2.36 -3.02 -13.28
CA LYS A 38 3.54 -2.20 -13.45
C LYS A 38 3.63 -1.18 -12.33
N VAL A 39 2.53 -0.50 -12.02
CA VAL A 39 2.50 0.50 -10.97
C VAL A 39 2.78 -0.15 -9.62
N ALA A 40 2.31 -1.38 -9.38
CA ALA A 40 2.63 -2.07 -8.14
C ALA A 40 4.13 -2.35 -8.07
N GLU A 41 4.73 -2.73 -9.21
CA GLU A 41 6.16 -2.97 -9.31
C GLU A 41 6.94 -1.69 -9.03
N MET A 42 6.67 -0.62 -9.79
CA MET A 42 7.37 0.65 -9.61
C MET A 42 7.11 1.20 -8.23
N TRP A 43 5.90 1.01 -7.71
CA TRP A 43 5.57 1.48 -6.38
C TRP A 43 6.51 0.86 -5.35
N LYS A 44 6.63 -0.47 -5.36
CA LYS A 44 7.51 -1.12 -4.40
C LYS A 44 8.94 -0.66 -4.56
N GLU A 45 9.49 -0.75 -5.76
CA GLU A 45 10.87 -0.36 -5.99
C GLU A 45 11.12 1.07 -5.56
N TYR A 46 10.15 1.97 -5.74
CA TYR A 46 10.28 3.34 -5.28
C TYR A 46 10.37 3.40 -3.76
N MET A 47 9.59 2.57 -3.06
CA MET A 47 9.60 2.53 -1.60
C MET A 47 10.87 1.85 -1.07
N LEU A 48 11.32 0.79 -1.74
CA LEU A 48 12.51 0.06 -1.31
C LEU A 48 13.80 0.80 -1.64
N ARG A 49 13.74 1.78 -2.55
CA ARG A 49 14.94 2.55 -2.91
C ARG A 49 15.52 3.28 -1.68
N PRO A 50 16.84 3.45 -1.62
CA PRO A 50 17.48 4.18 -0.53
C PRO A 50 17.23 5.68 -0.66
N SER A 51 16.83 6.13 -1.85
CA SER A 51 16.58 7.54 -2.15
C SER A 51 15.17 7.98 -1.76
N VAL A 52 14.42 7.19 -0.99
CA VAL A 52 13.11 7.62 -0.50
C VAL A 52 13.07 7.73 1.02
N ASN A 53 12.36 8.74 1.52
CA ASN A 53 12.25 9.02 2.94
C ASN A 53 10.93 8.49 3.50
N THR A 54 10.84 8.41 4.83
CA THR A 54 9.68 7.89 5.54
C THR A 54 8.38 8.60 5.16
N ARG A 55 8.42 9.92 4.93
CA ARG A 55 7.21 10.65 4.55
C ARG A 55 6.72 10.19 3.19
N ARG A 56 7.64 10.10 2.22
CA ARG A 56 7.30 9.72 0.86
C ARG A 56 6.79 8.29 0.86
N LYS A 57 7.28 7.46 1.79
CA LYS A 57 6.81 6.10 1.98
C LYS A 57 5.45 6.09 2.70
N LEU A 58 5.23 6.99 3.67
CA LEU A 58 3.95 7.05 4.35
C LEU A 58 2.87 7.42 3.34
N LEU A 59 3.19 8.33 2.42
CA LEU A 59 2.31 8.71 1.33
C LEU A 59 2.06 7.53 0.39
N GLY A 60 3.10 6.77 0.05
CA GLY A 60 2.96 5.62 -0.82
C GLY A 60 2.09 4.56 -0.16
N LEU A 61 2.26 4.38 1.15
CA LEU A 61 1.44 3.48 1.94
C LEU A 61 -0.03 3.87 1.85
N TYR A 62 -0.37 5.13 2.21
CA TYR A 62 -1.76 5.57 2.18
C TYR A 62 -2.36 5.46 0.79
N LEU A 63 -1.59 5.80 -0.24
CA LEU A 63 -2.08 5.75 -1.61
C LEU A 63 -2.52 4.33 -1.95
N MET A 64 -1.60 3.37 -1.89
CA MET A 64 -1.90 2.00 -2.27
C MET A 64 -3.06 1.44 -1.43
N ASN A 65 -3.13 1.75 -0.13
CA ASN A 65 -4.20 1.26 0.73
C ASN A 65 -5.56 1.65 0.17
N HIS A 66 -5.72 2.92 -0.21
CA HIS A 66 -6.98 3.39 -0.78
C HIS A 66 -7.24 2.71 -2.12
N VAL A 67 -6.20 2.59 -2.97
CA VAL A 67 -6.35 1.98 -4.27
C VAL A 67 -6.81 0.52 -4.15
N VAL A 68 -6.09 -0.30 -3.36
CA VAL A 68 -6.42 -1.71 -3.25
C VAL A 68 -7.81 -1.92 -2.64
N GLN A 69 -8.21 -1.11 -1.66
CA GLN A 69 -9.52 -1.26 -1.05
C GLN A 69 -10.61 -0.90 -2.04
N GLN A 70 -10.44 0.22 -2.75
CA GLN A 70 -11.41 0.66 -3.74
C GLN A 70 -11.47 -0.34 -4.90
N ALA A 71 -10.33 -0.97 -5.21
CA ALA A 71 -10.26 -1.98 -6.24
C ALA A 71 -11.13 -3.17 -5.87
N LYS A 72 -11.03 -3.66 -4.63
CA LYS A 72 -11.84 -4.77 -4.17
C LYS A 72 -13.31 -4.44 -4.30
N GLY A 73 -13.68 -3.18 -4.01
CA GLY A 73 -15.05 -2.73 -4.08
C GLY A 73 -15.63 -2.92 -5.48
N GLN A 74 -15.01 -2.30 -6.49
CA GLN A 74 -15.49 -2.40 -7.87
C GLN A 74 -15.03 -3.70 -8.53
N LYS A 75 -14.33 -4.56 -7.78
CA LYS A 75 -13.92 -5.90 -8.17
C LYS A 75 -12.84 -5.93 -9.26
N ILE A 76 -11.91 -4.98 -9.19
CA ILE A 76 -10.77 -4.90 -10.09
C ILE A 76 -9.58 -5.56 -9.41
N ILE A 77 -9.58 -6.90 -9.42
CA ILE A 77 -8.58 -7.69 -8.72
C ILE A 77 -7.17 -7.37 -9.21
N GLN A 78 -7.01 -6.75 -10.37
CA GLN A 78 -5.69 -6.51 -10.93
C GLN A 78 -4.84 -5.69 -9.95
N PHE A 79 -5.44 -4.70 -9.28
CA PHE A 79 -4.73 -3.90 -8.30
C PHE A 79 -4.34 -4.76 -7.11
N GLN A 80 -5.33 -5.18 -6.32
CA GLN A 80 -5.10 -5.94 -5.10
C GLN A 80 -4.28 -7.19 -5.38
N ASP A 81 -4.34 -7.73 -6.60
CA ASP A 81 -3.55 -8.90 -6.96
C ASP A 81 -2.07 -8.54 -6.95
N SER A 82 -1.66 -7.55 -7.76
CA SER A 82 -0.25 -7.22 -7.85
C SER A 82 0.22 -6.40 -6.65
N PHE A 83 -0.55 -5.37 -6.23
CA PHE A 83 -0.20 -4.57 -5.07
C PHE A 83 -0.04 -5.45 -3.83
N GLY A 84 -0.87 -6.50 -3.69
CA GLY A 84 -0.78 -7.40 -2.56
C GLY A 84 0.61 -8.01 -2.42
N LYS A 85 1.16 -8.57 -3.50
CA LYS A 85 2.44 -9.27 -3.44
C LYS A 85 3.56 -8.35 -3.00
N VAL A 86 3.61 -7.16 -3.61
CA VAL A 86 4.63 -6.16 -3.32
C VAL A 86 4.37 -5.49 -1.97
N ALA A 87 3.14 -5.60 -1.43
CA ALA A 87 2.81 -5.04 -0.14
C ALA A 87 3.67 -5.64 0.97
N ALA A 88 3.74 -6.97 1.05
CA ALA A 88 4.54 -7.64 2.06
C ALA A 88 5.99 -7.15 2.02
N GLU A 89 6.52 -6.98 0.80
CA GLU A 89 7.85 -6.44 0.63
C GLU A 89 7.89 -5.03 1.22
N VAL A 90 7.21 -4.07 0.57
CA VAL A 90 7.24 -2.68 0.99
C VAL A 90 6.97 -2.53 2.48
N LEU A 91 5.75 -2.87 2.92
CA LEU A 91 5.31 -2.63 4.29
C LEU A 91 6.29 -3.28 5.27
N GLY A 92 6.77 -4.47 4.94
CA GLY A 92 7.75 -5.20 5.72
C GLY A 92 9.12 -4.53 5.79
N ARG A 93 9.51 -3.73 4.79
CA ARG A 93 10.80 -3.04 4.82
C ARG A 93 10.67 -1.62 5.36
N ILE A 94 9.62 -0.91 4.98
CA ILE A 94 9.38 0.43 5.52
C ILE A 94 9.12 0.32 7.03
N ASN A 95 8.66 -0.85 7.48
CA ASN A 95 8.44 -1.12 8.90
C ASN A 95 9.75 -1.04 9.68
N GLN A 96 10.87 -1.34 9.01
CA GLN A 96 12.19 -1.34 9.61
C GLN A 96 12.80 0.06 9.55
N GLU A 97 12.20 0.97 8.77
CA GLU A 97 12.69 2.31 8.56
C GLU A 97 11.77 3.35 9.19
N PHE A 98 10.50 3.01 9.38
CA PHE A 98 9.54 3.91 9.98
C PHE A 98 9.83 4.03 11.48
N PRO A 99 9.66 5.23 12.07
CA PRO A 99 9.74 5.42 13.50
C PRO A 99 8.53 4.75 14.14
N ARG A 100 8.58 4.60 15.47
CA ARG A 100 7.54 3.88 16.21
C ARG A 100 6.15 4.35 15.82
N ASP A 101 5.98 5.65 15.57
CA ASP A 101 4.67 6.22 15.27
C ASP A 101 4.16 5.87 13.87
N LEU A 102 5.01 5.96 12.84
CA LEU A 102 4.56 5.59 11.51
C LEU A 102 4.42 4.08 11.42
N LYS A 103 5.26 3.36 12.16
CA LYS A 103 5.12 1.92 12.31
C LYS A 103 3.76 1.60 12.90
N LYS A 104 3.34 2.36 13.92
CA LYS A 104 2.01 2.25 14.50
C LYS A 104 0.93 2.51 13.46
N LYS A 105 1.07 3.55 12.61
CA LYS A 105 0.08 3.83 11.58
C LYS A 105 0.02 2.68 10.58
N LEU A 106 1.18 2.21 10.11
CA LEU A 106 1.23 1.07 9.23
C LEU A 106 0.66 -0.17 9.90
N SER A 107 0.94 -0.35 11.19
CA SER A 107 0.45 -1.51 11.90
C SER A 107 -1.07 -1.58 11.75
N ARG A 108 -1.76 -0.44 11.85
CA ARG A 108 -3.20 -0.42 11.65
C ARG A 108 -3.50 -0.77 10.20
N VAL A 109 -2.73 -0.23 9.25
CA VAL A 109 -2.95 -0.52 7.84
C VAL A 109 -2.89 -2.02 7.59
N VAL A 110 -1.86 -2.70 8.09
CA VAL A 110 -1.78 -4.15 7.98
C VAL A 110 -2.99 -4.83 8.65
N ASN A 111 -3.44 -4.32 9.80
CA ASN A 111 -4.60 -4.89 10.49
C ASN A 111 -5.85 -4.78 9.64
N ILE A 112 -6.22 -3.56 9.24
CA ILE A 112 -7.42 -3.32 8.46
C ILE A 112 -7.32 -4.05 7.13
N LEU A 113 -6.12 -4.18 6.58
CA LEU A 113 -5.92 -4.89 5.34
C LEU A 113 -6.46 -6.31 5.44
N LYS A 114 -5.97 -7.08 6.41
CA LYS A 114 -6.43 -8.45 6.60
C LYS A 114 -7.83 -8.53 7.20
N GLU A 115 -8.26 -7.57 8.01
CA GLU A 115 -9.62 -7.58 8.52
C GLU A 115 -10.61 -7.51 7.36
N ARG A 116 -10.23 -6.82 6.29
CA ARG A 116 -11.08 -6.55 5.15
C ARG A 116 -10.74 -7.47 3.97
N ASN A 117 -9.65 -8.23 4.13
CA ASN A 117 -9.23 -9.27 3.20
C ASN A 117 -9.09 -8.75 1.77
N ILE A 118 -8.30 -7.68 1.62
CA ILE A 118 -8.10 -7.08 0.32
C ILE A 118 -7.17 -7.96 -0.53
N PHE A 119 -6.25 -8.67 0.13
CA PHE A 119 -5.31 -9.56 -0.56
C PHE A 119 -5.64 -11.01 -0.20
N SER A 120 -4.82 -11.95 -0.67
CA SER A 120 -5.02 -13.37 -0.39
C SER A 120 -4.46 -13.70 0.99
N LYS A 121 -4.95 -14.79 1.59
CA LYS A 121 -4.46 -15.25 2.89
C LYS A 121 -2.95 -15.41 2.87
N GLN A 122 -2.39 -15.75 1.71
CA GLN A 122 -0.94 -15.94 1.61
C GLN A 122 -0.25 -14.59 1.73
N VAL A 123 -0.75 -13.60 0.98
CA VAL A 123 -0.23 -12.25 1.03
C VAL A 123 -0.35 -11.68 2.44
N VAL A 124 -1.51 -11.88 3.06
CA VAL A 124 -1.76 -11.45 4.43
C VAL A 124 -0.67 -11.99 5.34
N ASN A 125 -0.44 -13.30 5.32
CA ASN A 125 0.58 -13.90 6.16
C ASN A 125 1.96 -13.35 5.78
N ASP A 126 2.28 -13.30 4.49
CA ASP A 126 3.59 -12.82 4.06
C ASP A 126 3.89 -11.42 4.59
N ILE A 127 2.88 -10.54 4.63
CA ILE A 127 3.05 -9.22 5.22
C ILE A 127 3.38 -9.34 6.71
N GLU A 128 2.70 -10.24 7.43
CA GLU A 128 2.92 -10.35 8.88
C GLU A 128 4.32 -10.85 9.18
N ARG A 129 4.80 -11.85 8.43
CA ARG A 129 6.11 -12.44 8.64
C ARG A 129 7.20 -11.42 8.32
N SER A 130 6.92 -10.56 7.35
CA SER A 130 7.87 -9.55 6.91
C SER A 130 8.08 -8.49 7.99
N LEU A 131 6.99 -7.94 8.55
CA LEU A 131 7.05 -7.03 9.68
C LEU A 131 7.69 -7.69 10.90
N ALA A 132 7.36 -8.97 11.12
CA ALA A 132 7.92 -9.72 12.23
C ALA A 132 9.42 -9.93 12.06
N ALA A 133 9.85 -10.30 10.84
CA ALA A 133 11.26 -10.56 10.55
C ALA A 133 12.12 -9.31 10.78
N ALA A 134 11.50 -8.13 10.82
CA ALA A 134 12.21 -6.88 11.05
C ALA A 134 12.78 -6.79 12.46
N LEU A 135 12.14 -7.49 13.41
CA LEU A 135 12.53 -7.42 14.82
C LEU A 135 12.64 -8.80 15.47
N GLU A 136 12.25 -9.86 14.77
CA GLU A 136 12.32 -11.21 15.31
C GLU A 136 13.41 -12.01 14.60
N HIS A 137 14.18 -12.79 15.38
CA HIS A 137 15.29 -13.57 14.85
C HIS A 137 14.80 -14.85 14.17
N HIS A 138 14.31 -14.71 12.94
CA HIS A 138 13.89 -15.86 12.13
C HIS A 138 15.09 -16.65 11.63
N HIS A 139 15.92 -17.15 12.56
CA HIS A 139 17.11 -17.92 12.25
C HIS A 139 18.06 -17.17 11.33
N HIS A 140 18.16 -15.85 11.50
CA HIS A 140 19.06 -15.01 10.70
C HIS A 140 20.52 -15.44 10.88
N HIS A 141 20.82 -16.12 11.98
CA HIS A 141 22.14 -16.64 12.29
C HIS A 141 22.06 -17.67 13.42
N HIS A 142 23.09 -18.52 13.54
CA HIS A 142 23.19 -19.55 14.55
C HIS A 142 24.62 -19.58 15.09
N PRO B 1 -9.16 16.54 5.33
CA PRO B 1 -7.74 16.44 5.70
C PRO B 1 -7.46 15.17 6.48
N SER B 2 -6.18 14.90 6.78
CA SER B 2 -5.74 13.67 7.44
C SER B 2 -6.14 12.44 6.61
N TYR B 3 -5.93 11.24 7.15
CA TYR B 3 -6.21 10.00 6.44
C TYR B 3 -6.67 8.90 7.40
N SER B 4 -7.39 7.91 6.86
CA SER B 4 -7.89 6.78 7.62
C SER B 4 -8.09 5.58 6.68
N PRO B 5 -7.29 4.52 6.83
CA PRO B 5 -7.45 3.30 6.06
C PRO B 5 -8.63 2.49 6.60
N TPO B 6 -9.03 2.78 7.83
CA TPO B 6 -10.10 2.08 8.54
CB TPO B 6 -10.06 2.43 10.03
CG2 TPO B 6 -10.93 1.45 10.82
OG1 TPO B 6 -8.73 2.33 10.47
P TPO B 6 -8.02 3.57 11.22
O1P TPO B 6 -8.63 3.52 12.58
O2P TPO B 6 -6.58 3.21 11.18
O3P TPO B 6 -8.41 4.72 10.39
C TPO B 6 -11.46 2.45 7.93
O TPO B 6 -12.33 1.59 7.82
H TPO B 6 -8.56 3.52 8.34
HA TPO B 6 -9.96 1.02 8.41
HB TPO B 6 -10.44 3.43 10.18
HG21 TPO B 6 -10.88 1.69 11.88
HG22 TPO B 6 -10.59 0.42 10.66
HG23 TPO B 6 -11.97 1.52 10.49
N SER B 7 -11.61 3.72 7.54
CA SER B 7 -12.83 4.19 6.92
C SER B 7 -13.15 3.32 5.69
N PRO B 8 -14.44 3.05 5.45
CA PRO B 8 -14.85 2.19 4.36
C PRO B 8 -14.62 2.86 3.01
N SER B 9 -14.07 2.10 2.06
CA SER B 9 -13.87 2.58 0.70
C SER B 9 -14.03 1.45 -0.32
N TYR B 10 -14.41 0.25 0.12
CA TYR B 10 -14.66 -0.87 -0.77
C TYR B 10 -16.05 -0.79 -1.40
N SER B 11 -16.58 0.42 -1.55
CA SER B 11 -17.84 0.66 -2.23
C SER B 11 -17.67 0.36 -3.72
N PRO B 12 -18.72 -0.12 -4.40
CA PRO B 12 -18.66 -0.40 -5.83
C PRO B 12 -18.24 0.82 -6.65
N THR B 13 -18.47 2.02 -6.10
CA THR B 13 -18.11 3.29 -6.71
C THR B 13 -17.87 4.32 -5.61
N SER B 14 -17.08 5.36 -5.91
CA SER B 14 -16.84 6.44 -4.96
C SER B 14 -16.45 7.72 -5.71
N PRO B 15 -16.92 8.88 -5.24
CA PRO B 15 -16.51 10.18 -5.77
C PRO B 15 -15.12 10.55 -5.26
N SER B 16 -14.59 9.78 -4.31
CA SER B 16 -13.32 10.06 -3.66
C SER B 16 -12.48 8.79 -3.53
N MET A 1 4.32 11.89 -17.76
CA MET A 1 4.52 11.96 -19.21
C MET A 1 3.49 11.10 -19.93
N ALA A 2 3.65 9.78 -19.89
CA ALA A 2 2.74 8.86 -20.54
C ALA A 2 2.87 7.47 -19.93
N PHE A 3 1.83 6.64 -20.08
CA PHE A 3 1.79 5.28 -19.54
C PHE A 3 3.04 4.52 -19.94
N SER A 4 3.98 4.36 -19.00
CA SER A 4 5.24 3.72 -19.28
C SER A 4 5.93 3.31 -17.98
N SER A 5 6.58 4.25 -17.29
CA SER A 5 7.29 3.95 -16.05
C SER A 5 7.62 5.23 -15.27
N GLU A 6 6.70 6.19 -15.23
CA GLU A 6 7.00 7.49 -14.63
C GLU A 6 5.75 8.21 -14.12
N GLN A 7 4.60 8.00 -14.75
CA GLN A 7 3.40 8.73 -14.41
C GLN A 7 3.09 8.58 -12.93
N PHE A 8 2.77 7.34 -12.52
CA PHE A 8 2.48 7.03 -11.14
C PHE A 8 3.64 7.45 -10.24
N THR A 9 4.87 7.37 -10.76
CA THR A 9 6.06 7.67 -10.00
C THR A 9 6.05 9.16 -9.63
N THR A 10 5.78 10.02 -10.61
CA THR A 10 5.75 11.45 -10.33
C THR A 10 4.65 11.75 -9.31
N LYS A 11 3.56 10.97 -9.32
CA LYS A 11 2.49 11.15 -8.34
C LYS A 11 3.05 10.98 -6.94
N LEU A 12 3.83 9.93 -6.70
CA LEU A 12 4.44 9.67 -5.40
C LEU A 12 5.22 10.89 -4.95
N ASN A 13 5.91 11.55 -5.89
CA ASN A 13 6.68 12.75 -5.57
C ASN A 13 5.81 13.99 -5.34
N THR A 14 4.48 13.87 -5.44
CA THR A 14 3.60 15.01 -5.20
C THR A 14 2.39 14.65 -4.32
N LEU A 15 2.43 13.50 -3.64
CA LEU A 15 1.37 13.12 -2.70
C LEU A 15 1.43 13.97 -1.43
N GLU A 16 0.37 13.89 -0.61
CA GLU A 16 0.33 14.53 0.70
C GLU A 16 -0.43 13.64 1.68
N ASP A 17 -0.19 13.83 2.98
CA ASP A 17 -0.74 13.01 4.06
C ASP A 17 -2.23 13.27 4.27
N SER A 18 -3.02 13.44 3.20
CA SER A 18 -4.42 13.82 3.38
C SER A 18 -5.34 13.04 2.46
N GLN A 19 -6.57 12.80 2.93
CA GLN A 19 -7.54 11.99 2.21
C GLN A 19 -7.84 12.56 0.84
N GLU A 20 -7.79 13.90 0.70
CA GLU A 20 -8.10 14.55 -0.56
C GLU A 20 -7.02 14.26 -1.58
N SER A 21 -5.76 14.48 -1.16
CA SER A 21 -4.61 14.25 -2.01
C SER A 21 -4.55 12.78 -2.42
N ILE A 22 -4.73 11.89 -1.43
CA ILE A 22 -4.68 10.47 -1.68
C ILE A 22 -5.85 10.04 -2.56
N SER A 23 -7.07 10.50 -2.28
CA SER A 23 -8.24 10.07 -3.05
C SER A 23 -8.13 10.52 -4.49
N SER A 24 -7.65 11.74 -4.73
CA SER A 24 -7.52 12.26 -6.09
C SER A 24 -6.52 11.44 -6.89
N ALA A 25 -5.38 11.11 -6.26
CA ALA A 25 -4.35 10.31 -6.88
C ALA A 25 -4.85 8.87 -7.06
N SER A 26 -5.65 8.38 -6.11
CA SER A 26 -6.18 7.02 -6.16
C SER A 26 -7.18 6.87 -7.29
N LYS A 27 -8.15 7.79 -7.40
CA LYS A 27 -9.16 7.70 -8.45
C LYS A 27 -8.49 7.75 -9.83
N TRP A 28 -7.50 8.64 -10.02
CA TRP A 28 -6.78 8.70 -11.29
C TRP A 28 -6.09 7.36 -11.56
N LEU A 29 -5.35 6.88 -10.56
CA LEU A 29 -4.61 5.65 -10.75
C LEU A 29 -5.60 4.52 -11.07
N LEU A 30 -6.80 4.58 -10.49
CA LEU A 30 -7.86 3.63 -10.78
C LEU A 30 -8.33 3.76 -12.24
N LEU A 31 -8.22 4.95 -12.86
CA LEU A 31 -8.58 5.10 -14.26
C LEU A 31 -7.63 4.30 -15.13
N GLN A 32 -6.36 4.18 -14.73
CA GLN A 32 -5.41 3.34 -15.46
C GLN A 32 -5.12 2.03 -14.72
N TYR A 33 -6.17 1.32 -14.28
CA TYR A 33 -5.99 0.06 -13.57
C TYR A 33 -5.28 -1.00 -14.41
N ARG A 34 -5.17 -0.81 -15.73
CA ARG A 34 -4.41 -1.72 -16.57
C ARG A 34 -2.90 -1.55 -16.35
N ASP A 35 -2.48 -0.45 -15.71
CA ASP A 35 -1.10 -0.24 -15.33
C ASP A 35 -0.79 -0.87 -13.97
N ALA A 36 -1.80 -1.47 -13.33
CA ALA A 36 -1.68 -2.03 -11.99
C ALA A 36 -0.41 -2.85 -11.74
N PRO A 37 -0.03 -3.82 -12.60
CA PRO A 37 1.14 -4.63 -12.35
C PRO A 37 2.43 -3.81 -12.44
N LYS A 38 2.50 -2.90 -13.42
CA LYS A 38 3.64 -2.02 -13.59
C LYS A 38 3.76 -1.09 -12.38
N VAL A 39 2.65 -0.44 -12.04
CA VAL A 39 2.62 0.52 -10.95
C VAL A 39 2.91 -0.15 -9.62
N ALA A 40 2.44 -1.38 -9.41
CA ALA A 40 2.75 -2.09 -8.18
C ALA A 40 4.25 -2.32 -8.08
N GLU A 41 4.89 -2.70 -9.20
CA GLU A 41 6.33 -2.91 -9.21
C GLU A 41 7.08 -1.61 -8.99
N MET A 42 6.75 -0.56 -9.76
CA MET A 42 7.40 0.73 -9.58
C MET A 42 7.20 1.25 -8.16
N TRP A 43 6.00 1.03 -7.63
CA TRP A 43 5.71 1.47 -6.28
C TRP A 43 6.67 0.84 -5.29
N LYS A 44 6.80 -0.50 -5.30
CA LYS A 44 7.72 -1.15 -4.38
C LYS A 44 9.13 -0.65 -4.59
N GLU A 45 9.63 -0.67 -5.83
CA GLU A 45 10.99 -0.24 -6.08
C GLU A 45 11.23 1.19 -5.60
N TYR A 46 10.25 2.08 -5.78
CA TYR A 46 10.38 3.45 -5.30
C TYR A 46 10.42 3.50 -3.78
N MET A 47 9.60 2.69 -3.09
CA MET A 47 9.60 2.66 -1.64
C MET A 47 10.91 2.09 -1.11
N LEU A 48 11.34 0.96 -1.69
CA LEU A 48 12.53 0.27 -1.24
C LEU A 48 13.81 1.03 -1.56
N ARG A 49 13.76 1.97 -2.52
CA ARG A 49 14.96 2.72 -2.89
C ARG A 49 15.44 3.58 -1.71
N PRO A 50 16.75 3.65 -1.49
CA PRO A 50 17.34 4.40 -0.39
C PRO A 50 17.23 5.91 -0.64
N SER A 51 16.91 6.30 -1.87
CA SER A 51 16.74 7.72 -2.20
C SER A 51 15.36 8.24 -1.79
N VAL A 52 14.57 7.41 -1.09
CA VAL A 52 13.25 7.80 -0.63
C VAL A 52 13.17 7.72 0.89
N ASN A 53 12.45 8.67 1.48
CA ASN A 53 12.36 8.89 2.91
C ASN A 53 11.03 8.37 3.48
N THR A 54 10.96 8.28 4.82
CA THR A 54 9.78 7.77 5.53
C THR A 54 8.50 8.51 5.16
N ARG A 55 8.55 9.83 4.98
CA ARG A 55 7.39 10.62 4.63
C ARG A 55 6.86 10.14 3.28
N ARG A 56 7.74 10.05 2.29
CA ARG A 56 7.38 9.61 0.95
C ARG A 56 6.84 8.18 0.99
N LYS A 57 7.40 7.36 1.88
CA LYS A 57 6.93 5.99 2.08
C LYS A 57 5.57 5.95 2.77
N LEU A 58 5.31 6.89 3.69
CA LEU A 58 4.00 6.97 4.33
C LEU A 58 2.94 7.34 3.30
N LEU A 59 3.26 8.31 2.44
CA LEU A 59 2.41 8.70 1.33
C LEU A 59 2.15 7.51 0.40
N GLY A 60 3.19 6.73 0.10
CA GLY A 60 3.06 5.57 -0.76
C GLY A 60 2.18 4.50 -0.10
N LEU A 61 2.36 4.31 1.21
CA LEU A 61 1.55 3.38 1.99
C LEU A 61 0.08 3.78 1.94
N TYR A 62 -0.23 5.07 2.10
CA TYR A 62 -1.60 5.56 2.04
C TYR A 62 -2.17 5.40 0.64
N LEU A 63 -1.40 5.77 -0.39
CA LEU A 63 -1.89 5.70 -1.76
C LEU A 63 -2.23 4.26 -2.12
N MET A 64 -1.26 3.35 -1.99
CA MET A 64 -1.49 1.96 -2.37
C MET A 64 -2.63 1.38 -1.55
N ASN A 65 -2.74 1.74 -0.26
CA ASN A 65 -3.81 1.21 0.57
C ASN A 65 -5.17 1.63 0.02
N HIS A 66 -5.32 2.89 -0.40
CA HIS A 66 -6.58 3.33 -0.95
C HIS A 66 -6.84 2.64 -2.29
N VAL A 67 -5.81 2.55 -3.14
CA VAL A 67 -5.92 1.90 -4.43
C VAL A 67 -6.41 0.46 -4.27
N VAL A 68 -5.71 -0.37 -3.49
CA VAL A 68 -6.07 -1.77 -3.33
C VAL A 68 -7.41 -1.95 -2.61
N GLN A 69 -7.68 -1.14 -1.59
CA GLN A 69 -8.90 -1.29 -0.83
C GLN A 69 -10.10 -0.83 -1.65
N GLN A 70 -9.98 0.29 -2.35
CA GLN A 70 -11.03 0.78 -3.23
C GLN A 70 -11.21 -0.19 -4.38
N ALA A 71 -10.12 -0.83 -4.80
CA ALA A 71 -10.14 -1.82 -5.85
C ALA A 71 -10.96 -3.03 -5.45
N LYS A 72 -10.71 -3.60 -4.26
CA LYS A 72 -11.48 -4.75 -3.82
C LYS A 72 -12.95 -4.39 -3.67
N GLY A 73 -13.25 -3.12 -3.35
CA GLY A 73 -14.62 -2.65 -3.25
C GLY A 73 -15.36 -2.85 -4.58
N GLN A 74 -14.87 -2.20 -5.65
CA GLN A 74 -15.46 -2.31 -6.97
C GLN A 74 -14.99 -3.55 -7.73
N LYS A 75 -14.18 -4.38 -7.06
CA LYS A 75 -13.75 -5.71 -7.49
C LYS A 75 -12.76 -5.71 -8.66
N ILE A 76 -11.86 -4.73 -8.67
CA ILE A 76 -10.79 -4.62 -9.66
C ILE A 76 -9.54 -5.30 -9.09
N ILE A 77 -9.54 -6.64 -9.11
CA ILE A 77 -8.48 -7.43 -8.51
C ILE A 77 -7.11 -7.14 -9.11
N GLN A 78 -7.02 -6.46 -10.27
CA GLN A 78 -5.73 -6.24 -10.90
C GLN A 78 -4.81 -5.52 -9.91
N PHE A 79 -5.38 -4.57 -9.16
CA PHE A 79 -4.64 -3.81 -8.17
C PHE A 79 -4.22 -4.70 -7.01
N GLN A 80 -5.20 -5.19 -6.24
CA GLN A 80 -4.92 -5.95 -5.04
C GLN A 80 -4.08 -7.19 -5.38
N ASP A 81 -4.18 -7.68 -6.61
CA ASP A 81 -3.40 -8.81 -7.05
C ASP A 81 -1.91 -8.44 -7.12
N SER A 82 -1.56 -7.43 -7.93
CA SER A 82 -0.17 -7.05 -8.07
C SER A 82 0.37 -6.31 -6.84
N PHE A 83 -0.38 -5.32 -6.34
CA PHE A 83 0.05 -4.56 -5.17
C PHE A 83 0.21 -5.44 -3.94
N GLY A 84 -0.65 -6.45 -3.78
CA GLY A 84 -0.59 -7.35 -2.64
C GLY A 84 0.78 -7.98 -2.49
N LYS A 85 1.33 -8.54 -3.57
CA LYS A 85 2.59 -9.27 -3.50
C LYS A 85 3.72 -8.35 -3.07
N VAL A 86 3.79 -7.15 -3.68
CA VAL A 86 4.82 -6.16 -3.37
C VAL A 86 4.56 -5.48 -2.03
N ALA A 87 3.32 -5.55 -1.53
CA ALA A 87 2.96 -4.93 -0.25
C ALA A 87 3.75 -5.55 0.90
N ALA A 88 3.74 -6.88 1.02
CA ALA A 88 4.48 -7.57 2.06
C ALA A 88 5.93 -7.14 2.05
N GLU A 89 6.52 -6.98 0.86
CA GLU A 89 7.88 -6.50 0.77
C GLU A 89 7.97 -5.08 1.34
N VAL A 90 7.33 -4.09 0.70
CA VAL A 90 7.41 -2.71 1.13
C VAL A 90 7.06 -2.55 2.59
N LEU A 91 5.82 -2.89 2.96
CA LEU A 91 5.31 -2.68 4.32
C LEU A 91 6.27 -3.27 5.33
N GLY A 92 6.77 -4.47 5.06
CA GLY A 92 7.80 -5.11 5.85
C GLY A 92 9.10 -4.33 5.96
N ARG A 93 9.62 -3.78 4.86
CA ARG A 93 10.88 -3.03 4.89
C ARG A 93 10.70 -1.66 5.52
N ILE A 94 9.63 -0.95 5.15
CA ILE A 94 9.36 0.37 5.72
C ILE A 94 9.09 0.20 7.22
N ASN A 95 8.66 -0.99 7.67
CA ASN A 95 8.45 -1.25 9.08
C ASN A 95 9.78 -1.31 9.83
N GLN A 96 10.88 -1.45 9.10
CA GLN A 96 12.23 -1.44 9.69
C GLN A 96 12.82 -0.03 9.67
N GLU A 97 12.20 0.88 8.89
CA GLU A 97 12.69 2.22 8.71
C GLU A 97 11.77 3.25 9.39
N PHE A 98 10.48 2.93 9.48
CA PHE A 98 9.53 3.83 10.09
C PHE A 98 9.79 3.91 11.59
N PRO A 99 9.71 5.11 12.17
CA PRO A 99 9.75 5.30 13.61
C PRO A 99 8.51 4.69 14.24
N ARG A 100 8.53 4.54 15.56
CA ARG A 100 7.45 3.90 16.30
C ARG A 100 6.08 4.44 15.91
N ASP A 101 6.00 5.73 15.59
CA ASP A 101 4.74 6.35 15.24
C ASP A 101 4.24 5.98 13.84
N LEU A 102 5.08 6.08 12.80
CA LEU A 102 4.62 5.72 11.47
C LEU A 102 4.38 4.22 11.40
N LYS A 103 5.18 3.47 12.15
CA LYS A 103 4.95 2.03 12.31
C LYS A 103 3.56 1.77 12.89
N LYS A 104 3.13 2.61 13.83
CA LYS A 104 1.81 2.51 14.43
C LYS A 104 0.74 2.77 13.38
N LYS A 105 0.97 3.75 12.50
CA LYS A 105 0.06 4.04 11.41
C LYS A 105 -0.01 2.85 10.46
N LEU A 106 1.15 2.33 10.04
CA LEU A 106 1.19 1.15 9.21
C LEU A 106 0.54 -0.05 9.90
N SER A 107 0.75 -0.18 11.20
CA SER A 107 0.18 -1.29 11.93
C SER A 107 -1.32 -1.31 11.70
N ARG A 108 -1.99 -0.17 11.81
CA ARG A 108 -3.42 -0.12 11.55
C ARG A 108 -3.67 -0.57 10.11
N VAL A 109 -2.90 -0.03 9.16
CA VAL A 109 -3.05 -0.34 7.75
C VAL A 109 -3.00 -1.85 7.51
N VAL A 110 -1.97 -2.54 8.03
CA VAL A 110 -1.89 -3.98 7.90
C VAL A 110 -3.11 -4.67 8.51
N ASN A 111 -3.52 -4.30 9.73
CA ASN A 111 -4.68 -4.92 10.35
C ASN A 111 -5.94 -4.77 9.53
N ILE A 112 -6.33 -3.53 9.19
CA ILE A 112 -7.54 -3.31 8.40
C ILE A 112 -7.49 -4.12 7.11
N LEU A 113 -6.28 -4.30 6.54
CA LEU A 113 -6.13 -5.02 5.29
C LEU A 113 -6.49 -6.49 5.46
N LYS A 114 -5.91 -7.18 6.44
CA LYS A 114 -6.21 -8.59 6.67
C LYS A 114 -7.58 -8.77 7.33
N GLU A 115 -8.03 -7.76 8.08
CA GLU A 115 -9.34 -7.75 8.70
C GLU A 115 -10.45 -7.85 7.66
N ARG A 116 -10.24 -7.21 6.49
CA ARG A 116 -11.20 -7.27 5.39
C ARG A 116 -10.64 -8.03 4.19
N ASN A 117 -9.45 -8.61 4.36
CA ASN A 117 -8.81 -9.49 3.40
C ASN A 117 -8.74 -8.88 2.01
N ILE A 118 -8.04 -7.76 1.89
CA ILE A 118 -7.94 -7.09 0.61
C ILE A 118 -7.04 -7.87 -0.33
N PHE A 119 -6.02 -8.53 0.23
CA PHE A 119 -5.17 -9.44 -0.53
C PHE A 119 -5.54 -10.88 -0.18
N SER A 120 -4.89 -11.84 -0.84
CA SER A 120 -5.18 -13.24 -0.64
C SER A 120 -4.54 -13.72 0.65
N LYS A 121 -5.05 -14.80 1.25
CA LYS A 121 -4.59 -15.28 2.54
C LYS A 121 -3.06 -15.45 2.60
N GLN A 122 -2.46 -15.86 1.49
CA GLN A 122 -1.01 -16.01 1.42
C GLN A 122 -0.34 -14.65 1.55
N VAL A 123 -0.83 -13.68 0.80
CA VAL A 123 -0.30 -12.33 0.80
C VAL A 123 -0.49 -11.70 2.18
N VAL A 124 -1.67 -11.93 2.77
CA VAL A 124 -1.98 -11.49 4.13
C VAL A 124 -0.90 -11.96 5.09
N ASN A 125 -0.66 -13.28 5.12
CA ASN A 125 0.32 -13.85 6.02
C ASN A 125 1.72 -13.35 5.66
N ASP A 126 2.03 -13.21 4.37
CA ASP A 126 3.34 -12.72 3.96
C ASP A 126 3.63 -11.32 4.50
N ILE A 127 2.64 -10.42 4.51
CA ILE A 127 2.83 -9.11 5.12
C ILE A 127 3.15 -9.29 6.61
N GLU A 128 2.40 -10.14 7.30
CA GLU A 128 2.64 -10.36 8.73
C GLU A 128 4.02 -10.96 8.98
N ARG A 129 4.45 -11.91 8.14
CA ARG A 129 5.77 -12.53 8.25
C ARG A 129 6.87 -11.50 8.04
N SER A 130 6.64 -10.58 7.11
CA SER A 130 7.62 -9.57 6.74
C SER A 130 7.87 -8.62 7.90
N LEU A 131 6.79 -8.08 8.47
CA LEU A 131 6.83 -7.29 9.69
C LEU A 131 7.41 -8.10 10.86
N ALA A 132 7.03 -9.37 10.98
CA ALA A 132 7.56 -10.22 12.04
C ALA A 132 9.07 -10.38 11.92
N ALA A 133 9.59 -10.44 10.69
CA ALA A 133 11.03 -10.50 10.47
C ALA A 133 11.71 -9.18 10.84
N ALA A 134 10.97 -8.07 10.77
CA ALA A 134 11.52 -6.75 11.09
C ALA A 134 11.71 -6.57 12.59
N LEU A 135 10.84 -7.17 13.40
CA LEU A 135 10.92 -7.09 14.85
C LEU A 135 11.57 -8.35 15.43
N GLU A 136 11.86 -9.33 14.57
CA GLU A 136 12.49 -10.60 14.89
C GLU A 136 11.68 -11.48 15.86
N HIS A 137 11.81 -12.80 15.72
CA HIS A 137 11.03 -13.74 16.52
C HIS A 137 11.73 -15.09 16.72
N HIS A 138 12.97 -15.22 16.24
CA HIS A 138 13.72 -16.47 16.38
C HIS A 138 15.22 -16.22 16.55
N HIS A 139 15.62 -14.94 16.64
CA HIS A 139 17.02 -14.55 16.76
C HIS A 139 17.10 -13.20 17.45
N HIS A 140 18.25 -12.52 17.37
CA HIS A 140 18.41 -11.19 17.97
C HIS A 140 19.40 -10.36 17.15
N HIS A 141 19.24 -9.03 17.16
CA HIS A 141 20.06 -8.15 16.34
C HIS A 141 20.47 -6.85 17.04
N HIS A 142 19.92 -6.57 18.22
CA HIS A 142 20.18 -5.31 18.91
C HIS A 142 19.90 -5.44 20.41
N PRO B 1 -7.96 16.72 5.38
CA PRO B 1 -7.66 16.01 6.64
C PRO B 1 -6.97 14.68 6.40
N SER B 2 -6.59 13.99 7.49
CA SER B 2 -5.87 12.72 7.41
C SER B 2 -6.61 11.71 6.53
N TYR B 3 -5.87 10.80 5.90
CA TYR B 3 -6.43 9.85 4.95
C TYR B 3 -7.38 8.84 5.60
N SER B 4 -7.01 8.30 6.76
CA SER B 4 -7.72 7.23 7.44
C SER B 4 -7.90 6.00 6.53
N PRO B 5 -7.05 4.97 6.70
CA PRO B 5 -7.11 3.75 5.91
C PRO B 5 -8.32 2.90 6.28
N TPO B 6 -9.04 3.28 7.35
CA TPO B 6 -10.19 2.54 7.83
CB TPO B 6 -10.29 2.65 9.36
CG2 TPO B 6 -11.20 1.55 9.90
OG1 TPO B 6 -9.00 2.51 9.93
P TPO B 6 -8.32 3.75 10.70
O1P TPO B 6 -9.03 3.76 12.00
O2P TPO B 6 -6.90 3.33 10.78
O3P TPO B 6 -8.58 4.91 9.83
C TPO B 6 -11.46 3.04 7.12
O TPO B 6 -12.44 3.39 7.76
H TPO B 6 -8.78 4.11 7.85
HA TPO B 6 -10.05 1.48 7.57
HB TPO B 6 -10.71 3.62 9.62
HG21 TPO B 6 -10.80 0.57 9.64
HG22 TPO B 6 -12.20 1.66 9.49
HG23 TPO B 6 -11.24 1.63 10.99
N SER B 7 -11.39 3.09 5.79
CA SER B 7 -12.48 3.56 4.96
C SER B 7 -13.64 2.55 4.95
N PRO B 8 -14.90 3.02 4.91
CA PRO B 8 -16.07 2.17 4.84
C PRO B 8 -16.24 1.53 3.46
N SER B 9 -15.38 1.91 2.49
CA SER B 9 -15.48 1.43 1.13
C SER B 9 -15.01 -0.02 1.00
N TYR B 10 -15.86 -0.97 1.41
CA TYR B 10 -15.60 -2.40 1.27
C TYR B 10 -16.92 -3.16 1.20
N SER B 11 -16.87 -4.39 0.69
CA SER B 11 -18.03 -5.26 0.58
C SER B 11 -17.56 -6.71 0.56
N PRO B 12 -18.41 -7.65 0.99
CA PRO B 12 -18.07 -9.07 1.03
C PRO B 12 -17.88 -9.60 -0.39
N THR B 13 -16.82 -10.38 -0.59
CA THR B 13 -16.49 -10.94 -1.89
C THR B 13 -15.45 -12.05 -1.72
N SER B 14 -14.89 -12.55 -2.84
CA SER B 14 -13.93 -13.64 -2.83
C SER B 14 -12.71 -13.29 -1.99
N PRO B 15 -12.07 -14.28 -1.34
CA PRO B 15 -10.82 -14.12 -0.61
C PRO B 15 -9.65 -13.66 -1.48
N SER B 16 -9.90 -13.33 -2.75
CA SER B 16 -8.88 -12.90 -3.70
C SER B 16 -8.22 -11.61 -3.23
N MET A 1 10.65 7.08 -17.76
CA MET A 1 9.85 6.69 -18.94
C MET A 1 8.38 6.99 -18.72
N ALA A 2 7.90 8.07 -19.34
CA ALA A 2 6.51 8.48 -19.20
C ALA A 2 5.56 7.41 -19.74
N PHE A 3 4.34 7.36 -19.18
CA PHE A 3 3.31 6.40 -19.53
C PHE A 3 3.83 4.96 -19.54
N SER A 4 4.79 4.65 -18.67
CA SER A 4 5.38 3.31 -18.66
C SER A 4 6.06 3.00 -17.34
N SER A 5 6.71 3.99 -16.71
CA SER A 5 7.40 3.75 -15.44
C SER A 5 7.70 5.04 -14.69
N GLU A 6 6.90 6.10 -14.86
CA GLU A 6 7.27 7.40 -14.30
C GLU A 6 6.07 8.28 -13.96
N GLN A 7 4.91 8.05 -14.58
CA GLN A 7 3.74 8.88 -14.34
C GLN A 7 3.37 8.79 -12.88
N PHE A 8 2.95 7.60 -12.46
CA PHE A 8 2.60 7.32 -11.08
C PHE A 8 3.78 7.63 -10.16
N THR A 9 5.00 7.48 -10.66
CA THR A 9 6.19 7.71 -9.85
C THR A 9 6.26 9.19 -9.48
N THR A 10 6.07 10.08 -10.47
CA THR A 10 6.12 11.50 -10.20
C THR A 10 5.01 11.86 -9.21
N LYS A 11 3.87 11.13 -9.25
CA LYS A 11 2.80 11.36 -8.29
C LYS A 11 3.31 11.14 -6.87
N LEU A 12 4.05 10.06 -6.64
CA LEU A 12 4.62 9.76 -5.32
C LEU A 12 5.45 10.95 -4.84
N ASN A 13 6.15 11.59 -5.77
CA ASN A 13 6.98 12.74 -5.45
C ASN A 13 6.17 14.03 -5.22
N THR A 14 4.83 13.97 -5.33
CA THR A 14 3.99 15.13 -5.08
C THR A 14 2.73 14.79 -4.27
N LEU A 15 2.71 13.62 -3.59
CA LEU A 15 1.58 13.27 -2.74
C LEU A 15 1.51 14.15 -1.49
N GLU A 16 0.43 13.97 -0.74
CA GLU A 16 0.20 14.61 0.56
C GLU A 16 -0.56 13.62 1.42
N ASP A 17 -0.47 13.74 2.75
CA ASP A 17 -1.14 12.81 3.64
C ASP A 17 -2.61 13.19 3.83
N SER A 18 -3.23 13.81 2.81
CA SER A 18 -4.59 14.32 2.91
C SER A 18 -5.54 13.48 2.06
N GLN A 19 -6.80 13.45 2.49
CA GLN A 19 -7.84 12.72 1.79
C GLN A 19 -7.97 13.18 0.34
N GLU A 20 -7.78 14.48 0.09
CA GLU A 20 -7.87 15.03 -1.25
C GLU A 20 -6.71 14.52 -2.12
N SER A 21 -5.48 14.81 -1.72
CA SER A 21 -4.31 14.46 -2.52
C SER A 21 -4.24 12.95 -2.72
N ILE A 22 -4.57 12.17 -1.68
CA ILE A 22 -4.54 10.72 -1.79
C ILE A 22 -5.66 10.23 -2.70
N SER A 23 -6.91 10.64 -2.46
CA SER A 23 -8.03 10.13 -3.23
C SER A 23 -7.96 10.56 -4.68
N SER A 24 -7.43 11.76 -4.97
CA SER A 24 -7.31 12.21 -6.35
C SER A 24 -6.20 11.48 -7.09
N ALA A 25 -5.08 11.19 -6.42
CA ALA A 25 -4.03 10.39 -7.02
C ALA A 25 -4.51 8.95 -7.16
N SER A 26 -5.35 8.50 -6.21
CA SER A 26 -5.88 7.14 -6.19
C SER A 26 -6.89 6.94 -7.32
N LYS A 27 -7.88 7.83 -7.41
CA LYS A 27 -8.93 7.71 -8.43
C LYS A 27 -8.34 7.79 -9.83
N TRP A 28 -7.35 8.66 -10.06
CA TRP A 28 -6.68 8.71 -11.35
C TRP A 28 -6.00 7.37 -11.61
N LEU A 29 -5.18 6.91 -10.67
CA LEU A 29 -4.45 5.67 -10.88
C LEU A 29 -5.46 4.54 -11.10
N LEU A 30 -6.61 4.64 -10.43
CA LEU A 30 -7.69 3.68 -10.58
C LEU A 30 -8.26 3.71 -12.00
N LEU A 31 -8.21 4.86 -12.69
CA LEU A 31 -8.70 4.96 -14.06
C LEU A 31 -7.80 4.13 -14.98
N GLN A 32 -6.49 4.11 -14.71
CA GLN A 32 -5.60 3.23 -15.47
C GLN A 32 -5.35 1.91 -14.74
N TYR A 33 -6.42 1.19 -14.41
CA TYR A 33 -6.32 -0.09 -13.74
C TYR A 33 -5.52 -1.12 -14.54
N ARG A 34 -5.29 -0.87 -15.82
CA ARG A 34 -4.47 -1.74 -16.65
C ARG A 34 -2.99 -1.59 -16.33
N ASP A 35 -2.61 -0.51 -15.64
CA ASP A 35 -1.24 -0.31 -15.18
C ASP A 35 -1.00 -1.02 -13.85
N ALA A 36 -2.03 -1.67 -13.30
CA ALA A 36 -1.97 -2.27 -11.97
C ALA A 36 -0.74 -3.14 -11.69
N PRO A 37 -0.27 -4.01 -12.60
CA PRO A 37 0.92 -4.80 -12.32
C PRO A 37 2.17 -3.91 -12.33
N LYS A 38 2.24 -2.97 -13.26
CA LYS A 38 3.37 -2.06 -13.39
C LYS A 38 3.45 -1.14 -12.18
N VAL A 39 2.33 -0.46 -11.85
CA VAL A 39 2.28 0.46 -10.73
C VAL A 39 2.69 -0.22 -9.44
N ALA A 40 2.29 -1.48 -9.26
CA ALA A 40 2.67 -2.19 -8.05
C ALA A 40 4.19 -2.35 -8.00
N GLU A 41 4.80 -2.72 -9.13
CA GLU A 41 6.25 -2.91 -9.18
C GLU A 41 6.99 -1.60 -8.96
N MET A 42 6.69 -0.55 -9.75
CA MET A 42 7.37 0.73 -9.61
C MET A 42 7.12 1.34 -8.24
N TRP A 43 5.93 1.12 -7.66
CA TRP A 43 5.63 1.61 -6.33
C TRP A 43 6.57 0.98 -5.31
N LYS A 44 6.69 -0.35 -5.31
CA LYS A 44 7.56 -1.02 -4.36
C LYS A 44 9.01 -0.54 -4.54
N GLU A 45 9.53 -0.60 -5.76
CA GLU A 45 10.90 -0.19 -5.99
C GLU A 45 11.13 1.25 -5.53
N TYR A 46 10.18 2.14 -5.75
CA TYR A 46 10.32 3.51 -5.30
C TYR A 46 10.35 3.58 -3.78
N MET A 47 9.52 2.79 -3.10
CA MET A 47 9.49 2.79 -1.65
C MET A 47 10.78 2.19 -1.08
N LEU A 48 11.21 1.05 -1.62
CA LEU A 48 12.38 0.34 -1.14
C LEU A 48 13.67 1.08 -1.47
N ARG A 49 13.64 2.00 -2.45
CA ARG A 49 14.87 2.71 -2.81
C ARG A 49 15.36 3.58 -1.65
N PRO A 50 16.68 3.62 -1.42
CA PRO A 50 17.28 4.38 -0.34
C PRO A 50 17.19 5.89 -0.59
N SER A 51 16.88 6.27 -1.83
CA SER A 51 16.72 7.67 -2.19
C SER A 51 15.34 8.21 -1.81
N VAL A 52 14.55 7.41 -1.09
CA VAL A 52 13.23 7.81 -0.65
C VAL A 52 13.13 7.71 0.87
N ASN A 53 12.41 8.65 1.48
CA ASN A 53 12.34 8.83 2.92
C ASN A 53 10.98 8.37 3.49
N THR A 54 10.92 8.26 4.81
CA THR A 54 9.76 7.79 5.54
C THR A 54 8.50 8.60 5.21
N ARG A 55 8.61 9.92 5.04
CA ARG A 55 7.50 10.77 4.71
C ARG A 55 6.86 10.29 3.41
N ARG A 56 7.67 10.14 2.36
CA ARG A 56 7.21 9.76 1.04
C ARG A 56 6.63 8.34 1.10
N LYS A 57 7.21 7.49 1.93
CA LYS A 57 6.74 6.12 2.13
C LYS A 57 5.40 6.09 2.85
N LEU A 58 5.17 7.02 3.78
CA LEU A 58 3.89 7.11 4.47
C LEU A 58 2.78 7.45 3.49
N LEU A 59 3.04 8.41 2.60
CA LEU A 59 2.10 8.78 1.55
C LEU A 59 1.88 7.63 0.58
N GLY A 60 2.93 6.89 0.22
CA GLY A 60 2.81 5.75 -0.67
C GLY A 60 1.97 4.65 -0.04
N LEU A 61 2.14 4.46 1.27
CA LEU A 61 1.36 3.50 2.05
C LEU A 61 -0.12 3.89 2.02
N TYR A 62 -0.43 5.18 2.22
CA TYR A 62 -1.80 5.65 2.20
C TYR A 62 -2.41 5.56 0.80
N LEU A 63 -1.61 5.85 -0.23
CA LEU A 63 -2.09 5.80 -1.60
C LEU A 63 -2.49 4.38 -1.98
N MET A 64 -1.54 3.44 -1.91
CA MET A 64 -1.80 2.06 -2.28
C MET A 64 -2.97 1.50 -1.46
N ASN A 65 -3.06 1.86 -0.18
CA ASN A 65 -4.13 1.40 0.69
C ASN A 65 -5.48 1.74 0.07
N HIS A 66 -5.69 3.01 -0.29
CA HIS A 66 -6.95 3.41 -0.90
C HIS A 66 -7.15 2.68 -2.23
N VAL A 67 -6.10 2.54 -3.03
CA VAL A 67 -6.22 1.90 -4.34
C VAL A 67 -6.65 0.44 -4.19
N VAL A 68 -5.97 -0.35 -3.35
CA VAL A 68 -6.29 -1.76 -3.21
C VAL A 68 -7.68 -1.96 -2.60
N GLN A 69 -8.07 -1.10 -1.66
CA GLN A 69 -9.39 -1.22 -1.04
C GLN A 69 -10.47 -0.80 -2.02
N GLN A 70 -10.26 0.30 -2.75
CA GLN A 70 -11.21 0.75 -3.74
C GLN A 70 -11.31 -0.30 -4.85
N ALA A 71 -10.20 -0.98 -5.14
CA ALA A 71 -10.17 -2.03 -6.13
C ALA A 71 -11.03 -3.21 -5.69
N LYS A 72 -10.83 -3.70 -4.46
CA LYS A 72 -11.66 -4.78 -3.96
C LYS A 72 -13.11 -4.32 -3.91
N GLY A 73 -13.33 -3.04 -3.63
CA GLY A 73 -14.66 -2.47 -3.54
C GLY A 73 -15.46 -2.64 -4.83
N GLN A 74 -14.83 -2.34 -5.97
CA GLN A 74 -15.48 -2.46 -7.27
C GLN A 74 -15.13 -3.76 -8.00
N LYS A 75 -14.46 -4.68 -7.29
CA LYS A 75 -14.10 -6.00 -7.75
C LYS A 75 -13.12 -5.99 -8.93
N ILE A 76 -12.07 -5.19 -8.83
CA ILE A 76 -11.01 -5.10 -9.82
C ILE A 76 -9.74 -5.71 -9.23
N ILE A 77 -9.65 -7.03 -9.28
CA ILE A 77 -8.55 -7.79 -8.71
C ILE A 77 -7.18 -7.37 -9.24
N GLN A 78 -7.10 -6.64 -10.35
CA GLN A 78 -5.81 -6.33 -10.95
C GLN A 78 -4.90 -5.62 -9.95
N PHE A 79 -5.47 -4.66 -9.21
CA PHE A 79 -4.72 -3.90 -8.23
C PHE A 79 -4.37 -4.75 -7.03
N GLN A 80 -5.38 -5.24 -6.31
CA GLN A 80 -5.14 -6.00 -5.09
C GLN A 80 -4.26 -7.22 -5.37
N ASP A 81 -4.33 -7.77 -6.59
CA ASP A 81 -3.51 -8.90 -6.96
C ASP A 81 -2.04 -8.48 -7.06
N SER A 82 -1.76 -7.43 -7.84
CA SER A 82 -0.41 -6.94 -8.06
C SER A 82 0.17 -6.29 -6.82
N PHE A 83 -0.56 -5.32 -6.25
CA PHE A 83 -0.13 -4.55 -5.08
C PHE A 83 0.07 -5.45 -3.87
N GLY A 84 -0.78 -6.48 -3.71
CA GLY A 84 -0.68 -7.38 -2.58
C GLY A 84 0.72 -8.00 -2.45
N LYS A 85 1.27 -8.51 -3.55
CA LYS A 85 2.54 -9.22 -3.50
C LYS A 85 3.66 -8.28 -3.08
N VAL A 86 3.68 -7.08 -3.66
CA VAL A 86 4.68 -6.07 -3.36
C VAL A 86 4.43 -5.40 -2.01
N ALA A 87 3.20 -5.50 -1.49
CA ALA A 87 2.83 -4.91 -0.22
C ALA A 87 3.64 -5.51 0.93
N ALA A 88 3.71 -6.85 0.99
CA ALA A 88 4.47 -7.54 2.02
C ALA A 88 5.89 -7.03 2.08
N GLU A 89 6.52 -6.88 0.92
CA GLU A 89 7.82 -6.25 0.86
C GLU A 89 7.73 -4.83 1.43
N VAL A 90 7.15 -3.88 0.70
CA VAL A 90 7.13 -2.49 1.12
C VAL A 90 6.76 -2.35 2.59
N LEU A 91 5.52 -2.67 2.95
CA LEU A 91 5.02 -2.47 4.30
C LEU A 91 5.98 -3.08 5.32
N GLY A 92 6.51 -4.28 5.03
CA GLY A 92 7.42 -4.96 5.92
C GLY A 92 8.84 -4.38 5.95
N ARG A 93 9.32 -3.78 4.86
CA ARG A 93 10.64 -3.15 4.84
C ARG A 93 10.56 -1.75 5.41
N ILE A 94 9.52 -0.99 5.06
CA ILE A 94 9.33 0.34 5.64
C ILE A 94 9.04 0.20 7.13
N ASN A 95 8.52 -0.95 7.58
CA ASN A 95 8.32 -1.20 9.00
C ASN A 95 9.67 -1.29 9.73
N GLN A 96 10.76 -1.44 8.98
CA GLN A 96 12.10 -1.49 9.55
C GLN A 96 12.77 -0.12 9.48
N GLU A 97 12.14 0.83 8.75
CA GLU A 97 12.65 2.19 8.58
C GLU A 97 11.76 3.21 9.28
N PHE A 98 10.46 2.92 9.39
CA PHE A 98 9.52 3.82 10.03
C PHE A 98 9.84 3.89 11.52
N PRO A 99 9.78 5.09 12.12
CA PRO A 99 9.88 5.27 13.54
C PRO A 99 8.66 4.63 14.20
N ARG A 100 8.73 4.42 15.52
CA ARG A 100 7.68 3.75 16.25
C ARG A 100 6.30 4.31 15.93
N ASP A 101 6.19 5.63 15.70
CA ASP A 101 4.89 6.24 15.41
C ASP A 101 4.32 5.86 14.05
N LEU A 102 5.11 5.96 12.98
CA LEU A 102 4.60 5.61 11.65
C LEU A 102 4.36 4.11 11.56
N LYS A 103 5.20 3.34 12.26
CA LYS A 103 4.98 1.90 12.39
C LYS A 103 3.60 1.62 12.96
N LYS A 104 3.17 2.38 13.98
CA LYS A 104 1.81 2.23 14.51
C LYS A 104 0.78 2.49 13.41
N LYS A 105 0.99 3.54 12.60
CA LYS A 105 0.05 3.87 11.53
C LYS A 105 -0.01 2.74 10.52
N LEU A 106 1.15 2.22 10.10
CA LEU A 106 1.19 1.09 9.21
C LEU A 106 0.59 -0.16 9.84
N SER A 107 0.86 -0.38 11.13
CA SER A 107 0.34 -1.56 11.80
C SER A 107 -1.18 -1.60 11.64
N ARG A 108 -1.84 -0.45 11.76
CA ARG A 108 -3.26 -0.36 11.53
C ARG A 108 -3.58 -0.70 10.08
N VAL A 109 -2.80 -0.16 9.14
CA VAL A 109 -3.01 -0.44 7.73
C VAL A 109 -2.98 -1.95 7.50
N VAL A 110 -1.96 -2.65 7.99
CA VAL A 110 -1.91 -4.10 7.90
C VAL A 110 -3.15 -4.74 8.53
N ASN A 111 -3.57 -4.27 9.71
CA ASN A 111 -4.74 -4.84 10.39
C ASN A 111 -5.98 -4.75 9.52
N ILE A 112 -6.35 -3.53 9.12
CA ILE A 112 -7.54 -3.28 8.32
C ILE A 112 -7.48 -4.10 7.02
N LEU A 113 -6.27 -4.29 6.47
CA LEU A 113 -6.14 -4.99 5.21
C LEU A 113 -6.57 -6.44 5.34
N LYS A 114 -6.02 -7.18 6.31
CA LYS A 114 -6.40 -8.57 6.50
C LYS A 114 -7.77 -8.69 7.15
N GLU A 115 -8.17 -7.68 7.92
CA GLU A 115 -9.49 -7.62 8.52
C GLU A 115 -10.57 -7.65 7.44
N ARG A 116 -10.31 -7.03 6.29
CA ARG A 116 -11.24 -7.03 5.16
C ARG A 116 -10.70 -7.88 4.00
N ASN A 117 -9.56 -8.54 4.22
CA ASN A 117 -8.96 -9.49 3.31
C ASN A 117 -8.81 -8.93 1.90
N ILE A 118 -8.10 -7.80 1.77
CA ILE A 118 -7.94 -7.16 0.48
C ILE A 118 -7.06 -8.00 -0.44
N PHE A 119 -6.08 -8.70 0.15
CA PHE A 119 -5.22 -9.61 -0.59
C PHE A 119 -5.56 -11.06 -0.24
N SER A 120 -4.83 -12.00 -0.84
CA SER A 120 -5.05 -13.42 -0.59
C SER A 120 -4.46 -13.80 0.76
N LYS A 121 -4.96 -14.87 1.38
CA LYS A 121 -4.51 -15.30 2.69
C LYS A 121 -2.98 -15.46 2.71
N GLN A 122 -2.40 -15.88 1.59
CA GLN A 122 -0.96 -16.04 1.50
C GLN A 122 -0.29 -14.68 1.61
N VAL A 123 -0.78 -13.72 0.83
CA VAL A 123 -0.25 -12.36 0.82
C VAL A 123 -0.42 -11.73 2.20
N VAL A 124 -1.58 -11.94 2.82
CA VAL A 124 -1.84 -11.49 4.18
C VAL A 124 -0.73 -11.97 5.11
N ASN A 125 -0.51 -13.29 5.16
CA ASN A 125 0.50 -13.85 6.02
C ASN A 125 1.89 -13.37 5.61
N ASP A 126 2.17 -13.25 4.30
CA ASP A 126 3.46 -12.79 3.83
C ASP A 126 3.77 -11.39 4.35
N ILE A 127 2.78 -10.50 4.41
CA ILE A 127 2.98 -9.19 5.02
C ILE A 127 3.37 -9.37 6.48
N GLU A 128 2.72 -10.31 7.18
CA GLU A 128 3.05 -10.56 8.58
C GLU A 128 4.46 -11.11 8.74
N ARG A 129 4.94 -11.94 7.79
CA ARG A 129 6.29 -12.48 7.85
C ARG A 129 7.31 -11.35 7.76
N SER A 130 7.05 -10.38 6.89
CA SER A 130 8.00 -9.30 6.63
C SER A 130 8.13 -8.39 7.84
N LEU A 131 6.99 -7.99 8.42
CA LEU A 131 6.95 -7.26 9.67
C LEU A 131 7.66 -8.03 10.77
N ALA A 132 7.40 -9.35 10.87
CA ALA A 132 8.04 -10.18 11.88
C ALA A 132 9.54 -10.26 11.64
N ALA A 133 9.98 -10.28 10.38
CA ALA A 133 11.39 -10.31 10.03
C ALA A 133 12.10 -9.01 10.44
N ALA A 134 11.33 -7.95 10.71
CA ALA A 134 11.90 -6.68 11.12
C ALA A 134 12.40 -6.72 12.57
N LEU A 135 11.77 -7.55 13.40
CA LEU A 135 12.15 -7.67 14.81
C LEU A 135 12.88 -8.98 15.09
N GLU A 136 12.91 -9.90 14.12
CA GLU A 136 13.65 -11.15 14.24
C GLU A 136 15.15 -10.90 14.07
N HIS A 137 15.97 -11.76 14.66
CA HIS A 137 17.42 -11.65 14.58
C HIS A 137 18.11 -13.02 14.68
N HIS A 138 17.38 -14.05 15.13
CA HIS A 138 17.94 -15.38 15.36
C HIS A 138 19.14 -15.32 16.30
N HIS A 139 19.89 -16.42 16.39
CA HIS A 139 21.10 -16.52 17.21
C HIS A 139 20.83 -16.27 18.69
N HIS A 140 19.55 -16.32 19.10
CA HIS A 140 19.15 -16.13 20.49
C HIS A 140 18.02 -17.08 20.85
N HIS A 141 17.49 -17.81 19.88
CA HIS A 141 16.44 -18.80 20.08
C HIS A 141 16.43 -19.84 18.95
N HIS A 142 17.21 -19.58 17.89
CA HIS A 142 17.31 -20.45 16.73
C HIS A 142 18.63 -20.15 16.01
N PRO B 1 -9.75 16.09 6.30
CA PRO B 1 -8.48 16.63 5.78
C PRO B 1 -7.39 15.59 5.73
N SER B 2 -6.88 15.15 6.88
CA SER B 2 -5.84 14.12 6.92
C SER B 2 -6.45 12.77 6.58
N TYR B 3 -5.69 11.93 5.87
CA TYR B 3 -6.11 10.59 5.52
C TYR B 3 -6.07 9.68 6.75
N SER B 4 -6.77 8.54 6.68
CA SER B 4 -6.88 7.61 7.79
C SER B 4 -6.79 6.18 7.23
N PRO B 5 -6.08 5.27 7.92
CA PRO B 5 -5.71 3.97 7.39
C PRO B 5 -6.90 3.01 7.15
N TPO B 6 -8.08 3.31 7.66
CA TPO B 6 -9.23 2.42 7.49
CB TPO B 6 -10.27 2.62 8.59
CG2 TPO B 6 -11.31 1.51 8.53
OG1 TPO B 6 -9.66 2.59 9.87
P TPO B 6 -9.64 3.95 10.74
O1P TPO B 6 -11.08 4.25 10.93
O2P TPO B 6 -8.92 3.55 11.97
O3P TPO B 6 -8.91 4.89 9.87
C TPO B 6 -9.88 2.62 6.12
O TPO B 6 -9.91 1.70 5.32
H TPO B 6 -8.21 4.17 8.18
HA TPO B 6 -8.87 1.39 7.53
HB TPO B 6 -10.77 3.57 8.45
HG21 TPO B 6 -11.82 1.53 7.56
HG22 TPO B 6 -12.05 1.65 9.32
HG23 TPO B 6 -10.83 0.54 8.66
N SER B 7 -10.40 3.85 5.89
CA SER B 7 -11.15 4.23 4.71
C SER B 7 -12.45 3.44 4.53
N PRO B 8 -13.57 4.12 4.24
CA PRO B 8 -14.84 3.51 3.95
C PRO B 8 -14.90 2.98 2.51
N SER B 9 -13.77 2.99 1.81
CA SER B 9 -13.68 2.59 0.41
C SER B 9 -14.03 1.13 0.18
N TYR B 10 -13.94 0.27 1.21
CA TYR B 10 -14.27 -1.14 1.07
C TYR B 10 -15.79 -1.32 0.99
N SER B 11 -16.24 -2.23 0.11
CA SER B 11 -17.65 -2.50 -0.05
C SER B 11 -17.88 -3.85 -0.74
N PRO B 12 -18.98 -4.55 -0.41
CA PRO B 12 -19.39 -5.77 -1.07
C PRO B 12 -19.96 -5.48 -2.46
N THR B 13 -20.00 -4.19 -2.86
CA THR B 13 -20.54 -3.80 -4.16
C THR B 13 -19.87 -4.58 -5.28
N SER B 14 -20.62 -4.89 -6.33
CA SER B 14 -20.11 -5.67 -7.45
C SER B 14 -20.78 -5.23 -8.75
N PRO B 15 -20.17 -5.53 -9.91
CA PRO B 15 -20.73 -5.20 -11.21
C PRO B 15 -22.11 -5.81 -11.40
N SER B 16 -22.92 -5.19 -12.27
CA SER B 16 -24.28 -5.62 -12.55
C SER B 16 -24.76 -5.02 -13.88
#